data_3LYC
#
_entry.id   3LYC
#
_cell.length_a   104.116
_cell.length_b   104.606
_cell.length_c   393.587
_cell.angle_alpha   90.000
_cell.angle_beta   90.000
_cell.angle_gamma   90.000
#
_symmetry.space_group_name_H-M   'P 21 21 21'
#
loop_
_entity.id
_entity.type
_entity.pdbx_description
1 polymer 'Putative pectinase'
2 water water
#
_entity_poly.entity_id   1
_entity_poly.type   'polypeptide(L)'
_entity_poly.pdbx_seq_one_letter_code
;GGDGNITTENIPVSEYDCLELEGGG(MSE)VVNYTQSDAPEGLEIKTDRNIFEKYEFNVENHKLKIRPKKEFRKHTNFRP
TEF(MSE)VTANSRNLKKLAAAGSTHVNINSPLQAEEFEAGLAGSGIIQFHDTASFTNLKIEIAGSGDFVGHKVYCEELN
GD(MSE)AGSNTIVLGGTVGIAEFSIAGSGTVRAFDCT(MSE)DELECKIAGSGDIEAFVVNKIKAEIAGSGSVKYKGDP
QDIQKKV(MSE)GSGKIEKVE
;
_entity_poly.pdbx_strand_id   A,B,C,D,E,F,G,H,I,J,K,L,M,N,O,P
#
# COMPACT_ATOMS: atom_id res chain seq x y z
N GLY A 1 -11.35 34.28 3.66
CA GLY A 1 -12.64 34.97 3.94
C GLY A 1 -13.62 34.89 2.79
N GLY A 2 -13.08 34.86 1.56
CA GLY A 2 -13.93 34.78 0.34
C GLY A 2 -14.76 33.49 0.31
N ASP A 3 -16.04 33.65 -0.02
CA ASP A 3 -16.98 32.50 0.00
C ASP A 3 -16.91 31.62 -1.26
N GLY A 4 -16.04 31.97 -2.19
CA GLY A 4 -15.88 31.19 -3.42
C GLY A 4 -16.98 31.45 -4.43
N ASN A 5 -17.97 32.24 -4.03
CA ASN A 5 -19.06 32.62 -4.92
C ASN A 5 -18.60 33.80 -5.81
N ILE A 6 -17.84 33.48 -6.86
CA ILE A 6 -17.28 34.51 -7.75
C ILE A 6 -18.35 35.15 -8.62
N THR A 7 -18.37 36.48 -8.63
CA THR A 7 -19.34 37.24 -9.42
C THR A 7 -18.61 38.22 -10.32
N THR A 8 -19.22 38.56 -11.46
CA THR A 8 -18.62 39.53 -12.39
C THR A 8 -19.51 40.76 -12.47
N GLU A 9 -19.03 41.87 -11.93
CA GLU A 9 -19.81 43.09 -11.86
C GLU A 9 -19.23 44.21 -12.71
N ASN A 10 -20.07 44.81 -13.55
CA ASN A 10 -19.70 45.97 -14.33
C ASN A 10 -20.13 47.21 -13.57
N ILE A 11 -19.14 48.01 -13.13
CA ILE A 11 -19.42 49.19 -12.29
C ILE A 11 -19.44 50.47 -13.09
N PRO A 12 -20.61 51.16 -13.12
CA PRO A 12 -20.71 52.44 -13.81
C PRO A 12 -19.69 53.43 -13.27
N VAL A 13 -18.90 54.01 -14.15
CA VAL A 13 -17.89 54.94 -13.72
C VAL A 13 -17.84 56.12 -14.67
N SER A 14 -17.69 57.30 -14.11
CA SER A 14 -17.55 58.51 -14.88
C SER A 14 -16.05 58.75 -15.13
N GLU A 15 -15.74 59.84 -15.81
CA GLU A 15 -14.37 60.16 -16.17
C GLU A 15 -13.41 60.14 -14.95
N TYR A 16 -12.24 59.51 -15.12
CA TYR A 16 -11.22 59.46 -14.09
C TYR A 16 -9.83 59.36 -14.72
N ASP A 17 -8.84 60.00 -14.08
CA ASP A 17 -7.44 59.91 -14.55
C ASP A 17 -6.50 59.53 -13.41
N CYS A 18 -7.09 59.03 -12.33
CA CYS A 18 -6.35 58.57 -11.15
CA CYS A 18 -6.34 58.59 -11.18
C CYS A 18 -6.97 57.30 -10.64
N LEU A 19 -6.16 56.28 -10.45
CA LEU A 19 -6.65 54.98 -10.00
C LEU A 19 -5.94 54.57 -8.71
N GLU A 20 -6.70 54.48 -7.62
CA GLU A 20 -6.14 54.12 -6.29
C GLU A 20 -6.81 52.85 -5.75
N LEU A 21 -6.01 51.80 -5.57
CA LEU A 21 -6.54 50.52 -5.10
C LEU A 21 -5.94 50.11 -3.76
N GLU A 22 -6.74 49.40 -2.98
CA GLU A 22 -6.32 48.87 -1.68
CA GLU A 22 -6.32 48.88 -1.69
C GLU A 22 -6.90 47.48 -1.46
N GLY A 23 -6.05 46.53 -1.09
CA GLY A 23 -6.51 45.15 -0.85
C GLY A 23 -5.40 44.11 -0.97
N GLY A 24 -5.80 42.84 -1.02
CA GLY A 24 -4.85 41.73 -1.14
C GLY A 24 -5.24 40.75 -2.24
N GLY A 25 -4.24 40.15 -2.88
CA GLY A 25 -4.47 39.21 -3.96
C GLY A 25 -5.14 39.85 -5.17
N VAL A 27 -5.39 41.55 -8.84
CA VAL A 27 -4.79 41.62 -10.15
C VAL A 27 -5.49 42.75 -10.92
N VAL A 28 -4.74 43.79 -11.29
CA VAL A 28 -5.31 44.95 -11.98
C VAL A 28 -4.88 44.99 -13.46
N ASN A 29 -5.87 44.95 -14.36
CA ASN A 29 -5.61 45.04 -15.81
C ASN A 29 -6.16 46.35 -16.36
N TYR A 30 -5.27 47.30 -16.65
CA TYR A 30 -5.68 48.63 -17.15
C TYR A 30 -5.24 48.86 -18.58
N THR A 31 -6.07 49.58 -19.33
CA THR A 31 -5.74 50.00 -20.69
C THR A 31 -6.20 51.43 -20.93
N GLN A 32 -5.41 52.16 -21.69
CA GLN A 32 -5.75 53.52 -22.09
C GLN A 32 -6.32 53.46 -23.51
N SER A 33 -7.50 54.02 -23.70
CA SER A 33 -8.17 53.99 -25.00
C SER A 33 -9.14 55.12 -25.18
N ASP A 34 -9.43 55.43 -26.44
CA ASP A 34 -10.37 56.47 -26.79
C ASP A 34 -11.79 55.93 -26.74
N ALA A 35 -12.24 55.57 -25.55
CA ALA A 35 -13.59 55.06 -25.33
C ALA A 35 -14.06 55.48 -23.95
N PRO A 36 -15.37 55.36 -23.70
CA PRO A 36 -15.92 55.73 -22.39
C PRO A 36 -15.30 54.90 -21.27
N GLU A 37 -15.06 55.53 -20.14
CA GLU A 37 -14.48 54.85 -19.00
C GLU A 37 -15.29 53.60 -18.63
N GLY A 38 -14.59 52.58 -18.16
CA GLY A 38 -15.23 51.32 -17.78
C GLY A 38 -14.51 50.67 -16.64
N LEU A 39 -15.24 49.85 -15.88
CA LEU A 39 -14.68 49.15 -14.71
C LEU A 39 -15.39 47.84 -14.49
N GLU A 40 -14.64 46.77 -14.33
CA GLU A 40 -15.20 45.45 -14.13
C GLU A 40 -14.50 44.77 -12.95
N ILE A 41 -15.29 44.31 -11.98
CA ILE A 41 -14.76 43.63 -10.81
C ILE A 41 -15.19 42.17 -10.81
N LYS A 42 -14.24 41.29 -10.57
CA LYS A 42 -14.52 39.88 -10.50
C LYS A 42 -13.89 39.34 -9.24
N THR A 43 -14.73 38.99 -8.27
CA THR A 43 -14.24 38.54 -6.98
C THR A 43 -15.37 37.84 -6.21
N ASP A 44 -15.07 37.38 -5.00
CA ASP A 44 -16.07 36.73 -4.15
C ASP A 44 -17.16 37.74 -3.79
N ARG A 45 -18.40 37.27 -3.82
CA ARG A 45 -19.53 38.14 -3.52
C ARG A 45 -19.37 38.83 -2.16
N ASN A 46 -19.19 38.04 -1.10
CA ASN A 46 -19.07 38.59 0.26
C ASN A 46 -17.99 39.72 0.36
N ILE A 47 -16.92 39.61 -0.41
CA ILE A 47 -15.89 40.64 -0.45
C ILE A 47 -16.37 41.84 -1.25
N PHE A 48 -17.02 41.57 -2.37
CA PHE A 48 -17.54 42.62 -3.23
C PHE A 48 -18.43 43.60 -2.44
N GLU A 49 -19.32 43.04 -1.61
CA GLU A 49 -20.26 43.84 -0.84
C GLU A 49 -19.58 44.68 0.26
N LYS A 50 -18.32 44.36 0.55
CA LYS A 50 -17.55 45.12 1.54
C LYS A 50 -16.68 46.21 0.90
N TYR A 51 -16.66 46.25 -0.43
CA TYR A 51 -15.82 47.22 -1.18
C TYR A 51 -16.63 48.35 -1.80
N GLU A 52 -15.97 49.50 -2.01
CA GLU A 52 -16.57 50.63 -2.72
C GLU A 52 -15.74 50.94 -3.98
N PHE A 53 -16.37 51.55 -4.96
CA PHE A 53 -15.73 51.83 -6.24
C PHE A 53 -16.17 53.19 -6.77
N ASN A 54 -15.99 54.22 -5.95
CA ASN A 54 -16.47 55.54 -6.29
C ASN A 54 -15.45 56.41 -7.03
N VAL A 55 -15.98 57.27 -7.90
CA VAL A 55 -15.19 58.26 -8.60
C VAL A 55 -15.36 59.60 -7.87
N GLU A 56 -14.26 60.13 -7.35
CA GLU A 56 -14.29 61.41 -6.62
C GLU A 56 -13.26 62.34 -7.22
N ASN A 57 -13.73 63.44 -7.81
CA ASN A 57 -12.82 64.40 -8.45
C ASN A 57 -11.85 63.68 -9.44
N HIS A 58 -12.42 62.82 -10.29
CA HIS A 58 -11.62 62.08 -11.30
C HIS A 58 -10.65 61.07 -10.66
N LYS A 59 -10.92 60.72 -9.40
CA LYS A 59 -10.13 59.71 -8.73
C LYS A 59 -11.01 58.49 -8.48
N LEU A 60 -10.70 57.39 -9.17
CA LEU A 60 -11.39 56.12 -9.00
C LEU A 60 -10.73 55.36 -7.85
N LYS A 61 -11.45 55.28 -6.73
CA LYS A 61 -10.92 54.66 -5.52
C LYS A 61 -11.56 53.30 -5.26
N ILE A 62 -10.74 52.27 -5.34
CA ILE A 62 -11.18 50.91 -5.09
C ILE A 62 -10.62 50.49 -3.74
N ARG A 63 -11.49 50.34 -2.75
CA ARG A 63 -11.06 50.05 -1.39
C ARG A 63 -12.23 49.55 -0.55
N PRO A 64 -11.95 49.05 0.65
CA PRO A 64 -13.02 48.62 1.52
C PRO A 64 -13.82 49.80 2.05
N LYS A 65 -15.12 49.61 2.25
CA LYS A 65 -15.97 50.63 2.81
C LYS A 65 -15.45 50.98 4.22
N LYS A 66 -15.70 52.22 4.63
CA LYS A 66 -15.22 52.74 5.92
C LYS A 66 -15.52 51.77 7.09
N GLU A 67 -16.74 51.24 7.13
CA GLU A 67 -17.18 50.38 8.25
C GLU A 67 -16.53 48.97 8.26
N PHE A 68 -15.68 48.69 7.28
CA PHE A 68 -14.97 47.41 7.22
C PHE A 68 -13.46 47.62 7.22
N ARG A 69 -13.02 48.77 7.73
CA ARG A 69 -11.59 49.10 7.79
C ARG A 69 -10.90 48.50 9.01
N LYS A 70 -11.66 47.75 9.82
CA LYS A 70 -11.09 47.09 10.99
C LYS A 70 -10.02 46.05 10.56
N HIS A 71 -9.68 46.03 9.26
CA HIS A 71 -8.62 45.13 8.73
C HIS A 71 -9.01 44.48 7.38
N THR A 72 -8.02 44.36 6.46
CA THR A 72 -8.22 43.58 5.22
C THR A 72 -8.42 42.14 5.67
N ASN A 73 -9.21 41.99 6.72
CA ASN A 73 -9.50 40.72 7.35
C ASN A 73 -9.84 39.66 6.30
N PHE A 74 -10.61 40.06 5.29
CA PHE A 74 -11.03 39.15 4.22
C PHE A 74 -9.85 38.69 3.34
N ARG A 75 -9.95 37.45 2.85
CA ARG A 75 -8.93 36.87 1.96
C ARG A 75 -9.62 36.29 0.72
N PRO A 76 -9.53 37.01 -0.41
CA PRO A 76 -10.25 36.63 -1.63
C PRO A 76 -9.73 35.38 -2.33
N THR A 77 -10.64 34.65 -2.96
CA THR A 77 -10.28 33.52 -3.80
C THR A 77 -9.74 34.05 -5.09
N GLU A 78 -10.30 35.18 -5.52
CA GLU A 78 -9.86 35.90 -6.73
C GLU A 78 -10.26 37.35 -6.54
N PHE A 79 -9.55 38.25 -7.20
CA PHE A 79 -9.92 39.66 -7.17
C PHE A 79 -9.27 40.36 -8.32
N VAL A 81 -9.39 43.29 -11.27
CA VAL A 81 -9.95 44.56 -11.63
C VAL A 81 -9.56 44.89 -13.04
N THR A 82 -10.56 45.01 -13.91
CA THR A 82 -10.33 45.37 -15.28
C THR A 82 -10.91 46.74 -15.49
N ALA A 83 -10.09 47.66 -15.98
CA ALA A 83 -10.50 49.06 -16.09
C ALA A 83 -9.92 49.72 -17.32
N ASN A 84 -10.56 50.78 -17.75
CA ASN A 84 -10.09 51.57 -18.87
C ASN A 84 -10.52 53.04 -18.75
N SER A 85 -9.70 53.92 -19.30
CA SER A 85 -10.01 55.36 -19.31
C SER A 85 -9.25 56.04 -20.44
N ARG A 86 -9.68 57.24 -20.78
CA ARG A 86 -9.04 58.01 -21.84
CA ARG A 86 -9.03 58.02 -21.84
C ARG A 86 -7.68 58.58 -21.38
N ASN A 87 -7.59 58.87 -20.09
CA ASN A 87 -6.39 59.42 -19.54
C ASN A 87 -6.05 58.81 -18.21
N LEU A 88 -4.76 58.77 -17.89
CA LEU A 88 -4.29 58.27 -16.61
C LEU A 88 -2.98 58.97 -16.23
N LYS A 89 -3.01 59.69 -15.11
CA LYS A 89 -1.83 60.42 -14.64
C LYS A 89 -1.27 59.83 -13.32
N LYS A 90 -2.00 58.90 -12.73
CA LYS A 90 -1.58 58.32 -11.45
C LYS A 90 -2.23 56.98 -11.17
N LEU A 91 -1.44 56.06 -10.64
CA LEU A 91 -1.91 54.76 -10.26
C LEU A 91 -1.22 54.37 -8.96
N ALA A 92 -2.00 54.25 -7.87
CA ALA A 92 -1.46 53.89 -6.56
C ALA A 92 -2.11 52.60 -6.06
N ALA A 93 -1.29 51.69 -5.55
CA ALA A 93 -1.79 50.41 -5.02
C ALA A 93 -1.19 50.14 -3.68
N ALA A 94 -2.02 49.75 -2.73
CA ALA A 94 -1.57 49.45 -1.38
C ALA A 94 -2.01 48.06 -0.99
N GLY A 95 -1.14 47.34 -0.30
CA GLY A 95 -1.42 45.97 0.13
C GLY A 95 -0.59 44.97 -0.65
N SER A 96 -1.28 44.04 -1.34
CA SER A 96 -0.63 43.01 -2.18
C SER A 96 -1.29 43.04 -3.54
N THR A 97 -0.57 43.52 -4.54
CA THR A 97 -1.19 43.79 -5.81
C THR A 97 -0.29 43.50 -6.99
N HIS A 98 -0.91 43.12 -8.10
CA HIS A 98 -0.22 42.94 -9.37
C HIS A 98 -0.91 43.87 -10.38
N VAL A 99 -0.22 44.92 -10.78
CA VAL A 99 -0.80 45.91 -11.68
C VAL A 99 -0.23 45.77 -13.08
N ASN A 100 -1.11 45.48 -14.04
CA ASN A 100 -0.73 45.33 -15.44
C ASN A 100 -1.27 46.49 -16.28
N ILE A 101 -0.38 47.24 -16.89
CA ILE A 101 -0.81 48.25 -17.88
C ILE A 101 -0.67 47.57 -19.25
N ASN A 102 -1.80 47.22 -19.85
CA ASN A 102 -1.81 46.37 -21.06
C ASN A 102 -1.94 47.10 -22.40
N SER A 103 -1.63 48.37 -22.42
CA SER A 103 -1.70 49.15 -23.66
C SER A 103 -0.64 50.20 -23.67
N PRO A 104 -0.52 50.92 -24.79
CA PRO A 104 0.37 52.05 -24.75
C PRO A 104 -0.14 53.04 -23.74
N LEU A 105 0.76 53.74 -23.08
CA LEU A 105 0.38 54.71 -22.05
C LEU A 105 1.00 56.05 -22.36
N GLN A 106 0.19 57.09 -22.30
CA GLN A 106 0.65 58.44 -22.61
C GLN A 106 0.08 59.45 -21.64
N ALA A 107 0.95 60.27 -21.09
CA ALA A 107 0.56 61.35 -20.19
C ALA A 107 1.73 62.31 -20.03
N GLU A 108 1.43 63.58 -19.78
CA GLU A 108 2.49 64.58 -19.57
C GLU A 108 3.28 64.22 -18.31
N GLU A 109 2.56 64.06 -17.20
CA GLU A 109 3.18 63.65 -15.93
CA GLU A 109 3.17 63.65 -15.91
C GLU A 109 2.45 62.44 -15.39
N PHE A 110 3.20 61.47 -14.88
CA PHE A 110 2.61 60.25 -14.36
C PHE A 110 3.29 59.81 -13.06
N GLU A 111 2.48 59.33 -12.12
CA GLU A 111 2.98 58.82 -10.85
C GLU A 111 2.50 57.39 -10.63
N ALA A 112 3.44 56.46 -10.54
CA ALA A 112 3.13 55.07 -10.25
C ALA A 112 3.56 54.73 -8.83
N GLY A 113 2.59 54.43 -7.97
CA GLY A 113 2.86 54.18 -6.57
C GLY A 113 2.50 52.79 -6.15
N LEU A 114 3.38 52.19 -5.35
CA LEU A 114 3.15 50.83 -4.87
C LEU A 114 3.55 50.73 -3.40
N ALA A 115 2.56 50.47 -2.54
CA ALA A 115 2.82 50.28 -1.10
C ALA A 115 2.54 48.83 -0.72
N GLY A 116 3.41 48.26 0.12
CA GLY A 116 3.26 46.89 0.58
C GLY A 116 4.06 45.91 -0.27
N SER A 117 3.36 45.03 -0.98
CA SER A 117 3.99 44.03 -1.83
C SER A 117 3.34 44.02 -3.19
N GLY A 118 4.07 43.57 -4.20
CA GLY A 118 3.50 43.44 -5.53
C GLY A 118 4.38 43.95 -6.62
N ILE A 119 3.78 44.20 -7.77
CA ILE A 119 4.51 44.64 -8.92
C ILE A 119 3.66 45.49 -9.80
N ILE A 120 4.31 46.46 -10.44
CA ILE A 120 3.67 47.29 -11.43
C ILE A 120 4.46 47.18 -12.69
N GLN A 121 3.80 46.85 -13.81
CA GLN A 121 4.50 46.73 -15.09
CA GLN A 121 4.51 46.78 -15.07
C GLN A 121 3.75 47.43 -16.22
N PHE A 122 4.52 48.19 -17.04
CA PHE A 122 4.01 48.81 -18.21
C PHE A 122 4.40 47.87 -19.35
N HIS A 123 3.46 47.07 -19.84
CA HIS A 123 3.78 46.03 -20.83
C HIS A 123 4.07 46.57 -22.23
N ASP A 124 3.60 47.77 -22.50
CA ASP A 124 3.80 48.37 -23.83
C ASP A 124 4.40 49.79 -23.67
N THR A 125 4.55 50.47 -24.79
CA THR A 125 5.14 51.81 -24.78
C THR A 125 4.52 52.72 -23.70
N ALA A 126 5.39 53.45 -23.00
CA ALA A 126 4.95 54.40 -21.96
C ALA A 126 5.71 55.70 -22.17
N SER A 127 4.97 56.76 -22.52
CA SER A 127 5.59 58.04 -22.87
C SER A 127 5.09 59.15 -22.00
N PHE A 128 6.02 59.92 -21.45
CA PHE A 128 5.66 61.02 -20.59
C PHE A 128 6.71 62.13 -20.72
N THR A 129 6.44 63.26 -20.09
CA THR A 129 7.46 64.27 -19.93
C THR A 129 8.21 63.90 -18.63
N ASN A 130 7.43 63.66 -17.57
CA ASN A 130 7.99 63.30 -16.28
C ASN A 130 7.31 62.06 -15.69
N LEU A 131 8.12 61.08 -15.32
CA LEU A 131 7.62 59.84 -14.71
C LEU A 131 8.16 59.71 -13.31
N LYS A 132 7.28 59.48 -12.36
CA LYS A 132 7.65 59.32 -11.00
C LYS A 132 7.23 57.92 -10.51
N ILE A 133 8.16 57.21 -9.91
CA ILE A 133 7.88 55.89 -9.37
C ILE A 133 8.20 55.84 -7.89
N GLU A 134 7.22 55.48 -7.08
CA GLU A 134 7.38 55.37 -5.64
C GLU A 134 7.03 53.97 -5.15
N ILE A 135 8.01 53.28 -4.59
CA ILE A 135 7.80 51.94 -4.09
C ILE A 135 8.18 51.89 -2.65
N ALA A 136 7.22 51.54 -1.80
CA ALA A 136 7.44 51.45 -0.36
C ALA A 136 7.05 50.07 0.13
N GLY A 137 8.03 49.32 0.63
CA GLY A 137 7.82 47.93 1.08
C GLY A 137 8.66 46.98 0.24
N SER A 138 8.01 45.98 -0.36
CA SER A 138 8.70 45.03 -1.25
C SER A 138 8.04 45.05 -2.61
N GLY A 139 8.28 46.10 -3.36
CA GLY A 139 7.65 46.25 -4.65
C GLY A 139 8.62 46.31 -5.80
N ASP A 140 8.14 45.97 -6.99
CA ASP A 140 8.95 46.01 -8.17
C ASP A 140 8.27 46.81 -9.27
N PHE A 141 9.07 47.39 -10.15
CA PHE A 141 8.55 48.11 -11.30
C PHE A 141 9.23 47.62 -12.56
N VAL A 142 8.44 47.27 -13.55
CA VAL A 142 8.98 46.82 -14.82
C VAL A 142 8.38 47.60 -15.95
N GLY A 143 9.24 48.19 -16.78
CA GLY A 143 8.81 48.93 -17.95
C GLY A 143 9.90 48.90 -19.00
N HIS A 144 9.81 47.96 -19.92
CA HIS A 144 10.84 47.78 -20.93
C HIS A 144 10.83 48.88 -21.98
N LYS A 145 9.73 49.66 -22.05
CA LYS A 145 9.59 50.70 -23.10
C LYS A 145 9.12 52.04 -22.54
N VAL A 146 9.97 52.64 -21.72
CA VAL A 146 9.67 53.93 -21.13
C VAL A 146 10.43 55.01 -21.87
N TYR A 147 9.70 56.05 -22.29
CA TYR A 147 10.31 57.20 -22.97
C TYR A 147 9.85 58.48 -22.31
N CYS A 148 10.77 59.15 -21.61
CA CYS A 148 10.45 60.41 -20.96
C CYS A 148 11.66 61.27 -20.79
N GLU A 149 11.44 62.55 -20.47
CA GLU A 149 12.52 63.51 -20.29
C GLU A 149 13.14 63.39 -18.89
N GLU A 150 12.29 63.18 -17.89
CA GLU A 150 12.76 63.04 -16.52
C GLU A 150 12.05 61.90 -15.81
N LEU A 151 12.86 61.05 -15.16
CA LEU A 151 12.33 59.93 -14.41
C LEU A 151 12.83 59.97 -12.98
N ASN A 152 11.93 59.85 -12.03
CA ASN A 152 12.28 59.85 -10.62
C ASN A 152 11.82 58.56 -9.97
N GLY A 153 12.78 57.76 -9.50
CA GLY A 153 12.47 56.50 -8.85
C GLY A 153 12.85 56.54 -7.41
N ASP A 154 11.87 56.50 -6.53
CA ASP A 154 12.11 56.54 -5.10
C ASP A 154 11.75 55.19 -4.47
N ALA A 156 11.94 52.56 -1.08
CA ALA A 156 12.09 52.39 0.37
C ALA A 156 11.73 50.98 0.74
N GLY A 157 12.69 50.24 1.29
CA GLY A 157 12.49 48.83 1.65
C GLY A 157 13.38 47.91 0.81
N SER A 158 12.76 46.91 0.18
CA SER A 158 13.45 45.97 -0.73
C SER A 158 12.78 46.07 -2.09
N ASN A 159 13.40 46.77 -3.02
CA ASN A 159 12.74 47.07 -4.28
C ASN A 159 13.64 46.93 -5.52
N THR A 160 13.00 46.64 -6.66
CA THR A 160 13.71 46.53 -7.92
C THR A 160 12.94 47.29 -9.01
N ILE A 161 13.69 47.96 -9.89
CA ILE A 161 13.14 48.68 -10.99
C ILE A 161 13.85 48.27 -12.28
N VAL A 162 13.13 47.59 -13.17
CA VAL A 162 13.67 47.18 -14.45
C VAL A 162 13.20 48.18 -15.52
N LEU A 163 14.16 48.80 -16.21
CA LEU A 163 13.85 49.83 -17.20
C LEU A 163 14.49 49.57 -18.54
N GLY A 164 13.72 49.86 -19.59
CA GLY A 164 14.20 49.86 -20.94
C GLY A 164 13.62 51.06 -21.64
N GLY A 165 14.32 51.59 -22.65
CA GLY A 165 13.83 52.75 -23.42
C GLY A 165 14.82 53.92 -23.46
N THR A 166 14.30 55.14 -23.28
CA THR A 166 15.09 56.34 -23.37
C THR A 166 14.64 57.39 -22.34
N VAL A 167 15.59 57.83 -21.50
CA VAL A 167 15.32 58.84 -20.48
C VAL A 167 16.38 59.92 -20.53
N GLY A 168 15.96 61.18 -20.37
CA GLY A 168 16.90 62.29 -20.35
C GLY A 168 17.68 62.32 -19.04
N ILE A 169 16.97 62.54 -17.94
CA ILE A 169 17.58 62.59 -16.63
C ILE A 169 16.90 61.58 -15.71
N ALA A 170 17.68 60.62 -15.22
CA ALA A 170 17.15 59.63 -14.28
C ALA A 170 17.66 59.88 -12.85
N GLU A 171 16.74 59.95 -11.90
CA GLU A 171 17.08 60.15 -10.49
C GLU A 171 16.50 59.03 -9.65
N PHE A 172 17.36 58.33 -8.93
CA PHE A 172 16.93 57.23 -8.06
C PHE A 172 17.36 57.46 -6.65
N SER A 173 16.44 57.25 -5.73
CA SER A 173 16.74 57.30 -4.33
C SER A 173 16.39 55.97 -3.71
N ILE A 174 17.37 55.37 -3.04
CA ILE A 174 17.18 54.10 -2.41
C ILE A 174 17.37 54.22 -0.94
N ALA A 175 16.42 53.67 -0.18
CA ALA A 175 16.51 53.61 1.28
C ALA A 175 16.24 52.17 1.69
N GLY A 176 17.25 51.50 2.19
CA GLY A 176 17.15 50.09 2.50
C GLY A 176 17.94 49.33 1.45
N SER A 177 17.27 48.43 0.73
CA SER A 177 17.91 47.69 -0.37
C SER A 177 17.24 48.08 -1.67
N GLY A 178 18.05 48.46 -2.66
CA GLY A 178 17.51 48.86 -3.96
C GLY A 178 18.34 48.35 -5.14
N THR A 179 17.66 47.88 -6.17
CA THR A 179 18.30 47.35 -7.34
C THR A 179 17.69 47.97 -8.60
N VAL A 180 18.54 48.44 -9.51
CA VAL A 180 18.09 49.01 -10.75
C VAL A 180 18.74 48.29 -11.97
N ARG A 181 17.91 47.67 -12.81
CA ARG A 181 18.39 47.05 -14.04
CA ARG A 181 18.38 47.03 -14.04
C ARG A 181 17.93 47.86 -15.22
N ALA A 182 18.84 48.69 -15.75
CA ALA A 182 18.48 49.58 -16.83
C ALA A 182 19.53 49.70 -17.89
N PHE A 183 20.22 48.60 -18.18
CA PHE A 183 21.21 48.60 -19.27
C PHE A 183 20.52 48.91 -20.60
N ASP A 184 19.26 48.53 -20.72
CA ASP A 184 18.49 48.77 -21.96
C ASP A 184 17.82 50.14 -21.99
N CYS A 185 18.01 50.93 -20.94
CA CYS A 185 17.47 52.29 -20.91
C CYS A 185 18.61 53.29 -21.14
N THR A 186 18.56 53.99 -22.26
CA THR A 186 19.59 54.97 -22.58
C THR A 186 19.31 56.29 -21.84
N ASP A 188 20.65 60.08 -20.48
CA ASP A 188 21.63 61.15 -20.66
C ASP A 188 22.39 61.37 -19.36
N GLU A 189 21.64 61.42 -18.24
CA GLU A 189 22.24 61.66 -16.93
C GLU A 189 21.67 60.70 -15.87
N LEU A 190 22.56 60.18 -15.04
CA LEU A 190 22.19 59.29 -13.95
C LEU A 190 22.55 59.93 -12.64
N GLU A 191 21.58 59.97 -11.75
CA GLU A 191 21.75 60.53 -10.43
C GLU A 191 21.14 59.56 -9.43
N CYS A 192 21.91 59.16 -8.43
CA CYS A 192 21.40 58.26 -7.43
CA CYS A 192 21.43 58.22 -7.43
C CYS A 192 21.91 58.56 -6.03
N LYS A 193 21.03 58.36 -5.05
CA LYS A 193 21.35 58.57 -3.68
C LYS A 193 20.96 57.31 -2.94
N ILE A 194 21.96 56.61 -2.43
CA ILE A 194 21.73 55.32 -1.78
C ILE A 194 21.97 55.39 -0.31
N ALA A 195 21.01 54.89 0.47
CA ALA A 195 21.15 54.79 1.93
C ALA A 195 20.82 53.37 2.32
N GLY A 196 21.84 52.56 2.45
CA GLY A 196 21.70 51.16 2.76
C GLY A 196 22.50 50.35 1.75
N SER A 197 21.80 49.58 0.92
CA SER A 197 22.45 48.78 -0.12
C SER A 197 21.81 49.07 -1.46
N GLY A 198 22.64 49.38 -2.45
CA GLY A 198 22.14 49.72 -3.78
C GLY A 198 22.97 49.12 -4.90
N ASP A 199 22.29 48.56 -5.90
CA ASP A 199 22.95 47.97 -7.05
C ASP A 199 22.28 48.52 -8.32
N ILE A 200 22.99 49.38 -9.04
CA ILE A 200 22.46 50.08 -10.19
C ILE A 200 23.19 49.74 -11.50
N GLU A 201 22.41 49.40 -12.52
CA GLU A 201 22.95 49.14 -13.85
C GLU A 201 22.22 50.04 -14.83
N ALA A 202 22.98 50.72 -15.68
CA ALA A 202 22.37 51.64 -16.64
C ALA A 202 23.30 52.04 -17.77
N PHE A 203 22.71 52.44 -18.89
CA PHE A 203 23.47 52.98 -19.97
C PHE A 203 23.41 54.49 -19.83
N VAL A 204 24.55 55.11 -19.62
CA VAL A 204 24.58 56.54 -19.40
C VAL A 204 25.39 57.23 -20.51
N VAL A 205 24.79 58.25 -21.11
CA VAL A 205 25.44 58.94 -22.24
C VAL A 205 26.39 60.06 -21.78
N ASN A 206 25.97 60.88 -20.81
CA ASN A 206 26.76 62.08 -20.43
C ASN A 206 27.33 62.11 -19.02
N LYS A 207 26.49 61.82 -18.03
CA LYS A 207 26.87 62.08 -16.68
C LYS A 207 26.37 61.07 -15.64
N ILE A 208 27.22 60.82 -14.64
CA ILE A 208 26.87 59.99 -13.52
C ILE A 208 27.18 60.73 -12.22
N LYS A 209 26.22 60.72 -11.32
CA LYS A 209 26.40 61.33 -10.00
C LYS A 209 25.80 60.37 -8.98
N ALA A 210 26.59 59.99 -8.00
CA ALA A 210 26.15 59.01 -7.02
C ALA A 210 26.62 59.34 -5.62
N GLU A 211 25.68 59.33 -4.67
CA GLU A 211 26.00 59.49 -3.27
C GLU A 211 25.61 58.19 -2.56
N ILE A 212 26.57 57.60 -1.85
CA ILE A 212 26.35 56.31 -1.23
C ILE A 212 26.70 56.33 0.26
N ALA A 213 25.72 55.98 1.09
CA ALA A 213 25.93 55.85 2.52
C ALA A 213 25.58 54.41 2.89
N GLY A 214 26.59 53.56 2.92
CA GLY A 214 26.41 52.15 3.17
C GLY A 214 27.20 51.35 2.12
N SER A 215 26.49 50.56 1.33
CA SER A 215 27.12 49.78 0.27
C SER A 215 26.41 50.07 -1.04
N GLY A 216 27.17 50.25 -2.11
CA GLY A 216 26.59 50.57 -3.39
C GLY A 216 27.46 50.20 -4.57
N SER A 217 26.82 49.77 -5.64
CA SER A 217 27.51 49.44 -6.86
C SER A 217 26.78 50.06 -8.03
N VAL A 218 27.49 50.88 -8.80
CA VAL A 218 26.93 51.52 -9.98
C VAL A 218 27.68 51.03 -11.21
N LYS A 219 27.02 50.19 -11.99
CA LYS A 219 27.61 49.62 -13.20
C LYS A 219 26.99 50.28 -14.40
N TYR A 220 27.83 50.80 -15.30
CA TYR A 220 27.32 51.50 -16.46
C TYR A 220 27.93 51.04 -17.77
N LYS A 221 27.19 51.30 -18.84
CA LYS A 221 27.70 51.15 -20.18
C LYS A 221 27.60 52.53 -20.81
N GLY A 222 28.32 52.72 -21.90
CA GLY A 222 28.38 54.03 -22.53
C GLY A 222 29.67 54.71 -22.13
N ASP A 223 29.81 55.99 -22.50
CA ASP A 223 31.04 56.73 -22.22
C ASP A 223 30.77 58.12 -21.60
N PRO A 224 30.17 58.13 -20.40
CA PRO A 224 29.93 59.37 -19.69
C PRO A 224 31.22 60.12 -19.42
N GLN A 225 31.20 61.43 -19.65
CA GLN A 225 32.39 62.25 -19.53
C GLN A 225 32.40 63.03 -18.20
N ASP A 226 31.48 62.70 -17.31
CA ASP A 226 31.39 63.36 -16.02
C ASP A 226 30.91 62.37 -14.99
N ILE A 227 31.80 61.98 -14.09
CA ILE A 227 31.49 61.02 -13.05
C ILE A 227 32.00 61.54 -11.70
N GLN A 228 31.11 61.61 -10.72
CA GLN A 228 31.48 62.10 -9.38
C GLN A 228 30.71 61.34 -8.32
N LYS A 229 31.31 61.18 -7.14
CA LYS A 229 30.65 60.47 -6.05
C LYS A 229 31.10 60.93 -4.67
N LYS A 230 30.21 60.73 -3.70
CA LYS A 230 30.53 60.88 -2.27
C LYS A 230 30.17 59.57 -1.63
N VAL A 231 31.07 59.01 -0.86
CA VAL A 231 30.81 57.72 -0.22
C VAL A 231 31.10 57.71 1.26
N GLY A 233 31.20 54.70 3.59
CA GLY A 233 31.15 53.23 3.65
C GLY A 233 31.90 52.61 2.47
N SER A 234 31.15 51.96 1.56
CA SER A 234 31.74 51.32 0.37
C SER A 234 30.89 51.59 -0.85
N GLY A 235 31.49 52.18 -1.87
CA GLY A 235 30.78 52.50 -3.09
C GLY A 235 31.73 52.50 -4.27
N LYS A 236 31.27 52.02 -5.41
CA LYS A 236 32.09 51.93 -6.58
C LYS A 236 31.28 52.11 -7.85
N ILE A 237 31.82 52.93 -8.75
CA ILE A 237 31.23 53.15 -10.07
C ILE A 237 32.19 52.54 -11.08
N GLU A 238 31.69 51.68 -11.95
CA GLU A 238 32.54 50.98 -12.92
C GLU A 238 31.82 50.71 -14.26
N LYS A 239 32.58 50.72 -15.35
CA LYS A 239 32.04 50.39 -16.66
C LYS A 239 32.09 48.88 -16.87
N VAL A 240 31.09 48.34 -17.55
CA VAL A 240 31.05 46.90 -17.85
C VAL A 240 30.99 46.66 -19.36
N GLU A 241 31.79 45.72 -19.84
CA GLU A 241 31.83 45.40 -21.26
C GLU A 241 30.47 44.86 -21.74
N ASN B 5 52.66 46.05 0.43
CA ASN B 5 53.42 45.44 1.55
C ASN B 5 52.57 45.33 2.82
N ILE B 6 52.19 44.10 3.17
CA ILE B 6 51.36 43.85 4.36
C ILE B 6 52.20 43.98 5.62
N THR B 7 51.63 44.60 6.65
CA THR B 7 52.34 44.78 7.90
C THR B 7 51.37 44.91 9.08
N THR B 8 51.85 44.57 10.27
CA THR B 8 51.04 44.67 11.49
C THR B 8 51.53 45.83 12.35
N GLU B 9 50.59 46.65 12.83
CA GLU B 9 50.93 47.85 13.63
C GLU B 9 50.03 47.97 14.84
N ASN B 10 50.60 48.44 15.95
CA ASN B 10 49.84 48.67 17.17
C ASN B 10 49.54 50.16 17.32
N ILE B 11 48.26 50.51 17.32
CA ILE B 11 47.85 51.91 17.41
C ILE B 11 47.46 52.29 18.84
N PRO B 12 48.07 53.37 19.38
CA PRO B 12 47.73 53.83 20.71
C PRO B 12 46.28 54.36 20.78
N VAL B 13 45.58 54.03 21.86
CA VAL B 13 44.21 54.46 22.03
C VAL B 13 43.88 54.71 23.50
N SER B 14 43.10 55.77 23.74
CA SER B 14 42.60 56.06 25.08
C SER B 14 41.29 55.27 25.27
N GLU B 15 40.73 55.28 26.47
CA GLU B 15 39.51 54.50 26.73
C GLU B 15 38.33 54.93 25.82
N TYR B 16 37.63 53.94 25.28
CA TYR B 16 36.50 54.18 24.39
C TYR B 16 35.39 53.16 24.63
N ASP B 17 34.13 53.59 24.49
CA ASP B 17 32.99 52.69 24.66
C ASP B 17 32.13 52.59 23.39
N CYS B 18 32.48 53.38 22.37
CA CYS B 18 31.79 53.33 21.06
C CYS B 18 32.78 52.93 19.98
N LEU B 19 32.28 52.26 18.96
CA LEU B 19 33.12 51.77 17.88
C LEU B 19 32.46 52.06 16.51
N GLU B 20 33.05 52.97 15.73
CA GLU B 20 32.50 53.34 14.38
C GLU B 20 33.43 52.87 13.27
N LEU B 21 32.91 52.01 12.40
CA LEU B 21 33.72 51.40 11.36
C LEU B 21 33.16 51.70 9.97
N GLU B 22 34.01 52.27 9.12
CA GLU B 22 33.67 52.57 7.73
C GLU B 22 34.80 52.07 6.88
N GLY B 23 34.76 50.81 6.50
CA GLY B 23 35.91 50.20 5.84
C GLY B 23 35.67 49.59 4.51
N GLY B 24 36.73 49.05 3.95
CA GLY B 24 36.67 48.33 2.71
C GLY B 24 37.25 46.95 2.92
N GLY B 25 36.38 46.00 3.21
CA GLY B 25 36.80 44.62 3.47
C GLY B 25 37.37 44.46 4.86
N VAL B 27 37.92 43.45 8.55
CA VAL B 27 37.53 42.34 9.44
C VAL B 27 37.89 42.72 10.88
N VAL B 28 36.88 42.91 11.71
CA VAL B 28 37.10 43.36 13.08
C VAL B 28 36.88 42.21 14.10
N ASN B 29 37.92 41.92 14.88
CA ASN B 29 37.86 40.94 15.95
C ASN B 29 37.94 41.65 17.29
N TYR B 30 36.79 41.93 17.88
CA TYR B 30 36.73 42.66 19.15
C TYR B 30 36.42 41.74 20.34
N THR B 31 36.96 42.10 21.49
CA THR B 31 36.71 41.38 22.73
C THR B 31 36.59 42.36 23.87
N GLN B 32 35.72 42.05 24.82
CA GLN B 32 35.57 42.87 26.01
C GLN B 32 36.32 42.22 27.15
N SER B 33 37.29 42.93 27.70
CA SER B 33 38.09 42.41 28.81
C SER B 33 38.42 43.49 29.80
N ASP B 34 38.97 43.08 30.95
CA ASP B 34 39.33 43.99 32.03
C ASP B 34 40.69 44.69 31.74
N ALA B 35 41.45 44.15 30.79
CA ALA B 35 42.77 44.70 30.43
C ALA B 35 42.66 46.13 29.84
N PRO B 36 43.80 46.84 29.74
CA PRO B 36 43.80 48.17 29.14
C PRO B 36 43.46 48.11 27.64
N GLU B 37 42.74 49.13 27.16
CA GLU B 37 42.31 49.19 25.74
C GLU B 37 43.47 48.88 24.78
N GLY B 38 43.19 48.08 23.74
CA GLY B 38 44.20 47.71 22.74
C GLY B 38 43.67 47.75 21.31
N LEU B 39 44.53 48.11 20.36
CA LEU B 39 44.17 48.17 18.94
C LEU B 39 45.35 47.78 18.06
N GLU B 40 45.16 46.72 17.28
CA GLU B 40 46.20 46.23 16.38
C GLU B 40 45.62 46.10 14.98
N ILE B 41 46.38 46.58 13.97
CA ILE B 41 45.92 46.55 12.58
C ILE B 41 46.90 45.80 11.67
N LYS B 42 46.35 44.99 10.78
CA LYS B 42 47.14 44.27 9.81
C LYS B 42 46.60 44.58 8.41
N THR B 43 47.33 45.39 7.65
CA THR B 43 46.89 45.80 6.30
C THR B 43 48.05 46.36 5.43
N ASP B 44 47.72 46.83 4.22
CA ASP B 44 48.74 47.37 3.31
CA ASP B 44 48.72 47.39 3.28
C ASP B 44 49.13 48.79 3.69
N ARG B 45 50.26 49.26 3.15
CA ARG B 45 50.75 50.60 3.44
C ARG B 45 49.76 51.67 2.95
N ASN B 46 49.06 51.37 1.84
CA ASN B 46 48.07 52.31 1.29
C ASN B 46 46.99 52.66 2.31
N ILE B 47 46.50 51.65 3.03
CA ILE B 47 45.45 51.86 4.03
C ILE B 47 45.95 52.65 5.24
N PHE B 48 47.16 52.34 5.72
CA PHE B 48 47.74 53.09 6.85
C PHE B 48 47.90 54.57 6.51
N GLU B 49 48.19 54.85 5.24
CA GLU B 49 48.37 56.22 4.77
C GLU B 49 47.04 56.98 4.66
N LYS B 50 46.00 56.29 4.15
CA LYS B 50 44.72 56.95 3.86
C LYS B 50 43.63 56.77 4.94
N TYR B 51 43.82 55.81 5.84
CA TYR B 51 42.87 55.60 6.96
C TYR B 51 43.34 56.25 8.25
N GLU B 52 42.39 56.54 9.13
CA GLU B 52 42.70 57.11 10.44
C GLU B 52 42.06 56.25 11.53
N PHE B 53 42.66 56.24 12.70
CA PHE B 53 42.19 55.40 13.81
C PHE B 53 42.18 56.22 15.09
N ASN B 54 41.41 57.30 15.10
CA ASN B 54 41.38 58.22 16.24
C ASN B 54 40.22 57.99 17.20
N VAL B 55 40.49 58.22 18.49
CA VAL B 55 39.48 58.12 19.51
C VAL B 55 39.13 59.51 19.99
N GLU B 56 37.88 59.91 19.82
CA GLU B 56 37.39 61.21 20.33
C GLU B 56 36.00 61.06 20.89
N ASN B 57 35.75 61.73 22.02
CA ASN B 57 34.49 61.60 22.72
C ASN B 57 34.23 60.13 23.09
N HIS B 58 35.33 59.41 23.36
CA HIS B 58 35.27 57.99 23.75
C HIS B 58 34.72 57.11 22.63
N LYS B 59 34.96 57.53 21.39
CA LYS B 59 34.51 56.76 20.22
C LYS B 59 35.71 56.46 19.30
N LEU B 60 36.07 55.18 19.18
CA LEU B 60 37.15 54.76 18.30
C LEU B 60 36.66 54.70 16.85
N LYS B 61 37.02 55.71 16.06
CA LYS B 61 36.55 55.81 14.68
C LYS B 61 37.60 55.31 13.71
N ILE B 62 37.26 54.25 12.97
CA ILE B 62 38.15 53.72 11.95
C ILE B 62 37.52 53.97 10.61
N ARG B 63 38.07 54.95 9.90
CA ARG B 63 37.51 55.38 8.66
C ARG B 63 38.62 56.06 7.83
N PRO B 64 38.36 56.28 6.55
CA PRO B 64 39.34 56.97 5.73
C PRO B 64 39.52 58.43 6.18
N LYS B 65 40.74 58.95 6.05
CA LYS B 65 41.00 60.35 6.36
C LYS B 65 40.14 61.22 5.45
N LYS B 66 39.76 62.39 5.93
CA LYS B 66 38.91 63.31 5.19
C LYS B 66 39.53 63.69 3.80
N GLU B 67 40.86 63.79 3.75
CA GLU B 67 41.55 64.17 2.50
C GLU B 67 41.73 62.98 1.51
N PHE B 68 41.13 61.84 1.83
CA PHE B 68 41.18 60.66 0.94
C PHE B 68 39.80 60.02 0.79
N ARG B 69 38.75 60.81 0.98
CA ARG B 69 37.36 60.33 0.83
C ARG B 69 36.86 60.51 -0.60
N LYS B 70 37.39 61.52 -1.28
CA LYS B 70 36.97 61.81 -2.67
C LYS B 70 37.41 60.68 -3.60
N HIS B 71 38.61 60.16 -3.34
CA HIS B 71 39.17 59.08 -4.15
C HIS B 71 38.58 57.72 -3.74
N THR B 72 38.95 57.25 -2.54
CA THR B 72 38.54 55.92 -2.04
C THR B 72 39.07 54.80 -2.97
N ASN B 73 38.22 53.84 -3.32
CA ASN B 73 38.62 52.72 -4.19
C ASN B 73 39.90 52.05 -3.65
N PHE B 74 39.77 51.43 -2.47
CA PHE B 74 40.92 50.84 -1.79
C PHE B 74 41.19 49.38 -2.26
N ARG B 75 40.32 48.45 -1.85
CA ARG B 75 40.48 47.01 -2.20
C ARG B 75 41.85 46.45 -1.76
N PRO B 76 42.05 46.32 -0.44
CA PRO B 76 43.31 45.81 0.13
C PRO B 76 43.37 44.29 0.22
N THR B 77 44.59 43.75 0.21
CA THR B 77 44.81 42.29 0.33
C THR B 77 44.31 41.78 1.68
N GLU B 78 44.51 42.59 2.71
CA GLU B 78 44.08 42.24 4.05
C GLU B 78 43.82 43.49 4.87
N PHE B 79 42.85 43.40 5.76
CA PHE B 79 42.50 44.50 6.63
C PHE B 79 41.88 43.94 7.92
N VAL B 81 41.39 43.86 11.98
CA VAL B 81 41.44 44.74 13.14
C VAL B 81 41.22 43.98 14.44
N THR B 82 42.20 44.05 15.34
CA THR B 82 42.10 43.43 16.64
C THR B 82 41.98 44.52 17.68
N ALA B 83 40.85 44.58 18.36
CA ALA B 83 40.61 45.60 19.36
C ALA B 83 40.00 45.03 20.63
N ASN B 84 40.23 45.72 21.74
CA ASN B 84 39.66 45.32 23.02
C ASN B 84 39.44 46.53 23.92
N SER B 85 38.36 46.51 24.69
CA SER B 85 38.06 47.58 25.63
C SER B 85 37.31 47.02 26.84
N ARG B 86 37.26 47.82 27.90
CA ARG B 86 36.59 47.41 29.13
C ARG B 86 35.08 47.46 28.96
N ASN B 87 34.61 48.45 28.20
CA ASN B 87 33.20 48.64 27.96
C ASN B 87 32.91 48.92 26.47
N LEU B 88 31.66 48.62 26.05
CA LEU B 88 31.22 48.86 24.67
C LEU B 88 29.69 49.02 24.65
N LYS B 89 29.22 50.23 24.31
CA LYS B 89 27.77 50.51 24.33
C LYS B 89 27.18 50.81 22.93
N LYS B 90 28.05 51.14 21.96
CA LYS B 90 27.58 51.42 20.60
C LYS B 90 28.52 50.85 19.55
N LEU B 91 27.92 50.25 18.53
CA LEU B 91 28.67 49.67 17.41
C LEU B 91 28.03 50.13 16.10
N ALA B 92 28.75 50.94 15.35
CA ALA B 92 28.27 51.43 14.04
C ALA B 92 29.20 50.98 12.95
N ALA B 93 28.65 50.32 11.92
CA ALA B 93 29.44 49.81 10.81
C ALA B 93 28.80 50.21 9.49
N ALA B 94 29.62 50.68 8.57
CA ALA B 94 29.13 51.10 7.27
C ALA B 94 30.02 50.59 6.15
N GLY B 95 29.41 49.93 5.16
CA GLY B 95 30.13 49.41 4.00
C GLY B 95 30.57 47.97 4.16
N SER B 96 31.59 47.59 3.41
CA SER B 96 32.13 46.23 3.45
C SER B 96 32.89 45.99 4.77
N THR B 97 32.18 45.48 5.77
CA THR B 97 32.78 45.26 7.06
C THR B 97 32.27 43.96 7.66
N HIS B 98 33.12 43.33 8.44
CA HIS B 98 32.76 42.12 9.17
C HIS B 98 33.19 42.31 10.60
N VAL B 99 32.22 42.42 11.51
CA VAL B 99 32.51 42.65 12.92
C VAL B 99 32.24 41.41 13.76
N ASN B 100 33.30 40.88 14.36
CA ASN B 100 33.22 39.68 15.23
C ASN B 100 33.41 40.05 16.70
N ILE B 101 32.39 39.79 17.51
CA ILE B 101 32.52 39.95 18.96
C ILE B 101 32.88 38.59 19.50
N ASN B 102 34.18 38.36 19.72
CA ASN B 102 34.70 37.04 20.09
C ASN B 102 34.63 36.72 21.59
N SER B 103 34.12 37.63 22.39
CA SER B 103 34.04 37.41 23.83
C SER B 103 32.64 37.68 24.35
N PRO B 104 32.38 37.27 25.60
CA PRO B 104 31.13 37.62 26.22
C PRO B 104 30.98 39.13 26.26
N LEU B 105 29.77 39.61 26.03
CA LEU B 105 29.50 41.03 25.95
C LEU B 105 28.50 41.43 27.00
N GLN B 106 28.72 42.58 27.63
CA GLN B 106 27.82 43.07 28.65
C GLN B 106 27.79 44.58 28.66
N ALA B 107 26.58 45.13 28.73
CA ALA B 107 26.39 46.57 28.79
C ALA B 107 24.95 46.86 29.19
N GLU B 108 24.74 47.97 29.88
CA GLU B 108 23.40 48.35 30.30
C GLU B 108 22.55 48.63 29.07
N GLU B 109 23.05 49.49 28.19
CA GLU B 109 22.37 49.83 26.96
C GLU B 109 23.33 49.68 25.80
N PHE B 110 22.88 49.00 24.74
CA PHE B 110 23.73 48.77 23.58
C PHE B 110 22.97 49.08 22.27
N GLU B 111 23.69 49.67 21.31
CA GLU B 111 23.11 50.01 20.00
C GLU B 111 23.99 49.46 18.88
N ALA B 112 23.47 48.48 18.14
CA ALA B 112 24.16 47.93 17.00
C ALA B 112 23.58 48.55 15.76
N GLY B 113 24.44 49.10 14.91
CA GLY B 113 24.01 49.78 13.69
C GLY B 113 24.79 49.31 12.48
N LEU B 114 24.07 48.91 11.43
CA LEU B 114 24.68 48.42 10.24
C LEU B 114 24.08 49.13 9.00
N ALA B 115 24.93 49.78 8.23
CA ALA B 115 24.51 50.45 7.00
C ALA B 115 25.27 49.85 5.83
N GLY B 116 24.56 49.12 4.99
CA GLY B 116 25.19 48.45 3.85
C GLY B 116 25.05 46.94 3.95
N SER B 117 26.02 46.23 3.38
CA SER B 117 25.94 44.78 3.30
C SER B 117 26.94 44.07 4.21
N GLY B 118 27.29 44.70 5.33
CA GLY B 118 28.24 44.11 6.27
C GLY B 118 27.62 43.02 7.16
N ILE B 119 28.40 42.55 8.13
CA ILE B 119 27.95 41.53 9.06
C ILE B 119 28.41 41.85 10.46
N ILE B 120 27.48 41.74 11.42
CA ILE B 120 27.80 41.90 12.86
C ILE B 120 27.34 40.66 13.56
N GLN B 121 28.24 40.03 14.32
CA GLN B 121 27.91 38.81 15.03
C GLN B 121 28.46 38.72 16.42
N PHE B 122 27.58 38.48 17.39
CA PHE B 122 28.00 38.21 18.75
C PHE B 122 28.19 36.72 18.85
N HIS B 123 29.44 36.28 18.78
CA HIS B 123 29.75 34.84 18.80
C HIS B 123 29.46 34.20 20.15
N ASP B 124 29.60 34.97 21.23
CA ASP B 124 29.38 34.45 22.58
C ASP B 124 28.17 35.18 23.23
N THR B 125 27.94 34.92 24.52
CA THR B 125 26.81 35.51 25.24
C THR B 125 26.82 37.04 25.18
N ALA B 126 25.66 37.61 24.91
CA ALA B 126 25.49 39.05 24.89
C ALA B 126 24.39 39.41 25.85
N SER B 127 24.74 40.10 26.94
CA SER B 127 23.77 40.43 28.00
C SER B 127 23.57 41.95 28.15
N PHE B 128 22.33 42.40 28.07
CA PHE B 128 22.00 43.82 28.18
C PHE B 128 20.67 44.02 28.85
N THR B 129 20.35 45.26 29.18
CA THR B 129 19.03 45.61 29.65
C THR B 129 18.20 46.09 28.44
N ASN B 130 18.81 46.94 27.60
CA ASN B 130 18.19 47.44 26.38
C ASN B 130 19.13 47.25 25.18
N LEU B 131 18.67 46.50 24.17
CA LEU B 131 19.46 46.27 22.97
C LEU B 131 18.72 46.83 21.75
N LYS B 132 19.37 47.76 21.05
CA LYS B 132 18.78 48.35 19.85
C LYS B 132 19.56 47.89 18.62
N ILE B 133 18.84 47.39 17.62
CA ILE B 133 19.47 46.94 16.39
C ILE B 133 18.85 47.65 15.20
N GLU B 134 19.68 48.36 14.45
CA GLU B 134 19.25 49.06 13.26
C GLU B 134 20.06 48.58 12.06
N ILE B 135 19.39 48.10 11.03
CA ILE B 135 20.04 47.67 9.83
C ILE B 135 19.42 48.32 8.60
N ALA B 136 20.24 49.02 7.83
CA ALA B 136 19.80 49.60 6.58
C ALA B 136 20.63 48.99 5.48
N GLY B 137 20.00 48.17 4.65
CA GLY B 137 20.70 47.48 3.57
C GLY B 137 20.51 45.98 3.65
N SER B 138 21.37 45.25 2.96
CA SER B 138 21.25 43.81 2.86
C SER B 138 22.20 43.05 3.83
N GLY B 139 22.57 43.71 4.92
CA GLY B 139 23.50 43.13 5.88
C GLY B 139 22.92 42.02 6.72
N ASP B 140 23.67 41.61 7.73
CA ASP B 140 23.28 40.53 8.61
C ASP B 140 23.72 40.78 10.03
N PHE B 141 22.90 40.33 10.97
CA PHE B 141 23.25 40.35 12.38
C PHE B 141 22.96 38.97 12.95
N VAL B 142 23.93 38.42 13.68
CA VAL B 142 23.76 37.10 14.29
C VAL B 142 24.15 37.13 15.74
N GLY B 143 23.28 36.61 16.59
CA GLY B 143 23.52 36.53 18.02
C GLY B 143 22.75 35.37 18.61
N HIS B 144 23.38 34.20 18.64
CA HIS B 144 22.72 32.99 19.13
C HIS B 144 22.56 32.98 20.65
N LYS B 145 23.24 33.89 21.34
CA LYS B 145 23.19 33.94 22.81
C LYS B 145 22.93 35.35 23.34
N VAL B 146 21.80 35.92 22.96
CA VAL B 146 21.44 37.26 23.42
C VAL B 146 20.43 37.19 24.56
N TYR B 147 20.65 37.99 25.57
CA TYR B 147 19.76 38.04 26.72
C TYR B 147 19.57 39.49 27.14
N CYS B 148 18.37 39.99 27.00
CA CYS B 148 18.08 41.35 27.38
C CYS B 148 16.66 41.53 27.81
N GLU B 149 16.39 42.64 28.49
CA GLU B 149 15.09 42.94 28.99
C GLU B 149 14.22 43.51 27.86
N GLU B 150 14.82 44.38 27.04
CA GLU B 150 14.11 44.97 25.90
C GLU B 150 14.98 44.95 24.64
N LEU B 151 14.36 44.62 23.52
CA LEU B 151 15.06 44.55 22.25
C LEU B 151 14.23 45.24 21.18
N ASN B 152 14.82 46.27 20.54
CA ASN B 152 14.16 46.98 19.45
C ASN B 152 14.89 46.78 18.15
N GLY B 153 14.18 46.26 17.16
CA GLY B 153 14.75 46.03 15.85
C GLY B 153 14.13 46.92 14.81
N ASP B 154 14.98 47.68 14.11
CA ASP B 154 14.53 48.56 13.06
C ASP B 154 15.25 48.13 11.78
N ALA B 156 15.45 47.96 7.45
CA ALA B 156 15.05 48.49 6.15
C ALA B 156 15.91 47.81 5.07
N GLY B 157 15.26 47.01 4.22
CA GLY B 157 15.97 46.31 3.15
C GLY B 157 15.99 44.80 3.33
N SER B 158 16.77 44.11 2.51
CA SER B 158 16.83 42.63 2.52
C SER B 158 17.96 42.16 3.43
N ASN B 159 17.72 42.30 4.72
CA ASN B 159 18.68 41.93 5.71
C ASN B 159 18.16 40.80 6.59
N THR B 160 18.99 40.31 7.48
CA THR B 160 18.60 39.25 8.37
C THR B 160 19.07 39.48 9.80
N ILE B 161 18.23 39.10 10.74
CA ILE B 161 18.58 39.11 12.13
C ILE B 161 18.31 37.73 12.66
N VAL B 162 19.41 37.03 13.03
CA VAL B 162 19.32 35.70 13.61
C VAL B 162 19.57 35.82 15.09
N LEU B 163 18.56 35.52 15.89
CA LEU B 163 18.64 35.66 17.34
C LEU B 163 18.42 34.36 18.06
N GLY B 164 19.05 34.25 19.22
CA GLY B 164 18.87 33.12 20.11
C GLY B 164 19.07 33.60 21.53
N GLY B 165 18.33 33.00 22.47
CA GLY B 165 18.42 33.38 23.87
C GLY B 165 17.06 33.73 24.46
N THR B 166 17.01 34.81 25.24
CA THR B 166 15.76 35.24 25.89
C THR B 166 15.62 36.77 25.84
N VAL B 167 14.39 37.24 25.70
CA VAL B 167 14.10 38.67 25.66
C VAL B 167 12.74 38.94 26.31
N GLY B 168 12.68 40.00 27.14
CA GLY B 168 11.42 40.37 27.81
C GLY B 168 10.40 40.96 26.82
N ILE B 169 10.69 42.14 26.31
CA ILE B 169 9.82 42.79 25.33
C ILE B 169 10.62 43.06 24.04
N ALA B 170 10.11 42.52 22.93
CA ALA B 170 10.78 42.66 21.64
C ALA B 170 9.90 43.38 20.64
N GLU B 171 10.40 44.50 20.11
CA GLU B 171 9.71 45.25 19.05
C GLU B 171 10.49 45.19 17.76
N PHE B 172 9.81 44.87 16.66
CA PHE B 172 10.42 44.82 15.36
C PHE B 172 9.68 45.66 14.37
N SER B 173 10.44 46.41 13.58
CA SER B 173 9.90 47.20 12.51
C SER B 173 10.67 46.83 11.25
N ILE B 174 9.96 46.23 10.29
CA ILE B 174 10.57 45.78 9.06
C ILE B 174 10.00 46.48 7.85
N ALA B 175 10.86 47.14 7.10
CA ALA B 175 10.48 47.77 5.88
C ALA B 175 11.21 47.06 4.77
N GLY B 176 10.49 46.30 3.98
CA GLY B 176 11.09 45.55 2.90
C GLY B 176 11.03 44.07 3.15
N SER B 177 11.97 43.33 2.58
CA SER B 177 11.97 41.87 2.69
C SER B 177 12.97 41.36 3.72
N GLY B 178 13.14 42.12 4.80
CA GLY B 178 14.02 41.70 5.89
C GLY B 178 13.48 40.43 6.57
N THR B 179 14.38 39.64 7.11
CA THR B 179 14.01 38.40 7.75
C THR B 179 14.50 38.36 9.19
N VAL B 180 13.65 37.85 10.08
CA VAL B 180 14.01 37.66 11.47
C VAL B 180 13.85 36.18 11.85
N ARG B 181 14.99 35.51 12.10
CA ARG B 181 15.01 34.08 12.51
C ARG B 181 15.25 34.01 14.01
N ALA B 182 14.20 33.78 14.78
CA ALA B 182 14.32 33.82 16.24
C ALA B 182 13.49 32.77 16.98
N PHE B 183 13.25 31.61 16.36
CA PHE B 183 12.53 30.52 17.03
C PHE B 183 13.28 30.07 18.29
N ASP B 184 14.62 30.17 18.25
CA ASP B 184 15.47 29.81 19.40
C ASP B 184 15.56 30.95 20.43
N CYS B 185 14.78 32.01 20.23
CA CYS B 185 14.78 33.14 21.15
C CYS B 185 13.43 33.26 21.85
N THR B 186 13.42 32.99 23.16
CA THR B 186 12.19 33.05 23.95
C THR B 186 11.84 34.49 24.31
N ASP B 188 9.05 37.09 25.83
CA ASP B 188 7.83 37.19 26.65
C ASP B 188 6.73 37.89 25.87
N GLU B 189 7.09 39.00 25.22
CA GLU B 189 6.14 39.75 24.39
C GLU B 189 6.78 40.16 23.06
N LEU B 190 5.98 40.14 22.01
CA LEU B 190 6.44 40.54 20.71
C LEU B 190 5.48 41.54 20.09
N GLU B 191 6.05 42.59 19.53
CA GLU B 191 5.27 43.57 18.83
C GLU B 191 6.02 43.89 17.52
N CYS B 192 5.30 43.82 16.40
CA CYS B 192 5.95 44.02 15.14
C CYS B 192 5.08 44.64 14.05
N LYS B 193 5.76 45.33 13.13
CA LYS B 193 5.14 45.91 11.98
C LYS B 193 5.97 45.52 10.78
N ILE B 194 5.35 44.95 9.77
CA ILE B 194 6.03 44.62 8.56
C ILE B 194 5.39 45.30 7.39
N ALA B 195 6.17 46.13 6.70
CA ALA B 195 5.71 46.77 5.46
C ALA B 195 6.49 46.15 4.31
N GLY B 196 5.88 45.19 3.64
CA GLY B 196 6.53 44.49 2.55
C GLY B 196 6.34 42.98 2.64
N SER B 197 7.30 42.24 2.13
CA SER B 197 7.21 40.79 2.14
C SER B 197 8.17 40.16 3.17
N GLY B 198 8.63 40.99 4.11
CA GLY B 198 9.49 40.52 5.20
C GLY B 198 8.92 39.32 5.96
N ASP B 199 9.73 38.73 6.82
CA ASP B 199 9.38 37.48 7.47
C ASP B 199 9.97 37.42 8.87
N ILE B 200 9.12 37.08 9.85
CA ILE B 200 9.54 36.96 11.22
C ILE B 200 9.18 35.55 11.80
N GLU B 201 10.14 34.94 12.48
CA GLU B 201 9.94 33.66 13.18
C GLU B 201 10.36 33.88 14.64
N ALA B 202 9.45 33.60 15.56
CA ALA B 202 9.73 33.86 16.97
C ALA B 202 9.01 32.90 17.93
N PHE B 203 9.55 32.77 19.12
CA PHE B 203 8.90 32.01 20.20
C PHE B 203 8.38 33.01 21.21
N VAL B 204 7.06 33.12 21.31
CA VAL B 204 6.44 34.09 22.18
C VAL B 204 5.71 33.40 23.31
N VAL B 205 5.98 33.85 24.53
CA VAL B 205 5.42 33.22 25.71
C VAL B 205 4.04 33.77 26.07
N ASN B 206 3.92 35.09 26.15
CA ASN B 206 2.70 35.71 26.68
C ASN B 206 1.85 36.54 25.73
N LYS B 207 2.47 37.46 24.99
CA LYS B 207 1.72 38.40 24.18
CA LYS B 207 1.71 38.37 24.17
C LYS B 207 2.39 38.68 22.83
N ILE B 208 1.58 38.74 21.77
CA ILE B 208 2.05 39.07 20.45
C ILE B 208 1.11 40.07 19.82
N LYS B 209 1.69 41.10 19.22
CA LYS B 209 0.95 42.11 18.47
C LYS B 209 1.66 42.30 17.13
N ALA B 210 0.98 41.93 16.04
CA ALA B 210 1.58 41.93 14.74
C ALA B 210 0.73 42.68 13.72
N GLU B 211 1.42 43.42 12.86
CA GLU B 211 0.78 44.18 11.82
C GLU B 211 1.58 44.05 10.53
N ILE B 212 0.89 43.70 9.45
CA ILE B 212 1.53 43.55 8.17
C ILE B 212 0.79 44.31 7.08
N ALA B 213 1.54 45.12 6.34
CA ALA B 213 1.04 45.79 5.17
C ALA B 213 1.81 45.20 4.00
N GLY B 214 1.17 44.26 3.30
CA GLY B 214 1.82 43.56 2.20
C GLY B 214 1.66 42.03 2.27
N SER B 215 2.65 41.30 1.75
CA SER B 215 2.59 39.83 1.69
C SER B 215 3.52 39.13 2.70
N GLY B 216 4.17 39.92 3.56
CA GLY B 216 5.07 39.36 4.58
C GLY B 216 4.34 38.40 5.55
N SER B 217 5.08 37.84 6.52
CA SER B 217 4.48 36.91 7.46
C SER B 217 5.16 36.90 8.83
N VAL B 218 4.37 36.57 9.84
CA VAL B 218 4.85 36.38 11.18
C VAL B 218 4.44 34.99 11.64
N LYS B 219 5.43 34.18 12.00
CA LYS B 219 5.18 32.83 12.49
C LYS B 219 5.71 32.72 13.90
N TYR B 220 4.82 32.39 14.84
CA TYR B 220 5.23 32.29 16.24
C TYR B 220 5.00 30.92 16.86
N LYS B 221 6.00 30.48 17.63
CA LYS B 221 5.86 29.30 18.43
C LYS B 221 5.48 29.76 19.83
N GLY B 222 5.22 28.82 20.72
CA GLY B 222 4.79 29.16 22.06
C GLY B 222 3.29 29.28 22.12
N ASP B 223 2.77 29.69 23.26
CA ASP B 223 1.33 29.78 23.44
C ASP B 223 0.96 31.08 24.16
N PRO B 224 1.03 32.21 23.45
CA PRO B 224 0.65 33.49 24.02
C PRO B 224 -0.82 33.54 24.38
N GLN B 225 -1.14 34.21 25.47
CA GLN B 225 -2.53 34.31 25.93
C GLN B 225 -3.24 35.51 25.31
N ASP B 226 -2.48 36.40 24.68
CA ASP B 226 -3.03 37.62 24.08
C ASP B 226 -2.46 37.81 22.65
N ILE B 227 -3.34 37.82 21.65
CA ILE B 227 -2.94 37.92 20.26
C ILE B 227 -3.72 39.01 19.51
N GLN B 228 -2.98 39.96 18.92
CA GLN B 228 -3.60 41.03 18.13
CA GLN B 228 -3.60 41.03 18.14
C GLN B 228 -2.98 41.08 16.74
N LYS B 229 -3.81 40.86 15.71
CA LYS B 229 -3.36 40.84 14.33
C LYS B 229 -3.98 41.97 13.54
N LYS B 230 -3.28 42.38 12.49
CA LYS B 230 -3.76 43.43 11.57
C LYS B 230 -3.05 43.25 10.21
N VAL B 231 -3.81 42.88 9.18
CA VAL B 231 -3.23 42.63 7.87
C VAL B 231 -3.97 43.32 6.76
N GLY B 233 -3.44 43.27 2.93
CA GLY B 233 -2.69 42.58 1.89
C GLY B 233 -2.89 41.06 1.99
N SER B 234 -1.94 40.31 1.44
CA SER B 234 -2.03 38.82 1.42
C SER B 234 -1.23 38.16 2.55
N GLY B 235 -0.59 38.97 3.39
CA GLY B 235 0.23 38.45 4.48
C GLY B 235 -0.54 37.56 5.44
N LYS B 236 0.19 36.92 6.36
CA LYS B 236 -0.41 36.04 7.36
C LYS B 236 0.35 36.06 8.68
N ILE B 237 -0.40 35.95 9.77
CA ILE B 237 0.15 35.87 11.12
C ILE B 237 -0.38 34.57 11.75
N GLU B 238 0.53 33.60 11.94
CA GLU B 238 0.13 32.24 12.35
C GLU B 238 0.91 31.70 13.52
N LYS B 239 0.27 30.79 14.24
CA LYS B 239 0.92 30.04 15.28
C LYS B 239 1.43 28.73 14.68
N VAL B 240 2.68 28.39 14.96
CA VAL B 240 3.24 27.13 14.52
C VAL B 240 3.68 26.34 15.74
N GLU B 241 3.93 25.05 15.56
CA GLU B 241 4.33 24.19 16.67
C GLU B 241 5.79 23.73 16.53
N GLY C 1 3.94 25.36 29.63
CA GLY C 1 4.69 24.21 29.04
C GLY C 1 5.79 23.70 29.96
N GLY C 2 5.53 22.59 30.63
CA GLY C 2 6.52 21.98 31.51
C GLY C 2 7.75 21.55 30.73
N ASP C 3 8.93 21.76 31.30
CA ASP C 3 10.18 21.43 30.62
C ASP C 3 10.56 19.93 30.75
N GLY C 4 9.68 19.15 31.37
CA GLY C 4 9.90 17.70 31.53
C GLY C 4 11.01 17.36 32.51
N ASN C 5 11.64 18.38 33.09
CA ASN C 5 12.70 18.19 34.07
C ASN C 5 12.11 17.90 35.46
N ILE C 6 11.52 16.71 35.62
CA ILE C 6 10.86 16.33 36.87
C ILE C 6 11.82 16.30 38.05
N THR C 7 11.42 16.96 39.14
CA THR C 7 12.21 16.99 40.36
C THR C 7 11.31 16.71 41.56
N THR C 8 11.91 16.21 42.63
CA THR C 8 11.18 15.91 43.85
C THR C 8 11.73 16.74 45.00
N GLU C 9 10.89 17.61 45.55
CA GLU C 9 11.32 18.55 46.57
C GLU C 9 10.52 18.41 47.86
N ASN C 10 11.24 18.36 48.99
CA ASN C 10 10.62 18.32 50.31
CA ASN C 10 10.61 18.32 50.30
C ASN C 10 10.43 19.73 50.81
N ILE C 11 9.19 20.12 51.07
CA ILE C 11 8.89 21.48 51.51
C ILE C 11 8.72 21.58 53.01
N PRO C 12 9.53 22.43 53.65
CA PRO C 12 9.39 22.64 55.09
C PRO C 12 8.06 23.29 55.40
N VAL C 13 7.29 22.65 56.26
CA VAL C 13 5.98 23.16 56.60
C VAL C 13 5.71 23.05 58.07
N SER C 14 5.00 24.03 58.61
CA SER C 14 4.61 24.02 59.99
C SER C 14 3.21 23.45 60.11
N GLU C 15 2.66 23.47 61.32
CA GLU C 15 1.33 22.95 61.57
C GLU C 15 0.27 23.59 60.64
N TYR C 16 -0.60 22.75 60.07
CA TYR C 16 -1.69 23.24 59.22
C TYR C 16 -2.91 22.31 59.28
N ASP C 17 -4.10 22.89 59.18
CA ASP C 17 -5.35 22.11 59.13
C ASP C 17 -6.24 22.57 57.95
N CYS C 18 -5.66 23.35 57.04
CA CYS C 18 -6.34 23.77 55.81
C CYS C 18 -5.40 23.60 54.64
N LEU C 19 -5.88 22.95 53.60
CA LEU C 19 -5.08 22.73 52.41
C LEU C 19 -5.77 23.33 51.20
N GLU C 20 -5.17 24.39 50.64
CA GLU C 20 -5.72 25.06 49.44
C GLU C 20 -4.76 24.87 48.27
N LEU C 21 -5.29 24.38 47.15
CA LEU C 21 -4.49 24.08 45.99
C LEU C 21 -5.01 24.83 44.78
N GLU C 22 -4.12 25.14 43.85
CA GLU C 22 -4.51 25.84 42.64
C GLU C 22 -3.57 25.45 41.50
N GLY C 23 -4.11 24.75 40.50
CA GLY C 23 -3.31 24.34 39.34
C GLY C 23 -4.04 23.39 38.41
N GLY C 24 -3.30 22.87 37.43
CA GLY C 24 -3.86 21.93 36.47
C GLY C 24 -3.04 20.65 36.41
N GLY C 25 -3.72 19.51 36.23
CA GLY C 25 -3.05 18.22 36.17
C GLY C 25 -2.47 17.77 37.53
N VAL C 27 -2.22 15.90 41.12
CA VAL C 27 -2.63 14.71 41.84
C VAL C 27 -2.20 14.90 43.27
N VAL C 28 -3.15 14.87 44.18
CA VAL C 28 -2.86 15.10 45.59
C VAL C 28 -3.14 13.86 46.42
N ASN C 29 -2.14 13.48 47.19
CA ASN C 29 -2.24 12.35 48.09
C ASN C 29 -2.05 12.83 49.50
N TYR C 30 -3.13 12.88 50.26
CA TYR C 30 -3.06 13.32 51.65
C TYR C 30 -3.39 12.17 52.66
N THR C 31 -2.74 12.21 53.81
CA THR C 31 -3.02 11.27 54.90
C THR C 31 -3.00 12.02 56.22
N GLN C 32 -3.83 11.58 57.15
CA GLN C 32 -3.86 12.16 58.48
C GLN C 32 -3.16 11.21 59.42
N SER C 33 -2.14 11.70 60.12
CA SER C 33 -1.39 10.89 61.08
C SER C 33 -0.74 11.78 62.16
N ASP C 34 -0.33 11.17 63.28
CA ASP C 34 0.24 11.93 64.39
C ASP C 34 1.73 12.23 64.21
N ALA C 35 2.20 12.20 62.96
CA ALA C 35 3.58 12.54 62.66
C ALA C 35 3.69 14.03 62.37
N PRO C 36 4.92 14.56 62.32
CA PRO C 36 5.08 15.98 61.99
C PRO C 36 4.60 16.29 60.58
N GLU C 37 3.95 17.44 60.39
CA GLU C 37 3.44 17.83 59.07
C GLU C 37 4.50 17.69 58.00
N GLY C 38 4.10 17.17 56.84
CA GLY C 38 5.00 16.98 55.72
C GLY C 38 4.38 17.38 54.38
N LEU C 39 5.23 17.81 53.45
CA LEU C 39 4.81 18.17 52.10
C LEU C 39 5.91 17.86 51.10
N GLU C 40 5.58 17.09 50.07
CA GLU C 40 6.51 16.75 49.02
C GLU C 40 5.91 17.12 47.67
N ILE C 41 6.67 17.82 46.84
CA ILE C 41 6.21 18.24 45.52
C ILE C 41 7.04 17.58 44.42
N LYS C 42 6.37 16.96 43.47
CA LYS C 42 7.03 16.34 42.34
C LYS C 42 6.44 16.91 41.05
N THR C 43 7.19 17.78 40.38
CA THR C 43 6.72 18.41 39.15
C THR C 43 7.87 18.99 38.32
N ASP C 44 7.52 19.58 37.17
CA ASP C 44 8.51 20.21 36.31
C ASP C 44 9.24 21.30 37.06
N ARG C 45 10.54 21.39 36.86
CA ARG C 45 11.35 22.36 37.54
C ARG C 45 10.90 23.78 37.24
N ASN C 46 10.66 24.08 35.96
CA ASN C 46 10.24 25.43 35.57
C ASN C 46 8.90 25.82 36.18
N ILE C 47 8.10 24.82 36.51
CA ILE C 47 6.80 25.07 37.15
C ILE C 47 6.96 25.17 38.67
N PHE C 48 7.83 24.34 39.22
CA PHE C 48 8.10 24.37 40.65
C PHE C 48 8.56 25.77 41.11
N GLU C 49 9.37 26.44 40.28
CA GLU C 49 9.92 27.78 40.62
C GLU C 49 8.85 28.89 40.54
N LYS C 50 7.74 28.59 39.89
CA LYS C 50 6.65 29.57 39.76
C LYS C 50 5.62 29.43 40.90
N TYR C 51 5.74 28.37 41.69
CA TYR C 51 4.80 28.12 42.77
C TYR C 51 5.32 28.51 44.13
N GLU C 52 4.40 28.71 45.07
CA GLU C 52 4.73 28.97 46.47
C GLU C 52 3.95 27.96 47.32
N PHE C 53 4.51 27.61 48.47
CA PHE C 53 3.88 26.58 49.34
C PHE C 53 3.93 27.00 50.79
N ASN C 54 3.43 28.19 51.07
CA ASN C 54 3.51 28.75 52.42
C ASN C 54 2.35 28.38 53.32
N VAL C 55 2.65 28.32 54.63
CA VAL C 55 1.66 28.07 55.63
C VAL C 55 1.35 29.39 56.31
N GLU C 56 0.08 29.77 56.33
CA GLU C 56 -0.35 31.00 56.99
C GLU C 56 -1.54 30.69 57.87
N ASN C 57 -1.42 31.00 59.16
CA ASN C 57 -2.47 30.74 60.10
C ASN C 57 -3.01 29.30 59.95
N HIS C 58 -2.08 28.35 59.90
CA HIS C 58 -2.42 26.92 59.76
C HIS C 58 -3.05 26.59 58.39
N LYS C 59 -2.95 27.53 57.44
CA LYS C 59 -3.46 27.31 56.08
C LYS C 59 -2.30 27.12 55.09
N LEU C 60 -2.17 25.91 54.59
CA LEU C 60 -1.17 25.60 53.60
C LEU C 60 -1.72 25.94 52.24
N LYS C 61 -1.15 26.95 51.60
CA LYS C 61 -1.62 27.41 50.28
C LYS C 61 -0.61 27.09 49.20
N ILE C 62 -0.97 26.15 48.33
CA ILE C 62 -0.13 25.78 47.21
C ILE C 62 -0.73 26.39 45.97
N ARG C 63 0.01 27.30 45.35
CA ARG C 63 -0.50 28.04 44.21
C ARG C 63 0.64 28.80 43.55
N PRO C 64 0.37 29.39 42.40
CA PRO C 64 1.37 30.20 41.74
C PRO C 64 1.64 31.49 42.51
N LYS C 65 2.85 32.01 42.40
CA LYS C 65 3.20 33.24 43.05
C LYS C 65 2.40 34.39 42.44
N LYS C 66 2.32 35.50 43.16
CA LYS C 66 1.55 36.68 42.72
C LYS C 66 1.98 37.15 41.31
N GLU C 67 3.29 37.23 41.06
CA GLU C 67 3.81 37.75 39.77
C GLU C 67 3.56 36.81 38.57
N PHE C 68 3.32 35.54 38.84
CA PHE C 68 3.04 34.57 37.77
C PHE C 68 1.53 34.27 37.66
N ARG C 69 0.73 35.03 38.41
CA ARG C 69 -0.72 34.87 38.37
C ARG C 69 -1.27 35.44 37.07
N LYS C 70 -0.60 36.47 36.54
CA LYS C 70 -0.99 37.08 35.28
C LYS C 70 -0.63 36.14 34.13
N HIS C 71 0.66 35.88 33.95
CA HIS C 71 1.15 35.00 32.88
C HIS C 71 0.92 33.54 33.26
N THR C 72 -0.32 33.07 33.10
CA THR C 72 -0.69 31.70 33.43
C THR C 72 -0.73 30.83 32.16
N ASN C 73 -1.44 29.71 32.22
CA ASN C 73 -1.57 28.81 31.07
C ASN C 73 -0.27 28.03 30.81
N PHE C 74 0.30 27.46 31.86
CA PHE C 74 1.50 26.60 31.75
C PHE C 74 1.11 25.17 32.15
N ARG C 75 1.23 24.25 31.19
CA ARG C 75 0.79 22.87 31.39
C ARG C 75 1.95 21.99 31.87
N PRO C 76 1.76 21.34 33.03
CA PRO C 76 2.80 20.49 33.57
C PRO C 76 2.77 19.08 33.01
N THR C 77 3.91 18.42 33.06
CA THR C 77 4.01 17.04 32.66
C THR C 77 3.46 16.20 33.79
N GLU C 78 3.90 16.52 34.99
CA GLU C 78 3.42 15.86 36.20
C GLU C 78 3.31 16.90 37.29
N PHE C 79 2.44 16.66 38.25
CA PHE C 79 2.34 17.52 39.41
C PHE C 79 1.74 16.74 40.57
N VAL C 81 1.48 15.99 44.65
CA VAL C 81 1.65 16.56 45.96
C VAL C 81 1.30 15.52 47.00
N THR C 82 2.30 15.20 47.83
CA THR C 82 2.11 14.28 48.94
C THR C 82 2.18 15.10 50.19
N ALA C 83 1.17 15.00 51.03
CA ALA C 83 1.14 15.80 52.24
C ALA C 83 0.54 15.04 53.40
N ASN C 84 0.96 15.41 54.60
CA ASN C 84 0.42 14.83 55.80
C ASN C 84 0.35 15.88 56.92
N SER C 85 -0.67 15.75 57.77
CA SER C 85 -0.83 16.63 58.95
C SER C 85 -1.63 15.91 60.04
N ARG C 86 -1.58 16.46 61.25
CA ARG C 86 -2.27 15.85 62.39
C ARG C 86 -3.78 16.13 62.37
N ASN C 87 -4.17 17.26 61.80
CA ASN C 87 -5.57 17.63 61.71
C ASN C 87 -5.88 18.30 60.40
N LEU C 88 -7.07 18.01 59.85
CA LEU C 88 -7.51 18.65 58.59
C LEU C 88 -8.99 18.98 58.69
N LYS C 89 -9.33 20.25 58.59
CA LYS C 89 -10.73 20.69 58.64
C LYS C 89 -11.19 21.25 57.28
N LYS C 90 -10.26 21.39 56.32
CA LYS C 90 -10.60 21.94 55.00
C LYS C 90 -9.57 21.58 53.90
N LEU C 91 -10.10 21.14 52.75
CA LEU C 91 -9.27 20.86 51.60
C LEU C 91 -9.94 21.44 50.35
N ALA C 92 -9.35 22.51 49.79
CA ALA C 92 -9.91 23.21 48.61
C ALA C 92 -8.98 23.14 47.41
N ALA C 93 -9.53 22.75 46.26
CA ALA C 93 -8.75 22.60 45.05
C ALA C 93 -9.41 23.37 43.92
N ALA C 94 -8.62 24.18 43.23
CA ALA C 94 -9.11 24.99 42.13
C ALA C 94 -8.37 24.62 40.84
N GLY C 95 -9.12 24.40 39.76
CA GLY C 95 -8.52 24.07 38.45
C GLY C 95 -8.89 22.66 38.01
N SER C 96 -7.86 21.84 37.77
CA SER C 96 -8.05 20.44 37.41
C SER C 96 -7.20 19.62 38.35
N THR C 97 -7.85 18.90 39.26
CA THR C 97 -7.11 18.18 40.28
C THR C 97 -7.78 16.87 40.69
N HIS C 98 -6.96 15.96 41.19
CA HIS C 98 -7.42 14.68 41.71
C HIS C 98 -6.90 14.57 43.12
N VAL C 99 -7.79 14.65 44.10
CA VAL C 99 -7.39 14.61 45.52
C VAL C 99 -7.72 13.27 46.11
N ASN C 100 -6.73 12.67 46.75
CA ASN C 100 -6.89 11.37 47.40
C ASN C 100 -6.60 11.46 48.87
N ILE C 101 -7.61 11.32 49.71
CA ILE C 101 -7.40 11.17 51.15
C ILE C 101 -7.21 9.68 51.39
N ASN C 102 -5.95 9.28 51.56
CA ASN C 102 -5.59 7.83 51.61
C ASN C 102 -5.59 7.22 53.03
N SER C 103 -6.14 7.95 53.99
CA SER C 103 -6.18 7.45 55.37
C SER C 103 -7.50 7.73 55.97
N PRO C 104 -7.74 7.17 57.16
CA PRO C 104 -8.91 7.53 57.86
C PRO C 104 -8.89 9.02 58.12
N LEU C 105 -10.05 9.66 58.13
CA LEU C 105 -10.13 11.08 58.34
C LEU C 105 -11.04 11.39 59.52
N GLN C 106 -10.56 12.22 60.43
CA GLN C 106 -11.27 12.55 61.65
C GLN C 106 -11.24 14.07 61.90
N ALA C 107 -12.42 14.68 62.03
CA ALA C 107 -12.50 16.11 62.28
C ALA C 107 -13.89 16.52 62.74
N GLU C 108 -13.95 17.48 63.66
CA GLU C 108 -15.21 18.00 64.15
C GLU C 108 -16.04 18.52 62.98
N GLU C 109 -15.44 19.43 62.22
CA GLU C 109 -16.09 20.01 61.05
CA GLU C 109 -16.09 20.03 61.05
C GLU C 109 -15.14 19.96 59.86
N PHE C 110 -15.66 19.57 58.70
CA PHE C 110 -14.81 19.45 57.50
C PHE C 110 -15.45 20.07 56.27
N GLU C 111 -14.64 20.78 55.48
CA GLU C 111 -15.09 21.41 54.23
C GLU C 111 -14.27 20.89 53.05
N ALA C 112 -14.94 20.16 52.14
CA ALA C 112 -14.28 19.65 50.92
C ALA C 112 -14.70 20.48 49.74
N GLY C 113 -13.74 21.23 49.18
CA GLY C 113 -14.04 22.14 48.06
C GLY C 113 -13.35 21.77 46.75
N LEU C 114 -14.09 21.84 45.66
CA LEU C 114 -13.58 21.53 44.35
C LEU C 114 -14.15 22.50 43.35
N ALA C 115 -13.30 23.38 42.81
CA ALA C 115 -13.72 24.34 41.79
C ALA C 115 -13.03 24.02 40.47
N GLY C 116 -13.82 23.95 39.39
CA GLY C 116 -13.29 23.63 38.07
C GLY C 116 -13.62 22.21 37.66
N SER C 117 -12.58 21.39 37.50
CA SER C 117 -12.75 19.99 37.16
C SER C 117 -11.89 19.13 38.06
N GLY C 118 -12.33 17.90 38.28
CA GLY C 118 -11.57 16.97 39.08
C GLY C 118 -12.41 16.10 39.99
N ILE C 119 -11.75 15.52 40.97
CA ILE C 119 -12.39 14.61 41.88
C ILE C 119 -11.71 14.62 43.24
N ILE C 120 -12.51 14.43 44.27
CA ILE C 120 -12.01 14.25 45.63
C ILE C 120 -12.59 12.98 46.17
N GLN C 121 -11.75 12.09 46.67
CA GLN C 121 -12.22 10.82 47.24
CA GLN C 121 -12.24 10.87 47.26
C GLN C 121 -11.54 10.51 48.56
N PHE C 122 -12.36 10.21 49.57
CA PHE C 122 -11.88 9.75 50.83
C PHE C 122 -11.87 8.25 50.69
N HIS C 123 -10.69 7.67 50.51
CA HIS C 123 -10.56 6.23 50.28
C HIS C 123 -10.87 5.38 51.50
N ASP C 124 -10.80 5.98 52.68
CA ASP C 124 -11.05 5.23 53.92
C ASP C 124 -12.07 5.98 54.82
N THR C 125 -12.32 5.44 56.01
CA THR C 125 -13.37 5.98 56.90
C THR C 125 -13.22 7.47 57.17
N ALA C 126 -14.31 8.21 56.95
CA ALA C 126 -14.34 9.63 57.19
C ALA C 126 -15.42 9.94 58.22
N SER C 127 -15.00 10.31 59.43
CA SER C 127 -15.93 10.59 60.52
CA SER C 127 -15.93 10.59 60.52
C SER C 127 -15.93 12.06 60.89
N PHE C 128 -17.11 12.66 60.90
CA PHE C 128 -17.25 14.07 61.24
C PHE C 128 -18.54 14.31 61.98
N THR C 129 -18.67 15.49 62.59
CA THR C 129 -19.95 15.93 63.13
C THR C 129 -20.70 16.61 61.98
N ASN C 130 -20.05 17.61 61.38
CA ASN C 130 -20.61 18.32 60.22
C ASN C 130 -19.66 18.23 59.01
N LEU C 131 -20.19 17.69 57.90
CA LEU C 131 -19.41 17.61 56.65
C LEU C 131 -20.02 18.52 55.61
N LYS C 132 -19.19 19.37 55.00
CA LYS C 132 -19.63 20.27 53.93
C LYS C 132 -18.89 19.95 52.63
N ILE C 133 -19.66 19.72 51.56
CA ILE C 133 -19.09 19.43 50.25
C ILE C 133 -19.52 20.50 49.25
N GLU C 134 -18.54 21.17 48.64
CA GLU C 134 -18.83 22.25 47.65
C GLU C 134 -18.13 21.98 46.34
N ILE C 135 -18.92 21.70 45.29
CA ILE C 135 -18.37 21.46 43.98
C ILE C 135 -18.90 22.50 43.01
N ALA C 136 -18.00 23.24 42.38
CA ALA C 136 -18.39 24.28 41.39
C ALA C 136 -17.71 24.01 40.07
N GLY C 137 -18.49 23.52 39.09
CA GLY C 137 -17.96 23.16 37.77
C GLY C 137 -18.33 21.74 37.39
N SER C 138 -17.31 20.93 37.06
CA SER C 138 -17.51 19.51 36.73
C SER C 138 -16.66 18.65 37.63
N GLY C 139 -17.15 18.42 38.83
CA GLY C 139 -16.40 17.67 39.82
C GLY C 139 -17.16 16.54 40.42
N ASP C 140 -16.45 15.63 41.06
CA ASP C 140 -17.06 14.50 41.70
C ASP C 140 -16.48 14.30 43.09
N PHE C 141 -17.29 13.73 43.97
CA PHE C 141 -16.88 13.39 45.30
C PHE C 141 -17.24 11.95 45.55
N VAL C 142 -16.32 11.18 46.08
CA VAL C 142 -16.57 9.80 46.40
C VAL C 142 -16.14 9.50 47.83
N GLY C 143 -17.09 9.00 48.62
CA GLY C 143 -16.83 8.60 50.00
C GLY C 143 -17.76 7.45 50.41
N HIS C 144 -17.28 6.23 50.26
CA HIS C 144 -18.08 5.04 50.56
C HIS C 144 -18.22 4.79 52.06
N LYS C 145 -17.33 5.39 52.86
CA LYS C 145 -17.33 5.22 54.31
C LYS C 145 -17.46 6.56 55.04
N VAL C 146 -18.53 7.28 54.76
CA VAL C 146 -18.76 8.56 55.39
C VAL C 146 -19.72 8.41 56.57
N TYR C 147 -19.33 8.96 57.72
CA TYR C 147 -20.16 8.91 58.92
C TYR C 147 -20.22 10.30 59.60
N CYS C 148 -21.40 10.92 59.58
CA CYS C 148 -21.56 12.25 60.20
C CYS C 148 -22.97 12.54 60.59
N GLU C 149 -23.15 13.48 61.52
CA GLU C 149 -24.47 13.87 61.96
CA GLU C 149 -24.48 13.88 61.96
C GLU C 149 -25.16 14.69 60.87
N GLU C 150 -24.43 15.68 60.34
CA GLU C 150 -24.96 16.55 59.28
C GLU C 150 -24.04 16.58 58.08
N LEU C 151 -24.63 16.46 56.88
CA LEU C 151 -23.87 16.52 55.65
C LEU C 151 -24.55 17.46 54.70
N ASN C 152 -23.80 18.43 54.20
CA ASN C 152 -24.31 19.38 53.24
C ASN C 152 -23.54 19.33 51.94
N GLY C 153 -24.26 19.01 50.86
CA GLY C 153 -23.66 18.93 49.54
C GLY C 153 -24.21 20.02 48.65
N ASP C 154 -23.35 20.95 48.26
CA ASP C 154 -23.76 22.05 47.37
C ASP C 154 -23.07 21.86 46.00
N ALA C 156 -22.80 22.97 41.97
CA ALA C 156 -23.07 23.95 40.90
C ALA C 156 -22.34 23.51 39.62
N GLY C 157 -23.11 23.17 38.59
CA GLY C 157 -22.55 22.72 37.31
C GLY C 157 -23.02 21.32 36.94
N SER C 158 -22.04 20.44 36.66
CA SER C 158 -22.32 19.02 36.33
C SER C 158 -21.56 18.16 37.33
N ASN C 159 -22.26 17.66 38.32
CA ASN C 159 -21.59 17.02 39.45
C ASN C 159 -22.20 15.72 39.90
N THR C 160 -21.37 14.91 40.55
CA THR C 160 -21.79 13.64 41.09
C THR C 160 -21.19 13.44 42.48
N ILE C 161 -22.02 13.01 43.42
CA ILE C 161 -21.57 12.69 44.75
C ILE C 161 -21.95 11.26 45.07
N VAL C 162 -20.95 10.42 45.31
CA VAL C 162 -21.19 9.05 45.69
C VAL C 162 -20.95 8.95 47.19
N LEU C 163 -21.94 8.40 47.92
CA LEU C 163 -21.86 8.32 49.37
C LEU C 163 -22.18 6.93 49.90
N GLY C 164 -21.46 6.53 50.95
CA GLY C 164 -21.69 5.28 51.64
C GLY C 164 -21.45 5.50 53.13
N GLY C 165 -22.16 4.75 53.96
CA GLY C 165 -22.02 4.87 55.41
C GLY C 165 -23.29 5.33 56.10
N THR C 166 -23.15 6.20 57.10
CA THR C 166 -24.29 6.66 57.89
C THR C 166 -24.29 8.19 58.06
N VAL C 167 -25.46 8.80 57.92
CA VAL C 167 -25.60 10.25 58.08
C VAL C 167 -26.95 10.57 58.70
N GLY C 168 -26.96 11.52 59.64
CA GLY C 168 -28.20 11.95 60.28
C GLY C 168 -29.06 12.78 59.34
N ILE C 169 -28.61 13.99 59.05
CA ILE C 169 -29.34 14.89 58.17
C ILE C 169 -28.47 15.24 56.96
N ALA C 170 -28.89 14.80 55.78
CA ALA C 170 -28.15 15.09 54.53
C ALA C 170 -28.93 16.06 53.66
N GLU C 171 -28.38 17.28 53.48
CA GLU C 171 -28.99 18.30 52.62
C GLU C 171 -28.20 18.43 51.30
N PHE C 172 -28.90 18.41 50.17
CA PHE C 172 -28.27 18.55 48.86
C PHE C 172 -28.87 19.69 48.07
N SER C 173 -28.01 20.58 47.57
CA SER C 173 -28.44 21.63 46.68
C SER C 173 -27.77 21.40 45.32
N ILE C 174 -28.58 21.28 44.28
CA ILE C 174 -28.06 21.04 42.96
C ILE C 174 -28.47 22.15 41.98
N ALA C 175 -27.50 22.94 41.54
CA ALA C 175 -27.75 23.98 40.50
C ALA C 175 -27.10 23.52 39.20
N GLY C 176 -27.93 23.15 38.23
CA GLY C 176 -27.43 22.61 36.95
C GLY C 176 -27.82 21.14 36.81
N SER C 177 -26.79 20.27 36.70
CA SER C 177 -27.01 18.81 36.60
C SER C 177 -26.29 18.10 37.71
N GLY C 178 -27.06 17.44 38.58
CA GLY C 178 -26.48 16.76 39.74
C GLY C 178 -26.93 15.33 39.92
N THR C 179 -26.00 14.47 40.29
CA THR C 179 -26.29 13.08 40.58
C THR C 179 -25.77 12.72 41.98
N VAL C 180 -26.56 11.94 42.71
CA VAL C 180 -26.17 11.50 44.03
C VAL C 180 -26.45 10.01 44.18
N ARG C 181 -25.40 9.21 44.25
CA ARG C 181 -25.53 7.76 44.46
CA ARG C 181 -25.53 7.77 44.44
C ARG C 181 -25.22 7.43 45.89
N ALA C 182 -26.27 7.31 46.70
CA ALA C 182 -26.10 7.05 48.11
C ALA C 182 -27.02 5.95 48.66
N PHE C 183 -27.31 4.93 47.84
CA PHE C 183 -28.10 3.79 48.31
C PHE C 183 -27.41 3.14 49.50
N ASP C 184 -26.07 3.12 49.47
CA ASP C 184 -25.28 2.50 50.56
C ASP C 184 -25.06 3.45 51.74
N CYS C 185 -25.79 4.56 51.75
CA CYS C 185 -25.68 5.53 52.84
C CYS C 185 -26.99 5.60 53.58
N THR C 186 -26.97 5.22 54.85
CA THR C 186 -28.18 5.25 55.66
C THR C 186 -28.40 6.67 56.22
N ASP C 188 -31.13 9.38 58.07
CA ASP C 188 -32.38 9.56 58.82
C ASP C 188 -33.27 10.57 58.12
N GLU C 189 -32.67 11.65 57.62
CA GLU C 189 -33.43 12.70 56.93
C GLU C 189 -32.73 13.17 55.67
N LEU C 190 -33.49 13.17 54.55
CA LEU C 190 -32.98 13.59 53.27
C LEU C 190 -33.69 14.83 52.79
N GLU C 191 -32.91 15.90 52.58
CA GLU C 191 -33.46 17.13 52.04
C GLU C 191 -32.66 17.49 50.79
N CYS C 192 -33.35 17.89 49.75
CA CYS C 192 -32.67 18.29 48.56
C CYS C 192 -33.44 19.33 47.77
N LYS C 193 -32.68 20.27 47.21
CA LYS C 193 -33.22 21.33 46.43
C LYS C 193 -32.52 21.31 45.06
N ILE C 194 -33.30 21.12 44.01
CA ILE C 194 -32.75 20.96 42.68
C ILE C 194 -33.23 22.04 41.74
N ALA C 195 -32.27 22.78 41.16
CA ALA C 195 -32.59 23.78 40.12
C ALA C 195 -31.93 23.33 38.83
N GLY C 196 -32.71 22.70 37.95
CA GLY C 196 -32.19 22.14 36.71
C GLY C 196 -32.53 20.65 36.61
N SER C 197 -31.51 19.79 36.68
CA SER C 197 -31.72 18.33 36.61
C SER C 197 -31.03 17.64 37.75
N GLY C 198 -31.79 16.83 38.50
CA GLY C 198 -31.24 16.13 39.66
C GLY C 198 -31.68 14.67 39.74
N ASP C 199 -30.71 13.78 39.94
CA ASP C 199 -30.96 12.33 40.08
C ASP C 199 -30.36 11.88 41.39
N ILE C 200 -31.23 11.47 42.33
CA ILE C 200 -30.80 11.13 43.68
C ILE C 200 -31.20 9.70 44.13
N GLU C 201 -30.23 8.97 44.68
CA GLU C 201 -30.45 7.63 45.22
C GLU C 201 -29.93 7.59 46.64
N ALA C 202 -30.75 7.14 47.58
CA ALA C 202 -30.32 7.06 48.99
C ALA C 202 -31.17 6.11 49.79
N PHE C 203 -30.67 5.75 50.96
CA PHE C 203 -31.43 4.98 51.90
C PHE C 203 -31.87 5.91 52.97
N VAL C 204 -33.19 6.18 53.02
CA VAL C 204 -33.74 7.10 53.99
C VAL C 204 -34.60 6.36 55.01
N VAL C 205 -34.57 6.82 56.25
CA VAL C 205 -35.27 6.15 57.35
C VAL C 205 -36.54 6.86 57.77
N ASN C 206 -36.42 8.15 58.11
CA ASN C 206 -37.54 8.89 58.69
C ASN C 206 -38.21 9.92 57.78
N LYS C 207 -37.42 10.82 57.18
CA LYS C 207 -38.02 11.95 56.43
C LYS C 207 -37.37 12.23 55.09
N ILE C 208 -38.17 12.78 54.18
CA ILE C 208 -37.71 13.20 52.88
C ILE C 208 -38.40 14.50 52.51
N LYS C 209 -37.61 15.50 52.14
CA LYS C 209 -38.14 16.79 51.69
C LYS C 209 -37.44 17.14 50.37
N ALA C 210 -38.22 17.37 49.33
CA ALA C 210 -37.67 17.63 48.02
C ALA C 210 -38.34 18.80 47.33
N GLU C 211 -37.52 19.75 46.86
CA GLU C 211 -37.99 20.87 46.09
C GLU C 211 -37.30 20.87 44.72
N ILE C 212 -38.08 20.76 43.66
CA ILE C 212 -37.56 20.62 42.32
C ILE C 212 -38.03 21.75 41.40
N ALA C 213 -37.07 22.52 40.87
CA ALA C 213 -37.35 23.55 39.87
C ALA C 213 -36.67 23.11 38.58
N GLY C 214 -37.38 22.30 37.79
CA GLY C 214 -36.84 21.71 36.56
C GLY C 214 -37.25 20.23 36.47
N SER C 215 -36.26 19.33 36.48
CA SER C 215 -36.52 17.87 36.47
C SER C 215 -35.80 17.20 37.62
N GLY C 216 -36.52 16.36 38.36
CA GLY C 216 -35.93 15.70 39.51
C GLY C 216 -36.45 14.30 39.75
N SER C 217 -35.53 13.38 40.04
CA SER C 217 -35.87 12.02 40.34
C SER C 217 -35.24 11.63 41.66
N VAL C 218 -36.08 11.27 42.62
CA VAL C 218 -35.61 10.87 43.92
C VAL C 218 -35.96 9.41 44.19
N LYS C 219 -34.97 8.52 44.05
CA LYS C 219 -35.16 7.09 44.31
CA LYS C 219 -35.15 7.09 44.31
C LYS C 219 -34.64 6.76 45.70
N TYR C 220 -35.46 6.09 46.51
CA TYR C 220 -35.05 5.77 47.89
C TYR C 220 -35.35 4.37 48.34
N LYS C 221 -34.60 3.93 49.34
CA LYS C 221 -34.82 2.67 49.99
C LYS C 221 -35.14 2.98 51.44
N GLY C 222 -35.70 2.00 52.15
CA GLY C 222 -36.14 2.22 53.51
C GLY C 222 -37.62 2.55 53.52
N ASP C 223 -38.17 2.82 54.71
CA ASP C 223 -39.58 3.08 54.84
C ASP C 223 -39.86 4.40 55.58
N PRO C 224 -39.49 5.52 54.98
CA PRO C 224 -39.80 6.83 55.56
C PRO C 224 -41.28 7.17 55.35
N GLN C 225 -41.93 7.69 56.39
CA GLN C 225 -43.37 8.01 56.32
C GLN C 225 -43.62 9.48 56.06
N ASP C 226 -42.65 10.34 56.40
CA ASP C 226 -42.80 11.80 56.21
C ASP C 226 -42.13 12.23 54.90
N ILE C 227 -42.88 12.18 53.80
CA ILE C 227 -42.36 12.56 52.50
C ILE C 227 -43.13 13.75 51.92
N GLN C 228 -42.44 14.88 51.79
CA GLN C 228 -43.04 16.12 51.28
C GLN C 228 -42.32 16.56 50.01
N LYS C 229 -43.04 17.22 49.11
CA LYS C 229 -42.44 17.69 47.86
C LYS C 229 -43.10 18.95 47.33
N LYS C 230 -42.29 19.78 46.66
CA LYS C 230 -42.75 20.96 45.91
C LYS C 230 -42.10 20.88 44.56
N VAL C 231 -42.88 20.91 43.50
CA VAL C 231 -42.33 20.73 42.18
C VAL C 231 -42.80 21.75 41.18
N GLY C 233 -42.19 21.84 37.55
CA GLY C 233 -41.70 21.17 36.33
C GLY C 233 -42.06 19.69 36.35
N SER C 234 -41.07 18.84 36.59
CA SER C 234 -41.31 17.38 36.67
C SER C 234 -40.51 16.78 37.80
N GLY C 235 -41.18 16.02 38.66
CA GLY C 235 -40.53 15.40 39.80
C GLY C 235 -41.20 14.15 40.27
N LYS C 236 -40.40 13.18 40.72
CA LYS C 236 -40.92 11.92 41.22
C LYS C 236 -40.11 11.42 42.42
N ILE C 237 -40.80 11.12 43.51
CA ILE C 237 -40.18 10.53 44.69
C ILE C 237 -40.68 9.10 44.78
N GLU C 238 -39.83 8.15 44.38
CA GLU C 238 -40.24 6.74 44.26
C GLU C 238 -39.45 5.81 45.18
N LYS C 239 -40.13 4.80 45.72
CA LYS C 239 -39.49 3.78 46.56
C LYS C 239 -39.10 2.58 45.71
N VAL C 240 -37.87 2.09 45.90
CA VAL C 240 -37.38 0.93 45.14
C VAL C 240 -37.18 -0.28 46.06
N GLU C 241 -37.31 -1.48 45.50
CA GLU C 241 -37.16 -2.73 46.27
C GLU C 241 -35.69 -2.95 46.71
N GLY D 1 -48.67 6.53 37.53
CA GLY D 1 -49.18 6.54 36.13
C GLY D 1 -50.66 6.91 36.06
N GLY D 2 -51.15 7.16 34.83
CA GLY D 2 -52.57 7.53 34.61
C GLY D 2 -52.92 7.65 33.12
N ASP D 3 -54.04 7.06 32.71
CA ASP D 3 -54.46 7.08 31.31
C ASP D 3 -55.99 7.00 31.17
N GLY D 4 -56.51 7.59 30.10
CA GLY D 4 -57.95 7.57 29.84
C GLY D 4 -58.26 7.80 28.36
N ASN D 5 -59.48 8.22 28.07
CA ASN D 5 -59.90 8.48 26.70
C ASN D 5 -59.23 9.74 26.17
N ILE D 6 -58.48 9.59 25.09
CA ILE D 6 -57.80 10.72 24.46
C ILE D 6 -58.84 11.65 23.85
N THR D 7 -58.92 12.87 24.36
CA THR D 7 -59.90 13.83 23.89
C THR D 7 -59.24 15.08 23.36
N THR D 8 -59.66 15.52 22.18
CA THR D 8 -59.15 16.75 21.59
C THR D 8 -60.10 17.90 21.87
N GLU D 9 -59.58 18.98 22.48
CA GLU D 9 -60.42 20.14 22.82
C GLU D 9 -59.73 21.45 22.46
N ASN D 10 -60.46 22.32 21.75
CA ASN D 10 -59.94 23.62 21.35
C ASN D 10 -60.19 24.67 22.44
N ILE D 11 -59.10 25.18 23.02
CA ILE D 11 -59.20 26.17 24.09
C ILE D 11 -59.16 27.60 23.54
N PRO D 12 -60.16 28.42 23.90
CA PRO D 12 -60.22 29.81 23.46
C PRO D 12 -59.24 30.67 24.22
N VAL D 13 -58.38 31.39 23.50
CA VAL D 13 -57.36 32.23 24.13
C VAL D 13 -57.32 33.63 23.52
N SER D 14 -56.91 34.60 24.34
CA SER D 14 -56.77 35.99 23.89
C SER D 14 -55.31 36.24 23.42
N GLU D 15 -54.98 37.50 23.11
CA GLU D 15 -53.64 37.86 22.62
C GLU D 15 -52.55 37.60 23.67
N TYR D 16 -51.51 36.83 23.28
CA TYR D 16 -50.38 36.53 24.19
C TYR D 16 -49.03 36.56 23.42
N ASP D 17 -47.99 37.11 24.08
CA ASP D 17 -46.64 37.17 23.47
C ASP D 17 -45.60 36.36 24.28
N CYS D 18 -46.05 35.70 25.34
CA CYS D 18 -45.18 34.86 26.17
C CYS D 18 -45.80 33.47 26.32
N LEU D 19 -44.94 32.46 26.45
CA LEU D 19 -45.41 31.09 26.54
C LEU D 19 -44.64 30.34 27.64
N GLU D 20 -45.27 30.20 28.82
CA GLU D 20 -44.64 29.49 29.95
C GLU D 20 -45.22 28.08 30.09
N LEU D 21 -44.37 27.08 29.90
CA LEU D 21 -44.81 25.69 29.93
C LEU D 21 -44.18 24.92 31.09
N GLU D 22 -45.00 24.12 31.75
CA GLU D 22 -44.55 23.29 32.87
C GLU D 22 -45.35 22.03 32.88
N GLY D 23 -44.73 20.91 32.57
CA GLY D 23 -45.47 19.66 32.53
C GLY D 23 -44.63 18.42 32.40
N GLY D 24 -45.30 17.30 32.11
CA GLY D 24 -44.64 16.02 31.94
C GLY D 24 -45.07 15.35 30.65
N GLY D 25 -44.09 14.95 29.84
CA GLY D 25 -44.35 14.29 28.56
C GLY D 25 -45.13 15.19 27.62
N VAL D 27 -45.64 17.61 24.54
CA VAL D 27 -45.08 17.93 23.23
C VAL D 27 -45.80 19.16 22.69
N VAL D 28 -45.02 20.15 22.24
CA VAL D 28 -45.59 21.42 21.80
C VAL D 28 -45.19 21.79 20.37
N ASN D 29 -46.19 21.87 19.50
CA ASN D 29 -45.97 22.30 18.14
C ASN D 29 -46.53 23.72 17.97
N TYR D 30 -45.61 24.70 17.90
CA TYR D 30 -45.99 26.12 17.81
C TYR D 30 -45.65 26.72 16.44
N THR D 31 -46.48 27.67 16.00
CA THR D 31 -46.24 28.37 14.72
C THR D 31 -46.65 29.87 14.85
N GLN D 32 -45.86 30.74 14.22
CA GLN D 32 -46.14 32.18 14.22
C GLN D 32 -46.86 32.57 12.95
N SER D 33 -48.13 32.96 13.08
CA SER D 33 -48.93 33.32 11.91
C SER D 33 -49.71 34.61 12.17
N ASP D 34 -50.17 35.23 11.09
CA ASP D 34 -50.93 36.46 11.18
C ASP D 34 -52.40 36.18 11.59
N ALA D 35 -52.76 34.89 11.67
CA ALA D 35 -54.12 34.49 12.06
C ALA D 35 -54.35 34.70 13.56
N PRO D 36 -55.63 34.80 13.99
CA PRO D 36 -55.96 34.99 15.40
C PRO D 36 -55.38 33.89 16.29
N GLU D 37 -54.90 34.25 17.48
CA GLU D 37 -54.33 33.26 18.41
C GLU D 37 -55.25 32.08 18.60
N GLY D 38 -54.69 30.88 18.54
CA GLY D 38 -55.46 29.65 18.72
C GLY D 38 -54.73 28.68 19.61
N LEU D 39 -55.47 27.70 20.12
CA LEU D 39 -54.89 26.69 21.00
C LEU D 39 -55.72 25.42 20.97
N GLU D 40 -55.04 24.29 20.81
CA GLU D 40 -55.69 22.99 20.76
C GLU D 40 -54.87 21.99 21.58
N ILE D 41 -55.54 21.30 22.50
CA ILE D 41 -54.89 20.31 23.35
C ILE D 41 -55.40 18.91 23.04
N LYS D 42 -54.49 17.95 22.96
CA LYS D 42 -54.85 16.55 22.71
C LYS D 42 -54.15 15.66 23.73
N THR D 43 -54.87 15.31 24.79
CA THR D 43 -54.31 14.48 25.86
C THR D 43 -55.41 13.63 26.51
N ASP D 44 -55.04 12.86 27.52
CA ASP D 44 -55.99 12.01 28.25
C ASP D 44 -56.90 12.86 29.11
N ARG D 45 -58.20 12.53 29.14
CA ARG D 45 -59.17 13.25 29.97
C ARG D 45 -58.65 13.35 31.41
N ASN D 46 -57.79 12.40 31.77
CA ASN D 46 -57.19 12.34 33.09
C ASN D 46 -56.24 13.55 33.35
N ILE D 47 -55.63 14.07 32.27
CA ILE D 47 -54.70 15.20 32.37
C ILE D 47 -55.44 16.56 32.32
N PHE D 48 -56.43 16.68 31.43
CA PHE D 48 -57.20 17.93 31.31
C PHE D 48 -57.69 18.41 32.64
N GLU D 49 -58.17 17.49 33.46
CA GLU D 49 -58.69 17.83 34.77
C GLU D 49 -57.62 18.42 35.68
N LYS D 50 -56.38 17.94 35.54
CA LYS D 50 -55.26 18.39 36.40
C LYS D 50 -54.56 19.69 35.92
N TYR D 51 -54.71 20.02 34.65
CA TYR D 51 -53.99 21.19 34.07
C TYR D 51 -54.87 22.41 33.88
N GLU D 52 -54.22 23.58 33.83
CA GLU D 52 -54.89 24.84 33.57
C GLU D 52 -54.25 25.54 32.37
N PHE D 53 -55.06 26.15 31.52
CA PHE D 53 -54.59 26.81 30.30
C PHE D 53 -55.09 28.26 30.25
N ASN D 54 -54.45 29.14 31.03
CA ASN D 54 -54.88 30.52 31.16
C ASN D 54 -53.95 31.50 30.46
N VAL D 55 -54.50 32.64 30.07
CA VAL D 55 -53.71 33.72 29.51
C VAL D 55 -53.67 34.86 30.52
N GLU D 56 -52.55 34.99 31.23
CA GLU D 56 -52.41 35.97 32.30
C GLU D 56 -51.38 37.04 31.93
N ASN D 57 -51.82 38.30 31.87
CA ASN D 57 -50.94 39.41 31.51
C ASN D 57 -50.21 39.15 30.19
N HIS D 58 -50.96 38.63 29.22
CA HIS D 58 -50.42 38.32 27.89
C HIS D 58 -49.42 37.14 27.93
N LYS D 59 -49.47 36.36 29.01
CA LYS D 59 -48.63 35.17 29.15
C LYS D 59 -49.51 33.93 29.18
N LEU D 60 -49.37 33.08 28.17
CA LEU D 60 -50.10 31.80 28.15
C LEU D 60 -49.39 30.83 29.08
N LYS D 61 -50.07 30.47 30.18
CA LYS D 61 -49.48 29.59 31.19
C LYS D 61 -50.13 28.20 31.16
N ILE D 62 -49.35 27.21 30.75
CA ILE D 62 -49.82 25.83 30.72
C ILE D 62 -49.07 25.04 31.80
N ARG D 63 -49.77 24.75 32.89
CA ARG D 63 -49.18 24.09 34.02
C ARG D 63 -50.25 23.37 34.82
N PRO D 64 -49.84 22.47 35.71
CA PRO D 64 -50.81 21.76 36.53
C PRO D 64 -51.54 22.68 37.47
N LYS D 65 -52.78 22.33 37.79
CA LYS D 65 -53.56 23.08 38.77
C LYS D 65 -52.92 22.91 40.13
N LYS D 66 -52.97 23.94 40.94
CA LYS D 66 -52.36 23.93 42.26
C LYS D 66 -53.08 22.93 43.21
N GLU D 67 -54.34 22.61 42.90
CA GLU D 67 -55.12 21.71 43.75
CA GLU D 67 -55.14 21.71 43.74
C GLU D 67 -54.78 20.23 43.50
N PHE D 68 -53.94 19.96 42.49
CA PHE D 68 -53.55 18.57 42.17
C PHE D 68 -52.04 18.32 42.19
N ARG D 69 -51.27 19.30 42.68
CA ARG D 69 -49.79 19.16 42.72
C ARG D 69 -49.35 18.07 43.70
N LYS D 70 -50.26 17.63 44.55
CA LYS D 70 -49.95 16.58 45.51
C LYS D 70 -50.60 15.24 45.09
N HIS D 71 -50.85 15.08 43.78
CA HIS D 71 -51.38 13.83 43.22
C HIS D 71 -50.39 13.24 42.22
N ASN D 73 -49.60 14.21 39.19
CA ASN D 73 -49.74 14.23 37.73
C ASN D 73 -49.67 12.81 37.12
N PHE D 74 -48.51 12.17 37.23
CA PHE D 74 -48.29 10.83 36.67
C PHE D 74 -48.03 10.91 35.15
N ARG D 75 -47.38 9.87 34.61
CA ARG D 75 -47.04 9.82 33.18
C ARG D 75 -48.30 9.56 32.31
N PRO D 76 -48.54 10.43 31.30
CA PRO D 76 -49.69 10.27 30.41
C PRO D 76 -49.36 9.43 29.19
N THR D 77 -50.37 9.06 28.42
CA THR D 77 -50.18 8.28 27.20
C THR D 77 -49.78 9.22 26.04
N GLU D 78 -50.44 10.36 25.98
CA GLU D 78 -50.16 11.37 24.96
C GLU D 78 -50.38 12.75 25.56
N PHE D 79 -49.76 13.76 24.97
CA PHE D 79 -49.92 15.13 25.44
C PHE D 79 -49.39 16.11 24.40
N VAL D 81 -49.67 19.65 22.42
CA VAL D 81 -50.18 21.01 22.56
C VAL D 81 -49.85 21.80 21.31
N THR D 82 -50.87 22.05 20.48
CA THR D 82 -50.71 22.82 19.24
C THR D 82 -51.25 24.23 19.44
N ALA D 83 -50.43 25.23 19.12
CA ALA D 83 -50.82 26.64 19.31
C ALA D 83 -50.14 27.56 18.31
N ASN D 84 -50.65 28.78 18.21
CA ASN D 84 -50.10 29.79 17.31
C ASN D 84 -50.34 31.20 17.84
N SER D 85 -49.50 32.14 17.40
CA SER D 85 -49.65 33.54 17.82
C SER D 85 -48.99 34.47 16.82
N ARG D 86 -49.41 35.73 16.85
CA ARG D 86 -48.87 36.75 15.95
C ARG D 86 -47.44 37.07 16.35
N ASN D 87 -47.23 37.26 17.64
CA ASN D 87 -45.90 37.56 18.17
C ASN D 87 -45.54 36.66 19.32
N LEU D 88 -44.23 36.59 19.60
CA LEU D 88 -43.71 35.79 20.70
C LEU D 88 -42.35 36.31 21.07
N LYS D 89 -42.18 36.74 22.33
CA LYS D 89 -40.90 37.29 22.79
C LYS D 89 -40.26 36.46 23.92
N LYS D 90 -41.02 35.49 24.45
CA LYS D 90 -40.51 34.66 25.54
C LYS D 90 -41.04 33.23 25.51
N LEU D 91 -40.19 32.29 25.91
CA LEU D 91 -40.55 30.89 25.95
C LEU D 91 -39.84 30.20 27.12
N ALA D 92 -40.64 29.76 28.10
CA ALA D 92 -40.10 29.07 29.27
C ALA D 92 -40.66 27.67 29.36
N ALA D 93 -39.78 26.69 29.54
CA ALA D 93 -40.19 25.31 29.64
C ALA D 93 -39.45 24.64 30.80
N ALA D 94 -40.21 24.00 31.68
CA ALA D 94 -39.62 23.31 32.84
C ALA D 94 -40.11 21.87 32.88
N GLY D 95 -39.18 20.94 33.13
CA GLY D 95 -39.51 19.50 33.22
C GLY D 95 -39.42 18.80 31.87
N SER D 96 -40.10 17.66 31.76
CA SER D 96 -40.13 16.90 30.51
C SER D 96 -41.04 17.59 29.49
N THR D 97 -40.46 18.47 28.70
CA THR D 97 -41.23 19.20 27.71
C THR D 97 -40.45 19.34 26.42
N HIS D 98 -41.07 18.92 25.31
CA HIS D 98 -40.47 19.05 23.99
C HIS D 98 -41.20 20.18 23.23
N VAL D 99 -40.49 21.27 22.98
CA VAL D 99 -41.07 22.44 22.31
C VAL D 99 -40.56 22.56 20.88
N ASN D 100 -41.46 22.35 19.91
CA ASN D 100 -41.13 22.46 18.50
C ASN D 100 -41.67 23.76 17.89
N ILE D 101 -40.77 24.61 17.42
CA ILE D 101 -41.17 25.79 16.65
C ILE D 101 -41.15 25.37 15.18
N ASN D 102 -42.33 25.11 14.63
CA ASN D 102 -42.45 24.56 13.28
C ASN D 102 -42.60 25.61 12.16
N SER D 103 -42.46 26.89 12.51
CA SER D 103 -42.56 27.98 11.50
C SER D 103 -41.45 28.99 11.67
N PRO D 104 -41.35 29.96 10.74
CA PRO D 104 -40.38 31.02 10.89
C PRO D 104 -40.68 31.87 12.11
N LEU D 105 -39.66 32.30 12.83
CA LEU D 105 -39.85 33.09 14.03
C LEU D 105 -39.20 34.45 13.89
N GLN D 106 -39.86 35.48 14.42
CA GLN D 106 -39.34 36.84 14.34
C GLN D 106 -39.80 37.68 15.55
N ALA D 107 -38.86 38.43 16.13
CA ALA D 107 -39.14 39.30 17.27
C ALA D 107 -37.96 40.22 17.55
N GLU D 108 -38.22 41.40 18.11
CA GLU D 108 -37.15 42.36 18.46
C GLU D 108 -36.23 41.76 19.53
N GLU D 109 -36.83 41.31 20.64
CA GLU D 109 -36.10 40.66 21.71
C GLU D 109 -36.77 39.35 22.04
N PHE D 110 -35.99 38.29 22.15
CA PHE D 110 -36.52 36.98 22.45
C PHE D 110 -35.76 36.32 23.61
N GLU D 111 -36.50 35.71 24.52
CA GLU D 111 -35.91 35.06 25.68
C GLU D 111 -36.35 33.59 25.76
N ALA D 112 -35.38 32.69 25.66
CA ALA D 112 -35.65 31.25 25.74
C ALA D 112 -35.10 30.70 27.05
N GLY D 113 -35.98 30.08 27.86
CA GLY D 113 -35.60 29.51 29.14
C GLY D 113 -35.94 28.03 29.24
N LEU D 114 -34.97 27.23 29.65
CA LEU D 114 -35.17 25.80 29.76
C LEU D 114 -34.63 25.31 31.10
N ALA D 115 -35.51 24.70 31.89
CA ALA D 115 -35.15 24.14 33.18
C ALA D 115 -35.52 22.67 33.20
N GLY D 116 -34.51 21.81 33.33
CA GLY D 116 -34.75 20.39 33.37
C GLY D 116 -34.28 19.69 32.12
N SER D 117 -34.81 18.50 31.90
CA SER D 117 -34.37 17.67 30.81
C SER D 117 -35.32 17.75 29.62
N GLY D 118 -35.69 18.97 29.23
CA GLY D 118 -36.57 19.18 28.10
C GLY D 118 -35.80 19.56 26.83
N ILE D 119 -36.52 19.71 25.72
CA ILE D 119 -35.92 20.09 24.44
C ILE D 119 -36.64 21.31 23.84
N ILE D 120 -35.87 22.20 23.23
CA ILE D 120 -36.42 23.35 22.49
C ILE D 120 -35.71 23.44 21.15
N GLN D 121 -36.45 23.30 20.06
CA GLN D 121 -35.85 23.39 18.73
CA GLN D 121 -35.87 23.35 18.70
C GLN D 121 -36.58 24.38 17.83
N PHE D 122 -35.79 25.19 17.11
CA PHE D 122 -36.33 26.10 16.11
C PHE D 122 -36.10 25.42 14.77
N HIS D 123 -37.13 24.79 14.24
CA HIS D 123 -37.00 23.99 13.01
C HIS D 123 -36.77 24.85 11.76
N ASP D 124 -37.37 26.04 11.72
CA ASP D 124 -37.22 26.95 10.56
C ASP D 124 -36.45 28.22 11.00
N THR D 125 -36.42 29.24 10.12
CA THR D 125 -35.64 30.48 10.39
C THR D 125 -36.04 31.17 11.69
N ALA D 126 -35.08 31.81 12.33
CA ALA D 126 -35.31 32.54 13.58
C ALA D 126 -34.51 33.85 13.58
N SER D 127 -35.21 34.98 13.44
CA SER D 127 -34.55 36.30 13.35
C SER D 127 -34.88 37.18 14.56
N PHE D 128 -33.84 37.71 15.19
CA PHE D 128 -34.00 38.58 16.36
C PHE D 128 -32.93 39.66 16.39
N THR D 129 -33.16 40.69 17.19
CA THR D 129 -32.13 41.67 17.45
C THR D 129 -31.29 41.12 18.60
N ASN D 130 -31.96 40.85 19.73
CA ASN D 130 -31.32 40.25 20.90
C ASN D 130 -31.98 38.92 21.26
N LEU D 131 -31.17 37.88 21.38
CA LEU D 131 -31.67 36.57 21.76
C LEU D 131 -30.97 36.09 23.04
N LYS D 132 -31.75 35.65 24.01
CA LYS D 132 -31.20 35.12 25.26
C LYS D 132 -31.62 33.67 25.43
N ILE D 133 -30.64 32.82 25.71
CA ILE D 133 -30.88 31.41 25.93
C ILE D 133 -30.36 31.02 27.30
N GLU D 134 -31.24 30.45 28.13
CA GLU D 134 -30.84 30.00 29.47
C GLU D 134 -31.21 28.53 29.64
N ILE D 135 -30.23 27.71 29.93
CA ILE D 135 -30.47 26.30 30.17
C ILE D 135 -29.95 25.91 31.51
N ALA D 136 -30.83 25.32 32.30
CA ALA D 136 -30.45 24.79 33.59
C ALA D 136 -30.85 23.34 33.61
N GLY D 137 -29.86 22.47 33.64
CA GLY D 137 -30.11 21.05 33.63
C GLY D 137 -29.49 20.36 32.44
N SER D 138 -30.02 19.17 32.11
CA SER D 138 -29.46 18.36 31.05
C SER D 138 -30.29 18.45 29.76
N GLY D 139 -30.94 19.59 29.55
CA GLY D 139 -31.80 19.79 28.38
C GLY D 139 -31.04 20.08 27.09
N ASP D 140 -31.80 20.30 26.01
CA ASP D 140 -31.22 20.54 24.69
C ASP D 140 -31.88 21.71 23.99
N PHE D 141 -31.07 22.50 23.28
CA PHE D 141 -31.58 23.59 22.43
C PHE D 141 -30.94 23.47 21.05
N VAL D 142 -31.76 23.34 20.02
CA VAL D 142 -31.26 23.18 18.66
C VAL D 142 -31.87 24.23 17.71
N GLY D 143 -31.02 25.03 17.08
CA GLY D 143 -31.46 26.05 16.11
C GLY D 143 -30.44 26.22 14.99
N HIS D 144 -30.70 25.58 13.85
CA HIS D 144 -29.76 25.58 12.73
C HIS D 144 -29.86 26.84 11.84
N LYS D 145 -30.84 27.69 12.11
CA LYS D 145 -31.03 28.92 11.31
C LYS D 145 -31.38 30.14 12.20
N VAL D 146 -30.42 30.55 13.04
CA VAL D 146 -30.61 31.71 13.93
C VAL D 146 -29.85 32.92 13.41
N TYR D 147 -30.52 34.07 13.40
CA TYR D 147 -29.92 35.31 12.93
C TYR D 147 -30.20 36.42 13.92
N CYS D 148 -29.15 37.01 14.48
CA CYS D 148 -29.32 38.05 15.46
C CYS D 148 -28.04 38.86 15.68
N GLU D 149 -28.20 40.10 16.15
CA GLU D 149 -27.07 40.96 16.49
C GLU D 149 -26.34 40.47 17.73
N GLU D 150 -27.11 40.22 18.80
CA GLU D 150 -26.54 39.74 20.06
C GLU D 150 -27.19 38.45 20.53
N LEU D 151 -26.36 37.55 21.05
CA LEU D 151 -26.83 36.27 21.56
C LEU D 151 -26.16 36.00 22.88
N ASN D 152 -26.94 35.93 23.95
CA ASN D 152 -26.41 35.65 25.28
CA ASN D 152 -26.42 35.66 25.29
C ASN D 152 -26.84 34.27 25.76
N GLY D 153 -25.86 33.39 25.97
CA GLY D 153 -26.12 32.03 26.43
C GLY D 153 -25.62 31.81 27.84
N ASP D 154 -26.50 31.34 28.71
CA ASP D 154 -26.14 31.06 30.09
C ASP D 154 -26.52 29.60 30.39
N ALA D 156 -25.95 25.90 32.61
CA ALA D 156 -25.53 25.24 33.83
C ALA D 156 -26.03 23.82 33.80
N GLY D 157 -25.09 22.86 33.81
CA GLY D 157 -25.44 21.45 33.75
C GLY D 157 -24.94 20.77 32.49
N SER D 158 -25.29 19.51 32.31
CA SER D 158 -24.85 18.73 31.16
C SER D 158 -25.83 18.87 30.00
N ASN D 159 -25.98 20.10 29.53
CA ASN D 159 -26.89 20.40 28.44
C ASN D 159 -26.13 20.61 27.13
N THR D 160 -26.87 20.78 26.05
CA THR D 160 -26.26 20.96 24.74
C THR D 160 -26.96 22.06 23.96
N ILE D 161 -26.16 22.89 23.28
CA ILE D 161 -26.69 23.92 22.40
C ILE D 161 -26.11 23.72 20.99
N VAL D 162 -26.96 23.41 20.02
CA VAL D 162 -26.54 23.28 18.63
C VAL D 162 -27.02 24.51 17.85
N LEU D 163 -26.07 25.31 17.35
CA LEU D 163 -26.41 26.56 16.64
C LEU D 163 -25.95 26.59 15.19
N GLY D 164 -26.69 27.35 14.39
CA GLY D 164 -26.38 27.57 13.00
C GLY D 164 -26.95 28.91 12.57
N GLY D 165 -26.29 29.55 11.62
CA GLY D 165 -26.71 30.87 11.14
C GLY D 165 -25.63 31.92 11.40
N THR D 166 -26.06 33.17 11.60
CA THR D 166 -25.13 34.28 11.84
C THR D 166 -25.49 35.07 13.11
N VAL D 167 -24.46 35.51 13.83
CA VAL D 167 -24.65 36.27 15.05
C VAL D 167 -23.59 37.36 15.14
N GLY D 168 -24.00 38.56 15.53
CA GLY D 168 -23.06 39.68 15.68
C GLY D 168 -22.10 39.45 16.83
N ILE D 169 -22.61 39.59 18.06
CA ILE D 169 -21.80 39.38 19.26
C ILE D 169 -22.43 38.28 20.10
N ALA D 170 -21.65 37.23 20.37
CA ALA D 170 -22.12 36.08 21.12
C ALA D 170 -21.41 35.96 22.47
N GLU D 171 -22.19 35.71 23.52
CA GLU D 171 -21.65 35.54 24.88
C GLU D 171 -22.18 34.26 25.51
N PHE D 172 -21.27 33.36 25.87
CA PHE D 172 -21.65 32.11 26.49
C PHE D 172 -20.99 31.93 27.85
N SER D 173 -21.81 31.58 28.84
CA SER D 173 -21.32 31.26 30.18
C SER D 173 -21.70 29.82 30.48
N ILE D 174 -20.70 28.98 30.66
CA ILE D 174 -20.94 27.57 30.92
C ILE D 174 -20.43 27.18 32.30
N ALA D 175 -21.33 26.64 33.11
CA ALA D 175 -20.99 26.08 34.40
C ALA D 175 -21.29 24.61 34.34
N GLY D 176 -20.25 23.79 34.38
CA GLY D 176 -20.40 22.34 34.25
C GLY D 176 -19.96 21.84 32.88
N SER D 177 -20.51 20.71 32.44
CA SER D 177 -20.09 20.06 31.22
C SER D 177 -21.02 20.33 30.04
N GLY D 178 -21.51 21.56 29.94
CA GLY D 178 -22.38 21.94 28.84
C GLY D 178 -21.61 21.97 27.53
N THR D 179 -22.32 21.75 26.43
CA THR D 179 -21.70 21.71 25.11
C THR D 179 -22.35 22.71 24.16
N VAL D 180 -21.51 23.43 23.41
CA VAL D 180 -22.00 24.34 22.38
C VAL D 180 -21.42 23.94 21.03
N ARG D 181 -22.25 23.35 20.17
CA ARG D 181 -21.84 22.99 18.82
CA ARG D 181 -21.84 22.99 18.82
C ARG D 181 -22.29 24.07 17.86
N ALA D 182 -21.38 24.96 17.49
CA ALA D 182 -21.72 26.10 16.63
C ALA D 182 -20.69 26.41 15.55
N PHE D 183 -20.13 25.39 14.94
CA PHE D 183 -19.21 25.61 13.82
C PHE D 183 -19.97 26.18 12.61
N ASP D 184 -21.24 25.79 12.48
CA ASP D 184 -22.09 26.26 11.36
C ASP D 184 -22.73 27.62 11.64
N CYS D 185 -22.31 28.27 12.73
CA CYS D 185 -22.81 29.60 13.06
C CYS D 185 -21.69 30.62 13.01
N THR D 186 -21.81 31.57 12.08
CA THR D 186 -20.81 32.62 11.91
C THR D 186 -21.02 33.71 12.96
N ASP D 188 -19.30 37.19 14.67
CA ASP D 188 -18.27 38.23 14.51
C ASP D 188 -17.39 38.27 15.75
N GLU D 189 -18.02 38.28 16.93
CA GLU D 189 -17.29 38.29 18.19
C GLU D 189 -17.83 37.20 19.12
N LEU D 190 -16.93 36.59 19.89
CA LEU D 190 -17.29 35.56 20.85
C LEU D 190 -16.63 35.82 22.16
N GLU D 191 -17.42 35.88 23.21
CA GLU D 191 -16.93 36.04 24.55
C GLU D 191 -17.53 34.92 25.40
N CYS D 192 -16.66 34.10 26.01
CA CYS D 192 -17.14 32.95 26.74
C CYS D 192 -16.33 32.64 28.01
N LYS D 193 -17.04 32.14 29.03
CA LYS D 193 -16.43 31.70 30.27
C LYS D 193 -16.89 30.28 30.57
N ILE D 194 -15.94 29.38 30.81
CA ILE D 194 -16.26 28.01 31.15
C ILE D 194 -15.67 27.62 32.49
N ALA D 195 -16.52 27.34 33.45
CA ALA D 195 -16.11 26.82 34.73
C ALA D 195 -16.52 25.37 34.77
N GLY D 196 -15.56 24.47 34.55
CA GLY D 196 -15.83 23.05 34.48
C GLY D 196 -15.28 22.44 33.20
N SER D 197 -15.85 21.30 32.79
CA SER D 197 -15.35 20.55 31.65
C SER D 197 -16.17 20.77 30.38
N GLY D 198 -16.90 21.89 30.34
CA GLY D 198 -17.72 22.21 29.18
C GLY D 198 -16.89 22.37 27.91
N ASP D 199 -17.57 22.37 26.77
CA ASP D 199 -16.90 22.44 25.47
C ASP D 199 -17.67 23.36 24.50
N ILE D 200 -16.94 24.27 23.84
CA ILE D 200 -17.54 25.17 22.84
C ILE D 200 -16.84 25.06 21.48
N GLU D 201 -17.65 24.83 20.44
CA GLU D 201 -17.18 24.85 19.06
C GLU D 201 -17.86 26.01 18.37
N ALA D 202 -17.10 26.88 17.72
CA ALA D 202 -17.68 28.04 17.08
C ALA D 202 -16.87 28.55 15.91
N PHE D 203 -17.52 29.32 15.06
CA PHE D 203 -16.87 29.98 13.96
C PHE D 203 -16.81 31.46 14.32
N VAL D 204 -15.61 31.98 14.45
CA VAL D 204 -15.41 33.37 14.86
C VAL D 204 -14.73 34.15 13.77
N VAL D 205 -15.27 35.31 13.45
CA VAL D 205 -14.75 36.11 12.34
C VAL D 205 -13.71 37.13 12.76
N ASN D 206 -14.02 37.93 13.77
CA ASN D 206 -13.15 39.05 14.15
C ASN D 206 -12.48 38.97 15.53
N LYS D 207 -13.24 38.59 16.55
CA LYS D 207 -12.74 38.64 17.93
C LYS D 207 -13.21 37.47 18.80
N ILE D 208 -12.30 36.95 19.61
CA ILE D 208 -12.65 35.91 20.58
C ILE D 208 -11.96 36.16 21.92
N LYS D 209 -12.75 36.09 22.99
CA LYS D 209 -12.23 36.22 24.36
C LYS D 209 -12.77 35.07 25.19
N ALA D 210 -11.89 34.18 25.63
CA ALA D 210 -12.30 32.97 26.33
C ALA D 210 -11.55 32.77 27.65
N GLU D 211 -12.27 32.25 28.63
CA GLU D 211 -11.72 31.98 29.93
C GLU D 211 -12.21 30.58 30.39
N ILE D 212 -11.29 29.78 30.89
CA ILE D 212 -11.61 28.45 31.35
C ILE D 212 -11.06 28.20 32.73
N ALA D 213 -11.91 27.75 33.64
CA ALA D 213 -11.49 27.29 34.93
C ALA D 213 -11.87 25.84 35.00
N GLY D 214 -10.89 24.97 34.80
CA GLY D 214 -11.15 23.52 34.77
C GLY D 214 -10.59 22.90 33.50
N SER D 215 -11.10 21.72 33.15
CA SER D 215 -10.56 20.98 32.01
C SER D 215 -11.37 21.17 30.72
N GLY D 216 -12.20 22.22 30.66
CA GLY D 216 -13.04 22.48 29.48
C GLY D 216 -12.21 22.96 28.29
N SER D 217 -12.83 23.06 27.12
CA SER D 217 -12.11 23.50 25.93
C SER D 217 -12.96 24.37 25.02
N VAL D 218 -12.29 25.23 24.28
CA VAL D 218 -12.95 26.06 23.30
C VAL D 218 -12.21 25.92 22.00
N LYS D 219 -12.92 25.47 20.98
CA LYS D 219 -12.35 25.28 19.67
C LYS D 219 -13.03 26.19 18.69
N TYR D 220 -12.26 27.00 17.98
CA TYR D 220 -12.84 27.94 17.03
C TYR D 220 -12.27 27.83 15.62
N LYS D 221 -13.13 28.08 14.64
CA LYS D 221 -12.73 28.18 13.26
C LYS D 221 -12.86 29.63 12.89
N GLY D 222 -12.28 30.02 11.77
CA GLY D 222 -12.29 31.41 11.34
C GLY D 222 -10.93 32.03 11.59
N ASP D 223 -10.79 33.31 11.29
CA ASP D 223 -9.51 34.00 11.44
C ASP D 223 -9.67 35.34 12.15
N PRO D 224 -9.96 35.31 13.47
CA PRO D 224 -10.09 36.51 14.28
C PRO D 224 -8.78 37.25 14.41
N GLN D 225 -8.84 38.56 14.50
CA GLN D 225 -7.64 39.39 14.58
C GLN D 225 -7.34 39.78 16.02
N ASP D 226 -8.21 39.39 16.94
CA ASP D 226 -8.05 39.71 18.36
C ASP D 226 -8.41 38.48 19.20
N ILE D 227 -7.44 37.95 19.93
CA ILE D 227 -7.64 36.72 20.67
C ILE D 227 -7.12 36.86 22.10
N GLN D 228 -8.01 36.67 23.08
CA GLN D 228 -7.66 36.74 24.52
C GLN D 228 -7.94 35.38 25.20
N LYS D 229 -6.94 34.84 25.90
CA LYS D 229 -7.05 33.52 26.53
C LYS D 229 -6.63 33.54 27.99
N LYS D 230 -7.32 32.75 28.80
CA LYS D 230 -6.97 32.55 30.20
C LYS D 230 -7.45 31.17 30.64
N VAL D 231 -6.54 30.35 31.15
CA VAL D 231 -6.86 29.01 31.58
C VAL D 231 -6.23 28.64 32.91
N GLY D 233 -6.11 25.42 34.96
CA GLY D 233 -6.44 24.02 34.90
C GLY D 233 -5.83 23.39 33.67
N SER D 234 -6.40 22.26 33.23
CA SER D 234 -5.88 21.51 32.08
C SER D 234 -6.61 21.81 30.80
N GLY D 235 -7.57 22.73 30.85
CA GLY D 235 -8.35 23.09 29.67
C GLY D 235 -7.50 23.75 28.59
N LYS D 236 -8.06 23.91 27.40
CA LYS D 236 -7.34 24.53 26.30
C LYS D 236 -8.24 25.36 25.41
N ILE D 237 -7.63 26.31 24.71
CA ILE D 237 -8.32 27.16 23.75
C ILE D 237 -7.48 27.14 22.47
N GLU D 238 -8.02 26.54 21.41
CA GLU D 238 -7.26 26.35 20.15
C GLU D 238 -8.03 26.81 18.94
N LYS D 239 -7.30 27.12 17.89
CA LYS D 239 -7.90 27.39 16.60
C LYS D 239 -7.98 26.08 15.84
N VAL D 240 -9.08 25.88 15.13
CA VAL D 240 -9.24 24.69 14.32
C VAL D 240 -8.98 25.07 12.87
N GLU D 241 -7.88 24.55 12.33
CA GLU D 241 -7.44 24.88 10.96
C GLU D 241 -8.40 24.35 9.92
N GLY E 1 11.61 20.61 4.29
CA GLY E 1 12.67 19.82 4.96
C GLY E 1 13.99 20.57 5.08
N GLY E 2 14.09 21.71 4.41
CA GLY E 2 15.31 22.54 4.46
C GLY E 2 15.63 22.97 5.89
N ASP E 3 16.88 22.76 6.31
CA ASP E 3 17.28 23.05 7.70
C ASP E 3 17.61 24.53 7.96
N GLY E 4 17.47 25.37 6.94
CA GLY E 4 17.73 26.81 7.09
C GLY E 4 19.21 27.18 7.13
N ASN E 5 20.08 26.16 7.18
CA ASN E 5 21.52 26.37 7.17
C ASN E 5 22.03 26.58 5.74
N ILE E 6 21.88 27.81 5.24
CA ILE E 6 22.27 28.13 3.86
C ILE E 6 23.78 28.07 3.64
N THR E 7 24.19 27.37 2.58
CA THR E 7 25.60 27.25 2.23
C THR E 7 25.81 27.69 0.79
N THR E 8 27.00 28.23 0.52
CA THR E 8 27.36 28.65 -0.82
C THR E 8 28.54 27.80 -1.30
N GLU E 9 28.29 26.99 -2.32
CA GLU E 9 29.28 26.04 -2.81
C GLU E 9 29.54 26.24 -4.30
N ASN E 10 30.79 26.44 -4.67
CA ASN E 10 31.18 26.49 -6.05
C ASN E 10 31.47 25.08 -6.53
N ILE E 11 30.78 24.63 -7.58
CA ILE E 11 30.93 23.27 -8.07
C ILE E 11 31.81 23.23 -9.31
N PRO E 12 32.93 22.50 -9.23
CA PRO E 12 33.77 22.35 -10.41
C PRO E 12 32.98 21.70 -11.55
N VAL E 13 32.97 22.33 -12.71
CA VAL E 13 32.27 21.81 -13.87
C VAL E 13 33.10 21.95 -15.13
N SER E 14 33.01 20.94 -15.99
CA SER E 14 33.68 20.96 -17.26
C SER E 14 32.74 21.52 -18.30
N GLU E 15 33.20 21.59 -19.54
CA GLU E 15 32.41 22.17 -20.62
C GLU E 15 31.04 21.50 -20.76
N TYR E 16 30.01 22.31 -20.99
CA TYR E 16 28.67 21.81 -21.16
C TYR E 16 27.84 22.82 -21.96
N ASP E 17 26.92 22.31 -22.77
CA ASP E 17 26.01 23.18 -23.54
C ASP E 17 24.54 22.78 -23.31
N CYS E 18 24.32 21.94 -22.30
CA CYS E 18 22.98 21.50 -21.91
CA CYS E 18 22.98 21.52 -21.92
C CYS E 18 22.85 21.64 -20.41
N LEU E 19 21.73 22.19 -19.97
CA LEU E 19 21.49 22.40 -18.53
C LEU E 19 20.13 21.81 -18.11
N GLU E 20 20.16 20.69 -17.38
CA GLU E 20 18.92 20.01 -16.94
C GLU E 20 18.76 20.13 -15.44
N LEU E 21 17.67 20.77 -15.03
CA LEU E 21 17.41 21.02 -13.61
C LEU E 21 16.16 20.30 -13.15
N GLU E 22 16.21 19.75 -11.95
CA GLU E 22 15.07 19.05 -11.37
C GLU E 22 14.98 19.37 -9.86
N GLY E 23 13.89 20.06 -9.46
CA GLY E 23 13.70 20.42 -8.04
C GLY E 23 12.56 21.41 -7.81
N GLY E 24 12.43 21.87 -6.57
CA GLY E 24 11.35 22.81 -6.20
C GLY E 24 11.91 24.10 -5.64
N GLY E 25 11.22 25.21 -5.91
CA GLY E 25 11.63 26.54 -5.44
C GLY E 25 13.02 26.95 -5.95
N VAL E 27 15.69 28.90 -8.26
CA VAL E 27 15.93 30.08 -9.06
C VAL E 27 17.26 29.87 -9.81
N VAL E 28 17.20 29.89 -11.13
CA VAL E 28 18.38 29.66 -11.93
C VAL E 28 18.75 30.94 -12.67
N ASN E 29 19.96 31.40 -12.42
CA ASN E 29 20.50 32.56 -13.11
C ASN E 29 21.67 32.14 -14.00
N TYR E 30 21.43 32.10 -15.31
CA TYR E 30 22.45 31.66 -16.28
C TYR E 30 22.94 32.79 -17.16
N THR E 31 24.23 32.76 -17.49
CA THR E 31 24.80 33.71 -18.43
C THR E 31 25.74 32.99 -19.41
N GLN E 32 25.78 33.47 -20.64
CA GLN E 32 26.67 32.95 -21.65
C GLN E 32 27.81 33.94 -21.79
N SER E 33 29.04 33.46 -21.59
CA SER E 33 30.21 34.31 -21.70
C SER E 33 31.40 33.53 -22.22
N ASP E 34 32.37 34.27 -22.76
CA ASP E 34 33.60 33.68 -23.26
C ASP E 34 34.56 33.45 -22.11
N ALA E 35 34.13 32.67 -21.13
CA ALA E 35 34.94 32.36 -19.96
C ALA E 35 34.74 30.89 -19.56
N PRO E 36 35.66 30.33 -18.75
CA PRO E 36 35.54 28.94 -18.31
C PRO E 36 34.19 28.67 -17.63
N GLU E 37 33.62 27.48 -17.88
CA GLU E 37 32.35 27.10 -17.30
C GLU E 37 32.36 27.23 -15.75
N GLY E 38 31.30 27.82 -15.19
CA GLY E 38 31.19 28.00 -13.74
C GLY E 38 29.84 27.57 -13.22
N LEU E 39 29.79 27.17 -11.93
CA LEU E 39 28.54 26.74 -11.31
C LEU E 39 28.57 27.01 -9.79
N GLU E 40 27.55 27.71 -9.30
CA GLU E 40 27.44 28.01 -7.88
C GLU E 40 26.05 27.65 -7.35
N ILE E 41 26.01 26.93 -6.24
CA ILE E 41 24.75 26.53 -5.61
C ILE E 41 24.63 27.10 -4.20
N LYS E 42 23.50 27.74 -3.93
CA LYS E 42 23.22 28.31 -2.63
C LYS E 42 21.88 27.78 -2.12
N THR E 43 21.93 26.82 -1.20
CA THR E 43 20.71 26.20 -0.68
C THR E 43 20.96 25.59 0.72
N ASP E 44 19.92 25.00 1.29
CA ASP E 44 20.02 24.37 2.62
C ASP E 44 21.02 23.22 2.59
N ARG E 45 21.95 23.22 3.55
CA ARG E 45 23.02 22.21 3.59
C ARG E 45 22.50 20.75 3.48
N ASN E 46 21.39 20.45 4.15
CA ASN E 46 20.82 19.08 4.12
C ASN E 46 20.19 18.72 2.74
N ILE E 47 19.89 19.72 1.94
CA ILE E 47 19.37 19.49 0.59
C ILE E 47 20.53 19.35 -0.41
N PHE E 48 21.56 20.16 -0.22
CA PHE E 48 22.76 20.11 -1.06
C PHE E 48 23.38 18.71 -1.02
N GLU E 49 23.42 18.13 0.18
CA GLU E 49 24.00 16.79 0.37
C GLU E 49 23.23 15.71 -0.39
N LYS E 50 21.99 16.00 -0.74
CA LYS E 50 21.14 15.02 -1.42
C LYS E 50 20.98 15.32 -2.94
N TYR E 51 21.79 16.23 -3.45
CA TYR E 51 21.79 16.55 -4.88
C TYR E 51 23.09 16.18 -5.55
N GLU E 52 23.05 16.12 -6.87
CA GLU E 52 24.25 15.92 -7.65
C GLU E 52 24.30 16.98 -8.74
N PHE E 53 25.51 17.31 -9.18
CA PHE E 53 25.71 18.35 -10.17
C PHE E 53 26.81 17.93 -11.12
N ASN E 54 26.58 16.84 -11.85
CA ASN E 54 27.58 16.30 -12.72
C ASN E 54 27.35 16.66 -14.18
N VAL E 55 28.44 16.70 -14.94
CA VAL E 55 28.36 16.91 -16.38
C VAL E 55 28.61 15.58 -17.09
N GLU E 56 27.65 15.13 -17.87
CA GLU E 56 27.77 13.90 -18.63
C GLU E 56 27.63 14.24 -20.10
N ASN E 57 28.61 13.85 -20.89
CA ASN E 57 28.59 14.15 -22.32
C ASN E 57 28.07 15.60 -22.58
N HIS E 58 28.69 16.59 -21.91
CA HIS E 58 28.36 18.03 -22.11
C HIS E 58 26.97 18.41 -21.60
N LYS E 59 26.33 17.51 -20.87
CA LYS E 59 25.04 17.80 -20.27
C LYS E 59 25.21 17.95 -18.78
N LEU E 60 24.90 19.15 -18.28
CA LEU E 60 24.98 19.43 -16.83
C LEU E 60 23.63 19.11 -16.20
N LYS E 61 23.62 18.10 -15.36
CA LYS E 61 22.39 17.65 -14.75
C LYS E 61 22.38 17.92 -13.27
N ILE E 62 21.54 18.86 -12.87
CA ILE E 62 21.35 19.20 -11.48
C ILE E 62 20.06 18.57 -11.01
N ARG E 63 20.18 17.56 -10.15
CA ARG E 63 19.03 16.79 -9.72
C ARG E 63 19.36 15.99 -8.43
N PRO E 64 18.32 15.49 -7.74
CA PRO E 64 18.55 14.71 -6.54
C PRO E 64 19.28 13.40 -6.84
N LYS E 65 20.12 12.95 -5.92
CA LYS E 65 20.82 11.67 -6.08
C LYS E 65 19.80 10.53 -6.20
N LYS E 66 20.17 9.48 -6.91
CA LYS E 66 19.26 8.35 -7.20
C LYS E 66 18.55 7.81 -5.94
N GLU E 67 19.31 7.58 -4.88
CA GLU E 67 18.76 7.01 -3.64
C GLU E 67 17.72 7.94 -2.94
N PHE E 68 17.71 9.22 -3.33
CA PHE E 68 16.74 10.19 -2.76
C PHE E 68 15.66 10.55 -3.78
N ARG E 69 15.62 9.81 -4.89
CA ARG E 69 14.62 10.06 -5.94
C ARG E 69 13.26 9.48 -5.53
N LYS E 70 13.28 8.61 -4.53
CA LYS E 70 12.07 8.00 -4.02
C LYS E 70 11.23 9.04 -3.25
N HIS E 71 11.91 9.91 -2.49
CA HIS E 71 11.23 10.93 -1.67
C HIS E 71 11.08 12.26 -2.46
N THR E 72 12.16 13.08 -2.48
CA THR E 72 12.16 14.37 -3.20
C THR E 72 11.10 15.35 -2.62
N ASN E 73 10.58 15.03 -1.43
CA ASN E 73 9.59 15.87 -0.76
C ASN E 73 10.25 16.99 0.08
N PHE E 74 11.57 16.89 0.27
CA PHE E 74 12.33 17.92 1.00
C PHE E 74 12.30 19.21 0.20
N ARG E 75 11.75 20.28 0.79
CA ARG E 75 11.68 21.59 0.12
CA ARG E 75 11.71 21.58 0.12
C ARG E 75 12.53 22.64 0.85
N PRO E 76 13.32 23.43 0.09
CA PRO E 76 14.27 24.40 0.65
C PRO E 76 13.74 25.77 1.04
N THR E 77 14.53 26.47 1.85
CA THR E 77 14.26 27.84 2.21
C THR E 77 14.72 28.70 1.04
N GLU E 78 15.86 28.31 0.45
CA GLU E 78 16.42 28.95 -0.74
C GLU E 78 17.00 27.85 -1.63
N PHE E 79 17.14 28.13 -2.91
CA PHE E 79 17.78 27.21 -3.83
C PHE E 79 18.12 27.95 -5.08
N VAL E 81 20.72 28.62 -8.27
CA VAL E 81 21.73 28.03 -9.11
C VAL E 81 22.23 29.10 -10.05
N THR E 82 23.51 29.44 -9.90
CA THR E 82 24.14 30.44 -10.73
C THR E 82 25.14 29.74 -11.61
N ALA E 83 24.96 29.85 -12.92
CA ALA E 83 25.79 29.11 -13.87
C ALA E 83 26.14 29.90 -15.10
N ASN E 84 27.25 29.52 -15.73
CA ASN E 84 27.69 30.14 -16.96
C ASN E 84 28.47 29.15 -17.83
N SER E 85 28.32 29.28 -19.14
CA SER E 85 29.04 28.45 -20.10
C SER E 85 29.27 29.25 -21.37
N ARG E 86 30.09 28.71 -22.26
CA ARG E 86 30.40 29.37 -23.53
CA ARG E 86 30.41 29.36 -23.53
C ARG E 86 29.29 29.17 -24.55
N ASN E 87 28.61 28.02 -24.47
CA ASN E 87 27.51 27.69 -25.40
C ASN E 87 26.35 27.04 -24.69
N LEU E 88 25.15 27.21 -25.22
CA LEU E 88 23.99 26.58 -24.67
C LEU E 88 22.95 26.32 -25.75
N LYS E 89 22.65 25.04 -25.99
CA LYS E 89 21.65 24.68 -26.98
C LYS E 89 20.40 24.17 -26.33
N LYS E 90 20.47 23.84 -25.04
CA LYS E 90 19.31 23.29 -24.35
C LYS E 90 19.28 23.63 -22.87
N LEU E 91 18.09 23.94 -22.38
CA LEU E 91 17.87 24.20 -20.97
C LEU E 91 16.55 23.58 -20.58
N ALA E 92 16.61 22.56 -19.72
CA ALA E 92 15.40 21.83 -19.30
C ALA E 92 15.21 21.92 -17.80
N ALA E 93 14.04 22.37 -17.37
CA ALA E 93 13.74 22.50 -15.95
C ALA E 93 12.49 21.71 -15.59
N ALA E 94 12.59 20.89 -14.55
CA ALA E 94 11.46 20.07 -14.12
C ALA E 94 11.14 20.34 -12.65
N GLY E 95 9.85 20.54 -12.35
CA GLY E 95 9.39 20.82 -10.98
C GLY E 95 8.81 22.23 -10.87
N SER E 96 9.33 23.00 -9.92
CA SER E 96 8.94 24.41 -9.74
C SER E 96 10.20 25.26 -9.85
N THR E 97 10.35 25.97 -10.96
CA THR E 97 11.57 26.68 -11.21
C THR E 97 11.37 28.01 -11.91
N HIS E 98 12.31 28.92 -11.68
CA HIS E 98 12.32 30.24 -12.29
C HIS E 98 13.68 30.39 -12.96
N VAL E 99 13.71 30.31 -14.28
CA VAL E 99 14.96 30.39 -15.02
C VAL E 99 15.15 31.74 -15.69
N ASN E 100 16.24 32.42 -15.32
CA ASN E 100 16.62 33.70 -15.92
C ASN E 100 17.88 33.55 -16.76
N ILE E 101 17.80 33.89 -18.03
CA ILE E 101 18.98 34.01 -18.85
C ILE E 101 19.35 35.48 -18.80
N ASN E 102 20.37 35.80 -18.00
CA ASN E 102 20.71 37.22 -17.71
C ASN E 102 21.65 37.87 -18.68
N SER E 103 21.87 37.23 -19.81
CA SER E 103 22.79 37.76 -20.80
C SER E 103 22.25 37.53 -22.17
N PRO E 104 22.93 38.10 -23.17
CA PRO E 104 22.56 37.78 -24.53
C PRO E 104 22.85 36.30 -24.79
N LEU E 105 22.00 35.66 -25.54
CA LEU E 105 22.15 34.25 -25.83
C LEU E 105 22.22 34.06 -27.33
N GLN E 106 23.21 33.30 -27.79
CA GLN E 106 23.37 33.00 -29.21
C GLN E 106 23.64 31.51 -29.43
N ALA E 107 22.89 30.91 -30.34
CA ALA E 107 23.05 29.48 -30.65
C ALA E 107 22.38 29.12 -31.97
N GLU E 108 22.95 28.17 -32.68
CA GLU E 108 22.36 27.69 -33.95
C GLU E 108 20.93 27.15 -33.67
N GLU E 109 20.85 26.14 -32.78
CA GLU E 109 19.56 25.59 -32.36
CA GLU E 109 19.57 25.55 -32.36
C GLU E 109 19.45 25.65 -30.86
N PHE E 110 18.28 26.00 -30.36
CA PHE E 110 18.07 26.08 -28.93
C PHE E 110 16.75 25.45 -28.52
N GLU E 111 16.78 24.69 -27.45
CA GLU E 111 15.59 24.05 -26.92
C GLU E 111 15.35 24.54 -25.49
N ALA E 112 14.21 25.21 -25.27
CA ALA E 112 13.84 25.69 -23.97
C ALA E 112 12.69 24.86 -23.46
N GLY E 113 12.96 24.04 -22.45
CA GLY E 113 11.96 23.13 -21.92
C GLY E 113 11.65 23.36 -20.44
N LEU E 114 10.36 23.41 -20.14
CA LEU E 114 9.91 23.58 -18.76
C LEU E 114 8.75 22.63 -18.47
N ALA E 115 8.92 21.76 -17.47
CA ALA E 115 7.86 20.83 -17.06
C ALA E 115 7.48 21.10 -15.63
N GLY E 116 6.17 21.18 -15.38
CA GLY E 116 5.66 21.46 -14.04
C GLY E 116 5.11 22.87 -13.95
N SER E 117 5.75 23.69 -13.12
CA SER E 117 5.35 25.09 -12.93
C SER E 117 6.57 26.00 -12.99
N GLY E 118 6.36 27.23 -13.37
CA GLY E 118 7.44 28.18 -13.41
C GLY E 118 7.53 29.00 -14.67
N ILE E 119 8.72 29.52 -14.91
CA ILE E 119 8.94 30.43 -16.00
C ILE E 119 10.36 30.44 -16.48
N ILE E 120 10.51 30.55 -17.79
CA ILE E 120 11.81 30.75 -18.40
C ILE E 120 11.79 32.09 -19.08
N GLN E 121 12.76 32.93 -18.78
CA GLN E 121 12.83 34.22 -19.41
C GLN E 121 14.20 34.56 -19.94
N PHE E 122 14.28 34.86 -21.24
CA PHE E 122 15.48 35.41 -21.82
C PHE E 122 15.38 36.92 -21.67
N HIS E 123 16.10 37.47 -20.70
CA HIS E 123 16.01 38.91 -20.39
C HIS E 123 16.67 39.80 -21.45
N ASP E 124 17.61 39.25 -22.23
CA ASP E 124 18.33 40.04 -23.22
C ASP E 124 18.20 39.41 -24.64
N THR E 125 19.04 39.86 -25.56
CA THR E 125 19.00 39.36 -26.94
C THR E 125 19.15 37.82 -27.02
N ALA E 126 18.31 37.19 -27.81
CA ALA E 126 18.36 35.74 -28.00
C ALA E 126 18.30 35.44 -29.50
N SER E 127 19.45 35.08 -30.07
CA SER E 127 19.55 34.88 -31.52
C SER E 127 19.79 33.43 -31.87
N PHE E 128 18.92 32.87 -32.70
CA PHE E 128 19.06 31.48 -33.14
C PHE E 128 18.63 31.34 -34.59
N THR E 129 18.92 30.18 -35.17
CA THR E 129 18.35 29.82 -36.44
C THR E 129 16.99 29.18 -36.13
N ASN E 130 17.00 28.18 -35.25
CA ASN E 130 15.78 27.49 -34.84
C ASN E 130 15.60 27.53 -33.33
N LEU E 131 14.42 27.98 -32.88
CA LEU E 131 14.10 27.99 -31.45
C LEU E 131 12.95 27.09 -31.19
N LYS E 132 13.09 26.25 -30.19
CA LYS E 132 12.04 25.35 -29.80
C LYS E 132 11.69 25.56 -28.33
N ILE E 133 10.43 25.83 -28.07
CA ILE E 133 9.95 26.05 -26.73
C ILE E 133 8.95 24.96 -26.39
N GLU E 134 9.26 24.17 -25.37
CA GLU E 134 8.37 23.10 -24.93
C GLU E 134 7.96 23.29 -23.49
N ILE E 135 6.69 23.64 -23.28
CA ILE E 135 6.17 23.81 -21.94
C ILE E 135 5.05 22.78 -21.65
N ALA E 136 5.23 22.02 -20.57
CA ALA E 136 4.24 21.01 -20.15
C ALA E 136 3.92 21.18 -18.67
N GLY E 137 2.74 21.73 -18.40
CA GLY E 137 2.31 22.00 -17.03
C GLY E 137 1.65 23.36 -16.98
N SER E 138 2.14 24.22 -16.08
CA SER E 138 1.61 25.60 -15.95
C SER E 138 2.71 26.63 -16.19
N GLY E 139 3.68 26.27 -17.01
CA GLY E 139 4.85 27.13 -17.26
C GLY E 139 4.59 28.28 -18.21
N ASP E 140 5.44 29.31 -18.13
CA ASP E 140 5.37 30.46 -19.02
C ASP E 140 6.72 30.69 -19.68
N PHE E 141 6.71 31.27 -20.87
CA PHE E 141 7.95 31.69 -21.52
C PHE E 141 7.87 33.14 -21.90
N VAL E 142 8.93 33.88 -21.61
CA VAL E 142 8.98 35.31 -21.95
C VAL E 142 10.29 35.64 -22.64
N GLY E 143 10.19 36.24 -23.82
CA GLY E 143 11.37 36.70 -24.56
C GLY E 143 11.03 37.92 -25.41
N HIS E 144 11.24 39.11 -24.86
CA HIS E 144 10.90 40.37 -25.55
C HIS E 144 11.87 40.69 -26.71
N LYS E 145 13.03 40.03 -26.73
CA LYS E 145 14.05 40.24 -27.77
C LYS E 145 14.52 38.92 -28.39
N VAL E 146 13.62 38.25 -29.12
CA VAL E 146 13.97 36.97 -29.74
C VAL E 146 14.09 37.12 -31.24
N TYR E 147 15.20 36.67 -31.79
CA TYR E 147 15.46 36.76 -33.23
C TYR E 147 15.83 35.41 -33.78
N CYS E 148 14.99 34.86 -34.66
CA CYS E 148 15.26 33.55 -35.26
C CYS E 148 14.49 33.34 -36.54
N GLU E 149 14.93 32.37 -37.33
CA GLU E 149 14.29 32.05 -38.60
C GLU E 149 13.03 31.25 -38.39
N GLU E 150 13.12 30.22 -37.52
CA GLU E 150 12.00 29.35 -37.24
C GLU E 150 11.81 29.20 -35.75
N LEU E 151 10.58 29.33 -35.29
CA LEU E 151 10.26 29.21 -33.88
C LEU E 151 9.13 28.25 -33.73
N ASN E 152 9.29 27.27 -32.87
CA ASN E 152 8.27 26.30 -32.61
C ASN E 152 7.94 26.23 -31.13
N GLY E 153 6.72 26.62 -30.79
CA GLY E 153 6.25 26.58 -29.42
C GLY E 153 5.25 25.45 -29.24
N ASP E 154 5.53 24.56 -28.30
CA ASP E 154 4.66 23.45 -28.01
C ASP E 154 4.21 23.56 -26.54
N ALA E 156 1.50 22.42 -23.48
CA ALA E 156 0.55 21.38 -22.98
C ALA E 156 0.22 21.65 -21.55
N GLY E 157 -1.00 22.15 -21.31
CA GLY E 157 -1.46 22.48 -19.96
C GLY E 157 -2.07 23.86 -19.92
N SER E 158 -1.55 24.71 -19.02
CA SER E 158 -1.97 26.13 -18.93
C SER E 158 -0.73 26.97 -19.08
N ASN E 159 -0.48 27.44 -20.29
CA ASN E 159 0.77 28.08 -20.62
C ASN E 159 0.61 29.42 -21.36
N THR E 160 1.60 30.29 -21.18
CA THR E 160 1.64 31.55 -21.87
C THR E 160 3.01 31.80 -22.45
N ILE E 161 3.06 32.24 -23.68
CA ILE E 161 4.28 32.59 -24.33
C ILE E 161 4.21 34.06 -24.74
N VAL E 162 5.06 34.88 -24.14
CA VAL E 162 5.14 36.29 -24.49
C VAL E 162 6.39 36.46 -25.34
N LEU E 163 6.22 37.06 -26.52
CA LEU E 163 7.34 37.22 -27.47
C LEU E 163 7.46 38.61 -28.05
N GLY E 164 8.70 38.97 -28.37
CA GLY E 164 8.99 40.20 -29.01
C GLY E 164 10.22 40.01 -29.85
N GLY E 165 10.33 40.77 -30.94
CA GLY E 165 11.48 40.68 -31.84
C GLY E 165 11.08 40.35 -33.27
N THR E 166 11.85 39.48 -33.92
CA THR E 166 11.56 39.10 -35.29
C THR E 166 11.72 37.59 -35.49
N VAL E 167 10.71 36.97 -36.09
CA VAL E 167 10.74 35.56 -36.38
C VAL E 167 10.27 35.29 -37.82
N GLY E 168 10.98 34.42 -38.52
CA GLY E 168 10.62 34.07 -39.90
C GLY E 168 9.32 33.27 -39.95
N ILE E 169 9.38 32.05 -39.47
CA ILE E 169 8.21 31.17 -39.45
C ILE E 169 7.93 30.73 -38.02
N ALA E 170 6.73 31.04 -37.52
CA ALA E 170 6.35 30.68 -36.16
C ALA E 170 5.25 29.65 -36.15
N GLU E 171 5.49 28.55 -35.43
CA GLU E 171 4.51 27.47 -35.28
C GLU E 171 4.19 27.24 -33.78
N PHE E 172 2.90 27.26 -33.44
CA PHE E 172 2.47 27.04 -32.07
C PHE E 172 1.46 25.92 -32.00
N SER E 173 1.73 24.94 -31.13
CA SER E 173 0.79 23.89 -30.85
C SER E 173 0.32 24.04 -29.41
N ILE E 174 -0.99 24.07 -29.23
CA ILE E 174 -1.58 24.25 -27.92
C ILE E 174 -2.50 23.09 -27.57
N ALA E 175 -2.27 22.48 -26.41
CA ALA E 175 -3.12 21.43 -25.89
C ALA E 175 -3.57 21.85 -24.50
N GLY E 176 -4.87 22.06 -24.33
CA GLY E 176 -5.41 22.57 -23.09
C GLY E 176 -5.73 24.03 -23.25
N SER E 177 -5.05 24.88 -22.47
CA SER E 177 -5.24 26.33 -22.54
C SER E 177 -3.91 27.01 -22.78
N GLY E 178 -3.77 27.68 -23.92
CA GLY E 178 -2.52 28.36 -24.27
C GLY E 178 -2.74 29.81 -24.72
N THR E 179 -1.81 30.68 -24.35
CA THR E 179 -1.89 32.08 -24.72
C THR E 179 -0.57 32.55 -25.30
N VAL E 180 -0.63 33.27 -26.41
CA VAL E 180 0.57 33.81 -27.04
C VAL E 180 0.41 35.32 -27.23
N ARG E 181 1.31 36.08 -26.63
CA ARG E 181 1.31 37.52 -26.77
CA ARG E 181 1.32 37.54 -26.75
C ARG E 181 2.53 37.95 -27.54
N ALA E 182 2.34 38.15 -28.84
CA ALA E 182 3.44 38.47 -29.73
C ALA E 182 3.15 39.63 -30.69
N PHE E 183 2.48 40.67 -30.20
CA PHE E 183 2.28 41.87 -31.04
C PHE E 183 3.63 42.56 -31.29
N ASP E 184 4.57 42.41 -30.35
CA ASP E 184 5.91 43.01 -30.48
C ASP E 184 6.88 42.14 -31.28
N CYS E 185 6.38 41.00 -31.78
CA CYS E 185 7.21 40.09 -32.57
C CYS E 185 6.72 40.07 -34.01
N THR E 186 7.56 40.56 -34.91
CA THR E 186 7.23 40.59 -36.32
C THR E 186 7.47 39.20 -36.95
N ASP E 188 6.89 36.62 -40.22
CA ASP E 188 6.54 36.49 -41.64
C ASP E 188 5.33 35.58 -41.77
N GLU E 189 5.38 34.44 -41.08
CA GLU E 189 4.31 33.43 -41.16
C GLU E 189 3.92 32.90 -39.77
N LEU E 190 2.61 32.80 -39.54
CA LEU E 190 2.07 32.28 -38.29
C LEU E 190 1.25 31.02 -38.55
N GLU E 191 1.59 29.96 -37.86
CA GLU E 191 0.91 28.71 -37.99
C GLU E 191 0.60 28.20 -36.60
N CYS E 192 -0.65 27.86 -36.34
CA CYS E 192 -1.03 27.38 -35.03
C CYS E 192 -2.07 26.27 -35.06
N LYS E 193 -1.94 25.35 -34.11
CA LYS E 193 -2.83 24.23 -33.96
C LYS E 193 -3.31 24.20 -32.50
N ILE E 194 -4.60 24.39 -32.30
CA ILE E 194 -5.15 24.51 -30.97
C ILE E 194 -6.11 23.38 -30.67
N ALA E 195 -5.84 22.68 -29.59
CA ALA E 195 -6.72 21.63 -29.11
C ALA E 195 -7.13 21.99 -27.69
N GLY E 196 -8.29 22.65 -27.57
CA GLY E 196 -8.80 23.15 -26.29
C GLY E 196 -9.17 24.63 -26.42
N SER E 197 -8.49 25.48 -25.67
CA SER E 197 -8.71 26.94 -25.75
C SER E 197 -7.40 27.62 -26.06
N GLY E 198 -7.42 28.54 -27.03
CA GLY E 198 -6.21 29.24 -27.44
C GLY E 198 -6.47 30.70 -27.73
N ASP E 199 -5.56 31.56 -27.25
CA ASP E 199 -5.67 33.02 -27.45
C ASP E 199 -4.31 33.55 -27.93
N ILE E 200 -4.25 33.92 -29.20
CA ILE E 200 -3.00 34.31 -29.83
C ILE E 200 -3.04 35.71 -30.43
N GLU E 201 -2.04 36.52 -30.05
CA GLU E 201 -1.85 37.86 -30.61
C GLU E 201 -0.48 37.90 -31.26
N ALA E 202 -0.42 38.33 -32.52
CA ALA E 202 0.86 38.39 -33.23
C ALA E 202 0.85 39.39 -34.37
N PHE E 203 2.03 39.94 -34.67
CA PHE E 203 2.19 40.81 -35.82
C PHE E 203 2.62 39.94 -36.96
N VAL E 204 1.76 39.77 -37.95
CA VAL E 204 2.06 38.89 -39.07
C VAL E 204 2.23 39.66 -40.37
N VAL E 205 3.35 39.41 -41.07
CA VAL E 205 3.64 40.09 -42.33
C VAL E 205 2.96 39.45 -43.57
N ASN E 206 3.07 38.12 -43.71
CA ASN E 206 2.61 37.46 -44.97
C ASN E 206 1.49 36.42 -44.87
N LYS E 207 1.60 35.49 -43.92
CA LYS E 207 0.72 34.32 -43.92
C LYS E 207 0.26 33.85 -42.52
N ILE E 208 -1.04 33.57 -42.41
CA ILE E 208 -1.62 33.00 -41.20
C ILE E 208 -2.36 31.69 -41.53
N LYS E 209 -2.01 30.62 -40.83
CA LYS E 209 -2.70 29.36 -40.95
C LYS E 209 -3.07 28.87 -39.55
N ALA E 210 -4.36 28.58 -39.33
CA ALA E 210 -4.85 28.15 -38.01
C ALA E 210 -5.81 26.95 -38.08
N GLU E 211 -5.57 25.98 -37.20
CA GLU E 211 -6.47 24.86 -37.03
C GLU E 211 -6.93 24.86 -35.56
N ILE E 212 -8.23 24.97 -35.35
CA ILE E 212 -8.76 25.11 -34.01
C ILE E 212 -9.78 24.03 -33.68
N ALA E 213 -9.49 23.26 -32.63
CA ALA E 213 -10.39 22.25 -32.14
C ALA E 213 -10.82 22.65 -30.74
N GLY E 214 -11.95 23.33 -30.65
CA GLY E 214 -12.46 23.86 -29.39
C GLY E 214 -12.76 25.35 -29.53
N SER E 215 -12.02 26.18 -28.79
CA SER E 215 -12.19 27.64 -28.83
C SER E 215 -10.88 28.28 -29.15
N GLY E 216 -10.88 29.21 -30.08
CA GLY E 216 -9.67 29.87 -30.48
C GLY E 216 -9.88 31.31 -30.88
N SER E 217 -8.95 32.15 -30.50
CA SER E 217 -8.96 33.53 -30.89
C SER E 217 -7.61 33.88 -31.42
N VAL E 218 -7.57 34.31 -32.68
CA VAL E 218 -6.35 34.70 -33.30
C VAL E 218 -6.44 36.16 -33.72
N LYS E 219 -5.80 37.03 -32.95
CA LYS E 219 -5.77 38.46 -33.21
C LYS E 219 -4.45 38.80 -33.86
N TYR E 220 -4.48 39.64 -34.90
CA TYR E 220 -3.26 39.99 -35.58
C TYR E 220 -3.14 41.45 -35.95
N LYS E 221 -1.89 41.87 -36.14
CA LYS E 221 -1.59 43.17 -36.65
C LYS E 221 -0.74 42.96 -37.88
N GLY E 222 -0.82 43.88 -38.83
CA GLY E 222 -0.13 43.75 -40.10
C GLY E 222 -1.12 43.49 -41.22
N ASP E 223 -0.62 43.17 -42.40
CA ASP E 223 -1.49 42.95 -43.54
C ASP E 223 -1.15 41.65 -44.25
N PRO E 224 -1.32 40.52 -43.56
CA PRO E 224 -1.10 39.23 -44.18
C PRO E 224 -2.01 39.03 -45.37
N GLN E 225 -1.46 38.54 -46.47
CA GLN E 225 -2.22 38.39 -47.71
C GLN E 225 -2.72 36.95 -47.92
N ASP E 226 -2.46 36.09 -46.94
CA ASP E 226 -2.85 34.68 -47.00
C ASP E 226 -3.33 34.21 -45.63
N ILE E 227 -4.64 34.04 -45.50
CA ILE E 227 -5.26 33.61 -44.26
C ILE E 227 -6.17 32.40 -44.51
N GLN E 228 -5.90 31.32 -43.78
CA GLN E 228 -6.68 30.09 -43.91
C GLN E 228 -6.86 29.44 -42.54
N LYS E 229 -8.02 28.84 -42.31
CA LYS E 229 -8.29 28.19 -41.04
C LYS E 229 -9.18 26.96 -41.20
N LYS E 230 -9.04 26.02 -40.26
CA LYS E 230 -9.93 24.86 -40.14
C LYS E 230 -10.43 24.84 -38.71
N VAL E 231 -11.74 24.92 -38.53
CA VAL E 231 -12.29 25.02 -37.18
C VAL E 231 -13.30 23.92 -36.88
N GLY E 233 -15.59 23.78 -33.81
CA GLY E 233 -16.05 24.48 -32.62
C GLY E 233 -16.24 25.95 -32.92
N SER E 234 -15.43 26.80 -32.27
CA SER E 234 -15.50 28.23 -32.50
C SER E 234 -14.12 28.80 -32.65
N GLY E 235 -13.91 29.54 -33.73
CA GLY E 235 -12.62 30.14 -34.00
C GLY E 235 -12.77 31.37 -34.86
N LYS E 236 -12.05 32.42 -34.51
CA LYS E 236 -12.11 33.66 -35.26
C LYS E 236 -10.75 34.30 -35.41
N ILE E 237 -10.35 34.51 -36.66
CA ILE E 237 -9.13 35.27 -36.98
C ILE E 237 -9.59 36.70 -37.21
N GLU E 238 -8.89 37.64 -36.58
CA GLU E 238 -9.35 39.03 -36.55
C GLU E 238 -8.20 40.04 -36.49
N LYS E 239 -8.30 41.10 -37.29
CA LYS E 239 -7.31 42.18 -37.27
C LYS E 239 -7.69 43.18 -36.19
N VAL E 240 -6.72 43.59 -35.40
CA VAL E 240 -6.94 44.60 -34.37
C VAL E 240 -6.03 45.79 -34.61
N GLU E 241 -6.54 46.99 -34.37
CA GLU E 241 -5.77 48.21 -34.54
C GLU E 241 -4.81 48.40 -33.37
N ASP F 3 -28.80 35.59 -40.10
CA ASP F 3 -29.99 35.49 -41.01
C ASP F 3 -30.85 36.74 -40.91
N GLY F 4 -30.88 37.34 -39.72
CA GLY F 4 -31.65 38.55 -39.50
C GLY F 4 -32.92 38.30 -38.71
N ASN F 5 -33.72 37.34 -39.18
CA ASN F 5 -35.02 37.06 -38.55
C ASN F 5 -34.99 35.78 -37.69
N ILE F 6 -35.42 35.93 -36.42
CA ILE F 6 -35.48 34.80 -35.48
C ILE F 6 -36.75 33.99 -35.73
N THR F 7 -36.59 32.67 -35.78
CA THR F 7 -37.71 31.79 -36.02
C THR F 7 -37.68 30.62 -35.05
N THR F 8 -38.86 30.06 -34.78
CA THR F 8 -38.98 28.89 -33.93
C THR F 8 -39.41 27.72 -34.80
N GLU F 9 -38.64 26.64 -34.79
CA GLU F 9 -38.95 25.45 -35.60
CA GLU F 9 -38.95 25.45 -35.60
C GLU F 9 -38.76 24.17 -34.82
N ASN F 10 -39.58 23.16 -35.12
CA ASN F 10 -39.49 21.87 -34.48
C ASN F 10 -38.89 20.85 -35.45
N ILE F 11 -37.66 20.43 -35.17
CA ILE F 11 -36.96 19.50 -36.03
C ILE F 11 -37.25 18.06 -35.65
N PRO F 12 -37.69 17.24 -36.63
CA PRO F 12 -37.96 15.83 -36.39
C PRO F 12 -36.68 15.06 -36.04
N VAL F 13 -36.75 14.26 -34.98
CA VAL F 13 -35.60 13.47 -34.56
C VAL F 13 -36.02 12.09 -34.11
N SER F 14 -35.26 11.08 -34.53
CA SER F 14 -35.49 9.71 -34.10
C SER F 14 -34.85 9.49 -32.74
N GLU F 15 -34.91 8.26 -32.24
CA GLU F 15 -34.37 7.94 -30.91
C GLU F 15 -32.83 8.16 -30.85
N TYR F 16 -32.39 8.96 -29.88
CA TYR F 16 -30.96 9.24 -29.68
C TYR F 16 -30.59 9.20 -28.18
N ASP F 17 -29.35 8.76 -27.90
CA ASP F 17 -28.84 8.72 -26.52
C ASP F 17 -27.46 9.42 -26.42
N CYS F 18 -26.99 9.96 -27.54
CA CYS F 18 -25.74 10.71 -27.59
C CYS F 18 -26.01 12.09 -28.12
N LEU F 19 -25.29 13.07 -27.60
CA LEU F 19 -25.47 14.45 -28.00
C LEU F 19 -24.11 15.08 -28.35
N GLU F 20 -23.97 15.55 -29.59
CA GLU F 20 -22.73 16.23 -30.03
C GLU F 20 -23.02 17.65 -30.49
N LEU F 21 -22.46 18.63 -29.77
CA LEU F 21 -22.75 20.04 -30.02
C LEU F 21 -21.50 20.85 -30.40
N GLU F 22 -21.53 21.43 -31.59
CA GLU F 22 -20.44 22.27 -32.07
C GLU F 22 -21.04 23.51 -32.68
N GLY F 23 -20.91 24.63 -31.99
CA GLY F 23 -21.54 25.84 -32.51
C GLY F 23 -21.09 27.11 -31.88
N GLY F 24 -21.80 28.18 -32.20
CA GLY F 24 -21.47 29.50 -31.70
C GLY F 24 -22.61 30.13 -30.93
N GLY F 25 -22.41 30.30 -29.63
CA GLY F 25 -23.41 30.91 -28.76
C GLY F 25 -24.61 30.03 -28.54
N VAL F 27 -27.11 27.80 -26.85
CA VAL F 27 -27.59 27.48 -25.50
C VAL F 27 -28.55 26.31 -25.61
N VAL F 28 -28.27 25.24 -24.87
CA VAL F 28 -29.06 24.01 -24.93
C VAL F 28 -29.76 23.71 -23.60
N ASN F 29 -31.08 23.50 -23.65
CA ASN F 29 -31.86 23.15 -22.50
C ASN F 29 -32.41 21.72 -22.66
N TYR F 30 -31.68 20.75 -22.11
CA TYR F 30 -32.05 19.32 -22.25
C TYR F 30 -32.74 18.74 -20.99
N THR F 31 -33.75 17.89 -21.22
CA THR F 31 -34.46 17.23 -20.14
C THR F 31 -34.64 15.75 -20.49
N GLN F 32 -34.49 14.87 -19.50
CA GLN F 32 -34.71 13.43 -19.72
C GLN F 32 -36.12 13.07 -19.27
N SER F 33 -36.90 12.48 -20.20
CA SER F 33 -38.28 12.08 -19.91
C SER F 33 -38.66 10.82 -20.67
N ASP F 34 -39.74 10.18 -20.22
CA ASP F 34 -40.24 8.97 -20.86
C ASP F 34 -40.91 9.31 -22.21
N ALA F 35 -41.33 10.57 -22.37
CA ALA F 35 -42.00 11.02 -23.61
C ALA F 35 -41.10 10.82 -24.84
N PRO F 36 -41.71 10.83 -26.04
CA PRO F 36 -40.95 10.67 -27.28
C PRO F 36 -39.89 11.75 -27.48
N GLU F 37 -38.78 11.40 -28.13
CA GLU F 37 -37.68 12.35 -28.36
C GLU F 37 -38.17 13.61 -29.08
N GLY F 38 -37.82 14.78 -28.53
CA GLY F 38 -38.23 16.06 -29.11
C GLY F 38 -37.07 17.06 -29.22
N LEU F 39 -37.10 17.90 -30.25
CA LEU F 39 -36.06 18.91 -30.48
C LEU F 39 -36.66 20.19 -31.07
N GLU F 40 -36.44 21.31 -30.38
CA GLU F 40 -36.93 22.61 -30.84
C GLU F 40 -35.79 23.62 -30.88
N ILE F 41 -35.63 24.29 -32.02
CA ILE F 41 -34.59 25.29 -32.21
C ILE F 41 -35.18 26.68 -32.44
N LYS F 42 -34.53 27.69 -31.88
CA LYS F 42 -34.95 29.07 -32.06
C LYS F 42 -33.72 29.91 -32.39
N THR F 43 -33.57 30.26 -33.68
CA THR F 43 -32.38 31.02 -34.12
C THR F 43 -32.62 31.79 -35.45
N ASP F 44 -31.55 32.35 -36.02
CA ASP F 44 -31.63 33.12 -37.29
C ASP F 44 -31.88 32.22 -38.45
N ARG F 45 -32.20 32.81 -39.60
CA ARG F 45 -32.39 32.07 -40.83
C ARG F 45 -31.04 31.55 -41.31
N ASN F 46 -30.00 32.36 -41.12
CA ASN F 46 -28.64 31.98 -41.52
C ASN F 46 -28.23 30.66 -40.87
N ILE F 47 -28.56 30.51 -39.60
CA ILE F 47 -28.23 29.31 -38.85
C ILE F 47 -29.02 28.08 -39.36
N PHE F 48 -30.32 28.27 -39.63
CA PHE F 48 -31.16 27.16 -40.15
C PHE F 48 -30.68 26.67 -41.52
N GLU F 49 -30.00 27.55 -42.26
CA GLU F 49 -29.50 27.22 -43.60
C GLU F 49 -28.10 26.55 -43.54
N LYS F 50 -27.27 26.97 -42.58
CA LYS F 50 -25.86 26.49 -42.51
C LYS F 50 -25.64 25.35 -41.50
N TYR F 51 -26.58 25.18 -40.57
CA TYR F 51 -26.48 24.09 -39.58
C TYR F 51 -27.30 22.90 -39.96
N GLU F 52 -26.94 21.76 -39.41
CA GLU F 52 -27.69 20.52 -39.62
C GLU F 52 -28.02 19.93 -38.27
N PHE F 53 -29.18 19.29 -38.18
CA PHE F 53 -29.64 18.72 -36.93
C PHE F 53 -30.10 17.28 -37.17
N ASN F 54 -29.15 16.42 -37.56
CA ASN F 54 -29.46 15.04 -37.91
C ASN F 54 -29.10 14.05 -36.82
N VAL F 55 -29.80 12.92 -36.81
CA VAL F 55 -29.54 11.84 -35.88
C VAL F 55 -28.94 10.66 -36.63
N GLU F 56 -27.68 10.35 -36.36
CA GLU F 56 -27.00 9.22 -37.00
C GLU F 56 -26.44 8.28 -35.94
N ASN F 57 -26.76 7.00 -36.05
CA ASN F 57 -26.30 6.00 -35.08
C ASN F 57 -26.66 6.38 -33.65
N HIS F 58 -27.89 6.85 -33.46
CA HIS F 58 -28.39 7.24 -32.14
C HIS F 58 -27.66 8.48 -31.57
N LYS F 59 -26.99 9.24 -32.44
CA LYS F 59 -26.29 10.46 -32.02
C LYS F 59 -26.89 11.69 -32.68
N LEU F 60 -27.46 12.57 -31.86
CA LEU F 60 -27.99 13.84 -32.36
C LEU F 60 -26.85 14.84 -32.51
N LYS F 61 -26.47 15.12 -33.76
CA LYS F 61 -25.36 16.01 -34.03
C LYS F 61 -25.83 17.36 -34.53
N ILE F 62 -25.64 18.39 -33.70
CA ILE F 62 -25.97 19.75 -34.08
C ILE F 62 -24.67 20.46 -34.39
N ARG F 63 -24.39 20.61 -35.68
CA ARG F 63 -23.13 21.18 -36.12
C ARG F 63 -23.30 21.83 -37.49
N PRO F 64 -22.36 22.69 -37.88
CA PRO F 64 -22.43 23.29 -39.20
C PRO F 64 -22.34 22.23 -40.31
N LYS F 65 -23.11 22.39 -41.37
CA LYS F 65 -23.03 21.48 -42.51
C LYS F 65 -21.57 21.46 -43.03
N LYS F 66 -21.21 20.39 -43.72
CA LYS F 66 -19.87 20.25 -44.27
C LYS F 66 -19.54 21.39 -45.25
N GLU F 67 -20.49 21.75 -46.12
CA GLU F 67 -20.25 22.80 -47.13
C GLU F 67 -20.33 24.24 -46.56
N PHE F 68 -20.43 24.36 -45.23
CA PHE F 68 -20.42 25.68 -44.57
C PHE F 68 -19.41 25.71 -43.42
N ARG F 69 -18.36 24.89 -43.56
CA ARG F 69 -17.26 24.85 -42.58
C ARG F 69 -16.34 26.08 -42.74
N LYS F 70 -16.08 26.46 -44.02
CA LYS F 70 -15.23 27.62 -44.32
C LYS F 70 -15.86 28.88 -43.76
N HIS F 71 -17.10 29.14 -44.16
CA HIS F 71 -17.85 30.30 -43.66
C HIS F 71 -18.26 30.07 -42.20
N THR F 72 -17.25 30.04 -41.30
CA THR F 72 -17.50 29.80 -39.88
C THR F 72 -17.52 31.11 -39.08
N ASN F 73 -18.01 32.18 -39.70
CA ASN F 73 -18.07 33.48 -39.05
C ASN F 73 -19.50 33.99 -38.90
N PHE F 74 -20.21 33.46 -37.92
CA PHE F 74 -21.59 33.88 -37.64
C PHE F 74 -21.86 34.01 -36.15
N ARG F 75 -22.26 35.22 -35.74
CA ARG F 75 -22.61 35.50 -34.35
C ARG F 75 -24.11 35.79 -34.27
N PRO F 76 -24.95 34.72 -34.30
CA PRO F 76 -26.41 34.86 -34.29
C PRO F 76 -26.97 35.53 -33.04
N THR F 77 -27.96 36.40 -33.23
CA THR F 77 -28.58 37.13 -32.11
C THR F 77 -29.06 36.17 -31.03
N GLU F 78 -29.38 34.94 -31.43
CA GLU F 78 -29.84 33.93 -30.50
C GLU F 78 -29.77 32.54 -31.14
N PHE F 79 -29.53 31.53 -30.31
CA PHE F 79 -29.43 30.16 -30.76
C PHE F 79 -29.84 29.23 -29.62
N VAL F 81 -31.60 26.01 -28.02
CA VAL F 81 -31.98 24.66 -28.36
C VAL F 81 -32.65 23.99 -27.17
N THR F 82 -33.87 23.51 -27.39
CA THR F 82 -34.60 22.79 -26.36
C THR F 82 -34.80 21.36 -26.83
N ALA F 83 -34.20 20.41 -26.11
CA ALA F 83 -34.27 19.00 -26.50
C ALA F 83 -34.70 18.11 -25.35
N ASN F 84 -34.98 16.86 -25.69
CA ASN F 84 -35.34 15.86 -24.71
C ASN F 84 -35.23 14.47 -25.29
N SER F 85 -34.79 13.52 -24.48
CA SER F 85 -34.69 12.13 -24.91
C SER F 85 -35.02 11.19 -23.78
N ARG F 86 -35.23 9.93 -24.12
CA ARG F 86 -35.56 8.93 -23.15
C ARG F 86 -34.32 8.56 -22.33
N ASN F 87 -33.17 8.53 -23.00
CA ASN F 87 -31.90 8.19 -22.37
C ASN F 87 -30.76 9.08 -22.89
N LEU F 88 -29.69 9.21 -22.09
CA LEU F 88 -28.52 10.02 -22.47
C LEU F 88 -27.27 9.45 -21.78
N LYS F 89 -26.30 9.00 -22.57
CA LYS F 89 -25.08 8.39 -22.03
C LYS F 89 -23.80 9.12 -22.47
N LYS F 90 -23.93 10.03 -23.43
CA LYS F 90 -22.78 10.70 -23.99
C LYS F 90 -23.10 12.13 -24.34
N LEU F 91 -22.21 13.03 -23.97
CA LEU F 91 -22.39 14.45 -24.25
C LEU F 91 -21.04 15.04 -24.66
N ALA F 92 -21.01 15.68 -25.82
CA ALA F 92 -19.80 16.31 -26.35
C ALA F 92 -20.09 17.71 -26.85
N ALA F 93 -19.41 18.70 -26.27
CA ALA F 93 -19.58 20.10 -26.65
C ALA F 93 -18.26 20.68 -27.08
N ALA F 94 -18.28 21.47 -28.16
CA ALA F 94 -17.07 22.08 -28.68
C ALA F 94 -17.34 23.54 -29.04
N GLY F 95 -16.48 24.44 -28.55
CA GLY F 95 -16.61 25.86 -28.84
C GLY F 95 -17.57 26.59 -27.92
N SER F 96 -18.17 27.67 -28.42
CA SER F 96 -19.09 28.48 -27.63
C SER F 96 -20.41 27.80 -27.49
N THR F 97 -20.59 27.10 -26.39
CA THR F 97 -21.79 26.37 -26.15
C THR F 97 -22.07 26.32 -24.68
N HIS F 98 -23.34 26.38 -24.33
CA HIS F 98 -23.77 26.30 -22.94
C HIS F 98 -24.84 25.25 -22.88
N VAL F 99 -24.57 24.18 -22.15
CA VAL F 99 -25.51 23.06 -22.06
C VAL F 99 -26.08 22.91 -20.66
N ASN F 100 -27.40 23.05 -20.55
CA ASN F 100 -28.09 22.93 -19.28
C ASN F 100 -28.96 21.67 -19.22
N ILE F 101 -28.63 20.77 -18.28
CA ILE F 101 -29.48 19.60 -18.03
C ILE F 101 -30.45 20.02 -16.93
N ASN F 102 -31.66 20.39 -17.32
CA ASN F 102 -32.63 20.96 -16.39
C ASN F 102 -33.50 19.92 -15.64
N SER F 103 -33.29 18.64 -15.94
CA SER F 103 -34.07 17.58 -15.31
C SER F 103 -33.17 16.60 -14.60
N PRO F 104 -33.77 15.70 -13.80
CA PRO F 104 -32.96 14.65 -13.21
C PRO F 104 -32.39 13.77 -14.30
N LEU F 105 -31.12 13.42 -14.17
CA LEU F 105 -30.44 12.62 -15.18
C LEU F 105 -30.08 11.28 -14.61
N GLN F 106 -30.10 10.25 -15.44
CA GLN F 106 -29.77 8.90 -14.98
C GLN F 106 -29.29 8.03 -16.15
N ALA F 107 -28.22 7.26 -15.90
CA ALA F 107 -27.65 6.36 -16.92
C ALA F 107 -26.55 5.48 -16.29
N GLU F 108 -26.43 4.24 -16.75
CA GLU F 108 -25.44 3.31 -16.19
C GLU F 108 -24.02 3.82 -16.40
N GLU F 109 -23.76 4.39 -17.58
CA GLU F 109 -22.45 4.96 -17.89
C GLU F 109 -22.64 6.26 -18.64
N PHE F 110 -21.95 7.30 -18.20
CA PHE F 110 -22.07 8.60 -18.84
C PHE F 110 -20.72 9.21 -19.14
N GLU F 111 -20.62 9.83 -20.32
CA GLU F 111 -19.38 10.47 -20.76
CA GLU F 111 -19.38 10.47 -20.75
C GLU F 111 -19.65 11.91 -21.18
N ALA F 112 -19.17 12.86 -20.38
CA ALA F 112 -19.30 14.28 -20.69
C ALA F 112 -17.98 14.77 -21.26
N GLY F 113 -18.04 15.45 -22.40
CA GLY F 113 -16.83 15.94 -23.08
C GLY F 113 -16.95 17.40 -23.49
N LEU F 114 -15.94 18.19 -23.12
CA LEU F 114 -15.96 19.61 -23.37
C LEU F 114 -14.66 20.06 -23.99
N ALA F 115 -14.74 20.69 -25.15
CA ALA F 115 -13.56 21.22 -25.82
C ALA F 115 -13.75 22.72 -26.07
N GLY F 116 -12.91 23.53 -25.46
CA GLY F 116 -13.02 24.97 -25.59
C GLY F 116 -13.43 25.63 -24.29
N SER F 117 -14.13 26.75 -24.40
CA SER F 117 -14.48 27.53 -23.23
C SER F 117 -16.00 27.51 -22.93
N GLY F 118 -16.67 26.44 -23.33
CA GLY F 118 -18.11 26.29 -23.08
C GLY F 118 -18.41 25.89 -21.63
N ILE F 119 -19.69 25.63 -21.35
CA ILE F 119 -20.12 25.26 -20.00
C ILE F 119 -21.11 24.10 -20.06
N ILE F 120 -21.02 23.22 -19.06
CA ILE F 120 -21.98 22.11 -18.91
C ILE F 120 -22.39 21.99 -17.44
N GLN F 121 -23.69 22.18 -17.16
CA GLN F 121 -24.16 22.03 -15.79
CA GLN F 121 -24.19 22.09 -15.78
C GLN F 121 -25.31 21.06 -15.68
N PHE F 122 -25.25 20.24 -14.62
CA PHE F 122 -26.33 19.34 -14.29
C PHE F 122 -27.06 20.03 -13.16
N HIS F 123 -28.14 20.74 -13.49
CA HIS F 123 -28.86 21.56 -12.51
C HIS F 123 -29.61 20.73 -11.45
N ASP F 124 -29.84 19.46 -11.73
CA ASP F 124 -30.57 18.59 -10.82
C ASP F 124 -29.80 17.28 -10.64
N THR F 125 -30.36 16.35 -9.88
CA THR F 125 -29.71 15.08 -9.59
C THR F 125 -29.17 14.38 -10.85
N ALA F 126 -27.99 13.77 -10.70
CA ALA F 126 -27.37 13.02 -11.80
C ALA F 126 -26.78 11.75 -11.22
N SER F 127 -27.39 10.60 -11.51
CA SER F 127 -26.97 9.32 -10.94
C SER F 127 -26.42 8.37 -11.99
N PHE F 128 -25.23 7.85 -11.75
CA PHE F 128 -24.59 6.93 -12.68
C PHE F 128 -23.83 5.87 -11.93
N THR F 129 -23.38 4.85 -12.66
CA THR F 129 -22.48 3.87 -12.09
C THR F 129 -21.04 4.33 -12.39
N ASN F 130 -20.80 4.68 -13.66
CA ASN F 130 -19.48 5.20 -14.09
C ASN F 130 -19.64 6.53 -14.82
N LEU F 131 -19.07 7.59 -14.23
CA LEU F 131 -19.12 8.93 -14.84
C LEU F 131 -17.74 9.36 -15.33
N LYS F 132 -17.67 9.81 -16.58
CA LYS F 132 -16.41 10.28 -17.16
C LYS F 132 -16.55 11.72 -17.61
N ILE F 133 -15.61 12.57 -17.16
CA ILE F 133 -15.61 13.98 -17.52
C ILE F 133 -14.28 14.36 -18.17
N GLU F 134 -14.33 14.76 -19.46
CA GLU F 134 -13.13 15.19 -20.19
C GLU F 134 -13.25 16.67 -20.58
N ILE F 135 -12.31 17.48 -20.10
CA ILE F 135 -12.30 18.90 -20.44
C ILE F 135 -10.95 19.29 -21.00
N ALA F 136 -10.96 19.83 -22.21
CA ALA F 136 -9.75 20.35 -22.83
C ALA F 136 -9.98 21.81 -23.14
N GLY F 137 -9.31 22.68 -22.39
CA GLY F 137 -9.47 24.13 -22.57
C GLY F 137 -9.80 24.84 -21.26
N SER F 138 -10.57 25.92 -21.36
CA SER F 138 -10.88 26.74 -20.18
C SER F 138 -12.36 26.62 -19.77
N GLY F 139 -13.06 25.62 -20.30
CA GLY F 139 -14.47 25.42 -20.01
C GLY F 139 -14.76 25.06 -18.57
N ASP F 140 -16.05 24.91 -18.26
CA ASP F 140 -16.49 24.62 -16.90
C ASP F 140 -17.49 23.48 -16.87
N PHE F 141 -17.50 22.74 -15.77
CA PHE F 141 -18.50 21.70 -15.53
C PHE F 141 -19.02 21.83 -14.09
N VAL F 142 -20.33 22.03 -13.95
CA VAL F 142 -20.94 22.17 -12.61
C VAL F 142 -21.97 21.09 -12.37
N GLY F 143 -21.85 20.40 -11.24
CA GLY F 143 -22.78 19.34 -10.85
C GLY F 143 -22.82 19.21 -9.33
N HIS F 144 -23.69 20.00 -8.70
CA HIS F 144 -23.77 20.04 -7.21
C HIS F 144 -24.44 18.82 -6.60
N LYS F 145 -25.13 18.04 -7.43
CA LYS F 145 -25.82 16.83 -6.93
C LYS F 145 -25.55 15.63 -7.84
N VAL F 146 -24.32 15.12 -7.76
CA VAL F 146 -23.90 13.99 -8.59
C VAL F 146 -23.65 12.75 -7.73
N TYR F 147 -24.17 11.61 -8.18
CA TYR F 147 -24.03 10.36 -7.44
C TYR F 147 -23.62 9.24 -8.36
N CYS F 148 -22.42 8.73 -8.17
CA CYS F 148 -21.91 7.63 -8.98
C CYS F 148 -20.94 6.78 -8.18
N GLU F 149 -20.62 5.61 -8.71
CA GLU F 149 -19.70 4.69 -8.03
C GLU F 149 -18.24 5.00 -8.42
N GLU F 150 -18.04 5.41 -9.67
CA GLU F 150 -16.70 5.76 -10.18
C GLU F 150 -16.75 7.05 -10.99
N LEU F 151 -15.89 8.01 -10.63
CA LEU F 151 -15.79 9.27 -11.36
C LEU F 151 -14.36 9.41 -11.88
N ASN F 152 -14.24 9.61 -13.19
CA ASN F 152 -12.93 9.78 -13.80
C ASN F 152 -12.85 11.09 -14.55
N GLY F 153 -12.12 12.05 -13.97
CA GLY F 153 -11.97 13.37 -14.57
C GLY F 153 -10.61 13.55 -15.23
N ASP F 154 -10.62 13.96 -16.51
CA ASP F 154 -9.40 14.19 -17.28
C ASP F 154 -9.38 15.65 -17.74
N ALA F 156 -7.27 19.24 -18.99
CA ALA F 156 -6.11 19.87 -19.62
C ALA F 156 -6.41 21.33 -19.86
N GLY F 157 -5.74 22.19 -19.12
CA GLY F 157 -5.96 23.64 -19.26
C GLY F 157 -6.54 24.27 -18.01
N SER F 158 -6.99 25.53 -18.15
CA SER F 158 -7.51 26.31 -17.03
C SER F 158 -9.00 26.17 -16.89
N ASN F 159 -9.46 24.95 -16.68
CA ASN F 159 -10.86 24.67 -16.56
C ASN F 159 -11.25 24.42 -15.13
N THR F 160 -12.55 24.30 -14.88
CA THR F 160 -13.05 24.09 -13.54
C THR F 160 -14.11 22.99 -13.48
N ILE F 161 -13.99 22.13 -12.48
CA ILE F 161 -15.00 21.12 -12.21
C ILE F 161 -15.51 21.31 -10.80
N VAL F 162 -16.75 21.76 -10.68
CA VAL F 162 -17.38 21.92 -9.38
C VAL F 162 -18.30 20.75 -9.15
N LEU F 163 -18.13 20.07 -8.03
CA LEU F 163 -18.89 18.85 -7.73
C LEU F 163 -19.54 18.86 -6.36
N GLY F 164 -20.69 18.23 -6.29
CA GLY F 164 -21.39 18.00 -5.04
C GLY F 164 -22.07 16.64 -5.12
N GLY F 165 -22.23 15.99 -3.99
CA GLY F 165 -22.90 14.69 -3.95
C GLY F 165 -22.09 13.59 -3.30
N THR F 166 -22.02 12.44 -3.95
CA THR F 166 -21.33 11.28 -3.40
C THR F 166 -20.64 10.47 -4.51
N VAL F 167 -19.37 10.11 -4.28
CA VAL F 167 -18.61 9.29 -5.24
C VAL F 167 -17.89 8.16 -4.51
N GLY F 168 -17.91 6.98 -5.11
CA GLY F 168 -17.19 5.83 -4.56
C GLY F 168 -15.71 5.95 -4.82
N ILE F 169 -15.33 5.89 -6.09
CA ILE F 169 -13.93 5.99 -6.47
C ILE F 169 -13.73 7.13 -7.48
N ALA F 170 -13.08 8.20 -7.02
CA ALA F 170 -12.83 9.39 -7.87
C ALA F 170 -11.38 9.40 -8.34
N GLU F 171 -11.19 9.60 -9.64
CA GLU F 171 -9.86 9.73 -10.22
C GLU F 171 -9.78 10.99 -11.08
N PHE F 172 -8.81 11.85 -10.78
CA PHE F 172 -8.61 13.05 -11.53
C PHE F 172 -7.21 13.13 -12.10
N SER F 173 -7.12 13.64 -13.32
CA SER F 173 -5.85 13.83 -13.98
C SER F 173 -5.82 15.29 -14.49
N ILE F 174 -4.96 16.12 -13.90
CA ILE F 174 -4.91 17.53 -14.24
C ILE F 174 -3.60 17.92 -14.91
N ALA F 175 -3.71 18.48 -16.10
CA ALA F 175 -2.56 18.98 -16.82
C ALA F 175 -2.70 20.50 -16.95
N GLY F 176 -1.97 21.23 -16.12
CA GLY F 176 -2.05 22.68 -16.11
C GLY F 176 -2.68 23.22 -14.84
N SER F 177 -3.44 24.31 -14.98
CA SER F 177 -4.02 25.01 -13.82
C SER F 177 -5.51 24.74 -13.67
N GLY F 178 -5.93 23.52 -13.93
CA GLY F 178 -7.31 23.13 -13.76
C GLY F 178 -7.70 23.16 -12.29
N THR F 179 -8.95 23.44 -12.03
CA THR F 179 -9.44 23.52 -10.67
C THR F 179 -10.61 22.58 -10.43
N VAL F 180 -10.56 21.86 -9.31
CA VAL F 180 -11.65 20.99 -8.89
C VAL F 180 -12.16 21.43 -7.52
N ARG F 181 -13.36 21.98 -7.51
CA ARG F 181 -14.01 22.42 -6.25
C ARG F 181 -15.02 21.37 -5.82
N ALA F 182 -14.60 20.44 -4.95
CA ALA F 182 -15.47 19.34 -4.55
C ALA F 182 -15.48 19.08 -3.03
N PHE F 183 -15.42 20.13 -2.22
CA PHE F 183 -15.51 19.96 -0.76
C PHE F 183 -16.87 19.40 -0.38
N ASP F 184 -17.89 19.69 -1.20
CA ASP F 184 -19.26 19.23 -0.95
C ASP F 184 -19.56 17.88 -1.63
N CYS F 185 -18.53 17.22 -2.13
CA CYS F 185 -18.67 15.88 -2.74
C CYS F 185 -17.93 14.88 -1.88
N THR F 186 -18.67 13.91 -1.32
CA THR F 186 -18.10 12.91 -0.43
C THR F 186 -17.52 11.74 -1.21
N ASP F 188 -15.22 8.31 -1.24
CA ASP F 188 -14.63 7.24 -0.41
C ASP F 188 -13.13 7.12 -0.68
N GLU F 189 -12.75 7.21 -1.95
CA GLU F 189 -11.36 7.15 -2.35
C GLU F 189 -11.04 8.21 -3.43
N LEU F 190 -9.86 8.78 -3.35
CA LEU F 190 -9.43 9.81 -4.28
C LEU F 190 -8.02 9.50 -4.80
N GLU F 191 -7.88 9.47 -6.12
CA GLU F 191 -6.61 9.25 -6.76
C GLU F 191 -6.43 10.35 -7.80
N CYS F 192 -5.39 11.15 -7.66
CA CYS F 192 -5.19 12.25 -8.55
C CYS F 192 -3.73 12.50 -8.90
N LYS F 193 -3.54 13.08 -10.09
CA LYS F 193 -2.25 13.36 -10.64
C LYS F 193 -2.29 14.80 -11.15
N ILE F 194 -1.41 15.66 -10.65
CA ILE F 194 -1.39 17.05 -11.10
C ILE F 194 -0.08 17.40 -11.77
N ALA F 195 -0.14 17.73 -13.05
CA ALA F 195 1.04 18.21 -13.78
C ALA F 195 0.84 19.71 -14.04
N GLY F 196 1.39 20.54 -13.16
CA GLY F 196 1.24 21.99 -13.26
C GLY F 196 0.87 22.63 -11.91
N SER F 197 0.11 23.73 -11.97
CA SER F 197 -0.30 24.45 -10.78
C SER F 197 -1.79 24.22 -10.48
N GLY F 198 -2.33 23.11 -10.99
CA GLY F 198 -3.73 22.74 -10.75
C GLY F 198 -4.07 22.67 -9.26
N ASP F 199 -5.36 22.67 -8.97
CA ASP F 199 -5.84 22.78 -7.60
C ASP F 199 -7.03 21.85 -7.36
N ILE F 200 -6.93 21.00 -6.34
CA ILE F 200 -7.98 20.06 -6.02
C ILE F 200 -8.47 20.20 -4.56
N GLU F 201 -9.79 20.34 -4.41
CA GLU F 201 -10.44 20.40 -3.08
C GLU F 201 -11.50 19.32 -3.02
N ALA F 202 -11.44 18.48 -2.00
CA ALA F 202 -12.34 17.33 -1.90
C ALA F 202 -12.50 16.82 -0.48
N PHE F 203 -13.60 16.10 -0.24
CA PHE F 203 -13.81 15.44 1.04
C PHE F 203 -13.57 13.93 0.84
N VAL F 204 -12.48 13.43 1.43
CA VAL F 204 -12.10 12.03 1.27
C VAL F 204 -12.38 11.28 2.55
N VAL F 205 -13.03 10.11 2.41
CA VAL F 205 -13.44 9.32 3.59
C VAL F 205 -12.39 8.29 4.02
N ASN F 206 -11.89 7.51 3.07
CA ASN F 206 -10.99 6.37 3.41
C ASN F 206 -9.56 6.48 2.89
N LYS F 207 -9.41 6.74 1.59
CA LYS F 207 -8.11 6.65 0.95
C LYS F 207 -7.82 7.81 0.00
N ILE F 208 -6.57 8.25 -0.01
CA ILE F 208 -6.15 9.29 -0.93
C ILE F 208 -4.72 9.02 -1.42
N LYS F 209 -4.57 9.03 -2.75
CA LYS F 209 -3.27 8.91 -3.38
C LYS F 209 -3.12 10.13 -4.29
N ALA F 210 -2.04 10.88 -4.10
CA ALA F 210 -1.86 12.11 -4.82
C ALA F 210 -0.43 12.34 -5.25
N GLU F 211 -0.27 12.74 -6.51
CA GLU F 211 1.05 13.02 -7.07
C GLU F 211 1.05 14.39 -7.76
N ILE F 212 2.03 15.22 -7.42
CA ILE F 212 2.12 16.55 -7.99
C ILE F 212 3.46 16.80 -8.64
N ALA F 213 3.41 17.18 -9.90
CA ALA F 213 4.57 17.61 -10.62
C ALA F 213 4.38 19.11 -10.88
N GLY F 214 4.94 19.94 -10.01
CA GLY F 214 4.79 21.40 -10.12
C GLY F 214 4.40 22.07 -8.79
N SER F 215 3.71 23.20 -8.88
CA SER F 215 3.34 23.99 -7.70
C SER F 215 1.88 23.86 -7.34
N GLY F 216 1.20 22.88 -7.92
CA GLY F 216 -0.22 22.63 -7.64
C GLY F 216 -0.45 22.14 -6.21
N SER F 217 -1.71 22.07 -5.80
CA SER F 217 -2.04 21.64 -4.44
C SER F 217 -3.25 20.77 -4.38
N VAL F 218 -3.33 19.97 -3.31
CA VAL F 218 -4.46 19.13 -3.03
C VAL F 218 -4.89 19.35 -1.59
N LYS F 219 -6.12 19.79 -1.39
CA LYS F 219 -6.65 20.00 -0.05
C LYS F 219 -7.80 19.05 0.18
N TYR F 220 -7.73 18.28 1.26
CA TYR F 220 -8.78 17.33 1.55
C TYR F 220 -9.33 17.45 2.95
N LYS F 221 -10.66 17.42 3.05
CA LYS F 221 -11.34 17.31 4.33
C LYS F 221 -11.62 15.83 4.55
N GLY F 222 -12.03 15.48 5.76
CA GLY F 222 -12.27 14.08 6.10
C GLY F 222 -11.06 13.51 6.84
N ASP F 223 -11.18 12.25 7.27
CA ASP F 223 -10.11 11.59 8.02
CA ASP F 223 -10.11 11.60 8.03
C ASP F 223 -9.72 10.26 7.38
N PRO F 224 -9.10 10.33 6.20
CA PRO F 224 -8.68 9.10 5.51
C PRO F 224 -7.67 8.30 6.31
N GLN F 225 -7.80 6.97 6.29
CA GLN F 225 -6.92 6.09 7.04
C GLN F 225 -5.66 5.72 6.22
N ASP F 226 -5.72 5.97 4.93
CA ASP F 226 -4.60 5.65 4.02
C ASP F 226 -4.28 6.88 3.17
N ILE F 227 -3.04 7.35 3.28
CA ILE F 227 -2.61 8.55 2.58
C ILE F 227 -1.23 8.38 1.95
N GLN F 228 -1.18 8.55 0.63
CA GLN F 228 0.06 8.41 -0.11
C GLN F 228 0.33 9.69 -0.94
N LYS F 229 1.53 10.24 -0.79
CA LYS F 229 1.91 11.50 -1.46
C LYS F 229 3.16 11.36 -2.27
N LYS F 230 3.29 12.20 -3.29
CA LYS F 230 4.49 12.25 -4.11
C LYS F 230 4.54 13.61 -4.78
N VAL F 231 5.56 14.40 -4.45
CA VAL F 231 5.66 15.74 -4.99
C VAL F 231 7.05 16.09 -5.52
N GLY F 233 8.53 19.36 -6.92
CA GLY F 233 8.22 20.75 -7.07
C GLY F 233 7.89 21.35 -5.74
N SER F 234 7.19 22.48 -5.76
CA SER F 234 6.87 23.19 -4.54
C SER F 234 5.45 22.96 -4.10
N GLY F 235 4.75 22.06 -4.81
CA GLY F 235 3.35 21.76 -4.49
C GLY F 235 3.17 21.15 -3.10
N LYS F 236 1.93 21.02 -2.66
CA LYS F 236 1.63 20.46 -1.34
C LYS F 236 0.31 19.68 -1.34
N ILE F 237 0.24 18.69 -0.45
CA ILE F 237 -0.95 17.88 -0.26
C ILE F 237 -1.28 17.90 1.24
N GLU F 238 -2.30 18.67 1.60
CA GLU F 238 -2.64 18.90 3.02
C GLU F 238 -4.02 18.42 3.41
N LYS F 239 -4.19 18.20 4.72
CA LYS F 239 -5.47 17.89 5.30
C LYS F 239 -6.04 19.19 5.87
N VAL F 240 -7.26 19.53 5.47
CA VAL F 240 -7.92 20.73 5.95
C VAL F 240 -9.06 20.36 6.85
N GLU F 241 -9.28 21.14 7.90
CA GLU F 241 -10.35 20.84 8.85
C GLU F 241 -11.67 21.49 8.40
N GLY G 1 -18.14 9.35 10.54
CA GLY G 1 -18.01 10.60 11.36
C GLY G 1 -19.33 11.03 11.95
N GLY G 2 -19.44 10.95 13.28
CA GLY G 2 -20.67 11.34 13.98
C GLY G 2 -21.34 12.54 13.36
N ASP G 3 -22.55 12.35 12.83
CA ASP G 3 -23.28 13.43 12.16
C ASP G 3 -24.10 14.29 13.14
N GLY G 4 -24.09 13.92 14.42
CA GLY G 4 -24.79 14.68 15.45
C GLY G 4 -26.27 14.39 15.52
N ASN G 5 -26.77 13.54 14.62
CA ASN G 5 -28.19 13.18 14.59
C ASN G 5 -28.46 12.01 15.56
N ILE G 6 -28.56 12.32 16.86
CA ILE G 6 -28.77 11.31 17.89
C ILE G 6 -30.15 10.67 17.80
N THR G 7 -30.16 9.35 17.62
CA THR G 7 -31.39 8.59 17.53
C THR G 7 -31.43 7.53 18.64
N THR G 8 -32.57 7.41 19.30
CA THR G 8 -32.73 6.43 20.37
C THR G 8 -33.54 5.23 19.84
N GLU G 9 -32.87 4.07 19.72
CA GLU G 9 -33.48 2.88 19.12
C GLU G 9 -33.60 1.72 20.12
N ASN G 10 -34.80 1.15 20.21
CA ASN G 10 -35.04 -0.02 21.03
C ASN G 10 -34.80 -1.27 20.18
N ILE G 11 -33.75 -2.01 20.49
CA ILE G 11 -33.38 -3.19 19.69
C ILE G 11 -33.97 -4.46 20.25
N PRO G 12 -34.69 -5.21 19.40
CA PRO G 12 -35.23 -6.49 19.83
C PRO G 12 -34.11 -7.47 20.14
N VAL G 13 -34.15 -8.05 21.33
CA VAL G 13 -33.14 -8.99 21.73
C VAL G 13 -33.76 -10.20 22.37
N SER G 14 -33.19 -11.37 22.09
CA SER G 14 -33.61 -12.61 22.70
C SER G 14 -32.72 -12.87 23.91
N GLU G 15 -32.99 -13.95 24.63
CA GLU G 15 -32.21 -14.27 25.84
C GLU G 15 -30.69 -14.29 25.57
N TYR G 16 -29.92 -13.69 26.49
CA TYR G 16 -28.46 -13.66 26.37
C TYR G 16 -27.80 -13.52 27.73
N ASP G 17 -26.65 -14.19 27.90
CA ASP G 17 -25.89 -14.07 29.14
C ASP G 17 -24.43 -13.62 28.88
N CYS G 18 -24.16 -13.16 27.66
CA CYS G 18 -22.84 -12.59 27.32
C CYS G 18 -23.05 -11.29 26.56
N LEU G 19 -22.33 -10.26 26.98
CA LEU G 19 -22.38 -8.98 26.33
C LEU G 19 -20.97 -8.63 25.81
N GLU G 20 -20.82 -8.60 24.47
CA GLU G 20 -19.53 -8.26 23.84
C GLU G 20 -19.66 -6.98 23.07
N LEU G 21 -18.81 -6.01 23.41
CA LEU G 21 -18.90 -4.66 22.85
C LEU G 21 -17.58 -4.23 22.19
N GLU G 22 -17.69 -3.40 21.16
CA GLU G 22 -16.51 -2.87 20.45
CA GLU G 22 -16.51 -2.86 20.44
C GLU G 22 -16.80 -1.45 19.93
N GLY G 23 -15.88 -0.52 20.15
CA GLY G 23 -16.06 0.86 19.67
C GLY G 23 -15.44 1.91 20.54
N GLY G 24 -15.76 3.17 20.25
CA GLY G 24 -15.22 4.31 21.00
C GLY G 24 -16.31 5.20 21.60
N GLY G 25 -15.99 5.85 22.71
CA GLY G 25 -16.92 6.75 23.41
C GLY G 25 -18.13 6.02 23.93
N VAL G 27 -20.54 4.36 26.47
CA VAL G 27 -20.97 4.32 27.84
C VAL G 27 -22.04 3.26 27.96
N VAL G 28 -21.75 2.21 28.74
CA VAL G 28 -22.68 1.09 28.86
C VAL G 28 -23.30 1.03 30.26
N ASN G 29 -24.62 0.92 30.31
CA ASN G 29 -25.35 0.80 31.57
C ASN G 29 -26.16 -0.48 31.59
N TYR G 30 -25.68 -1.45 32.36
CA TYR G 30 -26.32 -2.76 32.42
C TYR G 30 -26.95 -3.02 33.78
N THR G 31 -28.06 -3.78 33.78
CA THR G 31 -28.71 -4.19 35.02
C THR G 31 -29.24 -5.63 34.90
N GLN G 32 -29.11 -6.39 35.98
CA GLN G 32 -29.63 -7.74 36.02
C GLN G 32 -30.99 -7.71 36.70
N SER G 33 -32.03 -8.08 35.96
CA SER G 33 -33.40 -8.11 36.51
C SER G 33 -34.15 -9.32 36.04
N ASP G 34 -35.32 -9.55 36.62
CA ASP G 34 -36.12 -10.72 36.32
C ASP G 34 -37.08 -10.45 35.14
N ALA G 35 -36.84 -9.36 34.41
CA ALA G 35 -37.70 -8.98 33.28
C ALA G 35 -37.13 -9.49 31.95
N PRO G 36 -37.95 -9.42 30.87
CA PRO G 36 -37.49 -9.82 29.54
C PRO G 36 -36.26 -9.00 29.11
N GLU G 37 -35.34 -9.64 28.39
CA GLU G 37 -34.13 -8.96 27.94
C GLU G 37 -34.46 -7.69 27.18
N GLY G 38 -33.61 -6.70 27.32
CA GLY G 38 -33.82 -5.43 26.65
C GLY G 38 -32.52 -4.78 26.26
N LEU G 39 -32.57 -3.96 25.20
CA LEU G 39 -31.40 -3.26 24.71
C LEU G 39 -31.83 -1.93 24.08
N GLU G 40 -31.15 -0.85 24.49
CA GLU G 40 -31.42 0.47 23.93
C GLU G 40 -30.12 1.08 23.47
N ILE G 41 -30.09 1.57 22.24
CA ILE G 41 -28.91 2.19 21.67
C ILE G 41 -29.19 3.63 21.37
N LYS G 42 -28.39 4.52 21.94
CA LYS G 42 -28.53 5.95 21.70
C LYS G 42 -27.22 6.49 21.13
N THR G 43 -27.21 6.76 19.82
CA THR G 43 -26.01 7.24 19.15
C THR G 43 -26.37 7.95 17.84
N ASP G 44 -25.36 8.51 17.19
CA ASP G 44 -25.56 9.20 15.92
C ASP G 44 -26.21 8.24 14.91
N ARG G 45 -27.09 8.78 14.07
CA ARG G 45 -27.81 7.97 13.10
C ARG G 45 -26.85 7.25 12.13
N ASN G 46 -25.91 7.99 11.56
CA ASN G 46 -24.97 7.41 10.57
C ASN G 46 -24.06 6.34 11.19
N ILE G 47 -23.87 6.38 12.50
CA ILE G 47 -23.07 5.38 13.20
C ILE G 47 -23.92 4.15 13.54
N PHE G 48 -25.19 4.40 13.83
CA PHE G 48 -26.12 3.31 14.15
C PHE G 48 -26.29 2.37 12.95
N GLU G 49 -26.39 2.94 11.75
CA GLU G 49 -26.59 2.15 10.53
C GLU G 49 -25.39 1.23 10.21
N LYS G 50 -24.22 1.54 10.77
CA LYS G 50 -22.99 0.74 10.52
C LYS G 50 -22.77 -0.36 11.56
N TYR G 51 -23.59 -0.37 12.60
CA TYR G 51 -23.45 -1.35 13.69
C TYR G 51 -24.45 -2.48 13.60
N GLU G 52 -24.10 -3.62 14.19
CA GLU G 52 -25.01 -4.74 14.31
C GLU G 52 -25.16 -5.08 15.79
N PHE G 53 -26.34 -5.55 16.17
CA PHE G 53 -26.64 -5.84 17.57
C PHE G 53 -27.36 -7.16 17.68
N ASN G 54 -26.74 -8.23 17.18
CA ASN G 54 -27.40 -9.54 17.14
C ASN G 54 -27.03 -10.46 18.30
N VAL G 55 -27.96 -11.33 18.65
CA VAL G 55 -27.72 -12.33 19.65
C VAL G 55 -27.51 -13.66 18.96
N GLU G 56 -26.39 -14.30 19.28
CA GLU G 56 -26.07 -15.61 18.73
C GLU G 56 -25.65 -16.53 19.87
N ASN G 57 -26.32 -17.68 19.97
CA ASN G 57 -26.04 -18.63 21.06
C ASN G 57 -25.96 -17.91 22.41
N HIS G 58 -26.92 -17.03 22.67
CA HIS G 58 -26.99 -16.27 23.93
C HIS G 58 -25.84 -15.26 24.11
N LYS G 59 -25.15 -14.93 23.03
CA LYS G 59 -24.10 -13.92 23.07
C LYS G 59 -24.55 -12.70 22.31
N LEU G 60 -24.77 -11.62 23.02
CA LEU G 60 -25.16 -10.36 22.41
C LEU G 60 -23.91 -9.63 22.01
N LYS G 61 -23.66 -9.51 20.70
CA LYS G 61 -22.46 -8.86 20.19
C LYS G 61 -22.77 -7.53 19.54
N ILE G 62 -22.29 -6.46 20.18
CA ILE G 62 -22.50 -5.11 19.69
C ILE G 62 -21.24 -4.64 19.04
N ARG G 63 -21.24 -4.64 17.70
CA ARG G 63 -20.04 -4.28 16.96
C ARG G 63 -20.38 -3.79 15.56
N PRO G 64 -19.40 -3.20 14.87
CA PRO G 64 -19.61 -2.74 13.53
C PRO G 64 -19.85 -3.89 12.59
N LYS G 65 -20.70 -3.67 11.59
CA LYS G 65 -20.98 -4.70 10.59
C LYS G 65 -19.68 -5.09 9.86
N LYS G 66 -19.62 -6.35 9.41
CA LYS G 66 -18.42 -6.89 8.74
C LYS G 66 -17.88 -5.93 7.64
N GLU G 67 -18.78 -5.34 6.87
CA GLU G 67 -18.37 -4.47 5.74
C GLU G 67 -17.92 -3.04 6.16
N PHE G 68 -17.80 -2.79 7.47
CA PHE G 68 -17.33 -1.50 7.97
C PHE G 68 -16.21 -1.66 8.99
N ARG G 69 -15.65 -2.88 9.07
CA ARG G 69 -14.54 -3.15 10.01
C ARG G 69 -13.27 -2.42 9.56
N LYS G 70 -13.10 -2.27 8.25
CA LYS G 70 -11.97 -1.53 7.69
C LYS G 70 -12.33 -0.04 7.57
N HIS G 71 -13.06 0.46 8.57
CA HIS G 71 -13.53 1.84 8.58
C HIS G 71 -13.76 2.30 10.04
N THR G 72 -12.73 2.12 10.90
CA THR G 72 -12.83 2.48 12.31
C THR G 72 -12.65 4.01 12.53
N ASN G 73 -12.94 4.79 11.49
CA ASN G 73 -12.85 6.24 11.56
C ASN G 73 -14.22 6.87 11.85
N PHE G 74 -15.03 6.17 12.65
CA PHE G 74 -16.39 6.64 12.99
C PHE G 74 -16.44 7.11 14.44
N ARG G 75 -16.14 8.40 14.64
CA ARG G 75 -16.12 9.00 15.99
C ARG G 75 -17.51 9.56 16.34
N PRO G 76 -18.18 8.95 17.32
CA PRO G 76 -19.53 9.35 17.69
C PRO G 76 -19.59 10.55 18.63
N THR G 77 -20.72 11.27 18.59
CA THR G 77 -20.98 12.37 19.50
C THR G 77 -21.47 11.79 20.82
N GLU G 78 -22.07 10.60 20.74
CA GLU G 78 -22.54 9.85 21.91
C GLU G 78 -22.69 8.40 21.51
N PHE G 79 -22.60 7.51 22.47
CA PHE G 79 -22.84 6.11 22.21
C PHE G 79 -23.14 5.41 23.50
N VAL G 81 -25.27 2.51 25.66
CA VAL G 81 -25.87 1.21 25.52
C VAL G 81 -26.53 0.83 26.85
N THR G 82 -27.86 0.82 26.88
CA THR G 82 -28.59 0.43 28.08
C THR G 82 -29.16 -0.94 27.88
N ALA G 83 -28.75 -1.89 28.72
CA ALA G 83 -29.16 -3.27 28.55
C ALA G 83 -29.61 -3.89 29.84
N ASN G 84 -30.28 -5.03 29.72
CA ASN G 84 -30.71 -5.78 30.85
C ASN G 84 -30.99 -7.21 30.46
N SER G 85 -30.72 -8.14 31.37
CA SER G 85 -30.95 -9.56 31.13
C SER G 85 -31.13 -10.28 32.47
N ARG G 86 -31.68 -11.50 32.41
CA ARG G 86 -31.90 -12.29 33.62
CA ARG G 86 -31.90 -12.31 33.62
C ARG G 86 -30.57 -12.82 34.17
N ASN G 87 -29.66 -13.17 33.27
CA ASN G 87 -28.36 -13.68 33.68
C ASN G 87 -27.25 -13.09 32.86
N LEU G 88 -26.07 -13.01 33.47
CA LEU G 88 -24.88 -12.52 32.77
C LEU G 88 -23.65 -13.22 33.35
N LYS G 89 -22.90 -13.92 32.50
CA LYS G 89 -21.69 -14.63 32.93
C LYS G 89 -20.42 -14.02 32.30
N LYS G 90 -20.59 -13.11 31.35
CA LYS G 90 -19.45 -12.48 30.67
C LYS G 90 -19.75 -11.11 30.12
N LEU G 91 -18.78 -10.21 30.28
CA LEU G 91 -18.87 -8.88 29.73
C LEU G 91 -17.49 -8.54 29.16
N ALA G 92 -17.44 -8.23 27.88
CA ALA G 92 -16.16 -7.90 27.21
C ALA G 92 -16.29 -6.60 26.45
N ALA G 93 -15.31 -5.73 26.62
CA ALA G 93 -15.35 -4.43 25.99
C ALA G 93 -14.01 -4.11 25.36
N ALA G 94 -14.03 -3.89 24.04
CA ALA G 94 -12.82 -3.57 23.30
C ALA G 94 -12.91 -2.16 22.73
N GLY G 95 -11.81 -1.41 22.84
CA GLY G 95 -11.75 -0.04 22.35
C GLY G 95 -11.67 0.94 23.49
N SER G 96 -12.58 1.91 23.50
CA SER G 96 -12.66 2.88 24.59
C SER G 96 -14.04 2.79 25.17
N THR G 97 -14.13 2.37 26.41
CA THR G 97 -15.42 2.06 27.01
C THR G 97 -15.51 2.35 28.49
N HIS G 98 -16.74 2.65 28.94
CA HIS G 98 -17.01 2.81 30.34
C HIS G 98 -18.21 1.93 30.66
N VAL G 99 -17.96 0.81 31.35
CA VAL G 99 -19.02 -0.15 31.65
C VAL G 99 -19.53 0.01 33.09
N ASN G 100 -20.84 0.26 33.22
CA ASN G 100 -21.49 0.41 34.52
C ASN G 100 -22.48 -0.71 34.77
N ILE G 101 -22.25 -1.46 35.85
CA ILE G 101 -23.22 -2.45 36.30
C ILE G 101 -24.03 -1.78 37.43
N ASN G 102 -25.23 -1.32 37.09
CA ASN G 102 -26.05 -0.54 38.02
C ASN G 102 -27.10 -1.38 38.73
N SER G 103 -26.67 -2.45 39.37
CA SER G 103 -27.57 -3.31 40.13
C SER G 103 -26.83 -4.48 40.67
N PRO G 104 -27.42 -5.19 41.62
CA PRO G 104 -26.81 -6.38 42.11
C PRO G 104 -26.55 -7.38 40.97
N LEU G 105 -25.42 -8.08 41.05
CA LEU G 105 -25.07 -9.05 40.05
C LEU G 105 -24.85 -10.41 40.73
N GLN G 106 -25.30 -11.48 40.08
CA GLN G 106 -25.11 -12.83 40.62
C GLN G 106 -24.94 -13.85 39.51
N ALA G 107 -23.93 -14.69 39.64
CA ALA G 107 -23.69 -15.74 38.69
C ALA G 107 -22.69 -16.73 39.25
N GLU G 108 -22.73 -17.95 38.75
CA GLU G 108 -21.80 -18.97 39.16
C GLU G 108 -20.36 -18.55 38.80
N GLU G 109 -20.17 -18.22 37.53
CA GLU G 109 -18.88 -17.76 37.03
C GLU G 109 -19.06 -16.52 36.21
N PHE G 110 -18.20 -15.54 36.42
CA PHE G 110 -18.28 -14.31 35.68
C PHE G 110 -16.93 -13.86 35.20
N GLU G 111 -16.89 -13.41 33.95
CA GLU G 111 -15.67 -12.95 33.34
C GLU G 111 -15.85 -11.50 32.89
N ALA G 112 -15.08 -10.60 33.48
CA ALA G 112 -15.10 -9.21 33.10
C ALA G 112 -13.88 -8.93 32.27
N GLY G 113 -14.09 -8.50 31.03
CA GLY G 113 -12.98 -8.28 30.10
C GLY G 113 -12.94 -6.87 29.56
N LEU G 114 -11.74 -6.32 29.50
CA LEU G 114 -11.54 -4.97 29.04
C LEU G 114 -10.27 -4.90 28.23
N ALA G 115 -10.40 -4.65 26.95
CA ALA G 115 -9.25 -4.50 26.06
C ALA G 115 -9.24 -3.09 25.52
N GLY G 116 -8.10 -2.43 25.62
CA GLY G 116 -7.95 -1.03 25.14
C GLY G 116 -7.90 -0.06 26.30
N SER G 117 -8.87 0.86 26.34
CA SER G 117 -8.94 1.85 27.42
C SER G 117 -10.33 1.88 28.02
N GLY G 118 -10.42 2.26 29.30
CA GLY G 118 -11.73 2.40 29.95
C GLY G 118 -11.82 1.82 31.34
N ILE G 119 -13.05 1.61 31.80
CA ILE G 119 -13.30 1.13 33.14
C ILE G 119 -14.51 0.21 33.20
N ILE G 120 -14.44 -0.80 34.06
CA ILE G 120 -15.58 -1.67 34.38
C ILE G 120 -15.89 -1.48 35.84
N GLN G 121 -17.11 -1.02 36.15
CA GLN G 121 -17.47 -0.74 37.51
CA GLN G 121 -17.53 -0.70 37.52
C GLN G 121 -18.71 -1.53 37.98
N PHE G 122 -18.53 -2.31 39.06
CA PHE G 122 -19.67 -3.01 39.69
C PHE G 122 -20.12 -2.11 40.84
N HIS G 123 -21.17 -1.33 40.61
CA HIS G 123 -21.60 -0.31 41.59
C HIS G 123 -22.30 -0.91 42.81
N ASP G 124 -22.84 -2.13 42.68
CA ASP G 124 -23.53 -2.77 43.79
C ASP G 124 -22.99 -4.21 44.01
N THR G 125 -23.52 -4.88 45.03
CA THR G 125 -23.02 -6.21 45.41
C THR G 125 -22.94 -7.15 44.21
N ALA G 126 -21.79 -7.81 44.07
CA ALA G 126 -21.56 -8.77 42.99
C ALA G 126 -21.12 -10.06 43.61
N SER G 127 -21.95 -11.09 43.51
CA SER G 127 -21.67 -12.36 44.16
C SER G 127 -21.53 -13.50 43.16
N PHE G 128 -20.42 -14.21 43.26
CA PHE G 128 -20.14 -15.31 42.36
C PHE G 128 -19.41 -16.41 43.09
N THR G 129 -19.22 -17.54 42.41
CA THR G 129 -18.35 -18.57 42.90
C THR G 129 -16.92 -18.24 42.39
N ASN G 130 -16.80 -18.03 41.08
CA ASN G 130 -15.51 -17.65 40.46
C ASN G 130 -15.64 -16.37 39.64
N LEU G 131 -14.83 -15.37 39.98
CA LEU G 131 -14.79 -14.13 39.23
C LEU G 131 -13.44 -14.00 38.54
N LYS G 132 -13.46 -13.82 37.23
CA LYS G 132 -12.24 -13.66 36.45
C LYS G 132 -12.22 -12.27 35.77
N ILE G 133 -11.21 -11.48 36.07
CA ILE G 133 -11.05 -10.15 35.49
C ILE G 133 -9.84 -10.12 34.56
N GLU G 134 -10.04 -9.66 33.33
CA GLU G 134 -8.94 -9.57 32.34
C GLU G 134 -8.88 -8.19 31.75
N ILE G 135 -7.77 -7.49 31.99
CA ILE G 135 -7.59 -6.16 31.45
C ILE G 135 -6.33 -6.12 30.61
N ALA G 136 -6.48 -5.71 29.35
CA ALA G 136 -5.35 -5.60 28.44
C ALA G 136 -5.30 -4.20 27.87
N GLY G 137 -4.35 -3.42 28.33
CA GLY G 137 -4.18 -2.06 27.86
C GLY G 137 -4.15 -1.10 29.03
N SER G 138 -5.03 -0.10 29.00
CA SER G 138 -5.13 0.87 30.09
C SER G 138 -6.53 0.80 30.63
N GLY G 139 -6.74 -0.06 31.60
CA GLY G 139 -8.07 -0.25 32.12
C GLY G 139 -8.15 -0.31 33.61
N ASP G 140 -9.34 -0.06 34.13
CA ASP G 140 -9.57 -0.10 35.53
C ASP G 140 -10.77 -0.97 35.81
N PHE G 141 -10.72 -1.67 36.94
CA PHE G 141 -11.86 -2.42 37.42
C PHE G 141 -12.14 -1.96 38.83
N VAL G 142 -13.40 -1.63 39.11
CA VAL G 142 -13.77 -1.17 40.45
C VAL G 142 -15.00 -1.91 40.93
N GLY G 143 -14.87 -2.59 42.08
CA GLY G 143 -15.99 -3.33 42.68
C GLY G 143 -15.88 -3.35 44.21
N HIS G 144 -16.59 -2.43 44.87
CA HIS G 144 -16.49 -2.27 46.33
C HIS G 144 -17.32 -3.28 47.10
N LYS G 145 -18.22 -3.97 46.42
CA LYS G 145 -19.06 -4.97 47.08
C LYS G 145 -19.03 -6.31 46.35
N VAL G 146 -17.83 -6.83 46.11
CA VAL G 146 -17.68 -8.12 45.47
C VAL G 146 -17.56 -9.22 46.50
N TYR G 147 -18.24 -10.33 46.26
CA TYR G 147 -18.20 -11.49 47.17
C TYR G 147 -18.10 -12.77 46.37
N CYS G 148 -16.98 -13.48 46.51
CA CYS G 148 -16.80 -14.74 45.77
C CYS G 148 -15.75 -15.64 46.40
N GLU G 149 -15.74 -16.90 45.96
CA GLU G 149 -14.81 -17.89 46.48
C GLU G 149 -13.41 -17.76 45.86
N GLU G 150 -13.34 -17.51 44.54
CA GLU G 150 -12.05 -17.37 43.85
C GLU G 150 -12.06 -16.23 42.83
N LEU G 151 -11.06 -15.36 42.94
CA LEU G 151 -10.92 -14.22 42.04
C LEU G 151 -9.56 -14.27 41.36
N ASN G 152 -9.56 -14.10 40.05
CA ASN G 152 -8.33 -14.13 39.28
C ASN G 152 -8.25 -12.90 38.40
N GLY G 153 -7.35 -11.99 38.75
CA GLY G 153 -7.16 -10.75 37.99
C GLY G 153 -5.89 -10.79 37.17
N ASP G 154 -6.05 -10.66 35.86
CA ASP G 154 -4.92 -10.68 34.96
C ASP G 154 -4.79 -9.32 34.31
N ALA G 156 -2.41 -6.62 32.03
CA ALA G 156 -1.34 -6.47 31.04
C ALA G 156 -1.40 -5.05 30.52
N GLY G 157 -0.39 -4.26 30.84
CA GLY G 157 -0.35 -2.85 30.44
C GLY G 157 -0.28 -1.94 31.66
N SER G 158 -1.18 -0.96 31.73
CA SER G 158 -1.26 -0.05 32.89
C SER G 158 -2.65 -0.15 33.49
N ASN G 159 -2.80 -0.92 34.56
CA ASN G 159 -4.12 -1.23 35.08
C ASN G 159 -4.27 -1.08 36.59
N THR G 160 -5.48 -0.77 37.02
CA THR G 160 -5.80 -0.65 38.45
C THR G 160 -7.06 -1.48 38.78
N ILE G 161 -6.96 -2.31 39.81
CA ILE G 161 -8.10 -3.08 40.28
C ILE G 161 -8.42 -2.67 41.71
N VAL G 162 -9.56 -2.01 41.89
CA VAL G 162 -10.00 -1.60 43.22
C VAL G 162 -11.06 -2.57 43.71
N LEU G 163 -10.81 -3.18 44.87
CA LEU G 163 -11.72 -4.19 45.40
C LEU G 163 -12.15 -3.93 46.82
N GLY G 164 -13.34 -4.37 47.14
CA GLY G 164 -13.87 -4.32 48.47
C GLY G 164 -14.79 -5.50 48.62
N GLY G 165 -14.90 -6.04 49.83
CA GLY G 165 -15.79 -7.17 50.10
C GLY G 165 -15.09 -8.37 50.73
N THR G 166 -15.48 -9.57 50.28
CA THR G 166 -14.91 -10.82 50.82
C THR G 166 -14.57 -11.80 49.70
N VAL G 167 -13.33 -12.31 49.73
CA VAL G 167 -12.87 -13.26 48.74
C VAL G 167 -12.10 -14.40 49.41
N GLY G 168 -12.23 -15.61 48.89
CA GLY G 168 -11.51 -16.76 49.43
C GLY G 168 -10.06 -16.74 49.00
N ILE G 169 -9.82 -16.98 47.71
CA ILE G 169 -8.48 -16.97 47.16
C ILE G 169 -8.39 -15.99 46.00
N ALA G 170 -7.55 -14.98 46.15
CA ALA G 170 -7.36 -13.99 45.10
C ALA G 170 -5.99 -14.17 44.44
N GLU G 171 -6.00 -14.30 43.11
CA GLU G 171 -4.76 -14.39 42.31
C GLU G 171 -4.68 -13.20 41.38
N PHE G 172 -3.55 -12.53 41.37
CA PHE G 172 -3.35 -11.41 40.50
C PHE G 172 -2.09 -11.58 39.68
N SER G 173 -2.22 -11.38 38.36
CA SER G 173 -1.08 -11.41 37.47
C SER G 173 -0.91 -10.02 36.86
N ILE G 174 0.29 -9.46 37.03
CA ILE G 174 0.61 -8.16 36.48
C ILE G 174 1.75 -8.27 35.46
N ALA G 175 1.49 -7.77 34.26
CA ALA G 175 2.51 -7.69 33.22
C ALA G 175 2.56 -6.24 32.77
N GLY G 176 3.63 -5.56 33.15
CA GLY G 176 3.77 -4.12 32.90
C GLY G 176 3.62 -3.38 34.21
N SER G 177 2.63 -2.49 34.29
CA SER G 177 2.36 -1.73 35.51
C SER G 177 0.99 -2.10 36.04
N GLY G 178 0.91 -2.45 37.33
CA GLY G 178 -0.35 -2.87 37.93
C GLY G 178 -0.53 -2.39 39.37
N THR G 179 -1.73 -1.90 39.69
CA THR G 179 -2.06 -1.44 41.04
C THR G 179 -3.30 -2.16 41.57
N VAL G 180 -3.20 -2.71 42.78
CA VAL G 180 -4.35 -3.39 43.43
C VAL G 180 -4.67 -2.74 44.77
N ARG G 181 -5.84 -2.10 44.84
CA ARG G 181 -6.30 -1.44 46.05
C ARG G 181 -7.41 -2.28 46.66
N ALA G 182 -7.03 -3.20 47.56
CA ALA G 182 -7.99 -4.13 48.13
C ALA G 182 -7.96 -4.20 49.67
N PHE G 183 -7.75 -3.06 50.33
CA PHE G 183 -7.76 -3.03 51.80
C PHE G 183 -9.14 -3.36 52.34
N ASP G 184 -10.18 -2.97 51.61
CA ASP G 184 -11.58 -3.24 52.02
C ASP G 184 -12.04 -4.61 51.55
N CYS G 185 -11.10 -5.41 51.04
CA CYS G 185 -11.40 -6.75 50.62
C CYS G 185 -10.67 -7.74 51.51
N THR G 186 -11.42 -8.48 52.29
CA THR G 186 -10.84 -9.48 53.16
C THR G 186 -10.67 -10.77 52.41
N ASP G 188 -8.74 -14.67 52.25
CA ASP G 188 -8.08 -15.72 53.00
C ASP G 188 -6.67 -15.95 52.46
N GLU G 189 -6.52 -15.89 51.12
CA GLU G 189 -5.22 -16.10 50.48
C GLU G 189 -4.99 -15.11 49.33
N LEU G 190 -3.86 -14.40 49.39
CA LEU G 190 -3.46 -13.47 48.35
C LEU G 190 -2.27 -14.04 47.64
N GLU G 191 -2.32 -14.04 46.33
CA GLU G 191 -1.29 -14.64 45.54
C GLU G 191 -1.07 -13.81 44.29
N CYS G 192 0.15 -13.35 44.08
CA CYS G 192 0.43 -12.50 42.94
C CYS G 192 1.75 -12.78 42.25
N LYS G 193 1.77 -12.52 40.94
CA LYS G 193 2.95 -12.70 40.12
C LYS G 193 3.16 -11.42 39.32
N ILE G 194 4.24 -10.72 39.62
CA ILE G 194 4.50 -9.44 38.98
C ILE G 194 5.62 -9.52 37.97
N ALA G 195 5.37 -8.97 36.78
CA ALA G 195 6.37 -8.86 35.75
C ALA G 195 6.37 -7.41 35.31
N GLY G 196 7.24 -6.63 35.91
CA GLY G 196 7.29 -5.19 35.67
C GLY G 196 7.21 -4.43 36.99
N SER G 197 6.14 -3.65 37.15
CA SER G 197 5.92 -2.88 38.38
C SER G 197 4.56 -3.19 38.97
N GLY G 198 4.53 -3.59 40.24
CA GLY G 198 3.29 -3.95 40.91
C GLY G 198 3.17 -3.35 42.31
N ASP G 199 2.00 -2.78 42.61
CA ASP G 199 1.73 -2.19 43.91
C ASP G 199 0.42 -2.78 44.43
N ILE G 200 0.52 -3.62 45.44
CA ILE G 200 -0.64 -4.33 45.96
C ILE G 200 -0.93 -3.99 47.44
N GLU G 201 -2.19 -3.63 47.70
CA GLU G 201 -2.68 -3.39 49.07
C GLU G 201 -3.86 -4.32 49.32
N ALA G 202 -3.80 -5.11 50.40
CA ALA G 202 -4.86 -6.09 50.67
C ALA G 202 -4.95 -6.49 52.13
N PHE G 203 -6.14 -6.91 52.54
CA PHE G 203 -6.34 -7.49 53.85
C PHE G 203 -6.33 -8.99 53.69
N VAL G 204 -5.29 -9.63 54.21
CA VAL G 204 -5.16 -11.07 54.08
C VAL G 204 -5.32 -11.73 55.44
N VAL G 205 -5.93 -12.90 55.45
CA VAL G 205 -6.16 -13.61 56.69
C VAL G 205 -5.13 -14.70 56.92
N ASN G 206 -4.88 -15.52 55.90
CA ASN G 206 -4.07 -16.72 56.08
C ASN G 206 -2.71 -16.79 55.32
N LYS G 207 -2.72 -16.65 53.98
CA LYS G 207 -1.47 -16.85 53.18
CA LYS G 207 -1.46 -16.82 53.20
C LYS G 207 -1.22 -15.75 52.15
N ILE G 208 0.06 -15.50 51.88
CA ILE G 208 0.48 -14.57 50.85
C ILE G 208 1.61 -15.22 50.06
N LYS G 209 1.45 -15.28 48.74
CA LYS G 209 2.51 -15.77 47.85
C LYS G 209 2.76 -14.73 46.79
N ALA G 210 4.01 -14.30 46.67
CA ALA G 210 4.35 -13.26 45.72
C ALA G 210 5.63 -13.58 44.96
N GLU G 211 5.55 -13.50 43.64
CA GLU G 211 6.72 -13.64 42.80
C GLU G 211 6.90 -12.34 42.05
N ILE G 212 8.06 -11.72 42.23
CA ILE G 212 8.32 -10.40 41.65
C ILE G 212 9.50 -10.41 40.70
N ALA G 213 9.24 -10.09 39.44
CA ALA G 213 10.30 -9.89 38.46
C ALA G 213 10.27 -8.42 38.06
N GLY G 214 11.08 -7.62 38.72
CA GLY G 214 11.12 -6.19 38.51
C GLY G 214 10.99 -5.48 39.84
N SER G 215 9.94 -4.71 40.01
CA SER G 215 9.69 -4.02 41.26
C SER G 215 8.27 -4.33 41.75
N GLY G 216 8.14 -4.71 43.02
CA GLY G 216 6.84 -5.05 43.58
C GLY G 216 6.72 -4.76 45.07
N SER G 217 5.63 -4.10 45.45
CA SER G 217 5.36 -3.81 46.83
C SER G 217 4.02 -4.40 47.22
N VAL G 218 4.03 -5.24 48.26
CA VAL G 218 2.80 -5.85 48.76
C VAL G 218 2.54 -5.39 50.19
N LYS G 219 1.61 -4.46 50.35
CA LYS G 219 1.25 -3.94 51.67
C LYS G 219 -0.03 -4.62 52.14
N TYR G 220 0.01 -5.24 53.33
CA TYR G 220 -1.14 -6.01 53.80
C TYR G 220 -1.61 -5.69 55.20
N LYS G 221 -2.91 -5.87 55.43
CA LYS G 221 -3.50 -5.79 56.76
C LYS G 221 -3.95 -7.20 57.15
N GLY G 222 -4.03 -7.47 58.44
CA GLY G 222 -4.33 -8.82 58.93
C GLY G 222 -3.05 -9.45 59.43
N ASP G 223 -3.10 -10.74 59.76
CA ASP G 223 -1.91 -11.42 60.33
C ASP G 223 -1.64 -12.80 59.74
N PRO G 224 -1.48 -12.87 58.43
CA PRO G 224 -1.15 -14.15 57.82
C PRO G 224 0.19 -14.64 58.33
N GLN G 225 0.23 -15.88 58.78
CA GLN G 225 1.46 -16.45 59.34
CA GLN G 225 1.45 -16.46 59.35
C GLN G 225 2.24 -17.21 58.28
N ASP G 226 1.70 -17.26 57.07
CA ASP G 226 2.35 -17.94 55.95
C ASP G 226 2.60 -16.95 54.78
N ILE G 227 3.84 -16.52 54.63
CA ILE G 227 4.21 -15.58 53.58
C ILE G 227 5.46 -16.07 52.85
N GLN G 228 5.36 -16.24 51.55
CA GLN G 228 6.48 -16.73 50.74
C GLN G 228 6.68 -15.84 49.52
N LYS G 229 7.93 -15.70 49.07
CA LYS G 229 8.22 -14.83 47.96
C LYS G 229 9.47 -15.24 47.20
N LYS G 230 9.47 -14.92 45.91
CA LYS G 230 10.64 -15.06 45.06
C LYS G 230 10.84 -13.71 44.40
N VAL G 231 12.05 -13.19 44.45
CA VAL G 231 12.30 -11.88 43.91
C VAL G 231 13.47 -11.85 42.98
N GLY G 233 14.89 -8.78 41.31
CA GLY G 233 14.83 -7.31 41.22
C GLY G 233 14.65 -6.71 42.61
N SER G 234 13.52 -6.03 42.82
CA SER G 234 13.22 -5.42 44.12
C SER G 234 11.79 -5.76 44.52
N GLY G 235 11.61 -6.18 45.76
CA GLY G 235 10.29 -6.51 46.26
C GLY G 235 10.23 -6.53 47.77
N LYS G 236 9.07 -6.18 48.32
CA LYS G 236 8.90 -6.19 49.76
C LYS G 236 7.46 -6.47 50.15
N ILE G 237 7.30 -7.26 51.20
CA ILE G 237 6.00 -7.55 51.76
C ILE G 237 5.94 -7.01 53.17
N GLU G 238 5.30 -5.86 53.33
CA GLU G 238 5.22 -5.17 54.61
C GLU G 238 3.83 -5.24 55.20
N LYS G 239 3.76 -5.33 56.52
CA LYS G 239 2.48 -5.32 57.23
C LYS G 239 2.12 -3.88 57.59
N VAL G 240 0.87 -3.50 57.34
CA VAL G 240 0.41 -2.15 57.62
C VAL G 240 -0.49 -2.15 58.87
N GLU G 241 -0.47 -1.05 59.62
CA GLU G 241 -1.28 -0.93 60.82
C GLU G 241 -2.74 -0.55 60.46
N GLY H 1 17.41 -2.47 56.96
CA GLY H 1 18.86 -2.84 56.81
C GLY H 1 19.76 -1.62 56.67
N GLY H 2 20.98 -1.84 56.16
CA GLY H 2 21.96 -0.75 55.99
C GLY H 2 22.52 -0.30 57.32
N ASP H 3 23.63 -0.90 57.75
CA ASP H 3 24.24 -0.59 59.05
C ASP H 3 24.95 0.79 59.07
N GLY H 4 25.29 1.30 57.87
CA GLY H 4 25.95 2.62 57.75
C GLY H 4 27.46 2.54 57.54
N ASN H 5 28.02 1.35 57.76
CA ASN H 5 29.47 1.15 57.61
C ASN H 5 29.87 1.04 56.12
N ILE H 6 29.88 2.19 55.44
CA ILE H 6 30.21 2.24 54.01
C ILE H 6 31.67 1.89 53.78
N THR H 7 31.92 1.03 52.79
CA THR H 7 33.26 0.60 52.46
C THR H 7 33.49 0.67 50.96
N THR H 8 34.77 0.75 50.57
CA THR H 8 35.13 0.84 49.14
C THR H 8 36.01 -0.35 48.73
N GLU H 9 35.48 -1.18 47.83
CA GLU H 9 36.21 -2.36 47.33
C GLU H 9 36.30 -2.34 45.83
N ASN H 10 37.49 -2.61 45.29
CA ASN H 10 37.68 -2.69 43.86
C ASN H 10 37.74 -4.13 43.42
N ILE H 11 36.60 -4.65 42.97
CA ILE H 11 36.49 -6.04 42.57
C ILE H 11 37.16 -6.31 41.23
N PRO H 12 37.95 -7.40 41.14
CA PRO H 12 38.55 -7.79 39.89
C PRO H 12 37.49 -8.21 38.90
N VAL H 13 37.78 -8.04 37.62
CA VAL H 13 36.82 -8.38 36.58
C VAL H 13 37.52 -8.82 35.32
N SER H 14 36.94 -9.81 34.64
CA SER H 14 37.47 -10.30 33.37
C SER H 14 36.70 -9.67 32.21
N GLU H 15 37.06 -10.03 30.98
CA GLU H 15 36.42 -9.48 29.78
C GLU H 15 34.91 -9.73 29.78
N TYR H 16 34.13 -8.64 29.62
CA TYR H 16 32.67 -8.75 29.57
C TYR H 16 32.08 -7.71 28.62
N ASP H 17 30.96 -8.07 27.97
CA ASP H 17 30.25 -7.15 27.04
C ASP H 17 28.74 -7.07 27.37
N CYS H 18 28.35 -7.65 28.50
CA CYS H 18 26.97 -7.63 28.95
C CYS H 18 26.91 -7.27 30.40
N LEU H 19 25.93 -6.46 30.76
CA LEU H 19 25.78 -6.01 32.12
C LEU H 19 24.39 -6.40 32.63
N GLU H 20 24.34 -7.25 33.65
CA GLU H 20 23.07 -7.69 34.25
C GLU H 20 23.01 -7.24 35.68
N LEU H 21 22.04 -6.38 36.00
CA LEU H 21 21.96 -5.77 37.32
C LEU H 21 20.65 -6.07 38.02
N GLU H 22 20.77 -6.59 39.24
CA GLU H 22 19.60 -6.89 40.08
CA GLU H 22 19.61 -6.91 40.08
C GLU H 22 19.85 -6.40 41.49
N GLY H 23 19.16 -5.34 41.88
CA GLY H 23 19.36 -4.81 43.20
C GLY H 23 18.39 -3.76 43.62
N GLY H 24 18.60 -3.25 44.83
CA GLY H 24 17.76 -2.20 45.39
C GLY H 24 18.56 -0.95 45.70
N GLY H 25 18.21 0.15 45.03
CA GLY H 25 18.89 1.44 45.23
C GLY H 25 20.31 1.46 44.66
N VAL H 27 23.12 2.43 42.23
CA VAL H 27 23.44 3.48 41.27
C VAL H 27 24.71 3.06 40.52
N VAL H 28 24.60 2.98 39.19
CA VAL H 28 25.70 2.51 38.36
C VAL H 28 26.24 3.60 37.43
N ASN H 29 27.54 3.84 37.53
CA ASN H 29 28.21 4.79 36.65
C ASN H 29 29.14 4.04 35.72
N TYR H 30 28.67 3.76 34.52
CA TYR H 30 29.46 3.02 33.55
C TYR H 30 30.03 3.93 32.49
N THR H 31 31.16 3.51 31.91
CA THR H 31 31.79 4.24 30.84
C THR H 31 32.52 3.24 29.93
N GLN H 32 32.46 3.48 28.64
CA GLN H 32 33.15 2.64 27.68
C GLN H 32 34.50 3.29 27.37
N SER H 33 35.57 2.54 27.57
CA SER H 33 36.91 3.07 27.34
C SER H 33 37.85 2.03 26.78
N ASP H 34 39.02 2.47 26.33
CA ASP H 34 40.04 1.58 25.79
C ASP H 34 40.92 0.99 26.92
N ALA H 35 40.64 1.39 28.16
CA ALA H 35 41.37 0.88 29.33
C ALA H 35 40.89 -0.53 29.68
N PRO H 36 41.57 -1.18 30.64
CA PRO H 36 41.15 -2.53 31.05
C PRO H 36 39.84 -2.50 31.86
N GLU H 37 39.10 -3.61 31.82
CA GLU H 37 37.84 -3.72 32.57
C GLU H 37 38.07 -3.49 34.05
N GLY H 38 37.25 -2.63 34.65
CA GLY H 38 37.36 -2.32 36.07
C GLY H 38 36.00 -2.40 36.74
N LEU H 39 36.00 -2.45 38.05
CA LEU H 39 34.77 -2.52 38.82
C LEU H 39 35.02 -2.11 40.25
N GLU H 40 34.41 -1.00 40.66
CA GLU H 40 34.57 -0.51 42.01
C GLU H 40 33.21 -0.30 42.67
N ILE H 41 33.00 -0.95 43.81
CA ILE H 41 31.74 -0.85 44.53
C ILE H 41 31.91 -0.04 45.80
N LYS H 42 30.87 0.71 46.16
CA LYS H 42 30.88 1.50 47.39
C LYS H 42 29.50 1.39 48.04
N THR H 43 29.39 0.54 49.06
CA THR H 43 28.11 0.34 49.74
C THR H 43 28.31 -0.20 51.16
N ASP H 44 27.19 -0.35 51.89
CA ASP H 44 27.23 -0.90 53.26
C ASP H 44 27.88 -2.27 53.24
N ARG H 45 28.49 -2.63 54.35
CA ARG H 45 29.14 -3.92 54.46
C ARG H 45 28.11 -5.04 54.42
N ASN H 46 27.01 -4.87 55.17
CA ASN H 46 25.95 -5.90 55.21
C ASN H 46 25.20 -6.04 53.88
N ILE H 47 25.61 -5.24 52.88
CA ILE H 47 25.07 -5.36 51.53
C ILE H 47 26.09 -6.11 50.66
N PHE H 48 27.38 -5.85 50.87
CA PHE H 48 28.44 -6.62 50.20
C PHE H 48 28.20 -8.08 50.39
N GLU H 49 28.30 -8.53 51.64
CA GLU H 49 28.16 -9.94 52.00
C GLU H 49 26.95 -10.59 51.33
N LYS H 50 25.87 -9.83 51.17
CA LYS H 50 24.62 -10.36 50.59
C LYS H 50 24.60 -10.34 49.04
N TYR H 51 25.63 -9.73 48.42
CA TYR H 51 25.67 -9.63 46.94
C TYR H 51 26.86 -10.36 46.33
N GLU H 52 26.75 -10.65 45.02
CA GLU H 52 27.83 -11.27 44.27
C GLU H 52 28.13 -10.45 43.03
N PHE H 53 29.38 -10.44 42.60
CA PHE H 53 29.81 -9.64 41.46
C PHE H 53 30.65 -10.48 40.50
N ASN H 54 30.03 -11.48 39.90
CA ASN H 54 30.75 -12.43 39.06
C ASN H 54 30.58 -12.18 37.57
N VAL H 55 31.66 -12.46 36.83
CA VAL H 55 31.65 -12.35 35.39
C VAL H 55 31.71 -13.76 34.79
N GLU H 56 30.64 -14.16 34.09
CA GLU H 56 30.60 -15.49 33.44
C GLU H 56 29.94 -15.42 32.08
N ASN H 57 30.51 -16.15 31.12
CA ASN H 57 30.05 -16.11 29.73
C ASN H 57 30.12 -14.69 29.17
N HIS H 58 31.11 -13.94 29.65
CA HIS H 58 31.34 -12.55 29.22
C HIS H 58 30.19 -11.63 29.68
N LYS H 59 29.51 -12.03 30.76
CA LYS H 59 28.41 -11.24 31.33
C LYS H 59 28.70 -10.92 32.79
N LEU H 60 28.71 -9.62 33.11
CA LEU H 60 28.91 -9.19 34.49
C LEU H 60 27.58 -9.21 35.23
N LYS H 61 27.46 -10.11 36.19
CA LYS H 61 26.21 -10.27 36.93
C LYS H 61 26.33 -9.75 38.35
N ILE H 62 25.68 -8.62 38.62
CA ILE H 62 25.65 -8.04 39.96
C ILE H 62 24.28 -8.28 40.53
N ARG H 63 24.20 -9.18 41.52
CA ARG H 63 22.91 -9.58 42.08
C ARG H 63 23.06 -10.13 43.49
N PRO H 64 21.94 -10.26 44.21
CA PRO H 64 21.97 -10.79 45.55
C PRO H 64 22.39 -12.24 45.56
N LYS H 65 23.15 -12.64 46.56
CA LYS H 65 23.56 -14.02 46.70
C LYS H 65 22.32 -14.88 46.86
N LYS H 66 22.32 -16.00 46.16
CA LYS H 66 21.19 -16.90 46.16
C LYS H 66 20.79 -17.39 47.59
N GLU H 67 21.76 -17.45 48.50
CA GLU H 67 21.50 -17.95 49.87
CA GLU H 67 21.50 -17.95 49.87
C GLU H 67 20.97 -16.85 50.82
N PHE H 68 20.91 -15.61 50.33
CA PHE H 68 20.42 -14.48 51.17
C PHE H 68 19.14 -13.82 50.60
N ARG H 69 18.48 -14.50 49.66
CA ARG H 69 17.27 -13.95 48.99
C ARG H 69 16.01 -13.97 49.89
N LYS H 70 16.04 -14.77 50.95
CA LYS H 70 14.89 -14.88 51.86
C LYS H 70 15.11 -14.03 53.13
N HIS H 71 16.13 -13.17 53.11
CA HIS H 71 16.45 -12.30 54.26
C HIS H 71 15.87 -10.89 54.12
N THR H 72 15.94 -10.12 55.21
CA THR H 72 15.42 -8.75 55.25
C THR H 72 16.59 -7.75 55.30
N ASN H 73 16.27 -6.48 55.48
CA ASN H 73 17.28 -5.44 55.61
C ASN H 73 18.06 -5.23 54.31
N PHE H 74 17.34 -4.93 53.22
CA PHE H 74 17.98 -4.68 51.92
C PHE H 74 17.79 -3.22 51.45
N ARG H 75 17.39 -2.34 52.37
CA ARG H 75 17.23 -0.91 52.06
C ARG H 75 18.48 -0.16 52.56
N PRO H 76 19.51 -0.08 51.70
CA PRO H 76 20.80 0.49 52.07
C PRO H 76 20.82 2.00 52.12
N THR H 77 21.92 2.56 52.63
CA THR H 77 22.12 4.00 52.68
C THR H 77 22.76 4.49 51.39
N GLU H 78 23.76 3.74 50.92
CA GLU H 78 24.49 4.11 49.73
C GLU H 78 24.92 2.85 48.97
N PHE H 79 24.63 2.82 47.66
CA PHE H 79 25.01 1.70 46.80
C PHE H 79 25.42 2.25 45.46
N VAL H 81 27.99 1.67 42.02
CA VAL H 81 28.85 0.77 41.25
C VAL H 81 29.47 1.49 40.07
N THR H 82 30.79 1.66 40.13
CA THR H 82 31.52 2.28 39.03
C THR H 82 32.24 1.18 38.25
N ALA H 83 31.99 1.13 36.94
CA ALA H 83 32.58 0.09 36.10
C ALA H 83 32.94 0.62 34.74
N ASN H 84 33.65 -0.19 33.97
CA ASN H 84 34.02 0.18 32.62
C ASN H 84 34.43 -1.04 31.80
N SER H 85 34.33 -0.92 30.49
CA SER H 85 34.69 -2.00 29.57
C SER H 85 34.97 -1.44 28.18
N ARG H 86 35.42 -2.31 27.28
CA ARG H 86 35.76 -1.90 25.92
C ARG H 86 34.52 -1.94 25.05
N ASN H 87 33.63 -2.87 25.34
CA ASN H 87 32.39 -3.03 24.58
C ASN H 87 31.21 -3.25 25.50
N LEU H 88 30.00 -3.10 24.94
CA LEU H 88 28.78 -3.36 25.68
C LEU H 88 27.63 -3.54 24.67
N LYS H 89 27.13 -4.78 24.57
CA LYS H 89 26.07 -5.10 23.63
C LYS H 89 24.73 -5.39 24.33
N LYS H 90 24.77 -5.52 25.66
CA LYS H 90 23.55 -5.82 26.41
C LYS H 90 23.57 -5.22 27.82
N LEU H 91 22.47 -4.59 28.20
CA LEU H 91 22.30 -4.01 29.53
C LEU H 91 20.96 -4.45 30.08
N ALA H 92 20.98 -5.18 31.19
CA ALA H 92 19.75 -5.67 31.81
C ALA H 92 19.66 -5.22 33.25
N ALA H 93 18.72 -4.33 33.54
CA ALA H 93 18.50 -3.82 34.88
C ALA H 93 17.15 -4.27 35.40
N ALA H 94 17.12 -4.74 36.65
CA ALA H 94 15.88 -5.22 37.25
C ALA H 94 15.73 -4.71 38.69
N GLY H 95 14.68 -3.93 38.93
CA GLY H 95 14.39 -3.42 40.29
C GLY H 95 14.74 -1.96 40.44
N SER H 96 15.03 -1.56 41.67
CA SER H 96 15.41 -0.16 41.96
C SER H 96 16.87 0.06 41.61
N THR H 97 17.12 0.52 40.40
CA THR H 97 18.47 0.75 39.92
C THR H 97 18.55 1.99 39.06
N HIS H 98 19.67 2.67 39.11
CA HIS H 98 19.90 3.84 38.29
C HIS H 98 21.20 3.61 37.51
N VAL H 99 21.07 3.44 36.19
CA VAL H 99 22.23 3.14 35.34
C VAL H 99 22.60 4.34 34.48
N ASN H 100 23.72 4.97 34.82
CA ASN H 100 24.19 6.14 34.08
C ASN H 100 25.32 5.77 33.14
N ILE H 101 25.05 5.81 31.84
CA ILE H 101 26.11 5.65 30.84
C ILE H 101 26.71 7.03 30.60
N ASN H 102 27.78 7.34 31.34
CA ASN H 102 28.40 8.68 31.31
C ASN H 102 29.43 8.90 30.18
N SER H 103 29.48 7.97 29.22
CA SER H 103 30.43 8.07 28.11
C SER H 103 29.75 7.79 26.79
N PRO H 104 30.42 8.11 25.68
CA PRO H 104 29.88 7.76 24.38
C PRO H 104 29.76 6.25 24.24
N LEU H 105 28.63 5.79 23.72
CA LEU H 105 28.39 4.38 23.57
C LEU H 105 28.37 4.01 22.10
N GLN H 106 28.89 2.82 21.79
CA GLN H 106 28.92 2.34 20.42
C GLN H 106 28.97 0.82 20.36
N ALA H 107 28.11 0.25 19.54
CA ALA H 107 28.08 -1.19 19.34
C ALA H 107 27.28 -1.49 18.11
N GLU H 108 27.53 -2.65 17.50
CA GLU H 108 26.81 -3.06 16.31
CA GLU H 108 26.80 -3.06 16.30
C GLU H 108 25.33 -3.29 16.67
N GLU H 109 25.09 -4.17 17.63
CA GLU H 109 23.75 -4.46 18.12
C GLU H 109 23.72 -4.27 19.62
N PHE H 110 22.77 -3.47 20.10
CA PHE H 110 22.65 -3.21 21.52
C PHE H 110 21.29 -3.62 22.02
N GLU H 111 21.26 -4.10 23.26
CA GLU H 111 20.02 -4.54 23.87
C GLU H 111 19.91 -4.02 25.31
N ALA H 112 19.04 -3.02 25.50
CA ALA H 112 18.81 -2.43 26.81
C ALA H 112 17.49 -2.94 27.38
N GLY H 113 17.54 -3.55 28.57
CA GLY H 113 16.35 -4.12 29.18
C GLY H 113 16.09 -3.59 30.58
N LEU H 114 14.89 -3.09 30.81
CA LEU H 114 14.54 -2.55 32.13
C LEU H 114 13.28 -3.19 32.64
N ALA H 115 13.39 -3.82 33.80
CA ALA H 115 12.24 -4.43 34.45
C ALA H 115 12.03 -3.77 35.82
N GLY H 116 10.89 -3.11 35.97
CA GLY H 116 10.57 -2.46 37.22
C GLY H 116 10.63 -0.95 37.12
N SER H 117 10.92 -0.31 38.25
CA SER H 117 10.93 1.14 38.31
C SER H 117 12.35 1.71 38.31
N GLY H 118 13.19 1.16 37.45
CA GLY H 118 14.57 1.61 37.34
C GLY H 118 14.74 2.72 36.31
N ILE H 119 15.99 3.08 36.04
CA ILE H 119 16.30 4.13 35.08
C ILE H 119 17.58 3.79 34.31
N ILE H 120 17.52 3.91 32.99
CA ILE H 120 18.71 3.74 32.14
C ILE H 120 18.87 5.01 31.33
N GLN H 121 19.96 5.74 31.55
CA GLN H 121 20.20 6.97 30.82
CA GLN H 121 20.22 7.01 30.87
C GLN H 121 21.52 6.97 30.09
N PHE H 122 21.48 7.40 28.83
CA PHE H 122 22.69 7.56 28.02
C PHE H 122 22.91 9.05 27.95
N HIS H 123 23.83 9.55 28.78
CA HIS H 123 24.09 11.00 28.86
C HIS H 123 24.84 11.55 27.66
N ASP H 124 25.48 10.66 26.89
CA ASP H 124 26.26 11.08 25.74
C ASP H 124 25.78 10.31 24.48
N THR H 125 26.42 10.57 23.34
CA THR H 125 26.04 9.93 22.08
C THR H 125 25.99 8.42 22.21
N ALA H 126 25.08 7.81 21.48
CA ALA H 126 24.95 6.36 21.47
C ALA H 126 24.71 5.89 20.03
N SER H 127 25.74 5.32 19.41
CA SER H 127 25.66 4.89 18.01
C SER H 127 25.57 3.37 17.89
N PHE H 128 24.56 2.91 17.16
CA PHE H 128 24.39 1.50 16.92
C PHE H 128 23.85 1.28 15.54
N THR H 129 23.87 0.03 15.10
CA THR H 129 23.18 -0.33 13.89
C THR H 129 21.74 -0.69 14.27
N ASN H 130 21.61 -1.64 15.21
CA ASN H 130 20.30 -2.07 15.73
C ASN H 130 20.21 -1.83 17.23
N LEU H 131 19.19 -1.08 17.65
CA LEU H 131 18.98 -0.81 19.06
C LEU H 131 17.66 -1.40 19.53
N LYS H 132 17.72 -2.30 20.51
CA LYS H 132 16.52 -2.92 21.06
C LYS H 132 16.30 -2.47 22.52
N ILE H 133 15.17 -1.82 22.77
CA ILE H 133 14.83 -1.38 24.11
C ILE H 133 13.58 -2.09 24.58
N GLU H 134 13.69 -2.80 25.70
CA GLU H 134 12.54 -3.49 26.28
C GLU H 134 12.32 -3.00 27.70
N ILE H 135 11.15 -2.42 27.94
CA ILE H 135 10.81 -1.94 29.26
C ILE H 135 9.55 -2.58 29.75
N ALA H 136 9.61 -3.14 30.95
CA ALA H 136 8.44 -3.73 31.58
C ALA H 136 8.32 -3.13 32.97
N GLY H 137 7.30 -2.29 33.15
CA GLY H 137 7.08 -1.62 34.43
C GLY H 137 6.95 -0.13 34.26
N SER H 138 7.15 0.61 35.33
CA SER H 138 7.00 2.06 35.30
C SER H 138 8.37 2.77 35.26
N GLY H 139 9.33 2.17 34.57
CA GLY H 139 10.70 2.71 34.51
C GLY H 139 10.88 3.83 33.53
N ASP H 140 12.13 4.25 33.34
CA ASP H 140 12.47 5.37 32.44
C ASP H 140 13.74 5.07 31.63
N PHE H 141 13.72 5.49 30.37
CA PHE H 141 14.89 5.42 29.51
C PHE H 141 15.11 6.77 28.86
N VAL H 142 16.28 7.32 29.03
CA VAL H 142 16.60 8.62 28.46
C VAL H 142 17.83 8.54 27.58
N GLY H 143 17.71 9.07 26.37
CA GLY H 143 18.82 9.11 25.43
C GLY H 143 18.58 10.22 24.42
N HIS H 144 19.04 11.43 24.76
CA HIS H 144 18.82 12.60 23.89
C HIS H 144 19.73 12.59 22.63
N LYS H 145 20.73 11.70 22.62
CA LYS H 145 21.68 11.64 21.52
C LYS H 145 21.86 10.20 21.02
N VAL H 146 20.80 9.64 20.48
CA VAL H 146 20.84 8.27 19.98
C VAL H 146 20.85 8.26 18.46
N TYR H 147 21.76 7.46 17.89
CA TYR H 147 21.90 7.35 16.44
C TYR H 147 21.99 5.89 16.03
N CYS H 148 20.99 5.40 15.29
CA CYS H 148 20.97 4.01 14.87
C CYS H 148 20.20 3.79 13.60
N GLU H 149 20.42 2.64 12.98
CA GLU H 149 19.76 2.29 11.72
C GLU H 149 18.32 1.77 12.01
N GLU H 150 18.19 0.86 12.98
CA GLU H 150 16.90 0.30 13.38
C GLU H 150 16.71 0.38 14.89
N LEU H 151 15.56 0.92 15.31
CA LEU H 151 15.24 0.99 16.75
C LEU H 151 13.92 0.27 17.03
N ASN H 152 14.00 -0.78 17.85
CA ASN H 152 12.82 -1.55 18.20
C ASN H 152 12.49 -1.40 19.69
N GLY H 153 11.36 -0.75 19.98
CA GLY H 153 10.93 -0.52 21.34
C GLY H 153 9.72 -1.37 21.71
N ASP H 154 9.85 -2.13 22.76
CA ASP H 154 8.76 -2.97 23.25
C ASP H 154 8.50 -2.53 24.68
N ALA H 156 5.73 -2.07 28.10
CA ALA H 156 4.57 -2.54 28.82
C ALA H 156 4.55 -1.89 30.19
N GLY H 157 3.55 -1.06 30.43
CA GLY H 157 3.43 -0.37 31.70
C GLY H 157 3.56 1.13 31.54
N SER H 158 3.40 1.86 32.63
CA SER H 158 3.45 3.31 32.60
C SER H 158 4.90 3.76 32.64
N ASN H 159 5.62 3.50 31.56
CA ASN H 159 7.02 3.89 31.48
C ASN H 159 7.25 5.02 30.48
N THR H 160 8.49 5.50 30.41
CA THR H 160 8.80 6.65 29.54
C THR H 160 10.11 6.46 28.80
N ILE H 161 10.12 6.89 27.54
CA ILE H 161 11.31 6.83 26.72
C ILE H 161 11.52 8.17 26.05
N VAL H 162 12.37 8.98 26.63
CA VAL H 162 12.72 10.26 26.03
C VAL H 162 13.83 10.01 25.01
N LEU H 163 13.55 10.26 23.73
CA LEU H 163 14.53 10.04 22.66
C LEU H 163 14.89 11.30 21.92
N GLY H 164 16.13 11.32 21.44
CA GLY H 164 16.64 12.42 20.64
C GLY H 164 17.74 11.91 19.74
N GLY H 165 17.85 12.48 18.54
CA GLY H 165 18.90 12.08 17.59
C GLY H 165 18.33 11.61 16.26
N THR H 166 18.95 10.56 15.68
CA THR H 166 18.54 10.05 14.37
C THR H 166 18.29 8.54 14.39
N VAL H 167 17.21 8.13 13.74
CA VAL H 167 16.86 6.73 13.63
C VAL H 167 16.37 6.44 12.22
N GLY H 168 16.85 5.35 11.64
CA GLY H 168 16.40 4.93 10.31
C GLY H 168 14.97 4.40 10.32
N ILE H 169 14.79 3.24 10.97
CA ILE H 169 13.48 2.61 11.07
C ILE H 169 13.14 2.36 12.54
N ALA H 170 12.11 3.06 13.04
CA ALA H 170 11.68 2.93 14.43
C ALA H 170 10.39 2.10 14.54
N GLU H 171 10.38 1.16 15.48
CA GLU H 171 9.20 0.31 15.71
C GLU H 171 8.89 0.25 17.20
N PHE H 172 7.76 0.82 17.58
CA PHE H 172 7.35 0.85 18.98
C PHE H 172 6.05 0.09 19.20
N SER H 173 6.05 -0.75 20.22
CA SER H 173 4.86 -1.46 20.66
C SER H 173 4.60 -1.10 22.09
N ILE H 174 3.54 -0.36 22.32
CA ILE H 174 3.21 0.07 23.65
C ILE H 174 1.97 -0.64 24.19
N ALA H 175 2.16 -1.35 25.30
CA ALA H 175 1.03 -1.97 26.02
C ALA H 175 0.81 -1.20 27.30
N GLY H 176 -0.24 -0.41 27.34
CA GLY H 176 -0.54 0.38 28.52
C GLY H 176 -0.45 1.88 28.24
N SER H 177 -0.09 2.65 29.26
CA SER H 177 -0.02 4.09 29.15
C SER H 177 1.41 4.60 29.07
N GLY H 178 2.27 3.85 28.41
CA GLY H 178 3.68 4.24 28.25
C GLY H 178 3.81 5.50 27.41
N THR H 179 4.90 6.22 27.60
CA THR H 179 5.11 7.46 26.88
C THR H 179 6.42 7.46 26.13
N VAL H 180 6.38 8.00 24.93
CA VAL H 180 7.54 8.16 24.14
C VAL H 180 7.59 9.60 23.68
N ARG H 181 8.54 10.35 24.22
CA ARG H 181 8.75 11.72 23.80
C ARG H 181 9.95 11.74 22.92
N ALA H 182 9.71 11.82 21.61
CA ALA H 182 10.78 11.75 20.63
C ALA H 182 10.64 12.76 19.49
N PHE H 183 10.06 13.94 19.79
CA PHE H 183 9.97 15.02 18.78
C PHE H 183 11.37 15.42 18.32
N ASP H 184 12.34 15.34 19.21
CA ASP H 184 13.71 15.72 18.90
C ASP H 184 14.49 14.56 18.26
N CYS H 185 13.79 13.48 17.91
CA CYS H 185 14.43 12.33 17.23
C CYS H 185 13.89 12.19 15.82
N THR H 186 14.70 12.56 14.84
CA THR H 186 14.32 12.46 13.44
C THR H 186 14.31 10.99 13.02
N ASP H 188 13.19 8.32 9.98
CA ASP H 188 12.79 8.18 8.57
C ASP H 188 11.47 7.45 8.46
N GLU H 189 11.34 6.35 9.20
CA GLU H 189 10.11 5.55 9.20
C GLU H 189 9.69 5.20 10.64
N LEU H 190 8.38 5.12 10.86
CA LEU H 190 7.83 4.79 12.16
C LEU H 190 6.67 3.84 12.02
N GLU H 191 6.75 2.72 12.72
CA GLU H 191 5.70 1.74 12.74
C GLU H 191 5.40 1.43 14.19
N CYS H 192 4.19 1.74 14.63
CA CYS H 192 3.86 1.59 16.01
C CYS H 192 2.47 1.05 16.26
N LYS H 193 2.30 0.45 17.43
CA LYS H 193 1.02 -0.07 17.85
C LYS H 193 0.84 0.26 19.33
N ILE H 194 -0.31 0.84 19.65
CA ILE H 194 -0.63 1.18 21.04
C ILE H 194 -1.88 0.47 21.50
N ALA H 195 -1.74 -0.37 22.51
CA ALA H 195 -2.88 -1.04 23.12
C ALA H 195 -3.13 -0.39 24.47
N GLY H 196 -4.04 0.59 24.50
CA GLY H 196 -4.35 1.33 25.72
C GLY H 196 -4.36 2.84 25.47
N SER H 197 -3.84 3.60 26.46
CA SER H 197 -3.83 5.06 26.38
C SER H 197 -2.41 5.61 26.24
N GLY H 198 -1.51 4.77 25.72
CA GLY H 198 -0.13 5.18 25.50
C GLY H 198 -0.03 6.46 24.66
N ASP H 199 1.15 7.08 24.71
CA ASP H 199 1.39 8.36 24.03
C ASP H 199 2.69 8.32 23.27
N ILE H 200 2.66 8.74 22.00
CA ILE H 200 3.86 8.79 21.18
C ILE H 200 4.01 10.14 20.47
N GLU H 201 5.12 10.83 20.75
CA GLU H 201 5.46 12.08 20.06
C GLU H 201 6.72 11.80 19.25
N ALA H 202 6.69 12.10 17.96
CA ALA H 202 7.83 11.78 17.11
C ALA H 202 7.94 12.65 15.86
N PHE H 203 9.16 12.73 15.32
CA PHE H 203 9.38 13.42 14.06
C PHE H 203 9.60 12.38 13.00
N VAL H 204 8.71 12.33 12.03
CA VAL H 204 8.81 11.35 10.95
C VAL H 204 9.07 12.04 9.63
N VAL H 205 9.96 11.46 8.84
CA VAL H 205 10.38 12.06 7.59
C VAL H 205 9.59 11.54 6.38
N ASN H 206 9.54 10.21 6.23
CA ASN H 206 8.99 9.61 5.00
C ASN H 206 7.74 8.73 5.17
N LYS H 207 7.76 7.85 6.18
CA LYS H 207 6.70 6.85 6.32
C LYS H 207 6.23 6.67 7.77
N ILE H 208 4.92 6.63 7.97
CA ILE H 208 4.35 6.35 9.27
C ILE H 208 3.19 5.37 9.16
N LYS H 209 3.25 4.30 9.96
CA LYS H 209 2.17 3.32 10.04
C LYS H 209 1.81 3.14 11.50
N ALA H 210 0.61 3.59 11.89
CA ALA H 210 0.20 3.57 13.28
C ALA H 210 -1.13 2.87 13.48
N GLU H 211 -1.24 2.15 14.60
CA GLU H 211 -2.45 1.47 14.96
C GLU H 211 -2.70 1.67 16.47
N ILE H 212 -3.92 2.04 16.82
CA ILE H 212 -4.28 2.26 18.21
C ILE H 212 -5.53 1.51 18.59
N ALA H 213 -5.47 0.79 19.69
CA ALA H 213 -6.62 0.10 20.24
C ALA H 213 -6.83 0.65 21.64
N GLY H 214 -7.69 1.65 21.74
CA GLY H 214 -7.93 2.33 23.00
C GLY H 214 -7.99 3.85 22.80
N SER H 215 -7.55 4.60 23.81
CA SER H 215 -7.60 6.08 23.76
C SER H 215 -6.22 6.73 23.61
N GLY H 216 -5.22 5.92 23.24
CA GLY H 216 -3.86 6.43 23.04
C GLY H 216 -3.77 7.41 21.89
N SER H 217 -2.62 8.05 21.74
CA SER H 217 -2.44 9.01 20.67
C SER H 217 -1.05 8.97 20.09
N VAL H 218 -0.96 9.29 18.81
CA VAL H 218 0.29 9.41 18.12
C VAL H 218 0.33 10.76 17.46
N LYS H 219 1.24 11.61 17.90
CA LYS H 219 1.42 12.93 17.33
C LYS H 219 2.74 12.96 16.61
N TYR H 220 2.72 13.38 15.35
CA TYR H 220 3.94 13.39 14.57
C TYR H 220 4.21 14.70 13.85
N LYS H 221 5.46 15.14 13.94
CA LYS H 221 5.92 16.28 13.19
C LYS H 221 6.62 15.75 11.95
N GLY H 222 6.80 16.62 10.96
CA GLY H 222 7.41 16.23 9.69
C GLY H 222 6.36 16.18 8.59
N ASP H 223 6.79 15.77 7.39
CA ASP H 223 5.88 15.67 6.25
C ASP H 223 6.05 14.29 5.55
N PRO H 224 5.63 13.21 6.23
CA PRO H 224 5.72 11.87 5.63
C PRO H 224 4.88 11.76 4.37
N GLN H 225 5.35 10.95 3.42
CA GLN H 225 4.65 10.80 2.13
C GLN H 225 3.79 9.52 2.08
N ASP H 226 3.85 8.73 3.14
CA ASP H 226 3.07 7.51 3.25
C ASP H 226 2.56 7.38 4.68
N ILE H 227 1.24 7.41 4.82
CA ILE H 227 0.61 7.42 6.14
C ILE H 227 -0.51 6.38 6.20
N GLN H 228 -0.39 5.42 7.12
CA GLN H 228 -1.42 4.38 7.32
C GLN H 228 -1.93 4.42 8.76
N LYS H 229 -3.22 4.71 8.92
CA LYS H 229 -3.83 4.81 10.25
CA LYS H 229 -3.81 4.79 10.25
C LYS H 229 -4.89 3.73 10.46
N LYS H 230 -5.12 3.39 11.73
CA LYS H 230 -6.13 2.42 12.13
C LYS H 230 -6.40 2.58 13.64
N VAL H 231 -7.61 2.97 14.00
CA VAL H 231 -7.95 3.18 15.40
C VAL H 231 -9.27 2.54 15.81
N GLY H 233 -11.47 2.56 18.93
CA GLY H 233 -11.65 3.27 20.18
C GLY H 233 -11.73 4.76 19.93
N SER H 234 -11.28 5.54 20.92
CA SER H 234 -11.34 7.02 20.84
C SER H 234 -9.95 7.63 20.62
N GLY H 235 -8.95 6.79 20.35
CA GLY H 235 -7.59 7.27 20.12
C GLY H 235 -7.49 8.15 18.88
N LYS H 236 -6.33 8.77 18.69
CA LYS H 236 -6.13 9.66 17.55
C LYS H 236 -4.69 9.62 17.02
N ILE H 237 -4.56 9.78 15.71
CA ILE H 237 -3.28 9.86 15.05
C ILE H 237 -3.30 11.13 14.20
N GLU H 238 -2.61 12.16 14.66
CA GLU H 238 -2.64 13.45 13.96
CA GLU H 238 -2.64 13.47 14.00
C GLU H 238 -1.24 14.00 13.71
N LYS H 239 -1.15 14.89 12.72
CA LYS H 239 0.08 15.55 12.39
C LYS H 239 0.12 16.86 13.19
N VAL H 240 1.28 17.19 13.71
CA VAL H 240 1.44 18.42 14.49
C VAL H 240 2.17 19.48 13.67
N GLU H 241 1.52 20.64 13.48
CA GLU H 241 2.09 21.73 12.68
C GLU H 241 2.04 23.05 13.44
N GLY I 1 -3.50 -10.58 -20.82
CA GLY I 1 -4.87 -9.99 -20.75
C GLY I 1 -5.65 -10.17 -22.03
N GLY I 2 -4.94 -10.22 -23.17
CA GLY I 2 -5.57 -10.42 -24.48
C GLY I 2 -6.44 -11.66 -24.50
N ASP I 3 -7.60 -11.57 -25.14
CA ASP I 3 -8.55 -12.69 -25.16
C ASP I 3 -8.41 -13.56 -26.44
N GLY I 4 -7.40 -13.28 -27.26
CA GLY I 4 -7.14 -14.07 -28.48
C GLY I 4 -8.11 -13.80 -29.62
N ASN I 5 -9.12 -12.96 -29.37
CA ASN I 5 -10.09 -12.61 -30.38
C ASN I 5 -9.52 -11.50 -31.29
N ILE I 6 -8.59 -11.87 -32.17
CA ILE I 6 -7.91 -10.90 -33.05
C ILE I 6 -8.86 -10.25 -34.04
N THR I 7 -9.01 -8.93 -33.93
CA THR I 7 -9.88 -8.17 -34.82
C THR I 7 -9.06 -7.13 -35.60
N THR I 8 -9.47 -6.89 -36.86
CA THR I 8 -8.81 -5.87 -37.69
C THR I 8 -9.74 -4.64 -37.84
N GLU I 9 -9.33 -3.53 -37.22
CA GLU I 9 -10.15 -2.32 -37.22
C GLU I 9 -9.51 -1.20 -38.04
N ASN I 10 -10.30 -0.61 -38.93
CA ASN I 10 -9.85 0.51 -39.71
C ASN I 10 -10.26 1.81 -38.99
N ILE I 11 -9.28 2.51 -38.45
CA ILE I 11 -9.53 3.70 -37.63
C ILE I 11 -9.48 4.98 -38.47
N PRO I 12 -10.55 5.77 -38.43
CA PRO I 12 -10.53 7.05 -39.14
C PRO I 12 -9.51 8.00 -38.53
N VAL I 13 -8.72 8.64 -39.38
CA VAL I 13 -7.71 9.58 -38.91
C VAL I 13 -7.59 10.77 -39.85
N SER I 14 -7.34 11.92 -39.27
CA SER I 14 -7.14 13.13 -40.03
C SER I 14 -5.66 13.33 -40.26
N GLU I 15 -5.32 14.42 -40.92
CA GLU I 15 -3.93 14.70 -41.25
C GLU I 15 -3.06 14.68 -40.02
N TYR I 16 -1.97 13.93 -40.10
CA TYR I 16 -1.02 13.82 -39.02
C TYR I 16 0.39 13.66 -39.58
N ASP I 17 1.37 14.22 -38.90
CA ASP I 17 2.77 14.07 -39.29
C ASP I 17 3.62 13.63 -38.09
N CYS I 18 2.94 13.20 -37.04
CA CYS I 18 3.60 12.70 -35.84
CA CYS I 18 3.60 12.73 -35.87
C CYS I 18 2.92 11.45 -35.39
N LEU I 19 3.73 10.43 -35.12
CA LEU I 19 3.22 9.18 -34.68
C LEU I 19 3.87 8.79 -33.36
N GLU I 20 3.07 8.69 -32.31
CA GLU I 20 3.56 8.35 -30.96
C GLU I 20 2.83 7.12 -30.44
N LEU I 21 3.58 6.07 -30.11
CA LEU I 21 2.97 4.83 -29.64
C LEU I 21 3.45 4.43 -28.24
N GLU I 22 2.57 3.73 -27.52
CA GLU I 22 2.88 3.25 -26.17
C GLU I 22 2.18 1.92 -25.96
N GLY I 23 2.96 0.88 -25.65
CA GLY I 23 2.39 -0.45 -25.39
C GLY I 23 3.44 -1.56 -25.39
N GLY I 24 2.97 -2.80 -25.38
CA GLY I 24 3.86 -3.96 -25.38
C GLY I 24 3.61 -4.89 -26.56
N GLY I 25 4.69 -5.49 -27.08
CA GLY I 25 4.59 -6.43 -28.19
C GLY I 25 4.04 -5.84 -29.47
N VAL I 27 3.98 -4.21 -33.18
CA VAL I 27 4.67 -4.20 -34.45
C VAL I 27 4.06 -3.10 -35.28
N VAL I 28 4.89 -2.15 -35.71
CA VAL I 28 4.41 -0.98 -36.47
C VAL I 28 4.93 -1.00 -37.93
N ASN I 29 4.01 -0.79 -38.86
CA ASN I 29 4.34 -0.75 -40.27
C ASN I 29 3.90 0.59 -40.87
N TYR I 30 4.87 1.48 -41.10
CA TYR I 30 4.56 2.82 -41.64
C TYR I 30 5.07 3.03 -43.06
N THR I 31 4.29 3.73 -43.87
CA THR I 31 4.70 4.09 -45.20
C THR I 31 4.25 5.51 -45.52
N GLN I 32 5.07 6.22 -46.28
CA GLN I 32 4.77 7.58 -46.70
C GLN I 32 4.31 7.54 -48.13
N SER I 33 3.12 8.10 -48.38
CA SER I 33 2.54 8.14 -49.75
C SER I 33 1.61 9.34 -49.93
N ASP I 34 1.27 9.63 -51.19
CA ASP I 34 0.46 10.79 -51.53
C ASP I 34 -1.04 10.59 -51.21
N ALA I 35 -1.42 9.36 -50.84
CA ALA I 35 -2.85 9.06 -50.52
C ALA I 35 -3.28 9.71 -49.20
N PRO I 36 -4.60 9.69 -48.91
CA PRO I 36 -5.09 10.24 -47.62
C PRO I 36 -4.60 9.41 -46.44
N GLU I 37 -4.34 10.06 -45.30
CA GLU I 37 -3.85 9.36 -44.10
C GLU I 37 -4.69 8.13 -43.79
N GLY I 38 -4.03 7.06 -43.35
CA GLY I 38 -4.71 5.83 -43.01
C GLY I 38 -4.14 5.17 -41.77
N LEU I 39 -4.98 4.42 -41.06
CA LEU I 39 -4.56 3.71 -39.86
C LEU I 39 -5.37 2.45 -39.70
N GLU I 40 -4.69 1.34 -39.47
CA GLU I 40 -5.35 0.06 -39.27
C GLU I 40 -4.73 -0.64 -38.05
N ILE I 41 -5.58 -1.16 -37.17
CA ILE I 41 -5.12 -1.85 -35.96
C ILE I 41 -5.60 -3.29 -35.92
N LYS I 42 -4.67 -4.21 -35.74
CA LYS I 42 -4.97 -5.64 -35.60
C LYS I 42 -4.54 -6.12 -34.22
N THR I 43 -5.50 -6.34 -33.33
CA THR I 43 -5.19 -6.77 -31.98
C THR I 43 -6.36 -7.52 -31.34
N ASP I 44 -6.18 -7.92 -30.08
CA ASP I 44 -7.23 -8.59 -29.33
C ASP I 44 -8.40 -7.62 -29.12
N ARG I 45 -9.63 -8.12 -29.33
CA ARG I 45 -10.83 -7.26 -29.21
C ARG I 45 -10.92 -6.57 -27.84
N ASN I 46 -10.49 -7.25 -26.77
CA ASN I 46 -10.56 -6.68 -25.40
C ASN I 46 -9.49 -5.61 -25.15
N ILE I 47 -8.34 -5.75 -25.80
CA ILE I 47 -7.25 -4.79 -25.67
C ILE I 47 -7.52 -3.56 -26.54
N PHE I 48 -8.24 -3.76 -27.63
CA PHE I 48 -8.61 -2.69 -28.54
C PHE I 48 -9.54 -1.67 -27.84
N GLU I 49 -10.34 -2.15 -26.89
CA GLU I 49 -11.30 -1.31 -26.17
C GLU I 49 -10.61 -0.41 -25.14
N LYS I 50 -9.39 -0.79 -24.73
CA LYS I 50 -8.66 -0.04 -23.70
C LYS I 50 -7.67 0.98 -24.31
N TYR I 51 -7.63 1.07 -25.63
CA TYR I 51 -6.73 1.99 -26.32
C TYR I 51 -7.47 3.14 -26.97
N GLU I 52 -6.72 4.20 -27.26
CA GLU I 52 -7.26 5.34 -28.00
C GLU I 52 -6.32 5.67 -29.16
N PHE I 53 -6.86 6.20 -30.24
CA PHE I 53 -6.09 6.44 -31.46
C PHE I 53 -6.41 7.81 -32.05
N ASN I 54 -6.41 8.83 -31.21
CA ASN I 54 -6.80 10.17 -31.64
C ASN I 54 -5.66 10.96 -32.29
N VAL I 55 -6.05 11.88 -33.17
CA VAL I 55 -5.12 12.81 -33.75
C VAL I 55 -5.30 14.15 -33.04
N GLU I 56 -4.22 14.70 -32.52
CA GLU I 56 -4.25 15.94 -31.79
C GLU I 56 -3.21 16.86 -32.37
N ASN I 57 -3.64 18.02 -32.86
CA ASN I 57 -2.72 18.95 -33.50
C ASN I 57 -1.72 18.19 -34.42
N HIS I 58 -2.27 17.30 -35.27
CA HIS I 58 -1.46 16.51 -36.24
C HIS I 58 -0.52 15.50 -35.57
N LYS I 59 -0.80 15.15 -34.33
CA LYS I 59 -0.04 14.13 -33.63
C LYS I 59 -0.92 12.93 -33.41
N LEU I 60 -0.64 11.85 -34.12
CA LEU I 60 -1.38 10.61 -33.93
C LEU I 60 -0.81 9.89 -32.73
N LYS I 61 -1.60 9.84 -31.67
CA LYS I 61 -1.16 9.23 -30.41
C LYS I 61 -1.88 7.92 -30.16
N ILE I 62 -1.12 6.83 -30.09
CA ILE I 62 -1.69 5.49 -29.89
C ILE I 62 -1.25 4.95 -28.55
N ARG I 63 -2.19 4.84 -27.63
CA ARG I 63 -1.86 4.48 -26.26
C ARG I 63 -3.09 4.03 -25.49
N PRO I 64 -2.89 3.49 -24.28
CA PRO I 64 -4.01 3.11 -23.46
C PRO I 64 -4.77 4.33 -22.99
N LYS I 65 -6.09 4.20 -22.84
CA LYS I 65 -6.91 5.31 -22.33
C LYS I 65 -6.44 5.65 -20.90
N LYS I 66 -6.65 6.89 -20.49
CA LYS I 66 -6.18 7.39 -19.19
C LYS I 66 -6.60 6.48 -18.02
N GLU I 67 -7.86 6.02 -18.04
CA GLU I 67 -8.41 5.19 -16.95
C GLU I 67 -7.95 3.73 -17.00
N PHE I 68 -7.11 3.39 -17.97
CA PHE I 68 -6.57 2.03 -18.08
C PHE I 68 -5.04 2.04 -18.10
N ARG I 69 -4.45 3.20 -17.80
CA ARG I 69 -2.99 3.33 -17.76
C ARG I 69 -2.46 2.72 -16.45
N LYS I 70 -3.34 2.59 -15.47
CA LYS I 70 -2.97 2.00 -14.17
C LYS I 70 -2.57 0.53 -14.35
N HIS I 71 -3.53 -0.31 -14.73
CA HIS I 71 -3.28 -1.73 -14.92
C HIS I 71 -2.79 -2.01 -16.34
N THR I 72 -1.51 -1.70 -16.59
CA THR I 72 -0.90 -1.92 -17.92
C THR I 72 -0.25 -3.30 -17.98
N ASN I 73 -0.87 -4.28 -17.32
CA ASN I 73 -0.39 -5.65 -17.36
C ASN I 73 -1.16 -6.48 -18.40
N PHE I 74 -1.76 -5.78 -19.38
CA PHE I 74 -2.52 -6.44 -20.46
C PHE I 74 -1.60 -6.91 -21.59
N ARG I 75 -1.17 -8.17 -21.51
CA ARG I 75 -0.30 -8.77 -22.52
C ARG I 75 -1.13 -9.19 -23.75
N PRO I 76 -0.90 -8.54 -24.91
CA PRO I 76 -1.66 -8.85 -26.11
C PRO I 76 -1.10 -10.04 -26.89
N THR I 77 -1.98 -10.77 -27.57
CA THR I 77 -1.56 -11.83 -28.45
C THR I 77 -0.80 -11.19 -29.59
N GLU I 78 -1.48 -10.28 -30.28
CA GLU I 78 -0.88 -9.49 -31.36
C GLU I 78 -1.21 -8.04 -31.18
N PHE I 79 -0.43 -7.18 -31.80
CA PHE I 79 -0.73 -5.78 -31.82
C PHE I 79 0.04 -5.16 -32.95
N VAL I 81 0.19 -2.19 -35.93
CA VAL I 81 -0.25 -0.91 -36.37
C VAL I 81 0.25 -0.70 -37.80
N THR I 82 -0.68 -0.60 -38.75
CA THR I 82 -0.34 -0.30 -40.15
C THR I 82 -0.82 1.12 -40.42
N ALA I 83 0.08 1.98 -40.86
CA ALA I 83 -0.27 3.40 -41.02
C ALA I 83 0.45 4.06 -42.17
N ASN I 84 -0.18 5.08 -42.73
CA ASN I 84 0.41 5.84 -43.79
C ASN I 84 0.01 7.32 -43.68
N SER I 85 0.89 8.20 -44.16
CA SER I 85 0.62 9.62 -44.18
C SER I 85 1.44 10.28 -45.29
N ARG I 86 1.07 11.50 -45.65
CA ARG I 86 1.79 12.25 -46.68
CA ARG I 86 1.79 12.26 -46.68
C ARG I 86 3.11 12.78 -46.13
N ASN I 87 3.14 13.05 -44.83
CA ASN I 87 4.34 13.54 -44.19
C ASN I 87 4.49 12.97 -42.80
N LEU I 88 5.74 12.82 -42.37
CA LEU I 88 6.03 12.39 -41.00
C LEU I 88 7.33 13.03 -40.57
N LYS I 89 7.30 13.74 -39.45
CA LYS I 89 8.49 14.40 -38.92
C LYS I 89 8.97 13.76 -37.62
N LYS I 90 8.18 12.81 -37.10
CA LYS I 90 8.51 12.16 -35.84
C LYS I 90 7.76 10.86 -35.65
N LEU I 91 8.46 9.87 -35.16
CA LEU I 91 7.88 8.58 -34.82
C LEU I 91 8.54 8.10 -33.54
N ALA I 92 7.77 8.05 -32.45
CA ALA I 92 8.29 7.65 -31.13
C ALA I 92 7.48 6.50 -30.57
N ALA I 93 8.18 5.59 -29.89
CA ALA I 93 7.55 4.40 -29.34
C ALA I 93 8.07 4.11 -27.96
N ALA I 94 7.18 3.68 -27.09
CA ALA I 94 7.55 3.39 -25.71
C ALA I 94 7.03 1.99 -25.30
N GLY I 95 7.90 1.23 -24.67
CA GLY I 95 7.55 -0.13 -24.25
C GLY I 95 8.41 -1.14 -24.98
N SER I 96 7.76 -2.06 -25.69
CA SER I 96 8.45 -3.09 -26.51
C SER I 96 7.86 -3.04 -27.90
N THR I 97 8.55 -2.38 -28.82
CA THR I 97 7.99 -2.17 -30.14
C THR I 97 8.98 -2.48 -31.25
N HIS I 98 8.47 -2.98 -32.37
CA HIS I 98 9.25 -3.20 -33.57
C HIS I 98 8.69 -2.26 -34.64
N VAL I 99 9.45 -1.22 -34.99
CA VAL I 99 8.98 -0.19 -35.96
C VAL I 99 9.63 -0.33 -37.34
N ASN I 100 8.80 -0.50 -38.36
CA ASN I 100 9.27 -0.63 -39.73
C ASN I 100 8.78 0.51 -40.61
N ILE I 101 9.70 1.23 -41.22
CA ILE I 101 9.35 2.20 -42.24
C ILE I 101 9.57 1.47 -43.58
N ASN I 102 8.47 1.09 -44.23
CA ASN I 102 8.53 0.19 -45.40
C ASN I 102 8.55 0.88 -46.76
N SER I 103 8.75 2.18 -46.75
CA SER I 103 8.80 2.96 -47.98
C SER I 103 9.92 3.94 -47.89
N PRO I 104 10.20 4.63 -49.00
CA PRO I 104 11.16 5.71 -48.92
C PRO I 104 10.61 6.80 -47.99
N LEU I 105 11.49 7.42 -47.21
CA LEU I 105 11.06 8.44 -46.26
C LEU I 105 11.75 9.75 -46.58
N GLN I 106 10.95 10.81 -46.65
CA GLN I 106 11.48 12.16 -46.93
CA GLN I 106 11.48 12.15 -46.93
C GLN I 106 10.85 13.17 -45.98
N ALA I 107 11.70 13.98 -45.35
CA ALA I 107 11.24 14.99 -44.42
C ALA I 107 12.37 15.98 -44.12
N GLU I 108 12.02 17.25 -43.98
CA GLU I 108 13.00 18.26 -43.63
C GLU I 108 13.69 17.89 -42.31
N GLU I 109 12.87 17.65 -41.29
CA GLU I 109 13.36 17.27 -39.97
CA GLU I 109 13.35 17.29 -39.97
C GLU I 109 12.68 16.00 -39.54
N PHE I 110 13.42 15.11 -38.92
CA PHE I 110 12.84 13.88 -38.45
C PHE I 110 13.41 13.48 -37.13
N GLU I 111 12.55 12.91 -36.29
CA GLU I 111 12.94 12.46 -35.00
C GLU I 111 12.49 11.00 -34.81
N ALA I 112 13.46 10.11 -34.59
CA ALA I 112 13.17 8.71 -34.31
C ALA I 112 13.41 8.47 -32.84
N GLY I 113 12.33 8.19 -32.11
CA GLY I 113 12.39 8.00 -30.66
C GLY I 113 12.06 6.60 -30.26
N LEU I 114 12.75 6.09 -29.26
CA LEU I 114 12.56 4.73 -28.83
C LEU I 114 12.89 4.59 -27.35
N ALA I 115 11.85 4.41 -26.52
CA ALA I 115 12.01 4.24 -25.08
C ALA I 115 11.62 2.80 -24.66
N GLY I 116 12.51 2.14 -23.93
CA GLY I 116 12.27 0.77 -23.48
C GLY I 116 13.09 -0.23 -24.28
N SER I 117 12.41 -1.10 -25.01
CA SER I 117 13.06 -2.10 -25.84
C SER I 117 12.46 -2.09 -27.24
N GLY I 118 13.24 -2.50 -28.23
CA GLY I 118 12.74 -2.60 -29.59
C GLY I 118 13.74 -2.17 -30.66
N ILE I 119 13.22 -1.96 -31.87
CA ILE I 119 14.04 -1.58 -32.98
C ILE I 119 13.29 -0.69 -33.94
N ILE I 120 14.00 0.28 -34.51
CA ILE I 120 13.46 1.13 -35.56
C ILE I 120 14.30 0.95 -36.80
N GLN I 121 13.69 0.51 -37.89
CA GLN I 121 14.41 0.33 -39.13
C GLN I 121 13.77 1.03 -40.32
N PHE I 122 14.56 1.88 -41.00
CA PHE I 122 14.16 2.47 -42.27
C PHE I 122 14.60 1.48 -43.36
N HIS I 123 13.63 0.79 -43.96
CA HIS I 123 13.94 -0.29 -44.94
C HIS I 123 14.31 0.19 -46.32
N ASP I 124 14.01 1.44 -46.63
CA ASP I 124 14.37 2.01 -47.92
C ASP I 124 15.12 3.31 -47.67
N THR I 125 15.24 4.15 -48.70
CA THR I 125 15.97 5.39 -48.56
C THR I 125 15.30 6.33 -47.58
N ALA I 126 16.11 7.02 -46.79
CA ALA I 126 15.61 7.97 -45.83
C ALA I 126 16.38 9.25 -45.99
N SER I 127 15.72 10.28 -46.52
CA SER I 127 16.37 11.56 -46.81
C SER I 127 15.85 12.67 -45.93
N PHE I 128 16.78 13.40 -45.30
CA PHE I 128 16.42 14.51 -44.44
C PHE I 128 17.46 15.59 -44.52
N THR I 129 17.14 16.75 -43.98
CA THR I 129 18.11 17.78 -43.77
C THR I 129 18.72 17.52 -42.38
N ASN I 130 17.85 17.21 -41.41
CA ASN I 130 18.27 16.90 -40.03
C ASN I 130 17.58 15.63 -39.50
N LEU I 131 18.37 14.68 -39.02
CA LEU I 131 17.83 13.45 -38.43
C LEU I 131 18.26 13.36 -36.99
N LYS I 132 17.29 13.15 -36.11
CA LYS I 132 17.54 13.03 -34.71
C LYS I 132 17.09 11.64 -34.23
N ILE I 133 18.01 10.89 -33.64
CA ILE I 133 17.71 9.57 -33.11
C ILE I 133 17.90 9.59 -31.61
N GLU I 134 16.86 9.21 -30.87
CA GLU I 134 16.91 9.16 -29.41
C GLU I 134 16.51 7.76 -28.90
N ILE I 135 17.47 7.02 -28.37
CA ILE I 135 17.19 5.69 -27.86
C ILE I 135 17.46 5.63 -26.38
N ALA I 136 16.43 5.31 -25.61
CA ALA I 136 16.56 5.21 -24.15
C ALA I 136 16.11 3.82 -23.68
N GLY I 137 17.08 2.97 -23.39
CA GLY I 137 16.79 1.60 -22.92
C GLY I 137 17.66 0.59 -23.64
N SER I 138 17.00 -0.39 -24.28
CA SER I 138 17.71 -1.40 -25.07
C SER I 138 17.18 -1.38 -26.49
N GLY I 139 17.43 -0.29 -27.19
CA GLY I 139 16.93 -0.13 -28.55
C GLY I 139 18.00 -0.17 -29.61
N ASP I 140 17.58 -0.36 -30.83
CA ASP I 140 18.47 -0.42 -31.95
C ASP I 140 17.89 0.35 -33.10
N PHE I 141 18.76 1.09 -33.81
CA PHE I 141 18.36 1.79 -35.03
C PHE I 141 19.12 1.20 -36.23
N VAL I 142 18.38 0.91 -37.30
CA VAL I 142 18.99 0.39 -38.53
C VAL I 142 18.53 1.21 -39.70
N GLY I 143 19.48 1.71 -40.48
CA GLY I 143 19.19 2.50 -41.67
C GLY I 143 20.36 2.42 -42.65
N HIS I 144 20.31 1.46 -43.54
CA HIS I 144 21.39 1.23 -44.48
C HIS I 144 21.46 2.30 -45.59
N LYS I 145 20.35 3.01 -45.81
CA LYS I 145 20.28 4.05 -46.87
C LYS I 145 19.73 5.38 -46.32
N VAL I 146 20.55 6.05 -45.53
CA VAL I 146 20.19 7.31 -44.92
C VAL I 146 21.04 8.44 -45.51
N TYR I 147 20.39 9.55 -45.88
CA TYR I 147 21.07 10.70 -46.48
C TYR I 147 20.61 12.01 -45.84
N CYS I 148 21.50 12.65 -45.11
CA CYS I 148 21.16 13.89 -44.46
C CYS I 148 22.37 14.77 -44.23
N GLU I 149 22.11 16.05 -43.96
CA GLU I 149 23.17 17.01 -43.70
C GLU I 149 23.67 16.89 -42.26
N GLU I 150 22.75 16.66 -41.32
CA GLU I 150 23.11 16.53 -39.91
C GLU I 150 22.40 15.36 -39.27
N LEU I 151 23.15 14.61 -38.47
CA LEU I 151 22.58 13.47 -37.74
C LEU I 151 22.99 13.55 -36.27
N ASN I 152 22.01 13.42 -35.39
CA ASN I 152 22.26 13.44 -33.94
C ASN I 152 21.71 12.15 -33.27
N GLY I 153 22.62 11.28 -32.83
CA GLY I 153 22.24 10.02 -32.19
C GLY I 153 22.51 10.04 -30.70
N ASP I 154 21.45 10.13 -29.91
CA ASP I 154 21.59 10.19 -28.45
C ASP I 154 21.19 8.84 -27.84
N ALA I 156 21.10 6.17 -24.57
CA ALA I 156 21.15 5.93 -23.10
C ALA I 156 20.71 4.51 -22.79
N GLY I 157 21.64 3.71 -22.28
CA GLY I 157 21.36 2.31 -21.96
C GLY I 157 22.27 1.37 -22.74
N SER I 158 21.65 0.44 -23.49
CA SER I 158 22.41 -0.53 -24.33
C SER I 158 21.87 -0.47 -25.74
N ASN I 159 22.54 0.30 -26.57
CA ASN I 159 22.00 0.63 -27.86
C ASN I 159 22.95 0.41 -29.03
N THR I 160 22.37 0.15 -30.20
CA THR I 160 23.12 0.02 -31.42
C THR I 160 22.46 0.84 -32.52
N ILE I 161 23.29 1.56 -33.28
CA ILE I 161 22.84 2.30 -34.43
C ILE I 161 23.63 1.84 -35.66
N VAL I 162 22.92 1.22 -36.60
CA VAL I 162 23.53 0.79 -37.86
C VAL I 162 23.13 1.79 -38.94
N LEU I 163 24.13 2.36 -39.61
CA LEU I 163 23.89 3.36 -40.64
C LEU I 163 24.63 3.09 -41.94
N GLY I 164 24.00 3.46 -43.03
CA GLY I 164 24.60 3.41 -44.32
C GLY I 164 24.09 4.61 -45.10
N GLY I 165 24.89 5.09 -46.05
CA GLY I 165 24.50 6.23 -46.88
C GLY I 165 25.49 7.40 -46.78
N THR I 166 24.96 8.61 -46.66
CA THR I 166 25.78 9.82 -46.62
C THR I 166 25.28 10.80 -45.58
N VAL I 167 26.16 11.18 -44.65
CA VAL I 167 25.83 12.10 -43.60
C VAL I 167 26.87 13.24 -43.54
N GLY I 168 26.39 14.48 -43.49
CA GLY I 168 27.27 15.65 -43.40
C GLY I 168 27.98 15.68 -42.06
N ILE I 169 27.23 15.97 -41.00
CA ILE I 169 27.79 16.06 -39.65
C ILE I 169 27.09 15.08 -38.72
N ALA I 170 27.82 14.12 -38.22
CA ALA I 170 27.25 13.12 -37.33
C ALA I 170 27.72 13.32 -35.89
N GLU I 171 26.75 13.52 -34.98
CA GLU I 171 27.03 13.65 -33.55
C GLU I 171 26.42 12.46 -32.78
N PHE I 172 27.25 11.74 -32.02
CA PHE I 172 26.76 10.62 -31.19
C PHE I 172 27.06 10.84 -29.71
N SER I 173 26.03 10.67 -28.87
CA SER I 173 26.19 10.74 -27.40
C SER I 173 25.84 9.38 -26.81
N ILE I 174 26.77 8.79 -26.09
CA ILE I 174 26.56 7.48 -25.53
C ILE I 174 26.66 7.49 -24.01
N ALA I 175 25.58 7.10 -23.35
CA ALA I 175 25.54 6.99 -21.92
C ALA I 175 25.23 5.54 -21.57
N GLY I 176 26.24 4.82 -21.12
CA GLY I 176 26.10 3.39 -20.83
C GLY I 176 26.92 2.60 -21.82
N SER I 177 26.24 1.81 -22.65
CA SER I 177 26.90 1.03 -23.70
C SER I 177 26.30 1.34 -25.04
N GLY I 178 27.13 1.83 -25.96
CA GLY I 178 26.66 2.22 -27.29
C GLY I 178 27.55 1.66 -28.40
N THR I 179 26.91 1.20 -29.48
CA THR I 179 27.63 0.65 -30.62
C THR I 179 27.15 1.29 -31.91
N VAL I 180 28.08 1.76 -32.72
CA VAL I 180 27.76 2.39 -34.01
C VAL I 180 28.48 1.67 -35.12
N ARG I 181 27.72 1.14 -36.08
CA ARG I 181 28.31 0.46 -37.25
C ARG I 181 28.00 1.28 -38.47
N ALA I 182 28.98 2.10 -38.89
CA ALA I 182 28.75 3.04 -40.00
C ALA I 182 29.88 3.08 -41.02
N PHE I 183 30.57 1.97 -41.22
CA PHE I 183 31.61 1.92 -42.23
C PHE I 183 31.01 2.21 -43.62
N ASP I 184 29.72 1.88 -43.78
CA ASP I 184 29.03 2.09 -45.08
C ASP I 184 28.37 3.46 -45.15
N CYS I 185 28.58 4.28 -44.12
CA CYS I 185 28.05 5.64 -44.10
C CYS I 185 29.18 6.64 -44.24
N THR I 186 29.17 7.38 -45.35
CA THR I 186 30.19 8.39 -45.61
C THR I 186 29.90 9.66 -44.82
N ASP I 188 31.18 13.38 -43.35
CA ASP I 188 32.16 14.48 -43.45
C ASP I 188 32.77 14.71 -42.10
N GLU I 189 31.93 14.74 -41.07
CA GLU I 189 32.39 14.97 -39.71
C GLU I 189 31.73 14.03 -38.72
N LEU I 190 32.53 13.57 -37.76
CA LEU I 190 32.07 12.66 -36.72
C LEU I 190 32.48 13.21 -35.34
N GLU I 191 31.50 13.34 -34.47
CA GLU I 191 31.73 13.77 -33.12
C GLU I 191 31.05 12.78 -32.16
N CYS I 192 31.82 12.27 -31.20
CA CYS I 192 31.24 11.36 -30.25
CA CYS I 192 31.31 11.29 -30.23
C CYS I 192 31.59 11.75 -28.81
N LYS I 193 30.61 11.57 -27.94
CA LYS I 193 30.76 11.82 -26.53
C LYS I 193 30.35 10.54 -25.79
N ILE I 194 31.32 9.82 -25.27
CA ILE I 194 31.06 8.51 -24.68
C ILE I 194 31.25 8.50 -23.17
N ALA I 195 30.17 8.18 -22.44
CA ALA I 195 30.21 8.05 -20.97
C ALA I 195 29.86 6.61 -20.60
N GLY I 196 30.87 5.79 -20.39
CA GLY I 196 30.71 4.37 -20.12
C GLY I 196 31.53 3.55 -21.10
N SER I 197 30.85 2.81 -21.99
CA SER I 197 31.53 1.99 -23.01
C SER I 197 30.98 2.29 -24.39
N GLY I 198 31.89 2.58 -25.33
CA GLY I 198 31.49 2.93 -26.71
C GLY I 198 32.37 2.26 -27.79
N ASP I 199 31.70 1.79 -28.85
CA ASP I 199 32.36 1.09 -29.95
C ASP I 199 31.85 1.67 -31.27
N ILE I 200 32.66 2.52 -31.90
CA ILE I 200 32.24 3.23 -33.10
C ILE I 200 33.08 2.90 -34.34
N GLU I 201 32.40 2.55 -35.43
CA GLU I 201 33.03 2.33 -36.73
C GLU I 201 32.36 3.26 -37.73
N ALA I 202 33.17 4.00 -38.49
CA ALA I 202 32.62 4.95 -39.46
C ALA I 202 33.62 5.33 -40.54
N PHE I 203 33.10 5.69 -41.72
CA PHE I 203 33.92 6.25 -42.77
C PHE I 203 33.85 7.77 -42.60
N VAL I 204 35.00 8.39 -42.32
CA VAL I 204 35.04 9.82 -42.08
C VAL I 204 35.91 10.52 -43.11
N VAL I 205 35.40 11.61 -43.68
CA VAL I 205 36.12 12.33 -44.74
C VAL I 205 37.00 13.47 -44.20
N ASN I 206 36.44 14.29 -43.31
CA ASN I 206 37.15 15.50 -42.88
C ASN I 206 37.64 15.52 -41.43
N LYS I 207 36.73 15.23 -40.47
CA LYS I 207 37.06 15.42 -39.06
C LYS I 207 36.44 14.42 -38.10
N ILE I 208 37.24 14.04 -37.10
CA ILE I 208 36.78 13.20 -36.01
C ILE I 208 37.13 13.87 -34.68
N LYS I 209 36.15 13.95 -33.78
CA LYS I 209 36.36 14.48 -32.45
C LYS I 209 35.71 13.49 -31.46
N ALA I 210 36.44 13.08 -30.43
CA ALA I 210 35.93 12.10 -29.49
C ALA I 210 36.27 12.42 -28.05
N GLU I 211 35.25 12.42 -27.20
CA GLU I 211 35.45 12.57 -25.78
C GLU I 211 34.99 11.30 -25.10
N ILE I 212 35.92 10.64 -24.42
CA ILE I 212 35.65 9.34 -23.84
C ILE I 212 35.87 9.32 -22.33
N ALA I 213 34.80 9.05 -21.59
CA ALA I 213 34.87 8.87 -20.15
C ALA I 213 34.48 7.43 -19.84
N GLY I 214 35.48 6.59 -19.67
CA GLY I 214 35.29 5.16 -19.47
C GLY I 214 36.12 4.41 -20.50
N SER I 215 35.45 3.64 -21.37
CA SER I 215 36.14 2.88 -22.44
C SER I 215 35.55 3.23 -23.78
N GLY I 216 36.41 3.43 -24.77
CA GLY I 216 35.95 3.82 -26.09
C GLY I 216 36.90 3.44 -27.22
N SER I 217 36.33 2.96 -28.31
CA SER I 217 37.10 2.61 -29.50
C SER I 217 36.46 3.26 -30.70
N VAL I 218 37.20 4.15 -31.35
CA VAL I 218 36.73 4.81 -32.56
C VAL I 218 37.56 4.32 -33.73
N LYS I 219 37.00 3.41 -34.51
CA LYS I 219 37.66 2.86 -35.69
C LYS I 219 37.12 3.55 -36.90
N TYR I 220 38.00 3.97 -37.81
CA TYR I 220 37.54 4.70 -38.99
C TYR I 220 38.21 4.28 -40.26
N LYS I 221 37.50 4.50 -41.36
CA LYS I 221 38.06 4.35 -42.68
C LYS I 221 38.03 5.74 -43.29
N GLY I 222 38.80 5.94 -44.33
CA GLY I 222 38.89 7.24 -44.97
C GLY I 222 40.14 7.97 -44.51
N ASP I 223 40.21 9.26 -44.84
CA ASP I 223 41.40 10.07 -44.52
C ASP I 223 41.03 11.41 -43.85
N PRO I 224 40.53 11.34 -42.61
CA PRO I 224 40.17 12.56 -41.85
C PRO I 224 41.38 13.46 -41.64
N GLN I 225 41.22 14.76 -41.86
CA GLN I 225 42.33 15.73 -41.77
C GLN I 225 42.41 16.43 -40.40
N ASP I 226 41.49 16.10 -39.50
CA ASP I 226 41.51 16.67 -38.16
C ASP I 226 41.00 15.65 -37.14
N ILE I 227 41.91 15.20 -36.27
CA ILE I 227 41.57 14.23 -35.24
C ILE I 227 41.96 14.77 -33.87
N GLN I 228 41.01 14.73 -32.93
CA GLN I 228 41.26 15.19 -31.54
C GLN I 228 40.46 14.35 -30.55
N LYS I 229 40.93 14.27 -29.33
CA LYS I 229 40.24 13.49 -28.33
C LYS I 229 40.56 13.92 -26.91
N LYS I 230 39.64 13.62 -26.00
CA LYS I 230 39.85 13.77 -24.57
C LYS I 230 39.45 12.47 -23.93
N VAL I 231 40.36 11.86 -23.20
CA VAL I 231 40.09 10.57 -22.61
C VAL I 231 40.32 10.54 -21.15
N GLY I 233 40.17 7.52 -18.82
CA GLY I 233 40.06 6.06 -18.81
C GLY I 233 40.87 5.45 -19.95
N SER I 234 40.17 4.86 -20.92
CA SER I 234 40.83 4.23 -22.09
C SER I 234 40.09 4.60 -23.38
N GLY I 235 40.82 5.18 -24.33
CA GLY I 235 40.23 5.61 -25.59
C GLY I 235 41.24 5.68 -26.71
N LYS I 236 40.82 5.25 -27.89
CA LYS I 236 41.71 5.17 -29.02
C LYS I 236 40.99 5.45 -30.34
N ILE I 237 41.51 6.41 -31.11
CA ILE I 237 40.99 6.68 -32.45
C ILE I 237 41.93 5.99 -33.41
N GLU I 238 41.41 5.04 -34.17
CA GLU I 238 42.25 4.14 -34.99
C GLU I 238 41.70 3.95 -36.41
N LYS I 239 42.60 3.89 -37.39
CA LYS I 239 42.21 3.64 -38.79
C LYS I 239 42.28 2.14 -39.06
N VAL I 240 41.34 1.64 -39.85
CA VAL I 240 41.33 0.21 -40.19
C VAL I 240 41.31 0.02 -41.71
N GLU I 241 42.18 -0.86 -42.19
CA GLU I 241 42.30 -1.12 -43.63
C GLU I 241 41.05 -1.84 -44.15
N ASP J 3 58.47 1.96 -22.60
CA ASP J 3 59.85 1.49 -22.95
C ASP J 3 59.88 -0.03 -23.17
N GLY J 4 59.18 -0.75 -22.29
CA GLY J 4 59.14 -2.21 -22.36
C GLY J 4 60.03 -2.85 -21.31
N ASN J 5 60.92 -2.05 -20.72
CA ASN J 5 61.82 -2.54 -19.68
C ASN J 5 61.08 -2.63 -18.33
N ILE J 6 60.56 -3.83 -18.02
CA ILE J 6 59.79 -4.06 -16.80
C ILE J 6 60.65 -3.86 -15.55
N THR J 7 60.09 -3.18 -14.56
CA THR J 7 60.78 -2.90 -13.32
C THR J 7 59.79 -2.83 -12.16
N THR J 8 60.21 -3.33 -11.00
CA THR J 8 59.35 -3.32 -9.80
C THR J 8 59.82 -2.27 -8.80
N GLU J 9 59.00 -1.24 -8.61
CA GLU J 9 59.31 -0.17 -7.68
C GLU J 9 58.29 -0.15 -6.55
N ASN J 10 58.75 0.19 -5.35
CA ASN J 10 57.86 0.32 -4.21
C ASN J 10 57.67 1.81 -3.93
N ILE J 11 56.42 2.27 -4.02
CA ILE J 11 56.10 3.70 -3.86
C ILE J 11 55.56 4.00 -2.47
N PRO J 12 56.20 4.94 -1.75
CA PRO J 12 55.72 5.34 -0.43
C PRO J 12 54.34 6.01 -0.52
N VAL J 13 53.44 5.66 0.39
CA VAL J 13 52.08 6.22 0.38
C VAL J 13 51.59 6.51 1.79
N SER J 14 51.03 7.70 2.00
CA SER J 14 50.45 8.08 3.28
C SER J 14 49.06 7.43 3.41
N GLU J 15 48.44 7.61 4.56
CA GLU J 15 47.15 6.96 4.83
C GLU J 15 46.07 7.34 3.79
N TYR J 16 45.40 6.32 3.24
CA TYR J 16 44.33 6.53 2.24
C TYR J 16 43.19 5.52 2.43
N ASP J 17 41.97 5.96 2.15
CA ASP J 17 40.79 5.07 2.22
C ASP J 17 39.97 5.11 0.91
N CYS J 18 40.48 5.84 -0.09
CA CYS J 18 39.86 5.92 -1.40
C CYS J 18 40.86 5.50 -2.46
N LEU J 19 40.38 4.80 -3.47
CA LEU J 19 41.24 4.33 -4.52
C LEU J 19 40.63 4.70 -5.88
N GLU J 20 41.30 5.61 -6.59
CA GLU J 20 40.84 6.04 -7.94
C GLU J 20 41.79 5.53 -9.00
N LEU J 21 41.26 4.77 -9.95
CA LEU J 21 42.09 4.13 -10.95
C LEU J 21 41.68 4.50 -12.37
N GLU J 22 42.64 4.96 -13.15
CA GLU J 22 42.42 5.29 -14.55
C GLU J 22 43.63 4.87 -15.33
N GLY J 23 43.53 3.78 -16.08
CA GLY J 23 44.69 3.29 -16.79
C GLY J 23 44.41 2.30 -17.85
N GLY J 24 45.49 1.77 -18.43
CA GLY J 24 45.38 0.79 -19.48
C GLY J 24 45.98 -0.55 -19.09
N GLY J 25 45.13 -1.56 -18.97
CA GLY J 25 45.57 -2.92 -18.64
C GLY J 25 46.02 -3.05 -17.21
N VAL J 27 46.16 -4.20 -13.69
CA VAL J 27 45.67 -5.28 -12.85
C VAL J 27 46.04 -4.94 -11.44
N VAL J 28 45.02 -4.72 -10.60
CA VAL J 28 45.25 -4.30 -9.23
C VAL J 28 44.92 -5.39 -8.23
N ASN J 29 45.81 -5.58 -7.25
CA ASN J 29 45.62 -6.55 -6.17
C ASN J 29 45.65 -5.83 -4.82
N TYR J 30 44.48 -5.60 -4.25
CA TYR J 30 44.36 -4.87 -2.99
C TYR J 30 43.95 -5.78 -1.83
N THR J 31 44.51 -5.52 -0.66
CA THR J 31 44.16 -6.23 0.56
C THR J 31 44.09 -5.26 1.72
N GLN J 32 43.08 -5.44 2.57
CA GLN J 32 42.89 -4.60 3.73
C GLN J 32 43.56 -5.26 4.94
N SER J 33 44.58 -4.61 5.49
CA SER J 33 45.31 -5.18 6.64
C SER J 33 45.70 -4.08 7.64
N ASP J 34 45.93 -4.50 8.89
CA ASP J 34 46.27 -3.56 9.95
C ASP J 34 47.67 -2.92 9.71
N ALA J 35 48.49 -3.56 8.88
CA ALA J 35 49.86 -3.07 8.57
C ALA J 35 49.83 -1.67 7.94
N PRO J 36 50.98 -0.96 7.98
CA PRO J 36 51.09 0.38 7.38
C PRO J 36 50.85 0.35 5.87
N GLU J 37 50.21 1.40 5.34
CA GLU J 37 49.90 1.47 3.90
C GLU J 37 51.11 1.13 3.03
N GLY J 38 50.86 0.46 1.92
CA GLY J 38 51.92 0.09 0.97
C GLY J 38 51.43 0.10 -0.46
N LEU J 39 52.36 0.27 -1.40
CA LEU J 39 52.03 0.32 -2.81
C LEU J 39 53.21 -0.15 -3.62
N GLU J 40 52.99 -1.13 -4.49
CA GLU J 40 54.07 -1.66 -5.34
C GLU J 40 53.59 -1.83 -6.78
N ILE J 41 54.34 -1.22 -7.72
CA ILE J 41 53.98 -1.25 -9.14
C ILE J 41 55.04 -1.95 -9.97
N LYS J 42 54.61 -2.97 -10.72
CA LYS J 42 55.52 -3.68 -11.62
C LYS J 42 55.07 -3.42 -13.05
N THR J 43 55.69 -2.43 -13.69
CA THR J 43 55.33 -2.04 -15.04
C THR J 43 56.58 -1.57 -15.81
N ASP J 44 56.39 -1.07 -17.03
CA ASP J 44 57.55 -0.61 -17.84
C ASP J 44 57.92 0.85 -17.55
N ARG J 45 59.11 1.25 -18.00
CA ARG J 45 59.63 2.60 -17.74
C ARG J 45 58.72 3.71 -18.29
N ASN J 46 58.02 3.42 -19.39
CA ASN J 46 57.14 4.41 -20.02
C ASN J 46 56.01 4.85 -19.10
N ILE J 47 55.43 3.89 -18.37
CA ILE J 47 54.33 4.16 -17.47
C ILE J 47 54.78 4.94 -16.22
N PHE J 48 55.87 4.51 -15.60
CA PHE J 48 56.37 5.20 -14.42
C PHE J 48 56.59 6.69 -14.71
N GLU J 49 56.90 7.01 -15.96
CA GLU J 49 57.16 8.38 -16.36
C GLU J 49 55.87 9.18 -16.52
N LYS J 50 54.93 8.61 -17.27
CA LYS J 50 53.70 9.33 -17.64
C LYS J 50 52.57 9.24 -16.59
N TYR J 51 52.64 8.25 -15.71
CA TYR J 51 51.63 8.09 -14.64
C TYR J 51 52.05 8.73 -13.34
N GLU J 52 51.07 9.03 -12.50
CA GLU J 52 51.34 9.57 -11.18
C GLU J 52 50.69 8.66 -10.14
N PHE J 53 51.30 8.58 -8.97
CA PHE J 53 50.82 7.69 -7.92
C PHE J 53 50.74 8.42 -6.58
N ASN J 54 50.06 9.56 -6.57
CA ASN J 54 49.98 10.42 -5.38
C ASN J 54 48.74 10.18 -4.52
N VAL J 55 48.88 10.46 -3.23
CA VAL J 55 47.75 10.44 -2.31
C VAL J 55 47.35 11.87 -2.05
N GLU J 56 46.05 12.15 -2.16
CA GLU J 56 45.54 13.49 -1.98
C GLU J 56 44.21 13.45 -1.27
N ASN J 57 44.10 14.16 -0.16
CA ASN J 57 42.86 14.17 0.63
C ASN J 57 42.45 12.74 0.97
N HIS J 58 43.43 11.90 1.31
CA HIS J 58 43.20 10.50 1.64
C HIS J 58 42.64 9.69 0.45
N LYS J 59 43.10 10.04 -0.75
CA LYS J 59 42.70 9.32 -1.95
C LYS J 59 43.92 8.98 -2.80
N LEU J 60 44.24 7.69 -2.88
CA LEU J 60 45.33 7.23 -3.73
C LEU J 60 44.89 7.22 -5.18
N LYS J 61 45.45 8.13 -5.98
CA LYS J 61 45.08 8.26 -7.38
C LYS J 61 46.18 7.73 -8.28
N ILE J 62 45.83 6.73 -9.10
CA ILE J 62 46.75 6.17 -10.07
C ILE J 62 46.19 6.44 -11.45
N ARG J 63 46.81 7.38 -12.14
CA ARG J 63 46.31 7.83 -13.42
C ARG J 63 47.41 8.52 -14.20
N PRO J 64 47.16 8.81 -15.48
CA PRO J 64 48.13 9.52 -16.29
C PRO J 64 48.30 10.95 -15.84
N LYS J 65 49.54 11.41 -15.79
CA LYS J 65 49.82 12.80 -15.46
C LYS J 65 49.11 13.68 -16.48
N LYS J 66 48.58 14.81 -16.02
CA LYS J 66 47.86 15.74 -16.89
C LYS J 66 48.71 16.09 -18.14
N GLU J 67 50.03 16.27 -17.92
CA GLU J 67 50.94 16.66 -19.02
C GLU J 67 51.42 15.47 -19.90
N PHE J 68 50.72 14.33 -19.82
CA PHE J 68 51.04 13.15 -20.66
C PHE J 68 49.78 12.48 -21.22
N ARG J 69 48.65 13.17 -21.14
CA ARG J 69 47.40 12.65 -21.69
C ARG J 69 47.34 12.94 -23.18
N HIS J 71 46.05 12.49 -25.87
CA HIS J 71 46.85 11.50 -26.58
C HIS J 71 46.66 10.10 -26.01
N THR J 72 46.81 9.97 -24.69
CA THR J 72 46.74 8.66 -24.01
C THR J 72 47.28 7.56 -24.94
N ASN J 73 48.53 7.71 -25.35
CA ASN J 73 49.21 6.77 -26.24
C ASN J 73 49.66 5.48 -25.53
N PHE J 74 49.16 5.26 -24.32
CA PHE J 74 49.60 4.15 -23.47
C PHE J 74 49.28 2.78 -24.06
N ARG J 75 50.16 1.81 -23.78
CA ARG J 75 50.00 0.44 -24.25
C ARG J 75 51.11 -0.40 -23.62
N PRO J 76 50.98 -0.70 -22.31
CA PRO J 76 52.00 -1.41 -21.54
C PRO J 76 51.95 -2.93 -21.66
N THR J 77 53.12 -3.56 -21.60
CA THR J 77 53.22 -5.01 -21.63
C THR J 77 52.67 -5.59 -20.34
N GLU J 78 53.00 -4.95 -19.22
CA GLU J 78 52.57 -5.39 -17.91
C GLU J 78 52.38 -4.18 -16.99
N PHE J 79 51.32 -4.22 -16.19
CA PHE J 79 50.99 -3.11 -15.29
C PHE J 79 50.30 -3.64 -14.04
N VAL J 81 49.67 -3.68 -9.98
CA VAL J 81 49.72 -2.82 -8.81
C VAL J 81 49.27 -3.57 -7.57
N THR J 82 50.20 -3.78 -6.64
CA THR J 82 49.90 -4.44 -5.38
C THR J 82 49.79 -3.37 -4.29
N ALA J 83 48.62 -3.27 -3.66
CA ALA J 83 48.38 -2.22 -2.67
C ALA J 83 47.65 -2.73 -1.44
N ASN J 84 47.82 -2.02 -0.33
CA ASN J 84 47.16 -2.36 0.92
C ASN J 84 46.90 -1.10 1.76
N SER J 85 45.85 -1.16 2.59
CA SER J 85 45.51 -0.06 3.49
C SER J 85 44.68 -0.57 4.66
N ARG J 86 44.63 0.20 5.73
N ARG J 86 44.62 0.21 5.73
CA ARG J 86 43.85 -0.18 6.90
CA ARG J 86 43.86 -0.16 6.91
C ARG J 86 42.36 -0.06 6.65
C ARG J 86 42.36 -0.06 6.65
N ASN J 87 41.97 0.99 5.93
CA ASN J 87 40.57 1.24 5.62
C ASN J 87 40.34 1.56 4.14
N LEU J 88 39.18 1.15 3.63
CA LEU J 88 38.79 1.46 2.24
C LEU J 88 37.29 1.67 2.21
N LYS J 89 36.86 2.86 1.75
CA LYS J 89 35.44 3.19 1.67
C LYS J 89 35.02 3.55 0.25
N LYS J 90 35.99 3.75 -0.63
CA LYS J 90 35.69 4.15 -2.00
C LYS J 90 36.64 3.53 -3.03
N LEU J 91 36.06 2.98 -4.09
CA LEU J 91 36.80 2.39 -5.18
C LEU J 91 36.25 2.93 -6.49
N ALA J 92 37.10 3.57 -7.28
CA ALA J 92 36.69 4.15 -8.57
C ALA J 92 37.63 3.72 -9.67
N ALA J 93 37.08 3.02 -10.66
CA ALA J 93 37.86 2.51 -11.79
C ALA J 93 37.32 3.07 -13.11
N ALA J 94 38.22 3.36 -14.05
CA ALA J 94 37.84 3.88 -15.34
C ALA J 94 38.69 3.29 -16.45
N GLY J 95 38.04 2.81 -17.50
CA GLY J 95 38.75 2.24 -18.65
C GLY J 95 39.14 0.80 -18.42
N SER J 96 40.25 0.39 -19.05
CA SER J 96 40.74 -0.98 -18.91
C SER J 96 41.41 -1.17 -17.55
N THR J 97 40.71 -1.83 -16.65
CA THR J 97 41.22 -2.06 -15.31
C THR J 97 40.59 -3.29 -14.73
N HIS J 98 41.37 -4.03 -13.96
CA HIS J 98 40.88 -5.21 -13.28
C HIS J 98 41.27 -5.11 -11.82
N VAL J 99 40.33 -4.76 -10.97
CA VAL J 99 40.60 -4.58 -9.56
C VAL J 99 40.23 -5.84 -8.76
N ASN J 100 41.21 -6.41 -8.07
CA ASN J 100 40.99 -7.59 -7.24
C ASN J 100 41.13 -7.27 -5.78
N ILE J 101 40.05 -7.48 -5.02
CA ILE J 101 40.09 -7.36 -3.57
C ILE J 101 40.34 -8.77 -3.03
N ASN J 102 41.61 -9.07 -2.76
CA ASN J 102 42.03 -10.47 -2.41
C ASN J 102 41.87 -10.86 -0.94
N SER J 103 41.55 -9.90 -0.09
CA SER J 103 41.38 -10.17 1.34
C SER J 103 39.98 -9.81 1.78
N PRO J 104 39.66 -10.13 3.03
CA PRO J 104 38.36 -9.72 3.54
C PRO J 104 38.23 -8.20 3.49
N LEU J 105 37.01 -7.70 3.31
CA LEU J 105 36.78 -6.26 3.26
C LEU J 105 35.71 -5.84 4.26
N GLN J 106 35.97 -4.75 4.99
CA GLN J 106 35.04 -4.24 6.00
C GLN J 106 35.02 -2.71 6.00
N ALA J 107 33.82 -2.14 6.04
CA ALA J 107 33.65 -0.68 6.07
C ALA J 107 32.19 -0.31 6.29
N GLU J 108 31.95 0.70 7.12
CA GLU J 108 30.60 1.17 7.36
C GLU J 108 29.92 1.50 6.03
N GLU J 109 30.59 2.28 5.20
CA GLU J 109 30.06 2.65 3.90
C GLU J 109 31.07 2.40 2.80
N PHE J 110 30.62 1.85 1.69
CA PHE J 110 31.48 1.58 0.57
C PHE J 110 30.83 2.01 -0.74
N GLU J 111 31.62 2.62 -1.61
CA GLU J 111 31.16 3.01 -2.95
C GLU J 111 32.07 2.41 -4.00
N ALA J 112 31.50 1.58 -4.87
CA ALA J 112 32.25 0.95 -5.95
C ALA J 112 31.78 1.51 -7.29
N GLY J 113 32.65 2.28 -7.95
CA GLY J 113 32.33 2.91 -9.22
C GLY J 113 33.13 2.33 -10.37
N LEU J 114 32.46 1.96 -11.44
CA LEU J 114 33.10 1.39 -12.60
C LEU J 114 32.64 2.11 -13.89
N ALA J 115 33.57 2.76 -14.56
CA ALA J 115 33.28 3.46 -15.81
C ALA J 115 34.05 2.81 -16.94
N GLY J 116 33.35 2.10 -17.81
CA GLY J 116 33.98 1.43 -18.93
C GLY J 116 33.75 -0.07 -18.92
N SER J 117 34.69 -0.81 -19.51
CA SER J 117 34.57 -2.26 -19.64
CA SER J 117 34.57 -2.27 -19.64
C SER J 117 35.51 -3.02 -18.69
N GLY J 118 35.88 -2.39 -17.57
CA GLY J 118 36.77 -3.02 -16.57
C GLY J 118 36.05 -4.04 -15.67
N ILE J 119 36.76 -4.52 -14.64
CA ILE J 119 36.22 -5.51 -13.71
C ILE J 119 36.56 -5.20 -12.24
N ILE J 120 35.61 -5.48 -11.35
CA ILE J 120 35.83 -5.38 -9.90
C ILE J 120 35.28 -6.62 -9.23
N GLN J 121 36.16 -7.37 -8.55
CA GLN J 121 35.73 -8.58 -7.85
C GLN J 121 36.17 -8.63 -6.40
N PHE J 122 35.22 -8.88 -5.49
CA PHE J 122 35.54 -9.12 -4.09
C PHE J 122 35.68 -10.61 -3.91
N HIS J 123 36.92 -11.08 -3.80
CA HIS J 123 37.22 -12.51 -3.75
C HIS J 123 36.88 -13.14 -2.40
N ASP J 124 36.91 -12.34 -1.33
CA ASP J 124 36.60 -12.85 0.01
C ASP J 124 35.40 -12.07 0.59
N THR J 125 35.00 -12.40 1.81
CA THR J 125 33.86 -11.76 2.43
C THR J 125 33.96 -10.24 2.34
N ALA J 126 32.81 -9.59 2.15
CA ALA J 126 32.73 -8.14 2.05
C ALA J 126 31.58 -7.65 2.90
N SER J 127 31.90 -7.08 4.06
CA SER J 127 30.87 -6.64 5.04
C SER J 127 30.76 -5.15 5.13
N PHE J 128 29.54 -4.66 4.94
CA PHE J 128 29.27 -3.24 5.04
C PHE J 128 27.91 -3.01 5.68
N THR J 129 27.61 -1.74 5.97
CA THR J 129 26.28 -1.34 6.40
C THR J 129 25.55 -0.82 5.17
N ASN J 130 26.25 -0.01 4.38
CA ASN J 130 25.72 0.53 3.13
C ASN J 130 26.72 0.33 1.99
N LEU J 131 26.35 -0.50 1.03
CA LEU J 131 27.18 -0.72 -0.16
C LEU J 131 26.50 -0.07 -1.37
N LYS J 132 27.30 0.65 -2.16
CA LYS J 132 26.80 1.32 -3.35
C LYS J 132 27.63 0.85 -4.56
N ILE J 133 26.95 0.43 -5.63
CA ILE J 133 27.64 -0.02 -6.85
C ILE J 133 27.13 0.73 -8.08
N GLU J 134 27.99 1.56 -8.65
CA GLU J 134 27.64 2.31 -9.86
C GLU J 134 28.44 1.79 -11.03
N ILE J 135 27.75 1.38 -12.09
CA ILE J 135 28.43 0.91 -13.30
C ILE J 135 27.91 1.61 -14.52
N ALA J 136 28.82 2.22 -15.27
CA ALA J 136 28.49 2.87 -16.50
C ALA J 136 29.34 2.26 -17.59
N GLY J 137 28.71 1.41 -18.41
CA GLY J 137 29.42 0.72 -19.49
C GLY J 137 29.15 -0.76 -19.48
N SER J 138 30.13 -1.53 -19.99
CA SER J 138 29.97 -2.98 -20.15
C SER J 138 30.80 -3.75 -19.12
N GLY J 139 31.15 -3.08 -18.03
CA GLY J 139 32.00 -3.68 -17.00
C GLY J 139 31.30 -4.76 -16.20
N ASP J 140 32.07 -5.41 -15.34
CA ASP J 140 31.56 -6.48 -14.50
C ASP J 140 31.89 -6.25 -13.03
N PHE J 141 30.94 -6.59 -12.16
CA PHE J 141 31.19 -6.61 -10.72
C PHE J 141 30.85 -7.99 -10.17
N VAL J 142 31.78 -8.61 -9.46
CA VAL J 142 31.54 -9.90 -8.86
C VAL J 142 31.80 -9.85 -7.34
N GLY J 143 30.86 -10.36 -6.57
CA GLY J 143 30.98 -10.44 -5.11
C GLY J 143 30.13 -11.58 -4.56
N HIS J 144 30.72 -12.77 -4.50
CA HIS J 144 29.99 -13.98 -4.06
C HIS J 144 29.72 -14.02 -2.53
N LYS J 145 30.43 -13.21 -1.77
CA LYS J 145 30.26 -13.18 -0.30
C LYS J 145 30.04 -11.76 0.21
N VAL J 146 28.94 -11.14 -0.21
CA VAL J 146 28.61 -9.78 0.18
C VAL J 146 27.55 -9.78 1.29
N TYR J 147 27.82 -9.06 2.37
CA TYR J 147 26.91 -8.98 3.50
C TYR J 147 26.74 -7.54 3.95
N CYS J 148 25.55 -6.98 3.75
CA CYS J 148 25.28 -5.60 4.16
C CYS J 148 23.79 -5.36 4.43
N GLU J 149 23.50 -4.26 5.14
CA GLU J 149 22.10 -3.86 5.39
C GLU J 149 21.44 -3.31 4.13
N GLU J 150 22.12 -2.38 3.45
CA GLU J 150 21.57 -1.75 2.23
C GLU J 150 22.53 -1.82 1.05
N LEU J 151 22.01 -2.24 -0.09
CA LEU J 151 22.79 -2.30 -1.32
C LEU J 151 22.08 -1.49 -2.38
N ASN J 152 22.76 -0.48 -2.90
CA ASN J 152 22.22 0.36 -3.97
C ASN J 152 22.99 0.14 -5.25
N GLY J 153 22.31 -0.37 -6.27
CA GLY J 153 22.94 -0.66 -7.56
C GLY J 153 22.39 0.23 -8.66
N ASP J 154 23.27 1.03 -9.26
CA ASP J 154 22.89 1.92 -10.34
C ASP J 154 23.67 1.49 -11.59
N ALA J 156 24.04 1.25 -15.93
CA ALA J 156 23.70 1.79 -17.22
C ALA J 156 24.57 1.13 -18.26
N GLY J 157 23.94 0.34 -19.15
CA GLY J 157 24.68 -0.37 -20.20
C GLY J 157 24.62 -1.90 -20.07
N SER J 158 25.49 -2.58 -20.81
CA SER J 158 25.51 -4.03 -20.85
C SER J 158 26.51 -4.61 -19.84
N ASN J 159 26.33 -4.24 -18.59
CA ASN J 159 27.22 -4.69 -17.53
C ASN J 159 26.61 -5.84 -16.71
N THR J 160 27.40 -6.38 -15.80
CA THR J 160 26.98 -7.52 -15.01
C THR J 160 27.34 -7.36 -13.53
N ILE J 161 26.40 -7.72 -12.68
CA ILE J 161 26.63 -7.71 -11.24
C ILE J 161 26.29 -9.09 -10.70
N VAL J 162 27.30 -9.83 -10.28
CA VAL J 162 27.09 -11.15 -9.70
C VAL J 162 27.24 -11.04 -8.20
N LEU J 163 26.15 -11.36 -7.46
CA LEU J 163 26.17 -11.25 -5.99
C LEU J 163 25.85 -12.58 -5.29
N GLY J 164 26.37 -12.70 -4.07
CA GLY J 164 26.11 -13.83 -3.22
C GLY J 164 26.26 -13.38 -1.78
N GLY J 165 25.46 -13.97 -0.88
CA GLY J 165 25.52 -13.61 0.53
C GLY J 165 24.18 -13.14 1.08
N THR J 166 24.18 -12.02 1.82
CA THR J 166 22.95 -11.51 2.46
C THR J 166 22.83 -9.98 2.39
N VAL J 167 21.62 -9.51 2.11
CA VAL J 167 21.35 -8.07 2.03
C VAL J 167 19.98 -7.76 2.62
N GLY J 168 19.88 -6.65 3.35
CA GLY J 168 18.62 -6.23 3.94
C GLY J 168 17.72 -5.57 2.91
N ILE J 169 18.05 -4.34 2.54
CA ILE J 169 17.29 -3.59 1.54
C ILE J 169 18.13 -3.44 0.27
N ALA J 170 17.71 -4.10 -0.80
CA ALA J 170 18.41 -4.03 -2.07
C ALA J 170 17.64 -3.15 -3.04
N GLU J 171 18.34 -2.23 -3.69
CA GLU J 171 17.74 -1.35 -4.68
C GLU J 171 18.56 -1.38 -5.97
N PHE J 172 17.91 -1.70 -7.08
CA PHE J 172 18.58 -1.78 -8.35
C PHE J 172 17.91 -0.96 -9.42
N SER J 173 18.71 -0.21 -10.14
CA SER J 173 18.23 0.57 -11.26
CA SER J 173 18.24 0.58 -11.26
C SER J 173 19.05 0.20 -12.47
N ILE J 174 18.40 -0.36 -13.47
CA ILE J 174 19.06 -0.77 -14.65
C ILE J 174 18.56 0.01 -15.84
N ALA J 175 19.49 0.65 -16.54
CA ALA J 175 19.17 1.32 -17.77
C ALA J 175 19.96 0.58 -18.88
N GLY J 176 19.24 -0.15 -19.71
CA GLY J 176 19.86 -0.94 -20.76
C GLY J 176 19.68 -2.44 -20.54
N SER J 177 20.69 -3.21 -20.94
CA SER J 177 20.60 -4.67 -20.91
C SER J 177 21.49 -5.28 -19.82
N GLY J 178 21.68 -4.53 -18.74
CA GLY J 178 22.47 -5.01 -17.63
C GLY J 178 21.90 -6.28 -16.98
N THR J 179 22.79 -7.06 -16.37
CA THR J 179 22.39 -8.32 -15.75
C THR J 179 22.81 -8.38 -14.27
N VAL J 180 21.88 -8.82 -13.43
CA VAL J 180 22.14 -9.01 -12.02
C VAL J 180 21.84 -10.46 -11.64
N ARG J 181 22.90 -11.24 -11.42
CA ARG J 181 22.75 -12.64 -11.01
CA ARG J 181 22.76 -12.65 -11.01
C ARG J 181 22.93 -12.74 -9.50
N ALA J 182 21.80 -12.76 -8.78
CA ALA J 182 21.84 -12.77 -7.34
C ALA J 182 20.96 -13.84 -6.67
N PHE J 183 20.73 -14.96 -7.35
CA PHE J 183 19.97 -16.08 -6.75
C PHE J 183 20.62 -16.53 -5.43
N ASP J 184 21.96 -16.52 -5.40
CA ASP J 184 22.71 -16.93 -4.19
C ASP J 184 22.85 -15.78 -3.17
N CYS J 185 22.12 -14.69 -3.39
CA CYS J 185 22.12 -13.56 -2.45
C CYS J 185 20.75 -13.41 -1.81
N THR J 186 20.66 -13.70 -0.51
CA THR J 186 19.39 -13.61 0.22
C THR J 186 19.04 -12.16 0.56
N ASP J 188 16.20 -9.42 1.91
CA ASP J 188 14.95 -9.25 2.66
C ASP J 188 13.95 -8.48 1.82
N GLU J 189 14.43 -7.42 1.17
CA GLU J 189 13.58 -6.59 0.34
C GLU J 189 14.34 -6.19 -0.93
N LEU J 190 13.63 -6.26 -2.06
CA LEU J 190 14.17 -5.86 -3.34
C LEU J 190 13.28 -4.79 -3.96
N GLU J 191 13.89 -3.72 -4.39
CA GLU J 191 13.19 -2.69 -5.10
C GLU J 191 13.98 -2.40 -6.35
N CYS J 192 13.36 -2.55 -7.51
CA CYS J 192 14.09 -2.39 -8.77
C CYS J 192 13.29 -1.76 -9.89
N LYS J 193 14.04 -1.15 -10.82
CA LYS J 193 13.47 -0.55 -12.01
C LYS J 193 14.34 -0.95 -13.19
N ILE J 194 13.72 -1.39 -14.27
CA ILE J 194 14.46 -1.74 -15.46
C ILE J 194 13.94 -0.98 -16.65
N ALA J 195 14.79 -0.14 -17.23
CA ALA J 195 14.47 0.57 -18.45
C ALA J 195 15.24 -0.08 -19.60
N GLY J 196 14.61 -1.03 -20.27
CA GLY J 196 15.24 -1.79 -21.35
C GLY J 196 15.03 -3.29 -21.19
N SER J 197 16.02 -4.07 -21.63
CA SER J 197 15.90 -5.54 -21.62
C SER J 197 16.78 -6.20 -20.55
N GLY J 198 17.10 -5.43 -19.52
CA GLY J 198 17.89 -5.93 -18.39
C GLY J 198 17.26 -7.14 -17.72
N ASP J 199 18.06 -7.86 -16.95
CA ASP J 199 17.62 -9.07 -16.30
CA ASP J 199 17.60 -9.08 -16.30
C ASP J 199 18.08 -9.12 -14.86
N ILE J 200 17.17 -9.46 -13.95
CA ILE J 200 17.51 -9.59 -12.53
C ILE J 200 17.08 -10.95 -11.98
N GLU J 201 18.02 -11.64 -11.36
CA GLU J 201 17.75 -12.88 -10.67
C GLU J 201 18.12 -12.66 -9.20
N ALA J 202 17.20 -12.96 -8.29
CA ALA J 202 17.45 -12.72 -6.87
C ALA J 202 16.57 -13.57 -5.99
N PHE J 203 17.05 -13.82 -4.78
CA PHE J 203 16.29 -14.52 -3.78
C PHE J 203 15.73 -13.49 -2.83
N VAL J 204 14.41 -13.30 -2.85
CA VAL J 204 13.77 -12.30 -1.98
C VAL J 204 12.96 -13.00 -0.87
N VAL J 205 13.10 -12.51 0.36
CA VAL J 205 12.44 -13.13 1.52
C VAL J 205 11.04 -12.53 1.82
N ASN J 206 10.97 -11.20 1.91
CA ASN J 206 9.74 -10.54 2.38
C ASN J 206 9.01 -9.70 1.35
N LYS J 207 9.72 -8.74 0.76
CA LYS J 207 9.08 -7.75 -0.09
C LYS J 207 9.81 -7.55 -1.42
N ILE J 208 9.05 -7.46 -2.50
CA ILE J 208 9.60 -7.18 -3.81
C ILE J 208 8.75 -6.17 -4.55
N LYS J 209 9.41 -5.10 -5.00
CA LYS J 209 8.75 -4.07 -5.77
C LYS J 209 9.53 -3.91 -7.08
N ALA J 210 8.86 -4.18 -8.20
CA ALA J 210 9.53 -4.19 -9.48
C ALA J 210 8.78 -3.41 -10.51
N GLU J 211 9.51 -2.65 -11.30
CA GLU J 211 8.94 -1.86 -12.36
C GLU J 211 9.79 -2.05 -13.64
N ILE J 212 9.13 -2.43 -14.75
CA ILE J 212 9.83 -2.65 -16.00
C ILE J 212 9.26 -1.82 -17.13
N ALA J 213 10.14 -1.12 -17.84
CA ALA J 213 9.77 -0.38 -19.05
C ALA J 213 10.55 -1.00 -20.21
N GLY J 214 9.92 -1.92 -20.92
CA GLY J 214 10.58 -2.64 -21.99
C GLY J 214 10.38 -4.17 -21.88
N SER J 215 11.39 -4.92 -22.32
CA SER J 215 11.29 -6.39 -22.39
C SER J 215 12.08 -7.10 -21.31
N GLY J 216 12.65 -6.34 -20.39
CA GLY J 216 13.45 -6.91 -19.31
C GLY J 216 12.66 -7.90 -18.46
N SER J 217 13.36 -8.58 -17.55
CA SER J 217 12.69 -9.58 -16.70
C SER J 217 13.21 -9.56 -15.27
N VAL J 218 12.36 -9.99 -14.35
CA VAL J 218 12.73 -10.12 -12.98
C VAL J 218 12.30 -11.50 -12.50
N LYS J 219 13.28 -12.33 -12.15
CA LYS J 219 13.02 -13.68 -11.67
C LYS J 219 13.44 -13.74 -10.23
N TYR J 220 12.49 -14.01 -9.34
CA TYR J 220 12.80 -14.05 -7.93
C TYR J 220 12.46 -15.37 -7.29
N LYS J 221 13.42 -15.92 -6.56
CA LYS J 221 13.19 -17.08 -5.76
C LYS J 221 12.79 -16.61 -4.37
N GLY J 222 12.32 -17.53 -3.55
CA GLY J 222 11.85 -17.20 -2.22
C GLY J 222 10.33 -17.08 -2.20
N ASP J 223 9.77 -16.67 -1.06
CA ASP J 223 8.34 -16.53 -0.92
C ASP J 223 7.96 -15.21 -0.25
N PRO J 224 8.19 -14.08 -0.95
CA PRO J 224 7.82 -12.76 -0.41
C PRO J 224 6.30 -12.64 -0.16
N GLN J 225 5.93 -11.88 0.87
CA GLN J 225 4.53 -11.73 1.23
CA GLN J 225 4.54 -11.72 1.24
C GLN J 225 3.93 -10.41 0.70
N ASP J 226 4.77 -9.60 0.07
CA ASP J 226 4.33 -8.32 -0.49
C ASP J 226 4.98 -8.12 -1.88
N ILE J 227 4.17 -8.20 -2.93
CA ILE J 227 4.67 -8.15 -4.27
C ILE J 227 3.95 -7.11 -5.10
N GLN J 228 4.69 -6.10 -5.55
CA GLN J 228 4.13 -5.04 -6.39
CA GLN J 228 4.13 -5.05 -6.40
C GLN J 228 4.82 -5.06 -7.76
N LYS J 229 4.01 -5.08 -8.82
CA LYS J 229 4.52 -5.14 -10.18
C LYS J 229 3.98 -4.02 -11.02
N LYS J 230 4.72 -3.68 -12.06
CA LYS J 230 4.29 -2.72 -13.06
C LYS J 230 5.14 -2.91 -14.32
N VAL J 231 4.48 -3.16 -15.45
CA VAL J 231 5.18 -3.40 -16.67
C VAL J 231 4.56 -2.67 -17.85
N GLY J 233 5.40 -2.89 -21.47
CA GLY J 233 6.18 -3.60 -22.47
C GLY J 233 5.94 -5.09 -22.41
N SER J 234 6.85 -5.86 -23.00
CA SER J 234 6.70 -7.32 -23.06
C SER J 234 7.46 -8.03 -21.94
N GLY J 235 7.99 -7.26 -21.00
CA GLY J 235 8.76 -7.82 -19.91
C GLY J 235 7.89 -8.63 -18.95
N LYS J 236 8.53 -9.46 -18.13
CA LYS J 236 7.81 -10.29 -17.18
C LYS J 236 8.47 -10.26 -15.78
N ILE J 237 7.64 -10.33 -14.75
CA ILE J 237 8.09 -10.40 -13.36
C ILE J 237 7.46 -11.64 -12.74
N GLU J 238 8.27 -12.69 -12.55
CA GLU J 238 7.75 -13.97 -12.11
C GLU J 238 8.52 -14.59 -10.97
N LYS J 239 7.81 -15.36 -10.15
CA LYS J 239 8.41 -16.10 -9.08
C LYS J 239 8.89 -17.44 -9.61
N VAL J 240 10.11 -17.81 -9.26
CA VAL J 240 10.65 -19.10 -9.60
C VAL J 240 11.00 -19.80 -8.33
N GLU J 241 10.85 -21.11 -8.29
CA GLU J 241 11.17 -21.86 -7.09
C GLU J 241 12.64 -22.24 -7.08
N GLY K 1 10.85 -22.18 4.08
CA GLY K 1 11.87 -21.34 4.74
C GLY K 1 12.88 -22.19 5.51
N GLY K 2 12.41 -23.30 6.07
CA GLY K 2 13.28 -24.21 6.84
C GLY K 2 14.51 -24.65 6.05
N ASP K 3 15.69 -24.42 6.63
CA ASP K 3 16.95 -24.75 5.95
C ASP K 3 17.29 -26.25 6.06
N GLY K 4 16.51 -26.99 6.84
CA GLY K 4 16.69 -28.44 6.98
C GLY K 4 17.77 -28.83 8.00
N ASN K 5 18.49 -27.84 8.53
CA ASN K 5 19.51 -28.09 9.55
C ASN K 5 18.85 -28.31 10.90
N ILE K 6 18.34 -29.52 11.12
CA ILE K 6 17.59 -29.84 12.34
C ILE K 6 18.47 -29.89 13.56
N THR K 7 18.10 -29.10 14.58
CA THR K 7 18.82 -29.06 15.84
C THR K 7 17.88 -29.35 17.00
N THR K 8 18.42 -29.94 18.05
CA THR K 8 17.65 -30.22 19.25
C THR K 8 18.16 -29.35 20.39
N GLU K 9 17.33 -28.44 20.86
CA GLU K 9 17.72 -27.49 21.88
C GLU K 9 16.92 -27.67 23.17
N ASN K 10 17.65 -27.74 24.29
CA ASN K 10 17.04 -27.83 25.61
CA ASN K 10 17.04 -27.84 25.61
C ASN K 10 16.88 -26.44 26.19
N ILE K 11 15.63 -25.98 26.30
CA ILE K 11 15.35 -24.63 26.80
C ILE K 11 15.16 -24.60 28.29
N PRO K 12 15.92 -23.74 28.99
CA PRO K 12 15.74 -23.61 30.43
C PRO K 12 14.42 -22.91 30.73
N VAL K 13 13.59 -23.55 31.54
CA VAL K 13 12.30 -23.01 31.88
C VAL K 13 12.01 -23.11 33.35
N SER K 14 11.32 -22.12 33.89
CA SER K 14 10.94 -22.11 35.27
C SER K 14 9.48 -22.58 35.38
N GLU K 15 8.98 -22.63 36.59
CA GLU K 15 7.64 -23.10 36.84
C GLU K 15 6.62 -22.37 35.93
N TYR K 16 5.73 -23.15 35.32
CA TYR K 16 4.68 -22.61 34.49
C TYR K 16 3.48 -23.52 34.50
N ASP K 17 2.28 -22.94 34.37
CA ASP K 17 1.04 -23.72 34.31
C ASP K 17 0.17 -23.31 33.10
N CYS K 18 0.71 -22.43 32.24
CA CYS K 18 0.06 -22.03 31.00
C CYS K 18 1.03 -22.23 29.89
N LEU K 19 0.55 -22.79 28.79
CA LEU K 19 1.39 -23.06 27.65
C LEU K 19 0.76 -22.53 26.38
N GLU K 20 1.36 -21.47 25.81
CA GLU K 20 0.86 -20.83 24.58
C GLU K 20 1.85 -21.04 23.44
N LEU K 21 1.37 -21.58 22.33
CA LEU K 21 2.22 -21.82 21.18
C LEU K 21 1.65 -21.14 19.96
N GLU K 22 2.55 -20.82 19.02
CA GLU K 22 2.17 -20.12 17.82
C GLU K 22 3.10 -20.50 16.65
N GLY K 23 2.55 -21.18 15.64
CA GLY K 23 3.35 -21.58 14.45
C GLY K 23 2.62 -22.54 13.52
N GLY K 24 3.36 -23.09 12.55
CA GLY K 24 2.79 -24.03 11.57
C GLY K 24 3.53 -25.36 11.56
N GLY K 25 2.81 -26.43 11.20
CA GLY K 25 3.39 -27.81 11.18
C GLY K 25 4.03 -28.15 12.52
N VAL K 27 4.22 -29.87 16.16
CA VAL K 27 3.78 -31.04 16.94
C VAL K 27 4.23 -30.88 18.37
N VAL K 28 3.29 -31.00 19.29
CA VAL K 28 3.57 -30.78 20.70
C VAL K 28 3.29 -32.03 21.52
N ASN K 29 4.30 -32.43 22.31
CA ASN K 29 4.17 -33.57 23.21
C ASN K 29 4.37 -33.11 24.63
N TYR K 30 3.27 -32.99 25.36
CA TYR K 30 3.33 -32.54 26.76
C TYR K 30 2.95 -33.64 27.73
N THR K 31 3.61 -33.66 28.87
CA THR K 31 3.27 -34.59 29.93
C THR K 31 3.28 -33.84 31.26
N GLN K 32 2.43 -34.28 32.18
CA GLN K 32 2.37 -33.70 33.52
C GLN K 32 3.01 -34.68 34.48
N SER K 33 3.96 -34.21 35.27
CA SER K 33 4.66 -35.06 36.23
C SER K 33 5.24 -34.24 37.40
N ASP K 34 5.75 -34.94 38.40
CA ASP K 34 6.30 -34.28 39.60
CA ASP K 34 6.31 -34.30 39.59
C ASP K 34 7.73 -33.75 39.35
N ALA K 35 8.30 -34.08 38.18
CA ALA K 35 9.67 -33.63 37.82
C ALA K 35 9.71 -32.12 37.55
N PRO K 36 10.93 -31.53 37.60
CA PRO K 36 11.08 -30.11 37.30
C PRO K 36 10.68 -29.79 35.86
N GLU K 37 10.13 -28.60 35.63
CA GLU K 37 9.68 -28.19 34.31
C GLU K 37 10.76 -28.38 33.25
N GLY K 38 10.34 -28.80 32.05
CA GLY K 38 11.26 -29.02 30.95
C GLY K 38 10.69 -28.61 29.61
N LEU K 39 11.57 -28.23 28.69
CA LEU K 39 11.18 -27.87 27.33
C LEU K 39 12.28 -28.19 26.37
N GLU K 40 11.94 -28.90 25.29
CA GLU K 40 12.90 -29.26 24.26
C GLU K 40 12.33 -28.90 22.91
N ILE K 41 13.15 -28.29 22.06
CA ILE K 41 12.71 -27.88 20.73
C ILE K 41 13.56 -28.52 19.64
N LYS K 42 12.90 -29.20 18.72
CA LYS K 42 13.56 -29.80 17.59
C LYS K 42 12.98 -29.19 16.32
N THR K 43 13.75 -28.33 15.67
CA THR K 43 13.29 -27.67 14.46
C THR K 43 14.46 -27.13 13.64
N ASP K 44 14.14 -26.54 12.50
CA ASP K 44 15.15 -25.97 11.62
C ASP K 44 15.86 -24.83 12.34
N ARG K 45 17.18 -24.84 12.31
CA ARG K 45 17.98 -23.85 13.02
C ARG K 45 17.56 -22.42 12.68
N ASN K 46 17.39 -22.13 11.39
CA ASN K 46 16.99 -20.78 10.96
C ASN K 46 15.63 -20.36 11.56
N ILE K 47 14.77 -21.34 11.81
CA ILE K 47 13.47 -21.06 12.42
C ILE K 47 13.62 -20.92 13.94
N PHE K 48 14.44 -21.77 14.53
CA PHE K 48 14.67 -21.73 15.97
C PHE K 48 15.15 -20.35 16.42
N GLU K 49 16.01 -19.71 15.60
CA GLU K 49 16.59 -18.40 15.96
C GLU K 49 15.59 -17.25 15.93
N LYS K 50 14.44 -17.46 15.28
CA LYS K 50 13.42 -16.41 15.19
C LYS K 50 12.34 -16.58 16.26
N TYR K 51 12.50 -17.58 17.12
CA TYR K 51 11.49 -17.85 18.18
C TYR K 51 11.98 -17.51 19.56
N GLU K 52 11.04 -17.23 20.45
CA GLU K 52 11.35 -17.02 21.86
C GLU K 52 10.53 -18.01 22.68
N PHE K 53 11.08 -18.40 23.81
CA PHE K 53 10.47 -19.42 24.65
C PHE K 53 10.49 -18.98 26.10
N ASN K 54 10.00 -17.79 26.38
CA ASN K 54 10.08 -17.21 27.72
C ASN K 54 8.90 -17.54 28.61
N VAL K 55 9.17 -17.69 29.91
CA VAL K 55 8.15 -17.88 30.90
C VAL K 55 7.87 -16.56 31.59
N GLU K 56 6.62 -16.10 31.50
CA GLU K 56 6.20 -14.86 32.16
C GLU K 56 5.03 -15.16 33.05
N ASN K 57 5.14 -14.79 34.32
CA ASN K 57 4.08 -15.07 35.32
C ASN K 57 3.50 -16.48 35.17
N HIS K 58 4.40 -17.46 35.12
CA HIS K 58 4.01 -18.87 35.01
C HIS K 58 3.35 -19.22 33.68
N LYS K 59 3.49 -18.34 32.69
CA LYS K 59 2.99 -18.59 31.34
C LYS K 59 4.15 -18.78 30.35
N LEU K 60 4.26 -19.98 29.80
CA LEU K 60 5.27 -20.28 28.83
C LEU K 60 4.74 -19.96 27.47
N LYS K 61 5.30 -18.92 26.86
CA LYS K 61 4.86 -18.49 25.53
C LYS K 61 5.89 -18.81 24.47
N ILE K 62 5.56 -19.77 23.61
CA ILE K 62 6.44 -20.16 22.51
C ILE K 62 5.89 -19.55 21.23
N ARG K 63 6.60 -18.58 20.69
CA ARG K 63 6.11 -17.82 19.55
C ARG K 63 7.26 -17.11 18.86
N PRO K 64 6.98 -16.48 17.71
CA PRO K 64 8.05 -15.74 17.05
C PRO K 64 8.38 -14.44 17.79
N LYS K 65 9.66 -14.08 17.84
CA LYS K 65 10.08 -12.83 18.48
C LYS K 65 9.34 -11.67 17.85
N LYS K 66 9.24 -10.57 18.58
CA LYS K 66 8.53 -9.39 18.10
C LYS K 66 9.02 -8.92 16.71
N GLU K 67 10.36 -8.86 16.54
CA GLU K 67 10.94 -8.33 15.29
C GLU K 67 10.84 -9.29 14.09
N PHE K 68 10.15 -10.42 14.28
CA PHE K 68 9.91 -11.37 13.18
C PHE K 68 8.40 -11.64 13.00
N ARG K 69 7.56 -10.97 13.81
CA ARG K 69 6.10 -11.10 13.69
C ARG K 69 5.66 -10.51 12.37
N LYS K 70 6.39 -9.48 11.91
CA LYS K 70 6.09 -8.83 10.65
C LYS K 70 7.02 -9.37 9.55
N HIS K 71 7.18 -10.70 9.52
CA HIS K 71 8.03 -11.34 8.52
C HIS K 71 7.34 -12.53 7.89
N THR K 72 7.77 -12.88 6.68
CA THR K 72 7.20 -14.02 5.95
C THR K 72 7.16 -15.25 6.82
N ASN K 73 6.17 -16.10 6.60
CA ASN K 73 6.05 -17.30 7.36
C ASN K 73 7.10 -18.32 6.92
N PHE K 74 8.02 -18.64 7.82
CA PHE K 74 9.09 -19.60 7.53
C PHE K 74 8.58 -21.01 7.73
N ARG K 75 8.31 -21.71 6.63
CA ARG K 75 7.78 -23.07 6.67
C ARG K 75 8.82 -24.06 7.19
N PRO K 76 8.50 -24.73 8.30
CA PRO K 76 9.44 -25.65 8.88
C PRO K 76 9.41 -27.04 8.25
N THR K 77 10.55 -27.71 8.28
CA THR K 77 10.64 -29.09 7.87
C THR K 77 10.03 -29.91 8.98
N GLU K 78 10.41 -29.58 10.21
CA GLU K 78 9.88 -30.20 11.40
C GLU K 78 9.77 -29.14 12.48
N PHE K 79 8.91 -29.39 13.46
CA PHE K 79 8.81 -28.50 14.61
C PHE K 79 8.18 -29.25 15.77
N VAL K 81 7.82 -29.86 19.92
CA VAL K 81 7.97 -29.27 21.24
C VAL K 81 7.63 -30.30 22.28
N THR K 82 8.64 -30.72 23.03
CA THR K 82 8.46 -31.64 24.13
C THR K 82 8.57 -30.85 25.40
N ALA K 83 7.52 -30.89 26.20
CA ALA K 83 7.49 -30.10 27.42
C ALA K 83 6.85 -30.86 28.56
N ASN K 84 7.30 -30.55 29.77
CA ASN K 84 6.72 -31.14 30.96
C ASN K 84 6.61 -30.12 32.07
N SER K 85 5.62 -30.30 32.95
CA SER K 85 5.42 -29.41 34.08
C SER K 85 4.62 -30.12 35.15
N ARG K 86 4.58 -29.54 36.33
CA ARG K 86 3.86 -30.14 37.46
C ARG K 86 2.37 -29.87 37.38
N ASN K 87 2.02 -28.68 36.92
CA ASN K 87 0.64 -28.29 36.81
C ASN K 87 0.37 -27.65 35.46
N LEU K 88 -0.87 -27.77 34.98
CA LEU K 88 -1.26 -27.11 33.73
C LEU K 88 -2.73 -26.78 33.76
N LYS K 89 -3.04 -25.48 33.65
CA LYS K 89 -4.43 -25.04 33.67
C LYS K 89 -4.84 -24.46 32.32
N LYS K 90 -3.89 -24.29 31.42
CA LYS K 90 -4.19 -23.72 30.13
C LYS K 90 -3.18 -24.15 29.04
N LEU K 91 -3.71 -24.52 27.90
CA LEU K 91 -2.91 -24.83 26.74
C LEU K 91 -3.59 -24.18 25.53
N ALA K 92 -2.91 -23.18 24.93
CA ALA K 92 -3.45 -22.47 23.75
C ALA K 92 -2.49 -22.56 22.58
N ALA K 93 -3.00 -23.00 21.43
CA ALA K 93 -2.20 -23.16 20.25
C ALA K 93 -2.81 -22.37 19.12
N ALA K 94 -1.98 -21.63 18.41
CA ALA K 94 -2.42 -20.82 17.27
C ALA K 94 -1.66 -21.20 16.01
N GLY K 95 -2.40 -21.41 14.90
CA GLY K 95 -1.79 -21.75 13.61
C GLY K 95 -2.16 -23.14 13.13
N SER K 96 -1.16 -23.99 12.92
CA SER K 96 -1.37 -25.38 12.53
C SER K 96 -0.52 -26.24 13.43
N THR K 97 -1.18 -26.88 14.40
CA THR K 97 -0.48 -27.62 15.42
C THR K 97 -1.22 -28.90 15.82
N HIS K 98 -0.45 -29.89 16.23
CA HIS K 98 -0.99 -31.13 16.75
C HIS K 98 -0.53 -31.25 18.17
N VAL K 99 -1.44 -31.05 19.12
CA VAL K 99 -1.08 -31.09 20.55
C VAL K 99 -1.44 -32.43 21.19
N ASN K 100 -0.44 -33.07 21.80
CA ASN K 100 -0.62 -34.36 22.47
C ASN K 100 -0.32 -34.27 23.96
N ILE K 101 -1.33 -34.52 24.79
CA ILE K 101 -1.11 -34.67 26.21
C ILE K 101 -0.99 -36.17 26.43
N ASN K 102 0.24 -36.65 26.58
CA ASN K 102 0.50 -38.09 26.62
C ASN K 102 0.52 -38.71 28.02
N SER K 103 0.07 -37.95 29.00
CA SER K 103 0.02 -38.44 30.37
C SER K 103 -1.32 -38.16 30.95
N PRO K 104 -1.57 -38.68 32.16
CA PRO K 104 -2.77 -38.30 32.83
C PRO K 104 -2.75 -36.82 33.08
N LEU K 105 -3.92 -36.20 33.17
CA LEU K 105 -4.00 -34.76 33.37
C LEU K 105 -4.90 -34.45 34.57
N GLN K 106 -4.38 -33.66 35.52
CA GLN K 106 -5.12 -33.29 36.73
C GLN K 106 -5.09 -31.75 36.95
N ALA K 107 -6.28 -31.14 37.01
CA ALA K 107 -6.37 -29.70 37.25
C ALA K 107 -7.77 -29.30 37.71
N GLU K 108 -7.84 -28.29 38.58
CA GLU K 108 -9.11 -27.76 39.06
C GLU K 108 -9.90 -27.17 37.89
N GLU K 109 -9.26 -26.20 37.21
CA GLU K 109 -9.84 -25.56 36.03
C GLU K 109 -8.89 -25.70 34.86
N PHE K 110 -9.41 -26.07 33.70
CA PHE K 110 -8.55 -26.19 32.52
C PHE K 110 -9.15 -25.54 31.31
N GLU K 111 -8.29 -24.91 30.53
CA GLU K 111 -8.68 -24.27 29.28
C GLU K 111 -7.85 -24.80 28.10
N ALA K 112 -8.51 -25.51 27.19
CA ALA K 112 -7.86 -26.02 26.00
C ALA K 112 -8.29 -25.15 24.82
N GLY K 113 -7.31 -24.48 24.21
CA GLY K 113 -7.60 -23.56 23.11
C GLY K 113 -6.89 -23.94 21.82
N LEU K 114 -7.62 -23.86 20.71
CA LEU K 114 -7.08 -24.20 19.41
C LEU K 114 -7.58 -23.22 18.38
N ALA K 115 -6.69 -22.32 17.94
CA ALA K 115 -7.04 -21.33 16.92
C ALA K 115 -6.38 -21.67 15.59
N GLY K 116 -7.18 -21.73 14.53
CA GLY K 116 -6.68 -22.04 13.20
C GLY K 116 -7.02 -23.46 12.78
N SER K 117 -6.00 -24.31 12.66
CA SER K 117 -6.19 -25.70 12.28
C SER K 117 -5.35 -26.63 13.15
N GLY K 118 -5.83 -27.84 13.33
CA GLY K 118 -5.10 -28.82 14.10
C GLY K 118 -5.96 -29.61 15.09
N ILE K 119 -5.31 -30.20 16.07
CA ILE K 119 -5.97 -31.05 17.02
C ILE K 119 -5.31 -31.01 18.40
N ILE K 120 -6.13 -31.16 19.42
CA ILE K 120 -5.67 -31.30 20.78
C ILE K 120 -6.21 -32.59 21.31
N GLN K 121 -5.33 -33.50 21.68
CA GLN K 121 -5.76 -34.78 22.19
C GLN K 121 -5.23 -35.09 23.58
N PHE K 122 -6.17 -35.47 24.47
CA PHE K 122 -5.82 -36.00 25.77
C PHE K 122 -5.84 -37.52 25.62
N HIS K 123 -4.65 -38.12 25.57
CA HIS K 123 -4.53 -39.56 25.33
C HIS K 123 -4.86 -40.41 26.55
N ASP K 124 -4.70 -39.84 27.73
CA ASP K 124 -4.94 -40.58 28.96
C ASP K 124 -5.99 -39.87 29.81
N THR K 125 -6.31 -40.45 30.97
CA THR K 125 -7.36 -39.91 31.83
C THR K 125 -7.15 -38.41 32.11
N ALA K 126 -8.21 -37.63 31.90
CA ALA K 126 -8.19 -36.19 32.13
C ALA K 126 -9.27 -35.82 33.13
N SER K 127 -8.84 -35.40 34.32
CA SER K 127 -9.76 -35.15 35.43
C SER K 127 -9.76 -33.69 35.88
N PHE K 128 -10.93 -33.04 35.85
CA PHE K 128 -11.07 -31.64 36.27
C PHE K 128 -12.40 -31.40 36.96
N THR K 129 -12.54 -30.23 37.59
CA THR K 129 -13.82 -29.78 38.08
C THR K 129 -14.55 -29.13 36.89
N ASN K 130 -13.86 -28.17 36.25
CA ASN K 130 -14.41 -27.47 35.07
CA ASN K 130 -14.42 -27.54 35.05
C ASN K 130 -13.42 -27.57 33.88
N LEU K 131 -13.91 -28.02 32.73
CA LEU K 131 -13.10 -28.10 31.52
C LEU K 131 -13.66 -27.16 30.49
N LYS K 132 -12.81 -26.26 29.98
CA LYS K 132 -13.22 -25.32 28.94
C LYS K 132 -12.46 -25.59 27.65
N ILE K 133 -13.19 -25.96 26.60
CA ILE K 133 -12.61 -26.22 25.29
C ILE K 133 -13.02 -25.13 24.33
N GLU K 134 -12.04 -24.44 23.75
CA GLU K 134 -12.30 -23.37 22.76
C GLU K 134 -11.59 -23.65 21.47
N ILE K 135 -12.34 -23.87 20.40
CA ILE K 135 -11.77 -24.12 19.10
C ILE K 135 -12.28 -23.09 18.14
N ALA K 136 -11.36 -22.31 17.56
CA ALA K 136 -11.74 -21.29 16.56
C ALA K 136 -11.03 -21.58 15.23
N GLY K 137 -11.78 -22.11 14.26
CA GLY K 137 -11.24 -22.44 12.95
C GLY K 137 -11.71 -23.80 12.48
N SER K 138 -10.78 -24.70 12.23
CA SER K 138 -11.11 -26.04 11.78
C SER K 138 -10.54 -27.11 12.72
N GLY K 139 -10.27 -26.71 13.95
CA GLY K 139 -9.66 -27.61 14.94
C GLY K 139 -10.58 -28.70 15.48
N ASP K 140 -9.97 -29.73 16.06
CA ASP K 140 -10.69 -30.83 16.67
C ASP K 140 -10.10 -31.15 18.06
N PHE K 141 -10.92 -31.76 18.93
CA PHE K 141 -10.49 -32.13 20.28
C PHE K 141 -10.91 -33.55 20.55
N VAL K 142 -9.98 -34.35 21.04
CA VAL K 142 -10.27 -35.75 21.35
C VAL K 142 -9.86 -36.08 22.77
N GLY K 143 -10.82 -36.56 23.55
CA GLY K 143 -10.57 -36.98 24.93
C GLY K 143 -11.53 -38.10 25.30
N HIS K 144 -11.06 -39.36 25.18
CA HIS K 144 -11.90 -40.56 25.46
C HIS K 144 -12.00 -40.89 26.94
N LYS K 145 -11.19 -40.22 27.76
CA LYS K 145 -11.21 -40.44 29.20
C LYS K 145 -11.28 -39.11 29.95
N VAL K 146 -12.37 -38.39 29.75
CA VAL K 146 -12.56 -37.10 30.40
C VAL K 146 -13.57 -37.21 31.53
N TYR K 147 -13.21 -36.62 32.67
CA TYR K 147 -14.07 -36.64 33.84
C TYR K 147 -14.11 -35.26 34.48
N CYS K 148 -15.31 -34.68 34.56
CA CYS K 148 -15.48 -33.36 35.17
C CYS K 148 -16.91 -33.08 35.55
N GLU K 149 -17.10 -32.10 36.41
CA GLU K 149 -18.43 -31.68 36.82
C GLU K 149 -19.06 -30.83 35.76
N GLU K 150 -18.26 -29.93 35.16
CA GLU K 150 -18.76 -29.02 34.13
C GLU K 150 -17.84 -29.01 32.91
N LEU K 151 -18.44 -29.06 31.73
CA LEU K 151 -17.68 -28.98 30.50
C LEU K 151 -18.30 -27.98 29.56
N ASN K 152 -17.54 -26.95 29.21
CA ASN K 152 -18.00 -25.95 28.27
CA ASN K 152 -17.99 -25.94 28.28
C ASN K 152 -17.21 -26.05 26.96
N GLY K 153 -17.92 -26.41 25.89
CA GLY K 153 -17.31 -26.54 24.58
C GLY K 153 -17.78 -25.43 23.67
N ASP K 154 -16.86 -24.59 23.23
CA ASP K 154 -17.20 -23.47 22.34
C ASP K 154 -16.49 -23.64 21.02
N ALA K 156 -16.18 -22.52 16.96
CA ALA K 156 -16.45 -21.51 15.93
C ALA K 156 -15.70 -21.88 14.66
N GLY K 157 -16.46 -22.25 13.62
CA GLY K 157 -15.88 -22.70 12.33
C GLY K 157 -16.39 -24.10 11.96
N SER K 158 -15.44 -24.99 11.62
CA SER K 158 -15.77 -26.41 11.32
C SER K 158 -15.02 -27.28 12.31
N ASN K 159 -15.69 -27.67 13.38
CA ASN K 159 -15.03 -28.33 14.50
C ASN K 159 -15.67 -29.62 14.93
N THR K 160 -14.87 -30.49 15.53
CA THR K 160 -15.34 -31.73 16.07
C THR K 160 -14.76 -31.98 17.46
N ILE K 161 -15.61 -32.39 18.39
CA ILE K 161 -15.19 -32.73 19.73
C ILE K 161 -15.58 -34.16 20.04
N VAL K 162 -14.58 -35.02 20.25
CA VAL K 162 -14.82 -36.41 20.58
C VAL K 162 -14.61 -36.58 22.08
N LEU K 163 -15.61 -37.11 22.76
CA LEU K 163 -15.55 -37.24 24.22
C LEU K 163 -15.92 -38.63 24.73
N GLY K 164 -15.18 -39.08 25.73
CA GLY K 164 -15.47 -40.31 26.40
C GLY K 164 -15.27 -40.08 27.88
N GLY K 165 -16.01 -40.81 28.72
CA GLY K 165 -15.86 -40.71 30.18
C GLY K 165 -17.13 -40.29 30.89
N THR K 166 -16.99 -39.44 31.91
CA THR K 166 -18.13 -38.95 32.70
C THR K 166 -18.10 -37.44 32.86
N VAL K 167 -19.24 -36.80 32.64
CA VAL K 167 -19.37 -35.37 32.84
C VAL K 167 -20.72 -35.06 33.49
N GLY K 168 -20.75 -34.06 34.37
CA GLY K 168 -21.97 -33.66 35.04
C GLY K 168 -22.85 -32.82 34.13
N ILE K 169 -22.36 -31.64 33.80
CA ILE K 169 -23.09 -30.73 32.93
C ILE K 169 -22.21 -30.36 31.75
N ALA K 170 -22.70 -30.64 30.54
CA ALA K 170 -21.93 -30.35 29.34
C ALA K 170 -22.66 -29.32 28.50
N GLU K 171 -22.00 -28.17 28.28
CA GLU K 171 -22.57 -27.11 27.47
C GLU K 171 -21.76 -26.94 26.17
N PHE K 172 -22.45 -26.97 25.04
CA PHE K 172 -21.80 -26.80 23.77
C PHE K 172 -22.40 -25.64 22.99
N SER K 173 -21.52 -24.77 22.50
CA SER K 173 -21.91 -23.69 21.61
C SER K 173 -21.24 -23.90 20.26
N ILE K 174 -22.04 -24.03 19.21
CA ILE K 174 -21.53 -24.24 17.87
C ILE K 174 -21.89 -23.10 16.95
N ALA K 175 -20.88 -22.41 16.43
CA ALA K 175 -21.11 -21.36 15.42
C ALA K 175 -20.47 -21.81 14.11
N GLY K 176 -21.30 -22.11 13.13
CA GLY K 176 -20.84 -22.66 11.86
C GLY K 176 -21.25 -24.12 11.76
N SER K 177 -20.26 -25.00 11.64
CA SER K 177 -20.51 -26.44 11.60
C SER K 177 -19.77 -27.11 12.73
N GLY K 178 -20.50 -27.82 13.58
CA GLY K 178 -19.89 -28.49 14.74
C GLY K 178 -20.39 -29.90 14.94
N THR K 179 -19.48 -30.80 15.30
CA THR K 179 -19.82 -32.19 15.53
C THR K 179 -19.30 -32.64 16.87
N VAL K 180 -20.15 -33.33 17.62
CA VAL K 180 -19.77 -33.87 18.91
C VAL K 180 -20.09 -35.36 18.95
N ARG K 181 -19.04 -36.17 19.12
CA ARG K 181 -19.18 -37.63 19.25
C ARG K 181 -18.89 -37.99 20.68
N ALA K 182 -19.93 -38.20 21.46
CA ALA K 182 -19.78 -38.44 22.88
C ALA K 182 -20.73 -39.52 23.42
N PHE K 183 -21.05 -40.51 22.59
CA PHE K 183 -21.89 -41.63 23.05
C PHE K 183 -21.22 -42.35 24.21
N ASP K 184 -19.89 -42.32 24.24
CA ASP K 184 -19.11 -42.98 25.31
C ASP K 184 -18.96 -42.10 26.52
N CYS K 185 -19.47 -40.89 26.45
CA CYS K 185 -19.39 -39.98 27.56
C CYS K 185 -20.72 -39.92 28.27
N THR K 186 -20.73 -40.29 29.54
CA THR K 186 -21.96 -40.29 30.33
C THR K 186 -22.23 -38.89 30.93
N ASP K 188 -25.04 -36.06 32.70
CA ASP K 188 -26.30 -35.89 33.43
C ASP K 188 -27.15 -34.88 32.71
N GLU K 189 -26.53 -33.79 32.27
CA GLU K 189 -27.25 -32.73 31.56
C GLU K 189 -26.50 -32.31 30.29
N LEU K 190 -27.27 -32.11 29.22
CA LEU K 190 -26.73 -31.70 27.94
C LEU K 190 -27.38 -30.41 27.51
N GLU K 191 -26.56 -29.40 27.32
CA GLU K 191 -27.03 -28.14 26.84
C GLU K 191 -26.23 -27.77 25.62
N CYS K 192 -26.91 -27.51 24.52
CA CYS K 192 -26.24 -27.13 23.33
C CYS K 192 -26.96 -25.99 22.62
N LYS K 193 -26.18 -25.08 22.05
CA LYS K 193 -26.70 -23.96 21.31
C LYS K 193 -26.03 -23.96 19.93
N ILE K 194 -26.82 -24.15 18.88
CA ILE K 194 -26.29 -24.32 17.56
C ILE K 194 -26.69 -23.19 16.64
N ALA K 195 -25.69 -22.54 16.05
CA ALA K 195 -25.93 -21.50 15.05
C ALA K 195 -25.27 -21.94 13.74
N GLY K 196 -26.08 -22.50 12.85
CA GLY K 196 -25.59 -23.06 11.58
C GLY K 196 -25.96 -24.54 11.48
N SER K 197 -24.97 -25.41 11.50
CA SER K 197 -25.20 -26.86 11.41
C SER K 197 -24.48 -27.59 12.53
N GLY K 198 -25.23 -28.38 13.30
CA GLY K 198 -24.67 -29.12 14.41
C GLY K 198 -25.13 -30.58 14.43
N ASP K 199 -24.19 -31.47 14.73
CA ASP K 199 -24.46 -32.90 14.82
C ASP K 199 -23.91 -33.39 16.13
N ILE K 200 -24.81 -33.71 17.06
CA ILE K 200 -24.41 -34.10 18.40
C ILE K 200 -24.88 -35.50 18.78
N GLU K 201 -23.94 -36.30 19.31
CA GLU K 201 -24.22 -37.63 19.81
C GLU K 201 -23.72 -37.71 21.23
N ALA K 202 -24.56 -38.19 22.16
CA ALA K 202 -24.19 -38.22 23.57
C ALA K 202 -25.05 -39.15 24.39
N PHE K 203 -24.47 -39.60 25.51
CA PHE K 203 -25.19 -40.37 26.47
C PHE K 203 -25.64 -39.42 27.57
N VAL K 204 -26.96 -39.23 27.68
CA VAL K 204 -27.51 -38.30 28.68
C VAL K 204 -28.41 -39.03 29.68
N VAL K 205 -28.37 -38.59 30.92
CA VAL K 205 -29.11 -39.27 31.97
C VAL K 205 -30.38 -38.52 32.39
N ASN K 206 -30.26 -37.21 32.62
CA ASN K 206 -31.39 -36.44 33.18
C ASN K 206 -32.02 -35.40 32.28
N LYS K 207 -31.19 -34.51 31.73
CA LYS K 207 -31.72 -33.36 31.01
C LYS K 207 -31.02 -33.06 29.69
N ILE K 208 -31.83 -32.66 28.71
CA ILE K 208 -31.33 -32.18 27.43
C ILE K 208 -31.99 -30.85 27.13
N LYS K 209 -31.17 -29.87 26.76
CA LYS K 209 -31.67 -28.56 26.33
C LYS K 209 -31.01 -28.21 25.02
N ALA K 210 -31.79 -27.86 24.02
CA ALA K 210 -31.24 -27.58 22.71
C ALA K 210 -31.91 -26.39 22.06
N GLU K 211 -31.11 -25.38 21.72
CA GLU K 211 -31.59 -24.25 20.95
C GLU K 211 -30.89 -24.28 19.61
N ILE K 212 -31.68 -24.37 18.53
CA ILE K 212 -31.11 -24.49 17.20
C ILE K 212 -31.53 -23.35 16.27
N ALA K 213 -30.54 -22.67 15.71
CA ALA K 213 -30.79 -21.65 14.70
C ALA K 213 -30.11 -22.09 13.42
N GLY K 214 -30.83 -22.88 12.61
CA GLY K 214 -30.30 -23.44 11.36
C GLY K 214 -30.71 -24.91 11.22
N SER K 215 -29.72 -25.81 11.23
CA SER K 215 -29.96 -27.27 11.19
C SER K 215 -29.27 -27.93 12.36
N GLY K 216 -29.98 -28.80 13.07
CA GLY K 216 -29.43 -29.44 14.23
C GLY K 216 -29.97 -30.83 14.50
N SER K 217 -29.06 -31.75 14.79
CA SER K 217 -29.43 -33.12 15.10
C SER K 217 -28.79 -33.55 16.41
N VAL K 218 -29.63 -33.95 17.36
CA VAL K 218 -29.16 -34.45 18.63
C VAL K 218 -29.60 -35.89 18.81
N LYS K 219 -28.65 -36.82 18.67
CA LYS K 219 -28.92 -38.23 18.91
C LYS K 219 -28.41 -38.56 20.30
N TYR K 220 -29.21 -39.27 21.09
CA TYR K 220 -28.82 -39.57 22.45
C TYR K 220 -29.11 -40.99 22.89
N LYS K 221 -28.33 -41.44 23.86
CA LYS K 221 -28.57 -42.69 24.53
C LYS K 221 -28.91 -42.34 25.95
N GLY K 222 -29.44 -43.29 26.70
CA GLY K 222 -29.93 -43.03 28.04
C GLY K 222 -31.42 -42.72 28.00
N ASP K 223 -31.99 -42.25 29.11
CA ASP K 223 -33.43 -41.99 29.19
C ASP K 223 -33.80 -40.74 29.97
N PRO K 224 -33.27 -39.59 29.55
CA PRO K 224 -33.65 -38.35 30.20
C PRO K 224 -35.13 -38.06 29.99
N GLN K 225 -35.80 -37.52 31.00
CA GLN K 225 -37.23 -37.24 30.92
C GLN K 225 -37.50 -35.76 30.72
N ASP K 226 -36.48 -34.94 30.95
CA ASP K 226 -36.60 -33.51 30.79
C ASP K 226 -35.85 -33.06 29.51
N ILE K 227 -36.59 -32.99 28.41
CA ILE K 227 -36.02 -32.58 27.12
C ILE K 227 -36.77 -31.36 26.57
N GLN K 228 -36.04 -30.25 26.44
CA GLN K 228 -36.61 -28.98 25.97
C GLN K 228 -35.86 -28.48 24.74
N LYS K 229 -36.53 -27.67 23.92
CA LYS K 229 -35.89 -27.14 22.72
C LYS K 229 -36.60 -25.94 22.11
N LYS K 230 -35.80 -25.06 21.50
CA LYS K 230 -36.28 -23.96 20.68
C LYS K 230 -35.64 -24.16 19.32
N VAL K 231 -36.40 -23.97 18.26
CA VAL K 231 -35.88 -24.22 16.93
C VAL K 231 -36.31 -23.22 15.87
N GLY K 233 -35.68 -23.19 12.16
CA GLY K 233 -35.17 -23.90 10.98
C GLY K 233 -35.55 -25.39 11.02
N SER K 234 -34.58 -26.25 11.25
CA SER K 234 -34.81 -27.69 11.30
C SER K 234 -34.04 -28.32 12.45
N GLY K 235 -34.76 -28.87 13.41
CA GLY K 235 -34.14 -29.50 14.57
C GLY K 235 -34.74 -30.86 14.88
N LYS K 236 -33.92 -31.76 15.42
CA LYS K 236 -34.37 -33.09 15.76
C LYS K 236 -33.59 -33.66 16.97
N ILE K 237 -34.31 -33.97 18.05
CA ILE K 237 -33.72 -34.64 19.21
C ILE K 237 -34.28 -36.05 19.25
N GLU K 238 -33.42 -37.03 19.04
CA GLU K 238 -33.86 -38.41 18.85
C GLU K 238 -33.10 -39.41 19.75
N LYS K 239 -33.84 -40.37 20.28
CA LYS K 239 -33.27 -41.43 21.10
C LYS K 239 -32.93 -42.60 20.20
N VAL K 240 -31.70 -43.08 20.28
CA VAL K 240 -31.26 -44.21 19.47
C VAL K 240 -31.15 -45.50 20.32
N GLU K 241 -30.76 -45.34 21.59
CA GLU K 241 -30.65 -46.48 22.52
C GLU K 241 -29.69 -47.56 21.99
N GLY L 2 -45.15 -36.57 7.49
CA GLY L 2 -46.20 -36.41 6.43
C GLY L 2 -47.30 -37.45 6.54
N ASP L 3 -48.52 -37.07 6.11
CA ASP L 3 -49.70 -37.98 6.16
C ASP L 3 -50.19 -38.40 4.75
N GLY L 4 -49.75 -37.69 3.71
CA GLY L 4 -50.07 -38.06 2.31
C GLY L 4 -51.15 -37.21 1.62
N ASN L 5 -51.94 -36.48 2.40
CA ASN L 5 -53.01 -35.63 1.83
C ASN L 5 -52.44 -34.43 1.03
N ILE L 6 -51.91 -34.73 -0.15
CA ILE L 6 -51.29 -33.70 -1.00
C ILE L 6 -52.35 -32.77 -1.59
N THR L 7 -52.29 -31.51 -1.19
CA THR L 7 -53.24 -30.51 -1.64
C THR L 7 -52.53 -29.21 -2.03
N THR L 8 -53.07 -28.51 -3.02
CA THR L 8 -52.50 -27.23 -3.46
C THR L 8 -53.32 -26.07 -2.89
N GLU L 9 -52.73 -24.89 -2.86
CA GLU L 9 -53.44 -23.71 -2.35
C GLU L 9 -52.76 -22.43 -2.83
N ASN L 10 -53.55 -21.54 -3.43
CA ASN L 10 -53.03 -20.27 -3.91
C ASN L 10 -53.28 -19.17 -2.88
N ILE L 11 -52.24 -18.81 -2.14
CA ILE L 11 -52.36 -17.83 -1.06
C ILE L 11 -52.17 -16.41 -1.59
N PRO L 12 -53.10 -15.50 -1.23
CA PRO L 12 -53.02 -14.11 -1.63
C PRO L 12 -51.87 -13.39 -0.94
N VAL L 13 -51.19 -12.52 -1.66
CA VAL L 13 -50.06 -11.78 -1.10
C VAL L 13 -49.96 -10.38 -1.70
N SER L 14 -49.58 -9.42 -0.86
CA SER L 14 -49.40 -8.04 -1.30
C SER L 14 -47.91 -7.78 -1.61
N GLU L 15 -47.55 -6.51 -1.84
CA GLU L 15 -46.16 -6.14 -2.19
C GLU L 15 -45.13 -6.66 -1.16
N TYR L 16 -44.12 -7.39 -1.66
CA TYR L 16 -43.01 -7.89 -0.80
C TYR L 16 -41.68 -7.94 -1.59
N ASP L 17 -40.61 -7.42 -0.99
CA ASP L 17 -39.29 -7.42 -1.62
C ASP L 17 -38.29 -8.32 -0.87
N CYS L 18 -38.70 -8.81 0.30
CA CYS L 18 -37.88 -9.75 1.09
C CYS L 18 -38.53 -11.12 1.07
N LEU L 19 -37.78 -12.13 1.47
CA LEU L 19 -38.27 -13.49 1.50
C LEU L 19 -37.57 -14.28 2.62
N GLU L 20 -38.32 -14.60 3.68
CA GLU L 20 -37.78 -15.34 4.83
C GLU L 20 -38.36 -16.74 4.90
N LEU L 21 -37.52 -17.74 4.76
CA LEU L 21 -37.97 -19.12 4.75
C LEU L 21 -37.36 -19.92 5.91
N GLU L 22 -38.22 -20.54 6.69
CA GLU L 22 -37.80 -21.37 7.82
CA GLU L 22 -37.80 -21.37 7.82
C GLU L 22 -38.62 -22.63 7.83
N GLY L 23 -38.00 -23.74 7.47
CA GLY L 23 -38.73 -25.00 7.46
C GLY L 23 -37.95 -26.21 7.07
N GLY L 24 -38.66 -27.33 6.95
CA GLY L 24 -38.04 -28.61 6.61
C GLY L 24 -38.58 -29.20 5.32
N GLY L 25 -37.67 -29.65 4.45
CA GLY L 25 -38.05 -30.29 3.17
C GLY L 25 -38.61 -29.31 2.16
N VAL L 27 -39.02 -26.93 -0.75
CA VAL L 27 -38.41 -26.65 -2.04
C VAL L 27 -39.09 -25.41 -2.60
N VAL L 28 -38.30 -24.38 -2.91
CA VAL L 28 -38.84 -23.13 -3.39
C VAL L 28 -38.40 -22.79 -4.82
N ASN L 29 -39.37 -22.45 -5.66
CA ASN L 29 -39.10 -22.03 -7.04
C ASN L 29 -39.57 -20.58 -7.24
N TYR L 30 -38.62 -19.64 -7.18
CA TYR L 30 -38.94 -18.21 -7.30
C TYR L 30 -38.67 -17.66 -8.70
N THR L 31 -39.37 -16.58 -9.05
CA THR L 31 -39.21 -15.94 -10.34
C THR L 31 -39.54 -14.43 -10.25
N GLN L 32 -38.66 -13.60 -10.83
CA GLN L 32 -38.87 -12.16 -10.85
C GLN L 32 -39.57 -11.78 -12.15
N SER L 33 -40.87 -11.42 -12.05
CA SER L 33 -41.67 -11.06 -13.22
CA SER L 33 -41.68 -11.06 -13.23
C SER L 33 -42.31 -9.68 -13.06
N ASP L 34 -42.65 -9.06 -14.19
CA ASP L 34 -43.30 -7.74 -14.19
C ASP L 34 -44.77 -7.89 -13.78
N ALA L 35 -45.27 -9.12 -13.84
CA ALA L 35 -46.65 -9.43 -13.49
C ALA L 35 -46.92 -9.19 -11.99
N PRO L 36 -48.18 -9.41 -11.55
CA PRO L 36 -48.48 -9.22 -10.14
C PRO L 36 -47.84 -10.29 -9.26
N GLU L 37 -47.70 -10.00 -7.98
CA GLU L 37 -47.07 -10.90 -7.05
C GLU L 37 -48.03 -11.98 -6.60
N GLY L 38 -47.58 -13.23 -6.63
CA GLY L 38 -48.43 -14.37 -6.26
C GLY L 38 -47.68 -15.48 -5.54
N LEU L 39 -48.43 -16.30 -4.79
CA LEU L 39 -47.83 -17.41 -4.03
C LEU L 39 -48.68 -18.67 -4.18
N GLU L 40 -48.01 -19.82 -4.31
CA GLU L 40 -48.69 -21.11 -4.45
C GLU L 40 -47.93 -22.21 -3.69
N ILE L 41 -48.62 -22.86 -2.76
CA ILE L 41 -48.02 -23.92 -1.96
C ILE L 41 -48.60 -25.28 -2.34
N LYS L 42 -47.79 -26.32 -2.21
CA LYS L 42 -48.22 -27.69 -2.52
C LYS L 42 -47.61 -28.67 -1.51
N THR L 43 -48.34 -28.93 -0.43
CA THR L 43 -47.84 -29.80 0.65
C THR L 43 -48.99 -30.55 1.36
N ASP L 44 -48.65 -31.22 2.46
CA ASP L 44 -49.63 -32.00 3.23
C ASP L 44 -50.74 -31.12 3.81
N ARG L 45 -51.90 -31.73 4.08
CA ARG L 45 -53.06 -31.01 4.59
C ARG L 45 -52.91 -30.62 6.06
N ASN L 46 -51.69 -30.77 6.60
CA ASN L 46 -51.41 -30.38 7.98
C ASN L 46 -50.41 -29.23 8.04
N ILE L 47 -49.40 -29.25 7.15
CA ILE L 47 -48.40 -28.19 7.11
C ILE L 47 -49.09 -26.85 7.03
N PHE L 48 -50.20 -26.79 6.28
CA PHE L 48 -50.99 -25.56 6.17
C PHE L 48 -51.48 -25.13 7.55
N GLU L 49 -51.77 -26.11 8.41
CA GLU L 49 -52.26 -25.85 9.76
C GLU L 49 -51.14 -25.36 10.69
N LYS L 50 -49.92 -25.89 10.49
CA LYS L 50 -48.75 -25.53 11.34
C LYS L 50 -48.05 -24.27 10.85
N TYR L 51 -47.81 -24.20 9.53
CA TYR L 51 -47.10 -23.07 8.93
C TYR L 51 -47.97 -21.84 8.74
N GLU L 52 -47.32 -20.68 8.69
CA GLU L 52 -48.00 -19.42 8.43
C GLU L 52 -47.42 -18.76 7.20
N PHE L 53 -48.28 -18.11 6.43
CA PHE L 53 -47.86 -17.42 5.22
C PHE L 53 -48.45 -16.03 5.26
N ASN L 54 -47.60 -15.03 5.43
CA ASN L 54 -48.07 -13.66 5.54
C ASN L 54 -47.02 -12.65 5.21
N VAL L 55 -47.43 -11.59 4.51
CA VAL L 55 -46.53 -10.51 4.18
C VAL L 55 -46.57 -9.49 5.32
N GLU L 56 -45.39 -9.07 5.76
CA GLU L 56 -45.28 -8.15 6.88
C GLU L 56 -44.15 -7.17 6.62
N ASN L 57 -44.45 -5.87 6.66
CA ASN L 57 -43.45 -4.84 6.35
C ASN L 57 -42.72 -5.15 5.05
N HIS L 58 -43.46 -5.67 4.07
CA HIS L 58 -42.92 -6.02 2.74
C HIS L 58 -42.04 -7.29 2.78
N LYS L 59 -42.20 -8.10 3.83
CA LYS L 59 -41.45 -9.36 3.96
C LYS L 59 -42.41 -10.54 3.95
N LEU L 60 -42.24 -11.43 2.96
CA LEU L 60 -43.05 -12.65 2.89
C LEU L 60 -42.41 -13.71 3.79
N LYS L 61 -43.00 -13.93 4.95
CA LYS L 61 -42.45 -14.87 5.91
C LYS L 61 -43.16 -16.22 5.90
N ILE L 62 -42.42 -17.26 5.51
CA ILE L 62 -42.93 -18.63 5.50
C ILE L 62 -42.24 -19.44 6.59
N ARG L 63 -42.99 -19.77 7.64
CA ARG L 63 -42.44 -20.47 8.78
C ARG L 63 -43.53 -21.10 9.62
N PRO L 64 -43.16 -22.00 10.53
CA PRO L 64 -44.15 -22.63 11.40
C PRO L 64 -44.72 -21.64 12.41
N LYS L 65 -46.02 -21.72 12.66
CA LYS L 65 -46.66 -20.85 13.64
C LYS L 65 -46.13 -21.19 15.03
N LYS L 66 -45.86 -20.17 15.82
CA LYS L 66 -45.35 -20.34 17.18
C LYS L 66 -46.32 -21.20 18.00
N GLU L 67 -47.61 -21.06 17.70
CA GLU L 67 -48.66 -21.79 18.42
C GLU L 67 -48.68 -23.30 18.09
N PHE L 68 -47.59 -23.82 17.51
CA PHE L 68 -47.51 -25.25 17.15
C PHE L 68 -46.03 -25.72 16.93
N ARG L 69 -45.10 -25.18 17.75
CA ARG L 69 -43.66 -25.55 17.64
C ARG L 69 -43.34 -26.84 18.40
N LYS L 70 -44.25 -27.24 19.29
CA LYS L 70 -44.07 -28.47 20.07
C LYS L 70 -45.28 -29.39 19.88
N PRO L 76 -42.28 -34.45 6.53
CA PRO L 76 -43.32 -34.29 5.53
C PRO L 76 -43.06 -35.10 4.26
N THR L 77 -44.10 -35.28 3.46
CA THR L 77 -43.98 -36.02 2.19
C THR L 77 -43.42 -35.11 1.10
N GLU L 78 -44.09 -33.97 0.89
CA GLU L 78 -43.67 -32.99 -0.10
C GLU L 78 -43.93 -31.59 0.41
N PHE L 79 -43.18 -30.63 -0.11
CA PHE L 79 -43.36 -29.23 0.27
C PHE L 79 -42.78 -28.35 -0.83
N VAL L 81 -42.96 -24.82 -2.90
CA VAL L 81 -43.44 -23.44 -2.83
C VAL L 81 -43.04 -22.68 -4.08
N THR L 82 -44.02 -22.35 -4.91
CA THR L 82 -43.76 -21.55 -6.11
C THR L 82 -44.20 -20.11 -5.87
N ALA L 83 -43.26 -19.18 -6.01
CA ALA L 83 -43.53 -17.75 -5.75
C ALA L 83 -42.93 -16.85 -6.82
N ASN L 84 -43.31 -15.58 -6.79
CA ASN L 84 -42.83 -14.60 -7.76
C ASN L 84 -43.11 -13.16 -7.30
N SER L 85 -42.22 -12.24 -7.66
CA SER L 85 -42.39 -10.83 -7.32
C SER L 85 -41.71 -9.93 -8.34
N ARG L 86 -41.95 -8.63 -8.22
CA ARG L 86 -41.37 -7.66 -9.15
C ARG L 86 -39.93 -7.34 -8.77
N ASN L 87 -39.70 -7.18 -7.47
CA ASN L 87 -38.36 -6.91 -6.96
CA ASN L 87 -38.36 -6.90 -6.94
C ASN L 87 -38.07 -7.72 -5.70
N LEU L 88 -36.80 -8.12 -5.55
CA LEU L 88 -36.36 -8.90 -4.40
C LEU L 88 -34.97 -8.44 -4.02
N LYS L 89 -34.80 -8.00 -2.77
CA LYS L 89 -33.52 -7.48 -2.31
C LYS L 89 -32.92 -8.30 -1.15
N LYS L 90 -33.71 -9.21 -0.56
CA LYS L 90 -33.22 -10.01 0.57
CA LYS L 90 -33.22 -10.00 0.58
C LYS L 90 -33.80 -11.42 0.57
N LEU L 91 -32.94 -12.41 0.85
CA LEU L 91 -33.33 -13.80 0.89
C LEU L 91 -32.73 -14.46 2.12
N ALA L 92 -33.57 -14.94 3.01
CA ALA L 92 -33.11 -15.61 4.22
C ALA L 92 -33.74 -16.99 4.33
N ALA L 93 -32.88 -18.02 4.42
CA ALA L 93 -33.35 -19.40 4.54
C ALA L 93 -32.63 -20.12 5.70
N ALA L 94 -33.38 -20.86 6.49
CA ALA L 94 -32.83 -21.56 7.66
C ALA L 94 -33.31 -23.00 7.70
N GLY L 95 -32.39 -23.92 7.93
CA GLY L 95 -32.71 -25.35 8.02
C GLY L 95 -32.75 -26.03 6.67
N SER L 96 -33.53 -27.13 6.58
CA SER L 96 -33.66 -27.88 5.35
C SER L 96 -34.49 -27.10 4.34
N THR L 97 -33.81 -26.38 3.47
CA THR L 97 -34.48 -25.59 2.46
C THR L 97 -33.68 -25.56 1.18
N HIS L 98 -34.36 -25.70 0.05
CA HIS L 98 -33.74 -25.66 -1.25
C HIS L 98 -34.39 -24.51 -2.03
N VAL L 99 -33.66 -23.42 -2.20
CA VAL L 99 -34.18 -22.24 -2.87
C VAL L 99 -33.68 -22.15 -4.31
N ASN L 100 -34.63 -22.13 -5.26
CA ASN L 100 -34.30 -22.04 -6.68
C ASN L 100 -34.78 -20.72 -7.30
N ILE L 101 -33.82 -19.87 -7.68
CA ILE L 101 -34.15 -18.65 -8.41
C ILE L 101 -34.07 -18.99 -9.89
N ASN L 102 -35.21 -19.32 -10.47
CA ASN L 102 -35.27 -19.84 -11.85
C ASN L 102 -35.32 -18.76 -12.97
N SER L 103 -35.33 -17.49 -12.59
CA SER L 103 -35.39 -16.40 -13.57
C SER L 103 -34.26 -15.41 -13.38
N PRO L 104 -34.06 -14.53 -14.37
CA PRO L 104 -33.05 -13.52 -14.20
C PRO L 104 -33.36 -12.65 -13.00
N LEU L 105 -32.39 -12.48 -12.12
CA LEU L 105 -32.56 -11.68 -10.93
C LEU L 105 -31.86 -10.35 -11.12
N GLN L 106 -32.45 -9.30 -10.56
CA GLN L 106 -31.87 -7.99 -10.65
C GLN L 106 -32.32 -7.12 -9.48
N ALA L 107 -31.36 -6.46 -8.85
CA ALA L 107 -31.64 -5.57 -7.73
C ALA L 107 -30.42 -4.68 -7.44
N GLU L 108 -30.67 -3.49 -6.92
CA GLU L 108 -29.59 -2.57 -6.56
C GLU L 108 -28.66 -3.25 -5.54
N GLU L 109 -29.19 -3.53 -4.36
CA GLU L 109 -28.45 -4.23 -3.33
C GLU L 109 -29.19 -5.51 -2.95
N PHE L 110 -28.46 -6.62 -2.87
CA PHE L 110 -29.05 -7.90 -2.53
C PHE L 110 -28.31 -8.57 -1.38
N GLU L 111 -29.05 -9.21 -0.50
CA GLU L 111 -28.47 -9.87 0.65
C GLU L 111 -29.03 -11.29 0.78
N ALA L 112 -28.17 -12.28 0.58
CA ALA L 112 -28.57 -13.69 0.69
C ALA L 112 -28.04 -14.28 1.97
N GLY L 113 -28.96 -14.72 2.83
CA GLY L 113 -28.60 -15.32 4.12
C GLY L 113 -29.00 -16.77 4.19
N LEU L 114 -28.08 -17.61 4.64
CA LEU L 114 -28.33 -19.04 4.73
C LEU L 114 -27.85 -19.57 6.06
N ALA L 115 -28.74 -20.22 6.78
CA ALA L 115 -28.42 -20.81 8.07
C ALA L 115 -28.85 -22.26 8.09
N GLY L 116 -27.89 -23.17 8.17
CA GLY L 116 -28.19 -24.60 8.16
C GLY L 116 -27.72 -25.29 6.91
N SER L 117 -28.19 -26.51 6.70
CA SER L 117 -27.73 -27.33 5.60
C SER L 117 -28.66 -27.24 4.37
N GLY L 118 -29.02 -26.02 4.01
CA GLY L 118 -29.90 -25.80 2.86
C GLY L 118 -29.12 -25.54 1.58
N ILE L 119 -29.83 -25.07 0.56
CA ILE L 119 -29.22 -24.74 -0.72
C ILE L 119 -29.87 -23.52 -1.35
N ILE L 120 -29.04 -22.62 -1.87
CA ILE L 120 -29.52 -21.48 -2.64
C ILE L 120 -28.79 -21.47 -3.95
N GLN L 121 -29.53 -21.58 -5.05
CA GLN L 121 -28.89 -21.63 -6.37
C GLN L 121 -29.51 -20.63 -7.34
N PHE L 122 -28.68 -19.70 -7.82
CA PHE L 122 -29.08 -18.72 -8.85
C PHE L 122 -28.86 -19.39 -10.21
N HIS L 123 -29.92 -19.97 -10.76
CA HIS L 123 -29.82 -20.72 -12.01
C HIS L 123 -29.54 -19.82 -13.22
N ASP L 124 -30.15 -18.63 -13.24
CA ASP L 124 -30.00 -17.71 -14.38
C ASP L 124 -29.13 -16.48 -13.98
N THR L 125 -29.11 -15.45 -14.82
CA THR L 125 -28.28 -14.24 -14.57
C THR L 125 -28.70 -13.49 -13.31
N ALA L 126 -27.71 -13.02 -12.56
CA ALA L 126 -27.96 -12.26 -11.34
C ALA L 126 -27.12 -11.00 -11.37
N SER L 127 -27.79 -9.86 -11.49
CA SER L 127 -27.09 -8.57 -11.57
C SER L 127 -27.41 -7.66 -10.40
N PHE L 128 -26.37 -7.15 -9.76
CA PHE L 128 -26.53 -6.25 -8.63
C PHE L 128 -25.42 -5.25 -8.60
N THR L 129 -25.56 -4.24 -7.76
CA THR L 129 -24.49 -3.30 -7.51
C THR L 129 -23.68 -3.83 -6.33
N ASN L 130 -24.39 -4.27 -5.28
CA ASN L 130 -23.76 -4.87 -4.10
C ASN L 130 -24.47 -6.17 -3.74
N LEU L 131 -23.70 -7.24 -3.60
CA LEU L 131 -24.24 -8.55 -3.23
C LEU L 131 -23.58 -9.06 -1.94
N LYS L 132 -24.40 -9.45 -0.98
CA LYS L 132 -23.90 -9.98 0.30
C LYS L 132 -24.36 -11.40 0.50
N ILE L 133 -23.40 -12.30 0.70
CA ILE L 133 -23.69 -13.69 0.97
C ILE L 133 -23.20 -14.05 2.34
N GLU L 134 -24.12 -14.47 3.21
CA GLU L 134 -23.77 -14.91 4.56
C GLU L 134 -24.26 -16.34 4.75
N ILE L 135 -23.32 -17.26 4.96
CA ILE L 135 -23.65 -18.67 5.20
C ILE L 135 -23.12 -19.10 6.53
N ALA L 136 -23.98 -19.75 7.30
CA ALA L 136 -23.58 -20.33 8.58
C ALA L 136 -24.06 -21.76 8.60
N GLY L 137 -23.11 -22.70 8.59
CA GLY L 137 -23.44 -24.11 8.57
C GLY L 137 -22.84 -24.82 7.36
N SER L 138 -23.39 -25.96 7.00
CA SER L 138 -22.86 -26.78 5.93
C SER L 138 -23.63 -26.61 4.62
N GLY L 139 -24.25 -25.45 4.44
CA GLY L 139 -25.06 -25.18 3.24
C GLY L 139 -24.25 -25.00 1.95
N ASP L 140 -24.96 -24.71 0.85
CA ASP L 140 -24.35 -24.53 -0.46
C ASP L 140 -24.95 -23.33 -1.20
N PHE L 141 -24.08 -22.57 -1.88
CA PHE L 141 -24.52 -21.46 -2.74
C PHE L 141 -23.89 -21.63 -4.12
N VAL L 142 -24.72 -21.77 -5.15
CA VAL L 142 -24.22 -21.90 -6.54
C VAL L 142 -24.84 -20.82 -7.43
N GLY L 143 -23.98 -20.04 -8.08
CA GLY L 143 -24.42 -18.98 -9.01
C GLY L 143 -23.42 -18.78 -10.12
N HIS L 144 -23.58 -19.53 -11.21
CA HIS L 144 -22.61 -19.52 -12.32
C HIS L 144 -22.67 -18.25 -13.19
N LYS L 145 -23.69 -17.42 -12.99
CA LYS L 145 -23.81 -16.18 -13.77
C LYS L 145 -24.18 -14.99 -12.89
N VAL L 146 -23.23 -14.61 -12.03
CA VAL L 146 -23.42 -13.47 -11.13
C VAL L 146 -22.61 -12.28 -11.61
N TYR L 147 -23.23 -11.11 -11.61
CA TYR L 147 -22.58 -9.89 -12.07
C TYR L 147 -22.85 -8.75 -11.09
N CYS L 148 -21.81 -8.27 -10.44
CA CYS L 148 -21.97 -7.19 -9.47
C CYS L 148 -20.68 -6.43 -9.27
N GLU L 149 -20.79 -5.23 -8.73
CA GLU L 149 -19.64 -4.37 -8.48
C GLU L 149 -18.89 -4.84 -7.23
N GLU L 150 -19.64 -5.14 -6.16
CA GLU L 150 -19.04 -5.59 -4.89
C GLU L 150 -19.72 -6.85 -4.37
N LEU L 151 -18.91 -7.85 -4.03
CA LEU L 151 -19.41 -9.09 -3.48
C LEU L 151 -18.78 -9.30 -2.11
N ASN L 152 -19.63 -9.41 -1.09
CA ASN L 152 -19.15 -9.56 0.28
C ASN L 152 -19.58 -10.90 0.88
N GLY L 153 -18.62 -11.83 0.98
CA GLY L 153 -18.88 -13.16 1.49
C GLY L 153 -18.44 -13.34 2.93
N ASP L 154 -19.29 -13.95 3.73
CA ASP L 154 -19.02 -14.20 5.16
C ASP L 154 -19.44 -15.64 5.46
N ALA L 156 -19.07 -19.35 7.65
CA ALA L 156 -18.70 -20.04 8.88
C ALA L 156 -19.23 -21.46 8.79
N GLY L 157 -18.34 -22.43 8.88
CA GLY L 157 -18.73 -23.83 8.78
C GLY L 157 -18.25 -24.46 7.50
N SER L 158 -18.68 -25.70 7.25
CA SER L 158 -18.23 -26.46 6.10
C SER L 158 -19.17 -26.29 4.93
N ASN L 159 -19.28 -25.06 4.46
CA ASN L 159 -20.17 -24.72 3.36
C ASN L 159 -19.39 -24.48 2.07
N THR L 160 -20.13 -24.37 0.97
CA THR L 160 -19.49 -24.17 -0.34
C THR L 160 -20.14 -23.05 -1.10
N ILE L 161 -19.31 -22.16 -1.66
CA ILE L 161 -19.79 -21.10 -2.52
C ILE L 161 -19.19 -21.27 -3.91
N VAL L 162 -20.02 -21.63 -4.89
CA VAL L 162 -19.58 -21.78 -6.28
C VAL L 162 -20.06 -20.56 -7.10
N LEU L 163 -19.12 -19.80 -7.66
CA LEU L 163 -19.46 -18.59 -8.41
C LEU L 163 -18.92 -18.60 -9.83
N GLY L 164 -19.59 -17.85 -10.69
CA GLY L 164 -19.18 -17.68 -12.07
C GLY L 164 -19.71 -16.35 -12.57
N GLY L 165 -18.88 -15.63 -13.35
CA GLY L 165 -19.30 -14.33 -13.89
C GLY L 165 -18.26 -13.24 -13.73
N THR L 166 -18.68 -12.08 -13.18
CA THR L 166 -17.79 -10.92 -13.01
C THR L 166 -18.06 -10.17 -11.71
N VAL L 167 -16.98 -9.76 -11.04
CA VAL L 167 -17.07 -8.99 -9.81
C VAL L 167 -15.97 -7.93 -9.75
N GLY L 168 -16.33 -6.73 -9.34
CA GLY L 168 -15.36 -5.65 -9.21
C GLY L 168 -14.48 -5.83 -7.99
N ILE L 169 -15.12 -5.82 -6.81
CA ILE L 169 -14.42 -6.00 -5.55
C ILE L 169 -15.04 -7.16 -4.77
N ALA L 170 -14.25 -8.19 -4.51
CA ALA L 170 -14.74 -9.37 -3.81
C ALA L 170 -14.04 -9.54 -2.47
N GLU L 171 -14.83 -9.58 -1.40
CA GLU L 171 -14.27 -9.75 -0.05
CA GLU L 171 -14.27 -9.75 -0.04
C GLU L 171 -14.89 -10.97 0.63
N PHE L 172 -14.04 -11.95 0.98
CA PHE L 172 -14.49 -13.18 1.63
C PHE L 172 -13.86 -13.37 2.97
N SER L 173 -14.65 -13.90 3.91
CA SER L 173 -14.15 -14.28 5.23
C SER L 173 -14.63 -15.67 5.52
N ILE L 174 -13.69 -16.60 5.66
CA ILE L 174 -14.02 -17.95 5.95
C ILE L 174 -13.53 -18.34 7.33
N ALA L 175 -14.47 -18.82 8.15
CA ALA L 175 -14.15 -19.36 9.45
C ALA L 175 -14.52 -20.82 9.39
N GLY L 176 -13.50 -21.69 9.36
CA GLY L 176 -13.71 -23.12 9.22
C GLY L 176 -13.23 -23.64 7.86
N SER L 177 -13.83 -24.74 7.40
CA SER L 177 -13.41 -25.39 6.16
C SER L 177 -14.31 -25.02 4.97
N GLY L 178 -14.78 -23.77 4.95
CA GLY L 178 -15.60 -23.29 3.86
C GLY L 178 -14.80 -23.27 2.55
N THR L 179 -15.44 -23.67 1.48
CA THR L 179 -14.79 -23.73 0.18
C THR L 179 -15.40 -22.73 -0.78
N VAL L 180 -14.55 -21.99 -1.47
CA VAL L 180 -15.00 -21.06 -2.51
C VAL L 180 -14.38 -21.46 -3.84
N ARG L 181 -15.21 -21.95 -4.76
CA ARG L 181 -14.75 -22.31 -6.10
C ARG L 181 -15.24 -21.26 -7.07
N ALA L 182 -14.35 -20.32 -7.41
CA ALA L 182 -14.72 -19.19 -8.22
C ALA L 182 -13.73 -18.94 -9.35
N PHE L 183 -13.10 -20.00 -9.84
CA PHE L 183 -12.15 -19.86 -10.97
C PHE L 183 -12.83 -19.22 -12.19
N ASP L 184 -14.12 -19.51 -12.39
CA ASP L 184 -14.86 -18.97 -13.53
C ASP L 184 -15.52 -17.62 -13.19
N CYS L 185 -14.99 -16.93 -12.16
CA CYS L 185 -15.49 -15.61 -11.77
C CYS L 185 -14.36 -14.59 -11.82
N THR L 186 -14.43 -13.71 -12.81
CA THR L 186 -13.42 -12.66 -12.99
C THR L 186 -13.59 -11.56 -11.94
N ASP L 188 -11.87 -8.30 -10.19
CA ASP L 188 -10.81 -7.31 -10.37
C ASP L 188 -9.97 -7.20 -9.12
N GLU L 189 -10.62 -7.29 -7.95
CA GLU L 189 -9.92 -7.26 -6.68
C GLU L 189 -10.50 -8.27 -5.74
N LEU L 190 -9.62 -8.96 -5.00
CA LEU L 190 -10.04 -9.96 -4.03
C LEU L 190 -9.37 -9.73 -2.71
N GLU L 191 -10.16 -9.74 -1.65
CA GLU L 191 -9.65 -9.62 -0.29
C GLU L 191 -10.29 -10.70 0.58
N CYS L 192 -9.49 -11.60 1.12
CA CYS L 192 -10.01 -12.71 1.85
C CYS L 192 -9.23 -13.02 3.12
N LYS L 193 -9.94 -13.64 4.07
CA LYS L 193 -9.37 -14.05 5.32
C LYS L 193 -9.89 -15.45 5.64
N ILE L 194 -8.98 -16.37 5.91
CA ILE L 194 -9.35 -17.72 6.27
C ILE L 194 -8.81 -18.08 7.63
N ALA L 195 -9.72 -18.35 8.56
CA ALA L 195 -9.35 -18.85 9.87
C ALA L 195 -9.74 -20.32 9.90
N GLY L 196 -8.76 -21.19 9.72
CA GLY L 196 -9.01 -22.64 9.66
C GLY L 196 -8.44 -23.26 8.38
N SER L 197 -9.11 -24.30 7.88
CA SER L 197 -8.60 -25.06 6.74
C SER L 197 -9.41 -24.85 5.43
N GLY L 198 -10.22 -23.81 5.37
CA GLY L 198 -11.01 -23.51 4.16
C GLY L 198 -10.14 -23.25 2.92
N ASP L 199 -10.75 -23.37 1.73
CA ASP L 199 -10.03 -23.19 0.45
C ASP L 199 -10.70 -22.14 -0.40
N ILE L 200 -9.90 -21.32 -1.10
CA ILE L 200 -10.44 -20.36 -2.05
C ILE L 200 -9.75 -20.47 -3.40
N GLU L 201 -10.55 -20.71 -4.43
CA GLU L 201 -10.07 -20.69 -5.81
C GLU L 201 -10.74 -19.50 -6.50
N ALA L 202 -9.95 -18.63 -7.13
CA ALA L 202 -10.51 -17.45 -7.80
C ALA L 202 -9.61 -16.91 -8.92
N PHE L 203 -10.22 -16.10 -9.79
CA PHE L 203 -9.50 -15.45 -10.89
C PHE L 203 -9.40 -13.96 -10.57
N VAL L 204 -8.18 -13.48 -10.35
CA VAL L 204 -7.98 -12.10 -9.93
C VAL L 204 -7.21 -11.32 -11.01
N VAL L 205 -7.76 -10.18 -11.40
CA VAL L 205 -7.19 -9.41 -12.48
C VAL L 205 -6.08 -8.44 -12.03
N ASN L 206 -6.35 -7.68 -10.97
CA ASN L 206 -5.43 -6.61 -10.56
C ASN L 206 -4.83 -6.72 -9.16
N LYS L 207 -5.68 -6.94 -8.14
CA LYS L 207 -5.23 -6.90 -6.75
C LYS L 207 -5.77 -8.07 -5.93
N ILE L 208 -4.88 -8.68 -5.12
CA ILE L 208 -5.25 -9.76 -4.23
C ILE L 208 -4.62 -9.55 -2.86
N LYS L 209 -5.45 -9.68 -1.81
CA LYS L 209 -5.00 -9.56 -0.42
C LYS L 209 -5.56 -10.75 0.38
N ALA L 210 -4.67 -11.63 0.85
CA ALA L 210 -5.09 -12.84 1.51
C ALA L 210 -4.38 -13.05 2.81
N GLU L 211 -5.15 -13.43 3.83
CA GLU L 211 -4.63 -13.70 5.17
C GLU L 211 -5.17 -15.05 5.67
N ILE L 212 -4.26 -15.97 6.01
CA ILE L 212 -4.66 -17.28 6.51
C ILE L 212 -4.11 -17.56 7.87
N ALA L 213 -4.97 -17.97 8.78
CA ALA L 213 -4.55 -18.46 10.09
C ALA L 213 -4.96 -19.91 10.15
N GLY L 214 -3.99 -20.80 9.94
CA GLY L 214 -4.27 -22.25 9.90
C GLY L 214 -3.68 -22.91 8.66
N SER L 215 -4.35 -23.96 8.17
CA SER L 215 -3.85 -24.74 7.01
C SER L 215 -4.64 -24.48 5.70
N GLY L 216 -5.44 -23.42 5.69
CA GLY L 216 -6.25 -23.09 4.53
C GLY L 216 -5.42 -22.79 3.29
N SER L 217 -6.10 -22.69 2.14
CA SER L 217 -5.41 -22.41 0.87
C SER L 217 -6.10 -21.31 0.10
N VAL L 218 -5.31 -20.55 -0.62
CA VAL L 218 -5.84 -19.57 -1.53
C VAL L 218 -5.10 -19.72 -2.87
N LYS L 219 -5.78 -20.31 -3.86
CA LYS L 219 -5.21 -20.48 -5.19
C LYS L 219 -5.89 -19.51 -6.12
N TYR L 220 -5.11 -18.83 -6.95
CA TYR L 220 -5.68 -17.83 -7.86
C TYR L 220 -5.11 -17.88 -9.27
N LYS L 221 -6.00 -17.75 -10.25
CA LYS L 221 -5.61 -17.57 -11.63
C LYS L 221 -5.57 -16.07 -11.88
N GLY L 222 -5.03 -15.67 -13.02
CA GLY L 222 -4.92 -14.23 -13.35
C GLY L 222 -3.50 -13.73 -13.14
N ASP L 223 -3.28 -12.43 -13.38
CA ASP L 223 -1.93 -11.84 -13.28
C ASP L 223 -1.98 -10.49 -12.52
N PRO L 224 -2.29 -10.54 -11.21
CA PRO L 224 -2.43 -9.32 -10.39
C PRO L 224 -1.12 -8.57 -10.20
N GLN L 225 -1.22 -7.24 -10.13
CA GLN L 225 -0.05 -6.38 -10.01
C GLN L 225 0.31 -6.08 -8.56
N ASP L 226 -0.60 -6.42 -7.66
CA ASP L 226 -0.41 -6.15 -6.26
C ASP L 226 -0.87 -7.34 -5.44
N ILE L 227 0.08 -7.98 -4.77
CA ILE L 227 -0.21 -9.17 -4.01
C ILE L 227 0.30 -9.06 -2.59
N GLN L 228 -0.61 -9.22 -1.63
CA GLN L 228 -0.27 -9.17 -0.21
CA GLN L 228 -0.26 -9.18 -0.21
C GLN L 228 -0.69 -10.47 0.48
N LYS L 229 0.28 -11.22 0.97
CA LYS L 229 0.04 -12.48 1.63
C LYS L 229 0.38 -12.38 3.08
N LYS L 230 -0.22 -13.28 3.87
CA LYS L 230 0.08 -13.37 5.31
C LYS L 230 -0.44 -14.71 5.83
N VAL L 231 0.46 -15.57 6.28
CA VAL L 231 0.08 -16.89 6.76
C VAL L 231 0.70 -17.21 8.10
N GLY L 233 0.68 -20.46 10.22
CA GLY L 233 0.31 -21.86 10.14
C GLY L 233 0.89 -22.49 8.89
N SER L 234 0.27 -23.58 8.44
CA SER L 234 0.78 -24.32 7.28
C SER L 234 0.06 -23.96 5.97
N GLY L 235 -0.81 -22.95 6.04
CA GLY L 235 -1.60 -22.51 4.85
C GLY L 235 -0.75 -21.99 3.69
N LYS L 236 -1.33 -21.98 2.49
CA LYS L 236 -0.60 -21.55 1.28
C LYS L 236 -1.40 -20.51 0.49
N ILE L 237 -0.67 -19.60 -0.15
CA ILE L 237 -1.27 -18.62 -1.07
C ILE L 237 -0.39 -18.57 -2.32
N GLU L 238 -0.84 -19.29 -3.36
CA GLU L 238 -0.04 -19.47 -4.58
C GLU L 238 -0.82 -19.17 -5.83
N LYS L 239 -0.08 -18.82 -6.89
CA LYS L 239 -0.68 -18.54 -8.18
C LYS L 239 -0.78 -19.81 -8.99
N VAL L 240 -1.92 -19.98 -9.67
CA VAL L 240 -2.12 -21.09 -10.59
C VAL L 240 -2.04 -20.56 -12.02
N GLU L 241 -0.95 -20.91 -12.73
CA GLU L 241 -0.73 -20.42 -14.10
C GLU L 241 -1.52 -21.25 -15.12
N GLY M 1 16.67 -24.63 -21.27
CA GLY M 1 17.85 -25.44 -20.87
C GLY M 1 19.14 -24.62 -20.81
N GLY M 2 19.12 -23.42 -21.40
CA GLY M 2 20.29 -22.52 -21.41
C GLY M 2 20.65 -22.08 -20.01
N ASP M 3 21.94 -22.16 -19.67
CA ASP M 3 22.40 -21.83 -18.32
C ASP M 3 22.62 -20.31 -18.12
N GLY M 4 22.38 -19.52 -19.17
CA GLY M 4 22.50 -18.06 -19.08
C GLY M 4 23.93 -17.53 -19.18
N ASN M 5 24.89 -18.44 -19.27
CA ASN M 5 26.30 -18.05 -19.40
C ASN M 5 26.63 -17.81 -20.88
N ILE M 6 26.31 -16.61 -21.36
CA ILE M 6 26.51 -16.27 -22.76
C ILE M 6 27.97 -16.05 -23.06
N THR M 7 28.47 -16.80 -24.04
CA THR M 7 29.87 -16.73 -24.43
C THR M 7 30.00 -16.58 -25.96
N THR M 8 31.03 -15.85 -26.39
CA THR M 8 31.30 -15.66 -27.82
C THR M 8 32.46 -16.56 -28.26
N GLU M 9 32.26 -17.30 -29.35
CA GLU M 9 33.26 -18.23 -29.85
C GLU M 9 33.52 -18.04 -31.35
N ASN M 10 34.77 -17.84 -31.72
CA ASN M 10 35.16 -17.79 -33.11
C ASN M 10 35.47 -19.21 -33.58
N ILE M 11 34.67 -19.72 -34.51
CA ILE M 11 34.83 -21.07 -35.00
C ILE M 11 35.63 -21.06 -36.29
N PRO M 12 36.83 -21.67 -36.27
CA PRO M 12 37.64 -21.78 -37.49
C PRO M 12 36.86 -22.48 -38.61
N VAL M 13 36.74 -21.83 -39.77
CA VAL M 13 36.01 -22.42 -40.90
C VAL M 13 36.78 -22.30 -42.20
N SER M 14 36.58 -23.26 -43.08
CA SER M 14 37.19 -23.23 -44.37
C SER M 14 36.17 -22.69 -45.37
N GLU M 15 36.57 -22.57 -46.62
CA GLU M 15 35.70 -22.03 -47.64
C GLU M 15 34.33 -22.73 -47.66
N TYR M 16 33.27 -21.95 -47.79
CA TYR M 16 31.93 -22.48 -47.89
C TYR M 16 31.05 -21.51 -48.64
N ASP M 17 30.10 -22.03 -49.41
CA ASP M 17 29.12 -21.19 -50.11
C ASP M 17 27.71 -21.66 -49.84
N CYS M 18 27.57 -22.45 -48.78
CA CYS M 18 26.29 -22.99 -48.34
CA CYS M 18 26.31 -22.98 -48.37
C CYS M 18 26.20 -22.93 -46.83
N LEU M 19 25.12 -22.34 -46.34
CA LEU M 19 24.92 -22.20 -44.92
C LEU M 19 23.60 -22.82 -44.51
N GLU M 20 23.66 -23.89 -43.74
CA GLU M 20 22.45 -24.59 -43.30
C GLU M 20 22.39 -24.61 -41.79
N LEU M 21 21.30 -24.08 -41.23
CA LEU M 21 21.17 -24.01 -39.76
C LEU M 21 19.93 -24.69 -39.25
N GLU M 22 19.99 -25.14 -38.00
CA GLU M 22 18.89 -25.79 -37.34
C GLU M 22 18.93 -25.46 -35.86
N GLY M 23 17.83 -24.95 -35.33
CA GLY M 23 17.74 -24.61 -33.92
C GLY M 23 16.53 -23.77 -33.59
N GLY M 24 16.54 -23.20 -32.38
CA GLY M 24 15.43 -22.37 -31.92
C GLY M 24 15.89 -21.03 -31.39
N GLY M 25 15.19 -19.98 -31.77
CA GLY M 25 15.50 -18.62 -31.32
C GLY M 25 16.76 -18.06 -31.98
N VAL M 27 19.23 -16.04 -34.34
CA VAL M 27 19.38 -14.83 -35.11
C VAL M 27 20.66 -14.98 -35.94
N VAL M 28 20.55 -14.80 -37.25
CA VAL M 28 21.68 -14.98 -38.16
C VAL M 28 21.99 -13.70 -38.90
N ASN M 29 23.23 -13.24 -38.77
CA ASN M 29 23.69 -12.05 -39.46
C ASN M 29 24.83 -12.42 -40.45
N TYR M 30 24.50 -12.48 -41.74
CA TYR M 30 25.47 -12.85 -42.77
C TYR M 30 25.87 -11.65 -43.64
N THR M 31 27.12 -11.66 -44.08
CA THR M 31 27.62 -10.65 -45.01
C THR M 31 28.57 -11.32 -46.05
N GLN M 32 28.47 -10.85 -47.30
CA GLN M 32 29.37 -11.31 -48.35
C GLN M 32 30.50 -10.30 -48.49
N SER M 33 31.74 -10.76 -48.32
CA SER M 33 32.93 -9.88 -48.41
C SER M 33 34.11 -10.61 -49.03
N ASP M 34 35.11 -9.84 -49.48
CA ASP M 34 36.30 -10.42 -50.09
C ASP M 34 37.38 -10.66 -49.03
N ALA M 35 37.01 -11.41 -48.00
CA ALA M 35 37.91 -11.72 -46.91
C ALA M 35 37.80 -13.18 -46.56
N PRO M 36 38.76 -13.71 -45.81
CA PRO M 36 38.71 -15.11 -45.38
C PRO M 36 37.37 -15.44 -44.68
N GLU M 37 36.81 -16.62 -44.98
CA GLU M 37 35.55 -17.06 -44.33
C GLU M 37 35.63 -16.89 -42.80
N GLY M 38 34.51 -16.49 -42.21
CA GLY M 38 34.46 -16.30 -40.77
C GLY M 38 33.16 -16.78 -40.16
N LEU M 39 33.23 -17.18 -38.89
CA LEU M 39 32.06 -17.62 -38.15
C LEU M 39 32.23 -17.33 -36.66
N GLU M 40 31.22 -16.71 -36.07
CA GLU M 40 31.23 -16.40 -34.66
C GLU M 40 29.90 -16.84 -34.06
N ILE M 41 29.97 -17.53 -32.92
CA ILE M 41 28.76 -18.00 -32.24
C ILE M 41 28.64 -17.46 -30.83
N LYS M 42 27.55 -16.73 -30.57
CA LYS M 42 27.28 -16.20 -29.24
CA LYS M 42 27.27 -16.20 -29.25
C LYS M 42 26.04 -16.89 -28.69
N THR M 43 26.22 -17.72 -27.68
CA THR M 43 25.11 -18.46 -27.10
C THR M 43 25.50 -19.04 -25.74
N ASP M 44 24.54 -19.68 -25.09
CA ASP M 44 24.76 -20.28 -23.77
C ASP M 44 25.84 -21.35 -23.86
N ARG M 45 26.71 -21.39 -22.86
CA ARG M 45 27.81 -22.35 -22.85
C ARG M 45 27.29 -23.80 -23.06
N ASN M 46 26.42 -24.26 -22.18
CA ASN M 46 25.91 -25.64 -22.26
C ASN M 46 25.25 -26.00 -23.61
N ILE M 47 24.73 -25.01 -24.33
CA ILE M 47 24.13 -25.25 -25.65
C ILE M 47 25.21 -25.34 -26.72
N PHE M 48 26.22 -24.52 -26.59
CA PHE M 48 27.33 -24.51 -27.50
C PHE M 48 27.96 -25.92 -27.59
N GLU M 49 28.03 -26.61 -26.45
CA GLU M 49 28.65 -27.95 -26.37
CA GLU M 49 28.64 -27.95 -26.38
C GLU M 49 27.82 -29.01 -27.11
N LYS M 50 26.53 -28.75 -27.28
CA LYS M 50 25.65 -29.71 -27.94
CA LYS M 50 25.62 -29.69 -27.94
C LYS M 50 25.56 -29.46 -29.45
N TYR M 51 26.25 -28.42 -29.92
CA TYR M 51 26.23 -28.08 -31.36
C TYR M 51 27.50 -28.43 -32.08
N GLU M 52 27.38 -28.59 -33.41
CA GLU M 52 28.54 -28.80 -34.29
C GLU M 52 28.52 -27.72 -35.37
N PHE M 53 29.70 -27.37 -35.89
CA PHE M 53 29.81 -26.28 -36.86
C PHE M 53 30.83 -26.65 -37.97
N ASN M 54 30.63 -27.79 -38.61
CA ASN M 54 31.57 -28.29 -39.59
C ASN M 54 31.27 -27.83 -41.00
N VAL M 55 32.33 -27.68 -41.80
CA VAL M 55 32.17 -27.39 -43.21
C VAL M 55 32.38 -28.70 -43.99
N GLU M 56 31.35 -29.11 -44.72
CA GLU M 56 31.43 -30.34 -45.51
C GLU M 56 31.17 -30.02 -46.97
N ASN M 57 32.09 -30.41 -47.85
CA ASN M 57 31.96 -30.10 -49.27
C ASN M 57 31.45 -28.65 -49.49
N HIS M 58 32.09 -27.69 -48.80
CA HIS M 58 31.73 -26.24 -48.91
C HIS M 58 30.36 -25.91 -48.28
N LYS M 59 29.82 -26.86 -47.53
CA LYS M 59 28.57 -26.63 -46.82
C LYS M 59 28.85 -26.48 -45.33
N LEU M 60 28.62 -25.28 -44.83
CA LEU M 60 28.74 -25.00 -43.40
C LEU M 60 27.41 -25.34 -42.73
N LYS M 61 27.39 -26.42 -41.94
CA LYS M 61 26.18 -26.88 -41.28
C LYS M 61 26.22 -26.62 -39.78
N ILE M 62 25.28 -25.81 -39.30
CA ILE M 62 25.22 -25.45 -37.88
C ILE M 62 23.98 -26.10 -37.29
N ARG M 63 24.20 -27.12 -36.48
CA ARG M 63 23.11 -27.94 -35.99
C ARG M 63 23.51 -28.72 -34.77
N PRO M 64 22.52 -29.26 -34.03
CA PRO M 64 22.84 -30.06 -32.87
C PRO M 64 23.59 -31.33 -33.26
N LYS M 65 24.52 -31.76 -32.40
CA LYS M 65 25.23 -33.00 -32.63
C LYS M 65 24.24 -34.15 -32.70
N LYS M 66 24.59 -35.18 -33.45
CA LYS M 66 23.74 -36.37 -33.66
C LYS M 66 23.12 -36.93 -32.34
N GLU M 67 23.95 -37.06 -31.30
CA GLU M 67 23.52 -37.69 -30.04
C GLU M 67 22.64 -36.80 -29.14
N PHE M 68 22.50 -35.51 -29.49
CA PHE M 68 21.65 -34.59 -28.69
C PHE M 68 20.41 -34.14 -29.48
N ARG M 69 20.18 -34.75 -30.64
CA ARG M 69 19.02 -34.39 -31.47
C ARG M 69 17.72 -34.93 -30.89
N LYS M 70 17.82 -35.99 -30.09
CA LYS M 70 16.67 -36.53 -29.39
C LYS M 70 16.29 -35.59 -28.25
N HIS M 71 17.27 -34.78 -27.79
CA HIS M 71 17.06 -33.86 -26.67
C HIS M 71 17.15 -32.38 -27.11
N THR M 72 16.34 -32.00 -28.11
CA THR M 72 16.30 -30.58 -28.55
C THR M 72 15.30 -29.79 -27.70
N ASN M 73 15.03 -30.30 -26.50
CA ASN M 73 14.17 -29.63 -25.55
C ASN M 73 14.97 -28.61 -24.74
N PHE M 74 15.90 -27.92 -25.41
CA PHE M 74 16.72 -26.89 -24.78
CA PHE M 74 16.71 -26.89 -24.78
C PHE M 74 16.49 -25.54 -25.46
N ARG M 75 15.86 -24.63 -24.73
CA ARG M 75 15.57 -23.30 -25.23
C ARG M 75 16.70 -22.35 -24.85
N PRO M 76 17.40 -21.80 -25.87
CA PRO M 76 18.51 -20.88 -25.62
C PRO M 76 18.05 -19.52 -25.12
N THR M 77 18.85 -18.91 -24.26
CA THR M 77 18.60 -17.56 -23.81
C THR M 77 18.94 -16.61 -24.93
N GLU M 78 19.80 -17.07 -25.83
CA GLU M 78 20.26 -16.27 -26.95
C GLU M 78 21.13 -17.17 -27.85
N PHE M 79 20.96 -17.06 -29.16
CA PHE M 79 21.78 -17.82 -30.10
C PHE M 79 21.98 -17.02 -31.35
N VAL M 81 24.39 -16.12 -34.71
CA VAL M 81 25.37 -16.61 -35.61
C VAL M 81 25.80 -15.50 -36.53
N THR M 82 27.08 -15.15 -36.49
CA THR M 82 27.64 -14.11 -37.35
C THR M 82 28.65 -14.75 -38.27
N ALA M 83 28.41 -14.64 -39.58
CA ALA M 83 29.26 -15.31 -40.56
C ALA M 83 29.52 -14.47 -41.78
N ASN M 84 30.62 -14.76 -42.44
CA ASN M 84 30.97 -14.11 -43.68
C ASN M 84 31.68 -15.09 -44.60
N SER M 85 31.41 -14.98 -45.89
CA SER M 85 32.08 -15.80 -46.90
C SER M 85 32.20 -14.97 -48.17
N ARG M 86 33.00 -15.45 -49.11
CA ARG M 86 33.19 -14.74 -50.38
CA ARG M 86 33.20 -14.74 -50.37
C ARG M 86 32.01 -14.99 -51.31
N ASN M 87 31.44 -16.19 -51.22
CA ASN M 87 30.29 -16.55 -52.03
C ASN M 87 29.24 -17.27 -51.20
N LEU M 88 27.99 -17.20 -51.66
CA LEU M 88 26.91 -17.89 -51.01
C LEU M 88 25.82 -18.15 -52.03
N LYS M 89 25.50 -19.41 -52.24
CA LYS M 89 24.48 -19.79 -53.19
C LYS M 89 23.29 -20.36 -52.50
N LYS M 90 23.43 -20.64 -51.20
CA LYS M 90 22.36 -21.21 -50.45
C LYS M 90 22.42 -20.86 -48.95
N LEU M 91 21.27 -20.53 -48.40
CA LEU M 91 21.13 -20.29 -46.98
C LEU M 91 19.81 -20.86 -46.53
N ALA M 92 19.87 -21.95 -45.75
CA ALA M 92 18.67 -22.65 -45.28
C ALA M 92 18.61 -22.71 -43.76
N ALA M 93 17.43 -22.42 -43.19
CA ALA M 93 17.25 -22.41 -41.74
C ALA M 93 16.00 -23.20 -41.35
N ALA M 94 16.13 -24.00 -40.30
CA ALA M 94 15.03 -24.82 -39.82
C ALA M 94 14.82 -24.56 -38.33
N GLY M 95 13.55 -24.46 -37.94
CA GLY M 95 13.19 -24.17 -36.55
C GLY M 95 12.54 -22.79 -36.44
N SER M 96 13.12 -21.94 -35.61
CA SER M 96 12.66 -20.56 -35.44
C SER M 96 13.85 -19.67 -35.61
N THR M 97 13.92 -18.98 -36.74
CA THR M 97 15.10 -18.22 -37.07
C THR M 97 14.80 -16.85 -37.70
N HIS M 98 15.73 -15.93 -37.52
CA HIS M 98 15.65 -14.60 -38.08
C HIS M 98 16.95 -14.41 -38.84
N VAL M 99 16.88 -14.50 -40.17
CA VAL M 99 18.08 -14.41 -41.00
C VAL M 99 18.22 -13.04 -41.64
N ASN M 100 19.37 -12.42 -41.40
CA ASN M 100 19.68 -11.10 -41.95
C ASN M 100 20.90 -11.17 -42.89
N ILE M 101 20.71 -10.77 -44.13
CA ILE M 101 21.82 -10.58 -45.04
C ILE M 101 22.10 -9.08 -44.98
N ASN M 102 23.16 -8.71 -44.28
CA ASN M 102 23.44 -7.27 -43.95
C ASN M 102 24.35 -6.54 -44.92
N SER M 103 24.60 -7.14 -46.07
CA SER M 103 25.46 -6.55 -47.07
C SER M 103 24.90 -6.79 -48.44
N PRO M 104 25.51 -6.17 -49.45
CA PRO M 104 25.11 -6.52 -50.79
C PRO M 104 25.36 -8.01 -51.02
N LEU M 105 24.53 -8.64 -51.81
CA LEU M 105 24.66 -10.05 -52.09
C LEU M 105 24.59 -10.29 -53.59
N GLN M 106 25.52 -11.07 -54.10
CA GLN M 106 25.58 -11.39 -55.53
CA GLN M 106 25.52 -11.42 -55.50
C GLN M 106 25.97 -12.85 -55.75
N ALA M 107 25.17 -13.57 -56.54
CA ALA M 107 25.42 -14.94 -56.86
C ALA M 107 24.67 -15.33 -58.12
N GLU M 108 25.26 -16.21 -58.90
CA GLU M 108 24.63 -16.70 -60.12
C GLU M 108 23.29 -17.34 -59.78
N GLU M 109 23.32 -18.24 -58.81
CA GLU M 109 22.16 -18.99 -58.42
C GLU M 109 22.07 -18.99 -56.90
N PHE M 110 20.87 -18.68 -56.37
CA PHE M 110 20.69 -18.63 -54.92
C PHE M 110 19.43 -19.30 -54.46
N GLU M 111 19.56 -20.05 -53.38
CA GLU M 111 18.42 -20.73 -52.77
C GLU M 111 18.24 -20.22 -51.31
N ALA M 112 17.12 -19.58 -51.07
CA ALA M 112 16.78 -19.10 -49.74
C ALA M 112 15.75 -20.04 -49.14
N GLY M 113 16.15 -20.77 -48.10
CA GLY M 113 15.28 -21.77 -47.50
C GLY M 113 14.88 -21.45 -46.08
N LEU M 114 13.61 -21.70 -45.76
CA LEU M 114 13.08 -21.42 -44.44
C LEU M 114 12.05 -22.49 -44.05
N ALA M 115 12.36 -23.25 -43.01
CA ALA M 115 11.47 -24.30 -42.52
C ALA M 115 11.07 -23.99 -41.09
N GLY M 116 9.78 -24.12 -40.81
CA GLY M 116 9.25 -23.81 -39.50
C GLY M 116 8.77 -22.40 -39.44
N SER M 117 9.33 -21.62 -38.51
CA SER M 117 8.98 -20.20 -38.35
C SER M 117 10.19 -19.35 -38.54
N GLY M 118 9.96 -18.09 -38.89
CA GLY M 118 11.05 -17.15 -39.04
C GLY M 118 10.92 -16.19 -40.21
N ILE M 119 12.04 -15.54 -40.54
CA ILE M 119 12.07 -14.57 -41.59
C ILE M 119 13.48 -14.45 -42.18
N ILE M 120 13.54 -14.30 -43.51
CA ILE M 120 14.79 -14.04 -44.21
C ILE M 120 14.66 -12.69 -44.88
N GLN M 121 15.64 -11.83 -44.66
CA GLN M 121 15.60 -10.54 -45.26
C GLN M 121 16.94 -10.11 -45.81
N PHE M 122 16.92 -9.66 -47.07
CA PHE M 122 18.08 -9.08 -47.69
C PHE M 122 17.99 -7.57 -47.48
N HIS M 123 18.83 -7.04 -46.60
CA HIS M 123 18.77 -5.61 -46.20
C HIS M 123 19.38 -4.65 -47.22
N ASP M 124 20.10 -5.20 -48.20
CA ASP M 124 20.71 -4.38 -49.23
C ASP M 124 20.39 -4.98 -50.58
N THR M 125 21.14 -4.61 -51.63
CA THR M 125 20.89 -5.14 -52.96
C THR M 125 21.19 -6.64 -53.01
N ALA M 126 20.37 -7.37 -53.74
CA ALA M 126 20.54 -8.80 -53.92
C ALA M 126 20.40 -9.10 -55.40
N SER M 127 21.53 -9.45 -56.04
CA SER M 127 21.57 -9.65 -57.50
C SER M 127 21.85 -11.08 -57.85
N PHE M 128 21.00 -11.63 -58.73
CA PHE M 128 21.14 -13.01 -59.15
C PHE M 128 20.71 -13.19 -60.59
N THR M 129 21.01 -14.36 -61.14
CA THR M 129 20.44 -14.75 -62.40
C THR M 129 19.18 -15.54 -62.08
N ASN M 130 19.31 -16.50 -61.16
CA ASN M 130 18.19 -17.35 -60.71
C ASN M 130 18.07 -17.35 -59.19
N LEU M 131 16.90 -16.95 -58.68
CA LEU M 131 16.65 -16.92 -57.25
C LEU M 131 15.54 -17.87 -56.90
N LYS M 132 15.80 -18.74 -55.94
CA LYS M 132 14.81 -19.70 -55.50
C LYS M 132 14.51 -19.45 -54.03
N ILE M 133 13.24 -19.27 -53.72
CA ILE M 133 12.79 -19.06 -52.34
C ILE M 133 11.87 -20.19 -51.94
N GLU M 134 12.18 -20.87 -50.85
CA GLU M 134 11.34 -21.98 -50.39
C GLU M 134 11.02 -21.85 -48.94
N ILE M 135 9.73 -21.66 -48.66
CA ILE M 135 9.29 -21.49 -47.32
C ILE M 135 8.26 -22.51 -46.99
N ALA M 136 8.50 -23.25 -45.92
CA ALA M 136 7.57 -24.26 -45.46
C ALA M 136 7.25 -23.99 -43.98
N GLY M 137 5.99 -23.64 -43.71
CA GLY M 137 5.53 -23.35 -42.34
C GLY M 137 5.00 -21.92 -42.26
N SER M 138 5.53 -21.15 -41.31
CA SER M 138 5.14 -19.75 -41.15
C SER M 138 6.35 -18.89 -41.37
N GLY M 139 6.64 -18.58 -42.59
CA GLY M 139 7.84 -17.83 -42.92
C GLY M 139 7.58 -16.61 -43.76
N ASP M 140 8.48 -15.65 -43.64
CA ASP M 140 8.40 -14.43 -44.39
C ASP M 140 9.71 -14.17 -45.08
N PHE M 141 9.64 -13.70 -46.32
CA PHE M 141 10.82 -13.27 -47.06
C PHE M 141 10.64 -11.81 -47.44
N VAL M 142 11.70 -11.02 -47.22
CA VAL M 142 11.65 -9.59 -47.55
C VAL M 142 12.91 -9.16 -48.27
N GLY M 143 12.74 -8.67 -49.50
CA GLY M 143 13.84 -8.17 -50.29
C GLY M 143 13.40 -6.99 -51.14
N HIS M 144 13.53 -5.79 -50.57
CA HIS M 144 13.12 -4.55 -51.26
C HIS M 144 14.00 -4.21 -52.46
N LYS M 145 15.18 -4.82 -52.55
CA LYS M 145 16.14 -4.51 -53.63
C LYS M 145 16.70 -5.78 -54.28
N VAL M 146 15.82 -6.50 -54.96
CA VAL M 146 16.18 -7.74 -55.59
C VAL M 146 16.21 -7.59 -57.12
N TYR M 147 17.28 -8.11 -57.75
CA TYR M 147 17.43 -8.01 -59.21
C TYR M 147 17.85 -9.36 -59.78
N CYS M 148 16.97 -9.98 -60.54
CA CYS M 148 17.28 -11.26 -61.14
C CYS M 148 16.46 -11.53 -62.40
N GLU M 149 16.94 -12.45 -63.21
CA GLU M 149 16.26 -12.83 -64.42
C GLU M 149 15.07 -13.71 -64.11
N GLU M 150 15.26 -14.66 -63.20
CA GLU M 150 14.20 -15.59 -62.84
C GLU M 150 14.08 -15.75 -61.34
N LEU M 151 12.85 -15.82 -60.87
CA LEU M 151 12.56 -15.96 -59.46
C LEU M 151 11.48 -16.99 -59.28
N ASN M 152 11.69 -17.89 -58.32
CA ASN M 152 10.70 -18.92 -58.04
C ASN M 152 10.45 -19.01 -56.55
N GLY M 153 9.25 -18.62 -56.13
CA GLY M 153 8.86 -18.70 -54.76
C GLY M 153 7.90 -19.86 -54.55
N ASP M 154 8.24 -20.73 -53.62
CA ASP M 154 7.42 -21.85 -53.32
C ASP M 154 7.01 -21.76 -51.85
N ALA M 156 4.52 -23.00 -48.65
CA ALA M 156 3.63 -23.99 -48.04
C ALA M 156 3.41 -23.62 -46.60
N GLY M 157 2.15 -23.36 -46.26
CA GLY M 157 1.77 -22.93 -44.92
C GLY M 157 1.15 -21.54 -44.95
N SER M 158 1.64 -20.65 -44.08
CA SER M 158 1.19 -19.24 -44.04
C SER M 158 2.40 -18.37 -44.29
N ASN M 159 2.53 -17.89 -45.52
CA ASN M 159 3.74 -17.21 -45.91
C ASN M 159 3.51 -15.91 -46.66
N THR M 160 4.49 -15.02 -46.54
CA THR M 160 4.46 -13.74 -47.19
C THR M 160 5.78 -13.45 -47.85
N ILE M 161 5.72 -12.96 -49.07
CA ILE M 161 6.90 -12.58 -49.79
C ILE M 161 6.80 -11.13 -50.18
N VAL M 162 7.72 -10.33 -49.70
CA VAL M 162 7.77 -8.93 -50.03
C VAL M 162 8.92 -8.69 -50.97
N LEU M 163 8.61 -8.23 -52.19
CA LEU M 163 9.63 -8.02 -53.19
C LEU M 163 9.66 -6.60 -53.73
N GLY M 164 10.88 -6.09 -53.90
CA GLY M 164 11.10 -4.82 -54.58
C GLY M 164 12.25 -5.01 -55.58
N GLY M 165 12.35 -4.13 -56.56
CA GLY M 165 13.45 -4.19 -57.54
C GLY M 165 13.00 -4.58 -58.94
N THR M 166 13.71 -5.49 -59.56
CA THR M 166 13.39 -5.92 -60.92
C THR M 166 13.55 -7.44 -61.10
N VAL M 167 12.53 -8.07 -61.71
CA VAL M 167 12.56 -9.50 -61.98
C VAL M 167 12.06 -9.80 -63.42
N GLY M 168 12.73 -10.72 -64.11
CA GLY M 168 12.34 -11.12 -65.46
C GLY M 168 11.12 -12.01 -65.46
N ILE M 169 11.28 -13.23 -64.96
CA ILE M 169 10.20 -14.19 -64.88
C ILE M 169 10.00 -14.63 -63.42
N ALA M 170 8.86 -14.26 -62.84
CA ALA M 170 8.54 -14.63 -61.47
C ALA M 170 7.43 -15.70 -61.43
N GLU M 171 7.71 -16.79 -60.72
CA GLU M 171 6.75 -17.89 -60.57
CA GLU M 171 6.75 -17.90 -60.57
C GLU M 171 6.51 -18.17 -59.08
N PHE M 172 5.25 -18.18 -58.68
CA PHE M 172 4.89 -18.42 -57.29
C PHE M 172 3.92 -19.58 -57.14
N SER M 173 4.26 -20.54 -56.26
CA SER M 173 3.37 -21.65 -55.93
C SER M 173 2.95 -21.50 -54.48
N ILE M 174 1.66 -21.35 -54.24
CA ILE M 174 1.17 -21.17 -52.90
C ILE M 174 0.31 -22.35 -52.49
N ALA M 175 0.69 -22.99 -51.39
CA ALA M 175 -0.07 -24.09 -50.80
C ALA M 175 -0.42 -23.71 -49.35
N GLY M 176 -1.69 -23.38 -49.12
CA GLY M 176 -2.14 -22.87 -47.82
C GLY M 176 -2.51 -21.41 -47.98
N SER M 177 -1.87 -20.55 -47.20
CA SER M 177 -2.08 -19.10 -47.30
C SER M 177 -0.82 -18.43 -47.76
N GLY M 178 -0.92 -17.61 -48.81
CA GLY M 178 0.22 -16.95 -49.38
C GLY M 178 -0.07 -15.52 -49.77
N THR M 179 0.87 -14.64 -49.46
CA THR M 179 0.72 -13.25 -49.75
C THR M 179 1.99 -12.71 -50.39
N VAL M 180 1.85 -12.13 -51.58
CA VAL M 180 2.98 -11.53 -52.28
C VAL M 180 2.76 -10.04 -52.39
N ARG M 181 3.71 -9.26 -51.88
CA ARG M 181 3.65 -7.81 -51.97
C ARG M 181 4.79 -7.33 -52.80
N ALA M 182 4.56 -7.16 -54.11
CA ALA M 182 5.62 -6.83 -55.04
C ALA M 182 5.25 -5.71 -56.01
N PHE M 183 4.47 -4.72 -55.53
CA PHE M 183 4.13 -3.55 -56.35
C PHE M 183 5.37 -2.80 -56.76
N ASP M 184 6.38 -2.80 -55.88
CA ASP M 184 7.65 -2.07 -56.14
C ASP M 184 8.65 -2.91 -56.94
N CYS M 185 8.21 -4.09 -57.38
CA CYS M 185 9.05 -4.97 -58.16
C CYS M 185 8.51 -5.06 -59.58
N THR M 186 9.30 -4.59 -60.55
CA THR M 186 8.89 -4.62 -61.95
C THR M 186 9.13 -6.01 -62.53
N ASP M 188 8.53 -8.76 -65.70
CA ASP M 188 8.14 -8.96 -67.11
C ASP M 188 6.99 -9.95 -67.18
N GLU M 189 7.12 -11.06 -66.45
CA GLU M 189 6.10 -12.10 -66.45
C GLU M 189 5.79 -12.61 -65.04
N LEU M 190 4.51 -12.80 -64.76
CA LEU M 190 4.06 -13.30 -63.47
C LEU M 190 3.27 -14.60 -63.64
N GLU M 191 3.71 -15.64 -62.95
CA GLU M 191 3.05 -16.93 -62.97
CA GLU M 191 3.07 -16.97 -62.96
C GLU M 191 2.69 -17.34 -61.54
N CYS M 192 1.40 -17.59 -61.29
CA CYS M 192 0.99 -18.00 -59.97
CA CYS M 192 0.93 -17.95 -59.95
C CYS M 192 0.15 -19.26 -59.98
N LYS M 193 0.43 -20.14 -59.02
CA LYS M 193 -0.32 -21.38 -58.85
C LYS M 193 -0.74 -21.42 -57.39
N ILE M 194 -2.01 -21.20 -57.15
CA ILE M 194 -2.52 -21.06 -55.82
C ILE M 194 -3.44 -22.20 -55.44
N ALA M 195 -3.12 -22.87 -54.33
CA ALA M 195 -3.96 -23.92 -53.78
C ALA M 195 -4.26 -23.54 -52.35
N GLY M 196 -5.43 -22.96 -52.15
CA GLY M 196 -5.86 -22.46 -50.82
C GLY M 196 -6.31 -21.01 -50.93
N SER M 197 -5.55 -20.12 -50.28
CA SER M 197 -5.83 -18.67 -50.31
C SER M 197 -4.60 -17.93 -50.74
N GLY M 198 -4.75 -17.10 -51.78
CA GLY M 198 -3.61 -16.34 -52.32
C GLY M 198 -3.96 -14.88 -52.60
N ASP M 199 -3.11 -13.98 -52.10
CA ASP M 199 -3.28 -12.54 -52.29
C ASP M 199 -1.98 -11.99 -52.89
N ILE M 200 -2.05 -11.57 -54.16
CA ILE M 200 -0.85 -11.15 -54.89
C ILE M 200 -0.95 -9.75 -55.46
N GLU M 201 0.09 -8.96 -55.22
CA GLU M 201 0.21 -7.61 -55.77
C GLU M 201 1.53 -7.50 -56.48
N ALA M 202 1.50 -7.00 -57.71
CA ALA M 202 2.73 -6.92 -58.52
C ALA M 202 2.62 -5.92 -59.66
N PHE M 203 3.77 -5.34 -60.04
CA PHE M 203 3.86 -4.52 -61.22
C PHE M 203 4.31 -5.43 -62.36
N VAL M 204 3.43 -5.66 -63.34
CA VAL M 204 3.74 -6.58 -64.45
C VAL M 204 3.85 -5.85 -65.80
N VAL M 205 4.91 -6.14 -66.54
CA VAL M 205 5.16 -5.48 -67.80
C VAL M 205 4.51 -6.17 -69.01
N ASN M 206 4.57 -7.50 -69.06
CA ASN M 206 4.15 -8.24 -70.28
C ASN M 206 3.07 -9.32 -70.11
N LYS M 207 3.22 -10.20 -69.12
CA LYS M 207 2.34 -11.36 -69.02
C LYS M 207 1.95 -11.77 -67.58
N ILE M 208 0.70 -12.19 -67.43
CA ILE M 208 0.20 -12.72 -66.19
C ILE M 208 -0.56 -14.01 -66.45
N LYS M 209 -0.15 -15.09 -65.78
CA LYS M 209 -0.86 -16.35 -65.84
C LYS M 209 -1.15 -16.81 -64.40
N ALA M 210 -2.39 -17.17 -64.14
CA ALA M 210 -2.80 -17.53 -62.79
C ALA M 210 -3.73 -18.72 -62.77
N GLU M 211 -3.36 -19.71 -61.98
CA GLU M 211 -4.21 -20.85 -61.74
C GLU M 211 -4.58 -20.83 -60.26
N ILE M 212 -5.87 -20.89 -59.97
CA ILE M 212 -6.31 -20.79 -58.62
C ILE M 212 -7.29 -21.88 -58.25
N ALA M 213 -6.96 -22.63 -57.21
CA ALA M 213 -7.87 -23.62 -56.65
C ALA M 213 -8.17 -23.20 -55.22
N GLY M 214 -9.35 -22.65 -55.01
CA GLY M 214 -9.73 -22.07 -53.72
C GLY M 214 -10.06 -20.59 -53.90
N SER M 215 -9.33 -19.72 -53.20
CA SER M 215 -9.52 -18.25 -53.31
C SER M 215 -8.23 -17.58 -53.70
N GLY M 216 -8.32 -16.67 -54.67
CA GLY M 216 -7.14 -15.98 -55.15
C GLY M 216 -7.43 -14.59 -55.70
N SER M 217 -6.61 -13.63 -55.30
CA SER M 217 -6.71 -12.27 -55.80
C SER M 217 -5.36 -11.86 -56.36
N VAL M 218 -5.34 -11.49 -57.63
CA VAL M 218 -4.12 -11.04 -58.27
C VAL M 218 -4.29 -9.60 -58.72
N LYS M 219 -3.68 -8.69 -57.98
CA LYS M 219 -3.76 -7.27 -58.25
C LYS M 219 -2.49 -6.83 -58.92
N TYR M 220 -2.60 -6.01 -59.95
CA TYR M 220 -1.42 -5.59 -60.67
C TYR M 220 -1.44 -4.16 -61.10
N LYS M 221 -0.25 -3.61 -61.28
CA LYS M 221 -0.06 -2.32 -61.88
C LYS M 221 0.75 -2.55 -63.17
N GLY M 222 0.78 -1.58 -64.04
CA GLY M 222 1.41 -1.73 -65.35
C GLY M 222 0.40 -2.18 -66.39
N ASP M 223 0.89 -2.54 -67.58
CA ASP M 223 0.00 -2.92 -68.70
C ASP M 223 0.39 -4.27 -69.33
N PRO M 224 0.10 -5.37 -68.62
CA PRO M 224 0.37 -6.70 -69.17
C PRO M 224 -0.40 -6.90 -70.44
N GLN M 225 0.27 -7.42 -71.46
CA GLN M 225 -0.36 -7.61 -72.78
C GLN M 225 -0.97 -9.02 -72.95
N ASP M 226 -0.80 -9.87 -71.94
CA ASP M 226 -1.32 -11.22 -71.99
C ASP M 226 -1.76 -11.67 -70.59
N ILE M 227 -3.08 -11.85 -70.43
CA ILE M 227 -3.65 -12.25 -69.16
C ILE M 227 -4.53 -13.49 -69.32
N GLN M 228 -4.21 -14.55 -68.56
CA GLN M 228 -4.96 -15.82 -68.62
C GLN M 228 -5.08 -16.42 -67.22
N LYS M 229 -6.19 -17.10 -66.95
CA LYS M 229 -6.39 -17.73 -65.66
C LYS M 229 -7.29 -18.96 -65.75
N LYS M 230 -7.13 -19.85 -64.78
CA LYS M 230 -8.00 -20.99 -64.60
C LYS M 230 -8.40 -20.97 -63.14
N VAL M 231 -9.67 -20.95 -62.86
CA VAL M 231 -10.12 -20.87 -61.49
C VAL M 231 -11.06 -21.99 -61.13
N GLY M 233 -13.15 -22.23 -57.90
CA GLY M 233 -13.54 -21.53 -56.66
C GLY M 233 -13.79 -20.06 -56.94
N SER M 234 -12.90 -19.20 -56.45
CA SER M 234 -13.02 -17.75 -56.64
C SER M 234 -11.67 -17.14 -56.94
N GLY M 235 -11.55 -16.50 -58.10
CA GLY M 235 -10.28 -15.90 -58.50
C GLY M 235 -10.49 -14.77 -59.48
N LYS M 236 -9.70 -13.71 -59.32
CA LYS M 236 -9.82 -12.55 -60.17
C LYS M 236 -8.47 -11.85 -60.39
N ILE M 237 -8.23 -11.43 -61.64
CA ILE M 237 -7.04 -10.64 -61.98
C ILE M 237 -7.53 -9.22 -62.28
N GLU M 238 -7.03 -8.27 -61.52
CA GLU M 238 -7.56 -6.92 -61.54
C GLU M 238 -6.45 -5.87 -61.52
N LYS M 239 -6.64 -4.80 -62.28
CA LYS M 239 -5.70 -3.67 -62.30
C LYS M 239 -6.09 -2.66 -61.23
N VAL M 240 -5.10 -2.10 -60.55
CA VAL M 240 -5.37 -1.11 -59.51
C VAL M 240 -4.63 0.19 -59.82
N GLU M 241 -5.29 1.32 -59.57
CA GLU M 241 -4.70 2.63 -59.82
C GLU M 241 -3.54 2.90 -58.86
N GLY N 4 -29.27 -8.77 -64.07
CA GLY N 4 -29.14 -9.16 -62.63
C GLY N 4 -30.47 -9.10 -61.91
N ASN N 5 -31.47 -9.78 -62.46
CA ASN N 5 -32.81 -9.81 -61.89
C ASN N 5 -32.95 -10.94 -60.84
N ILE N 6 -33.25 -10.57 -59.59
CA ILE N 6 -33.38 -11.55 -58.51
C ILE N 6 -34.65 -12.39 -58.66
N THR N 7 -34.48 -13.70 -58.52
CA THR N 7 -35.61 -14.63 -58.65
C THR N 7 -35.38 -15.85 -57.75
N THR N 8 -36.48 -16.53 -57.40
CA THR N 8 -36.40 -17.72 -56.54
C THR N 8 -36.90 -18.96 -57.27
N GLU N 9 -35.99 -19.85 -57.59
CA GLU N 9 -36.30 -21.08 -58.29
C GLU N 9 -36.24 -22.26 -57.33
N ASN N 10 -36.90 -23.35 -57.68
CA ASN N 10 -36.80 -24.59 -56.92
C ASN N 10 -36.38 -25.71 -57.86
N ILE N 11 -35.12 -26.10 -57.76
CA ILE N 11 -34.57 -27.11 -58.65
C ILE N 11 -34.85 -28.52 -58.14
N PRO N 12 -35.38 -29.39 -59.02
CA PRO N 12 -35.62 -30.78 -58.64
C PRO N 12 -34.31 -31.55 -58.47
N VAL N 13 -34.17 -32.24 -57.35
CA VAL N 13 -32.96 -33.01 -57.06
C VAL N 13 -33.28 -34.43 -56.63
N SER N 14 -32.56 -35.40 -57.17
CA SER N 14 -32.69 -36.78 -56.76
C SER N 14 -31.78 -37.05 -55.55
N GLU N 15 -31.99 -38.17 -54.89
CA GLU N 15 -31.22 -38.53 -53.69
C GLU N 15 -29.72 -38.19 -53.83
N TYR N 16 -29.18 -37.51 -52.81
CA TYR N 16 -27.73 -37.17 -52.78
C TYR N 16 -27.24 -37.11 -51.32
N ASP N 17 -26.00 -37.57 -51.09
CA ASP N 17 -25.40 -37.53 -49.73
C ASP N 17 -24.08 -36.74 -49.72
N CYS N 18 -23.62 -36.31 -50.90
CA CYS N 18 -22.42 -35.48 -51.02
C CYS N 18 -22.82 -34.14 -51.58
N LEU N 19 -22.08 -33.12 -51.21
CA LEU N 19 -22.40 -31.77 -51.61
C LEU N 19 -21.12 -30.98 -51.96
N GLU N 20 -20.91 -30.73 -53.26
CA GLU N 20 -19.73 -29.98 -53.74
C GLU N 20 -20.11 -28.56 -54.15
N LEU N 21 -19.53 -27.57 -53.47
CA LEU N 21 -19.89 -26.17 -53.69
C LEU N 21 -18.70 -25.34 -54.20
N GLU N 22 -18.90 -24.69 -55.34
CA GLU N 22 -17.87 -23.83 -55.93
C GLU N 22 -18.52 -22.60 -56.50
N GLY N 23 -18.44 -21.50 -55.80
CA GLY N 23 -19.08 -20.31 -56.27
C GLY N 23 -18.55 -19.05 -55.72
N GLY N 24 -19.28 -17.96 -55.98
CA GLY N 24 -18.92 -16.65 -55.53
C GLY N 24 -20.01 -16.02 -54.72
N GLY N 25 -19.76 -15.86 -53.42
CA GLY N 25 -20.72 -15.24 -52.52
C GLY N 25 -21.88 -16.15 -52.19
N VAL N 27 -24.27 -18.33 -50.33
CA VAL N 27 -24.67 -18.58 -48.95
C VAL N 27 -25.59 -19.79 -48.94
N VAL N 28 -25.16 -20.85 -48.24
CA VAL N 28 -25.92 -22.10 -48.23
C VAL N 28 -26.47 -22.42 -46.84
N ASN N 29 -27.76 -22.71 -46.79
CA ASN N 29 -28.43 -23.09 -45.56
C ASN N 29 -28.99 -24.49 -45.70
N TYR N 30 -28.26 -25.46 -45.14
CA TYR N 30 -28.64 -26.87 -45.27
C TYR N 30 -29.24 -27.41 -43.98
N THR N 31 -30.12 -28.41 -44.13
CA THR N 31 -30.73 -29.09 -43.00
C THR N 31 -30.93 -30.55 -43.34
N GLN N 32 -30.74 -31.42 -42.36
CA GLN N 32 -30.97 -32.84 -42.54
C GLN N 32 -32.35 -33.19 -42.01
N SER N 33 -33.19 -33.77 -42.87
CA SER N 33 -34.55 -34.15 -42.49
C SER N 33 -34.99 -35.41 -43.21
N ASP N 34 -36.04 -36.04 -42.68
CA ASP N 34 -36.59 -37.27 -43.28
C ASP N 34 -37.29 -36.97 -44.61
N ALA N 35 -37.70 -35.71 -44.79
CA ALA N 35 -38.40 -35.28 -45.99
C ALA N 35 -37.59 -35.57 -47.28
N PRO N 36 -38.29 -35.67 -48.43
CA PRO N 36 -37.59 -35.89 -49.69
C PRO N 36 -36.61 -34.75 -50.02
N GLU N 37 -35.55 -35.05 -50.76
CA GLU N 37 -34.56 -34.05 -51.12
C GLU N 37 -35.19 -32.80 -51.72
N GLY N 38 -34.65 -31.63 -51.38
CA GLY N 38 -35.15 -30.36 -51.90
C GLY N 38 -34.03 -29.37 -52.13
N LEU N 39 -34.23 -28.44 -53.06
CA LEU N 39 -33.24 -27.44 -53.39
C LEU N 39 -33.91 -26.16 -53.89
N GLU N 40 -33.60 -25.04 -53.23
CA GLU N 40 -34.18 -23.74 -53.60
C GLU N 40 -33.07 -22.68 -53.73
N ILE N 41 -32.95 -22.10 -54.92
CA ILE N 41 -31.92 -21.09 -55.20
C ILE N 41 -32.53 -19.69 -55.41
N LYS N 42 -31.90 -18.69 -54.80
CA LYS N 42 -32.32 -17.30 -54.95
C LYS N 42 -31.14 -16.48 -55.44
N THR N 43 -31.19 -16.01 -56.68
CA THR N 43 -30.07 -15.27 -57.24
C THR N 43 -30.43 -14.58 -58.59
N ASP N 44 -29.41 -14.03 -59.26
CA ASP N 44 -29.57 -13.33 -60.57
C ASP N 44 -29.95 -14.28 -61.70
N ARG N 45 -30.42 -13.71 -62.81
CA ARG N 45 -30.69 -14.48 -64.01
C ARG N 45 -29.35 -14.86 -64.64
N ASN N 46 -28.36 -13.96 -64.47
CA ASN N 46 -27.00 -14.18 -64.96
C ASN N 46 -26.39 -15.46 -64.39
N ILE N 47 -26.55 -15.64 -63.08
CA ILE N 47 -26.01 -16.80 -62.41
C ILE N 47 -26.81 -18.08 -62.75
N PHE N 48 -28.13 -17.98 -62.84
CA PHE N 48 -28.98 -19.16 -63.15
C PHE N 48 -28.64 -19.77 -64.50
N GLU N 49 -28.01 -18.99 -65.37
CA GLU N 49 -27.69 -19.44 -66.71
C GLU N 49 -26.27 -20.02 -66.78
N LYS N 50 -25.34 -19.44 -66.00
CA LYS N 50 -23.94 -19.85 -66.04
C LYS N 50 -23.60 -21.00 -65.04
N TYR N 51 -24.43 -21.17 -64.01
CA TYR N 51 -24.21 -22.24 -62.99
C TYR N 51 -25.02 -23.49 -63.30
N GLU N 52 -24.50 -24.64 -62.87
CA GLU N 52 -25.21 -25.92 -63.01
C GLU N 52 -25.55 -26.46 -61.60
N PHE N 53 -26.69 -27.14 -61.48
CA PHE N 53 -27.16 -27.65 -60.18
C PHE N 53 -27.57 -29.13 -60.28
N ASN N 54 -26.77 -29.92 -60.97
CA ASN N 54 -27.10 -31.34 -61.17
CA ASN N 54 -27.09 -31.33 -61.18
C ASN N 54 -26.58 -32.24 -60.06
N VAL N 55 -27.16 -33.45 -59.96
CA VAL N 55 -26.77 -34.44 -59.00
C VAL N 55 -26.18 -35.63 -59.76
N GLU N 56 -24.90 -35.89 -59.53
CA GLU N 56 -24.20 -37.00 -60.20
C GLU N 56 -23.66 -37.96 -59.17
N ASN N 57 -23.88 -39.25 -59.39
CA ASN N 57 -23.39 -40.28 -58.46
C ASN N 57 -23.69 -39.91 -57.00
N HIS N 58 -24.91 -39.43 -56.76
CA HIS N 58 -25.38 -39.06 -55.43
C HIS N 58 -24.61 -37.82 -54.84
N LYS N 59 -24.07 -36.99 -55.74
CA LYS N 59 -23.36 -35.77 -55.34
C LYS N 59 -24.04 -34.54 -55.93
N LEU N 60 -24.51 -33.65 -55.07
CA LEU N 60 -25.14 -32.41 -55.53
C LEU N 60 -24.05 -31.37 -55.84
N LYS N 61 -23.77 -31.18 -57.12
CA LYS N 61 -22.72 -30.26 -57.55
C LYS N 61 -23.30 -28.91 -57.95
N ILE N 62 -22.94 -27.86 -57.21
CA ILE N 62 -23.36 -26.50 -57.53
C ILE N 62 -22.13 -25.69 -57.88
N ARG N 63 -21.91 -25.52 -59.17
CA ARG N 63 -20.72 -24.87 -59.67
C ARG N 63 -21.01 -24.23 -61.03
N PRO N 64 -20.06 -23.43 -61.53
CA PRO N 64 -20.25 -22.84 -62.84
C PRO N 64 -20.08 -23.87 -63.93
N LYS N 65 -20.87 -23.76 -64.99
CA LYS N 65 -20.74 -24.68 -66.13
C LYS N 65 -19.33 -24.59 -66.69
N LYS N 66 -18.79 -25.73 -67.11
CA LYS N 66 -17.39 -25.81 -67.64
C LYS N 66 -17.05 -24.62 -68.57
N GLU N 67 -18.00 -24.25 -69.44
CA GLU N 67 -17.76 -23.18 -70.43
C GLU N 67 -17.92 -21.75 -69.83
N PHE N 68 -17.40 -21.54 -68.61
CA PHE N 68 -17.42 -20.21 -67.95
C PHE N 68 -16.32 -20.10 -66.85
N ARG N 69 -15.27 -20.92 -66.97
CA ARG N 69 -14.20 -20.97 -65.93
C ARG N 69 -12.91 -20.22 -66.34
N LYS N 70 -12.87 -19.74 -67.57
CA LYS N 70 -11.71 -18.99 -68.06
C LYS N 70 -11.90 -17.49 -67.83
N HIS N 71 -13.08 -17.09 -67.31
CA HIS N 71 -13.37 -15.67 -67.06
CA HIS N 71 -13.39 -15.68 -67.08
C HIS N 71 -13.97 -15.46 -65.66
N THR N 72 -15.02 -16.22 -65.34
CA THR N 72 -15.72 -16.08 -64.04
C THR N 72 -16.18 -14.59 -63.81
N ASN N 73 -15.96 -14.08 -62.59
CA ASN N 73 -16.38 -12.69 -62.22
C ASN N 73 -17.88 -12.48 -62.33
N PHE N 74 -18.62 -13.12 -61.44
CA PHE N 74 -20.08 -12.98 -61.40
C PHE N 74 -20.44 -11.89 -60.40
N ARG N 75 -19.99 -12.08 -59.14
CA ARG N 75 -20.25 -11.11 -58.06
C ARG N 75 -21.73 -10.71 -57.97
N PRO N 76 -22.64 -11.71 -57.96
CA PRO N 76 -24.08 -11.45 -57.92
C PRO N 76 -24.50 -10.68 -56.67
N THR N 77 -25.61 -9.94 -56.77
CA THR N 77 -26.12 -9.15 -55.64
C THR N 77 -26.55 -10.05 -54.50
N GLU N 78 -27.03 -11.24 -54.85
CA GLU N 78 -27.43 -12.21 -53.85
C GLU N 78 -27.38 -13.63 -54.42
N PHE N 79 -27.05 -14.59 -53.58
CA PHE N 79 -26.92 -15.97 -54.01
C PHE N 79 -27.16 -16.91 -52.83
N VAL N 81 -28.69 -20.28 -51.09
CA VAL N 81 -29.07 -21.65 -51.43
C VAL N 81 -29.65 -22.35 -50.21
N THR N 82 -30.87 -22.89 -50.35
CA THR N 82 -31.52 -23.62 -49.28
C THR N 82 -31.73 -25.06 -49.73
N ALA N 83 -31.12 -26.01 -49.00
CA ALA N 83 -31.19 -27.41 -49.39
C ALA N 83 -31.45 -28.32 -48.20
N ASN N 84 -31.92 -29.53 -48.50
CA ASN N 84 -32.19 -30.53 -47.48
C ASN N 84 -32.13 -31.93 -48.07
N SER N 85 -31.62 -32.86 -47.28
CA SER N 85 -31.53 -34.26 -47.69
C SER N 85 -31.65 -35.16 -46.48
N ARG N 86 -31.83 -36.45 -46.72
CA ARG N 86 -31.97 -37.42 -45.63
CA ARG N 86 -31.96 -37.42 -45.63
C ARG N 86 -30.60 -37.77 -45.03
N ASN N 87 -29.56 -37.72 -45.86
CA ASN N 87 -28.19 -38.03 -45.42
C ASN N 87 -27.16 -37.08 -46.02
N LEU N 88 -26.00 -36.99 -45.34
CA LEU N 88 -24.89 -36.18 -45.82
C LEU N 88 -23.58 -36.69 -45.19
N LYS N 89 -22.64 -37.14 -46.04
CA LYS N 89 -21.36 -37.70 -45.56
C LYS N 89 -20.14 -36.88 -46.04
N LYS N 90 -20.35 -35.98 -46.99
CA LYS N 90 -19.26 -35.20 -47.55
C LYS N 90 -19.71 -33.80 -47.90
N LEU N 91 -18.88 -32.83 -47.54
CA LEU N 91 -19.14 -31.46 -47.83
C LEU N 91 -17.85 -30.81 -48.30
N ALA N 92 -17.82 -30.39 -49.57
CA ALA N 92 -16.65 -29.72 -50.14
C ALA N 92 -17.02 -28.35 -50.63
N ALA N 93 -16.28 -27.33 -50.15
CA ALA N 93 -16.55 -25.92 -50.55
C ALA N 93 -15.25 -25.21 -51.02
N ALA N 94 -15.32 -24.57 -52.17
CA ALA N 94 -14.17 -23.85 -52.73
C ALA N 94 -14.54 -22.44 -53.06
N GLY N 95 -13.67 -21.50 -52.69
CA GLY N 95 -13.89 -20.08 -53.01
C GLY N 95 -14.76 -19.34 -52.00
N SER N 96 -15.44 -18.32 -52.45
CA SER N 96 -16.28 -17.49 -51.57
C SER N 96 -17.62 -18.16 -51.30
N THR N 97 -17.66 -18.99 -50.27
CA THR N 97 -18.87 -19.68 -49.91
C THR N 97 -19.06 -19.67 -48.39
N HIS N 98 -20.30 -19.70 -47.96
CA HIS N 98 -20.63 -19.74 -46.55
C HIS N 98 -21.67 -20.84 -46.37
N VAL N 99 -21.26 -21.94 -45.73
CA VAL N 99 -22.16 -23.08 -45.56
C VAL N 99 -22.66 -23.18 -44.10
N ASN N 100 -23.97 -22.96 -43.93
CA ASN N 100 -24.61 -23.05 -42.61
C ASN N 100 -25.38 -24.35 -42.47
N ILE N 101 -24.96 -25.21 -41.55
CA ILE N 101 -25.71 -26.42 -41.23
C ILE N 101 -26.61 -26.08 -40.05
N ASN N 102 -27.85 -25.73 -40.35
CA ASN N 102 -28.77 -25.19 -39.36
C ASN N 102 -29.52 -26.23 -38.53
N SER N 103 -29.47 -27.48 -38.94
CA SER N 103 -30.14 -28.55 -38.23
C SER N 103 -29.13 -29.48 -37.64
N PRO N 104 -29.59 -30.36 -36.75
CA PRO N 104 -28.72 -31.39 -36.23
C PRO N 104 -28.20 -32.26 -37.37
N LEU N 105 -26.96 -32.70 -37.26
CA LEU N 105 -26.35 -33.53 -38.30
C LEU N 105 -25.88 -34.86 -37.70
N GLN N 106 -25.94 -35.92 -38.50
CA GLN N 106 -25.53 -37.25 -38.04
C GLN N 106 -25.10 -38.12 -39.22
N ALA N 107 -23.96 -38.80 -39.06
CA ALA N 107 -23.44 -39.67 -40.11
C ALA N 107 -22.33 -40.61 -39.58
N GLU N 108 -22.25 -41.80 -40.15
CA GLU N 108 -21.22 -42.77 -39.80
C GLU N 108 -19.83 -42.13 -40.01
N GLU N 109 -19.58 -41.64 -41.22
CA GLU N 109 -18.33 -40.97 -41.56
C GLU N 109 -18.64 -39.68 -42.26
N PHE N 110 -17.93 -38.62 -41.91
CA PHE N 110 -18.14 -37.33 -42.54
C PHE N 110 -16.81 -36.68 -42.92
N GLU N 111 -16.80 -35.98 -44.04
CA GLU N 111 -15.62 -35.31 -44.51
C GLU N 111 -15.96 -33.88 -44.90
N ALA N 112 -15.39 -32.92 -44.15
CA ALA N 112 -15.57 -31.53 -44.44
C ALA N 112 -14.30 -30.98 -45.12
N GLY N 113 -14.47 -30.44 -46.32
CA GLY N 113 -13.35 -29.92 -47.10
C GLY N 113 -13.58 -28.47 -47.47
N LEU N 114 -12.62 -27.62 -47.14
CA LEU N 114 -12.73 -26.21 -47.41
C LEU N 114 -11.49 -25.72 -48.13
N ALA N 115 -11.70 -25.14 -49.29
CA ALA N 115 -10.59 -24.60 -50.10
C ALA N 115 -10.84 -23.12 -50.36
N GLY N 116 -10.01 -22.28 -49.78
CA GLY N 116 -10.14 -20.84 -49.96
C GLY N 116 -10.52 -20.14 -48.67
N SER N 117 -11.10 -18.97 -48.78
CA SER N 117 -11.43 -18.17 -47.62
C SER N 117 -12.93 -18.30 -47.24
N GLY N 118 -13.50 -19.48 -47.46
CA GLY N 118 -14.91 -19.72 -47.13
C GLY N 118 -15.11 -20.07 -45.66
N ILE N 119 -16.35 -20.39 -45.30
CA ILE N 119 -16.70 -20.73 -43.92
C ILE N 119 -17.68 -21.90 -43.88
N ILE N 120 -17.50 -22.78 -42.91
CA ILE N 120 -18.41 -23.89 -42.66
C ILE N 120 -18.71 -23.94 -41.18
N GLN N 121 -20.01 -23.95 -40.82
CA GLN N 121 -20.41 -23.99 -39.40
CA GLN N 121 -20.37 -24.01 -39.41
C GLN N 121 -21.59 -24.90 -39.14
N PHE N 122 -21.43 -25.79 -38.15
CA PHE N 122 -22.52 -26.65 -37.72
C PHE N 122 -23.17 -25.97 -36.51
N HIS N 123 -24.26 -25.25 -36.76
CA HIS N 123 -24.92 -24.44 -35.72
C HIS N 123 -25.56 -25.26 -34.62
N ASP N 124 -25.88 -26.52 -34.91
CA ASP N 124 -26.52 -27.38 -33.93
C ASP N 124 -25.68 -28.66 -33.75
N THR N 125 -26.17 -29.58 -32.93
CA THR N 125 -25.46 -30.83 -32.63
C THR N 125 -25.00 -31.55 -33.92
N ALA N 126 -23.81 -32.16 -33.88
CA ALA N 126 -23.25 -32.89 -35.03
C ALA N 126 -22.58 -34.17 -34.54
N SER N 127 -23.19 -35.32 -34.82
CA SER N 127 -22.68 -36.61 -34.32
C SER N 127 -22.13 -37.50 -35.43
N PHE N 128 -20.96 -38.11 -35.17
CA PHE N 128 -20.33 -38.99 -36.14
C PHE N 128 -19.50 -40.05 -35.44
N THR N 129 -19.04 -41.04 -36.19
CA THR N 129 -18.09 -42.01 -35.68
C THR N 129 -16.69 -41.50 -36.05
N ASN N 130 -16.54 -41.09 -37.31
CA ASN N 130 -15.29 -40.52 -37.80
C ASN N 130 -15.57 -39.21 -38.50
N LEU N 131 -14.98 -38.12 -37.99
CA LEU N 131 -15.12 -36.80 -38.62
C LEU N 131 -13.79 -36.34 -39.13
N LYS N 132 -13.74 -35.98 -40.41
CA LYS N 132 -12.52 -35.49 -41.03
C LYS N 132 -12.70 -34.07 -41.54
N ILE N 133 -11.79 -33.17 -41.14
CA ILE N 133 -11.84 -31.77 -41.56
C ILE N 133 -10.53 -31.36 -42.26
N GLU N 134 -10.63 -30.98 -43.53
CA GLU N 134 -9.47 -30.51 -44.29
C GLU N 134 -9.71 -29.08 -44.67
N ILE N 135 -8.76 -28.21 -44.34
CA ILE N 135 -8.84 -26.80 -44.74
C ILE N 135 -7.59 -26.38 -45.42
N ALA N 136 -7.73 -25.89 -46.64
CA ALA N 136 -6.62 -25.33 -47.38
C ALA N 136 -6.94 -23.88 -47.66
N GLY N 137 -6.26 -22.98 -46.98
CA GLY N 137 -6.48 -21.54 -47.14
C GLY N 137 -6.71 -20.82 -45.82
N SER N 138 -7.33 -19.65 -45.90
CA SER N 138 -7.56 -18.83 -44.70
C SER N 138 -9.01 -18.96 -44.21
N GLY N 139 -9.63 -20.11 -44.48
CA GLY N 139 -11.04 -20.33 -44.14
C GLY N 139 -11.31 -20.61 -42.67
N ASP N 140 -12.59 -20.90 -42.37
CA ASP N 140 -13.02 -21.14 -41.00
C ASP N 140 -14.00 -22.28 -40.89
N PHE N 141 -13.84 -23.09 -39.86
CA PHE N 141 -14.80 -24.10 -39.52
C PHE N 141 -15.24 -23.89 -38.08
N VAL N 142 -16.53 -23.97 -37.83
CA VAL N 142 -17.06 -23.77 -36.50
C VAL N 142 -18.10 -24.84 -36.15
N GLY N 143 -17.94 -25.46 -34.99
CA GLY N 143 -18.88 -26.49 -34.50
C GLY N 143 -18.79 -26.61 -32.99
N HIS N 144 -19.62 -25.85 -32.29
CA HIS N 144 -19.60 -25.84 -30.84
C HIS N 144 -20.27 -27.07 -30.21
N LYS N 145 -20.94 -27.88 -31.04
CA LYS N 145 -21.64 -29.08 -30.56
C LYS N 145 -21.29 -30.33 -31.39
N VAL N 146 -20.02 -30.70 -31.41
CA VAL N 146 -19.57 -31.85 -32.18
C VAL N 146 -19.27 -33.03 -31.27
N TYR N 147 -19.74 -34.21 -31.65
CA TYR N 147 -19.52 -35.43 -30.88
C TYR N 147 -19.15 -36.58 -31.81
N CYS N 148 -17.92 -37.10 -31.67
CA CYS N 148 -17.46 -38.21 -32.53
C CYS N 148 -16.35 -39.02 -31.88
N GLU N 149 -16.15 -40.24 -32.37
CA GLU N 149 -15.08 -41.13 -31.85
C GLU N 149 -13.70 -40.68 -32.30
N GLU N 150 -13.54 -40.45 -33.60
CA GLU N 150 -12.26 -39.99 -34.15
C GLU N 150 -12.44 -38.73 -34.95
N LEU N 151 -11.54 -37.78 -34.74
CA LEU N 151 -11.56 -36.54 -35.48
C LEU N 151 -10.20 -36.26 -36.04
N ASN N 152 -10.10 -36.24 -37.37
CA ASN N 152 -8.84 -35.97 -38.04
CA ASN N 152 -8.84 -35.98 -38.06
C ASN N 152 -8.87 -34.60 -38.71
N GLY N 153 -7.95 -33.74 -38.31
CA GLY N 153 -7.88 -32.39 -38.85
C GLY N 153 -6.59 -32.13 -39.59
N ASP N 154 -6.73 -31.70 -40.85
CA ASP N 154 -5.58 -31.37 -41.68
C ASP N 154 -5.71 -29.93 -42.15
N ALA N 156 -3.82 -26.36 -43.65
CA ALA N 156 -2.73 -25.71 -44.35
C ALA N 156 -3.15 -24.29 -44.62
N GLY N 157 -2.52 -23.34 -43.92
CA GLY N 157 -2.81 -21.94 -44.09
C GLY N 157 -3.23 -21.26 -42.80
N SER N 158 -3.67 -20.02 -42.92
CA SER N 158 -4.06 -19.22 -41.77
C SER N 158 -5.56 -19.35 -41.53
N ASN N 159 -5.97 -20.57 -41.27
CA ASN N 159 -7.36 -20.87 -41.04
C ASN N 159 -7.62 -21.10 -39.57
N THR N 160 -8.90 -21.29 -39.22
CA THR N 160 -9.27 -21.50 -37.84
C THR N 160 -10.29 -22.61 -37.71
N ILE N 161 -10.18 -23.37 -36.63
CA ILE N 161 -11.16 -24.40 -36.30
C ILE N 161 -11.62 -24.20 -34.86
N VAL N 162 -12.90 -23.89 -34.69
CA VAL N 162 -13.48 -23.71 -33.37
C VAL N 162 -14.34 -24.93 -33.08
N LEU N 163 -13.97 -25.69 -32.05
CA LEU N 163 -14.67 -26.92 -31.72
C LEU N 163 -15.26 -26.91 -30.32
N GLY N 164 -16.30 -27.72 -30.15
CA GLY N 164 -16.95 -27.90 -28.89
C GLY N 164 -17.61 -29.26 -28.88
N GLY N 165 -17.77 -29.84 -27.68
CA GLY N 165 -18.39 -31.15 -27.54
C GLY N 165 -17.42 -32.17 -26.96
N THR N 166 -17.44 -33.38 -27.51
CA THR N 166 -16.57 -34.45 -27.02
C THR N 166 -15.97 -35.22 -28.17
N VAL N 167 -14.73 -35.67 -27.99
CA VAL N 167 -14.03 -36.39 -29.03
C VAL N 167 -13.13 -37.47 -28.43
N GLY N 168 -13.20 -38.67 -28.99
CA GLY N 168 -12.37 -39.77 -28.54
C GLY N 168 -10.92 -39.53 -28.88
N ILE N 169 -10.57 -39.82 -30.13
CA ILE N 169 -9.20 -39.61 -30.61
C ILE N 169 -9.17 -38.46 -31.61
N ALA N 170 -8.27 -37.52 -31.39
CA ALA N 170 -8.16 -36.36 -32.24
C ALA N 170 -6.74 -36.18 -32.73
N GLU N 171 -6.57 -36.04 -34.05
CA GLU N 171 -5.27 -35.85 -34.63
CA GLU N 171 -5.26 -35.84 -34.65
C GLU N 171 -5.26 -34.59 -35.51
N PHE N 172 -4.42 -33.62 -35.16
CA PHE N 172 -4.33 -32.38 -35.89
C PHE N 172 -2.99 -32.22 -36.55
N SER N 173 -3.01 -31.86 -37.82
CA SER N 173 -1.83 -31.60 -38.55
C SER N 173 -1.95 -30.20 -39.15
N ILE N 174 -1.14 -29.28 -38.61
CA ILE N 174 -1.17 -27.89 -39.04
C ILE N 174 0.11 -27.49 -39.74
N ALA N 175 -0.05 -26.86 -40.89
CA ALA N 175 1.06 -26.32 -41.63
C ALA N 175 0.77 -24.84 -41.82
N GLY N 176 1.59 -24.00 -41.23
CA GLY N 176 1.37 -22.57 -41.25
C GLY N 176 0.84 -22.07 -39.92
N SER N 177 0.07 -20.98 -39.97
CA SER N 177 -0.41 -20.34 -38.75
C SER N 177 -1.89 -20.66 -38.45
N GLY N 178 -2.29 -21.88 -38.75
CA GLY N 178 -3.64 -22.31 -38.45
C GLY N 178 -3.90 -22.28 -36.94
N THR N 179 -5.16 -22.08 -36.58
CA THR N 179 -5.54 -22.00 -35.20
C THR N 179 -6.60 -23.01 -34.87
N VAL N 180 -6.47 -23.63 -33.71
CA VAL N 180 -7.46 -24.56 -33.23
C VAL N 180 -7.92 -24.13 -31.85
N ARG N 181 -9.17 -23.67 -31.76
CA ARG N 181 -9.78 -23.24 -30.49
CA ARG N 181 -9.76 -23.26 -30.48
C ARG N 181 -10.72 -24.32 -30.01
N ALA N 182 -10.23 -25.21 -29.16
CA ALA N 182 -11.04 -26.31 -28.70
C ALA N 182 -11.02 -26.52 -27.17
N PHE N 183 -10.83 -25.45 -26.39
CA PHE N 183 -10.86 -25.57 -24.91
C PHE N 183 -12.20 -26.15 -24.44
N ASP N 184 -13.26 -25.94 -25.23
CA ASP N 184 -14.60 -26.44 -24.88
C ASP N 184 -14.88 -27.84 -25.48
N CYS N 185 -13.85 -28.46 -26.08
CA CYS N 185 -13.99 -29.81 -26.65
C CYS N 185 -13.16 -30.81 -25.84
N THR N 186 -13.83 -31.71 -25.15
CA THR N 186 -13.17 -32.72 -24.33
C THR N 186 -12.62 -33.85 -25.21
N ASP N 188 -10.29 -37.23 -25.39
CA ASP N 188 -9.66 -38.28 -24.62
C ASP N 188 -8.19 -38.38 -24.97
N GLU N 189 -7.87 -38.26 -26.27
CA GLU N 189 -6.50 -38.33 -26.74
C GLU N 189 -6.26 -37.30 -27.83
N LEU N 190 -5.14 -36.59 -27.74
CA LEU N 190 -4.77 -35.60 -28.72
C LEU N 190 -3.41 -35.89 -29.27
N GLU N 191 -3.31 -35.95 -30.58
CA GLU N 191 -2.04 -36.09 -31.25
C GLU N 191 -1.97 -35.03 -32.31
N CYS N 192 -0.91 -34.26 -32.31
CA CYS N 192 -0.82 -33.16 -33.24
C CYS N 192 0.58 -32.86 -33.67
N LYS N 193 0.69 -32.28 -34.86
CA LYS N 193 1.95 -31.87 -35.41
C LYS N 193 1.78 -30.50 -36.03
N ILE N 194 2.65 -29.56 -35.65
CA ILE N 194 2.59 -28.21 -36.17
C ILE N 194 3.91 -27.81 -36.81
N ALA N 195 3.84 -27.40 -38.08
CA ALA N 195 4.98 -26.89 -38.80
C ALA N 195 4.70 -25.42 -39.11
N GLY N 196 5.25 -24.54 -38.30
CA GLY N 196 5.00 -23.11 -38.40
C GLY N 196 4.59 -22.54 -37.03
N SER N 197 3.86 -21.44 -37.04
CA SER N 197 3.48 -20.74 -35.81
C SER N 197 2.02 -20.96 -35.42
N GLY N 198 1.44 -22.06 -35.87
CA GLY N 198 0.04 -22.40 -35.56
C GLY N 198 -0.19 -22.61 -34.06
N ASP N 199 -1.46 -22.60 -33.65
CA ASP N 199 -1.83 -22.70 -32.25
C ASP N 199 -2.92 -23.72 -32.05
N ILE N 200 -2.80 -24.48 -30.98
CA ILE N 200 -3.81 -25.43 -30.61
C ILE N 200 -4.19 -25.27 -29.15
N GLU N 201 -5.47 -25.06 -28.90
CA GLU N 201 -6.01 -25.00 -27.56
C GLU N 201 -7.02 -26.11 -27.44
N ALA N 202 -6.82 -27.01 -26.48
CA ALA N 202 -7.68 -28.16 -26.34
C ALA N 202 -7.74 -28.65 -24.92
N PHE N 203 -8.79 -29.40 -24.63
CA PHE N 203 -8.96 -30.04 -23.34
C PHE N 203 -8.64 -31.52 -23.53
N VAL N 204 -7.54 -31.97 -22.94
CA VAL N 204 -7.09 -33.36 -23.09
C VAL N 204 -7.29 -34.13 -21.78
N VAL N 205 -8.01 -35.24 -21.85
CA VAL N 205 -8.33 -36.01 -20.66
C VAL N 205 -7.23 -37.02 -20.30
N ASN N 206 -6.84 -37.87 -21.27
CA ASN N 206 -5.91 -38.99 -20.99
C ASN N 206 -4.49 -38.84 -21.58
N LYS N 207 -4.40 -38.70 -22.90
CA LYS N 207 -3.08 -38.70 -23.58
C LYS N 207 -2.89 -37.55 -24.56
N ILE N 208 -1.67 -37.00 -24.58
CA ILE N 208 -1.33 -35.95 -25.50
C ILE N 208 0.05 -36.22 -26.13
N LYS N 209 0.11 -36.13 -27.46
CA LYS N 209 1.35 -36.28 -28.20
C LYS N 209 1.47 -35.08 -29.17
N ALA N 210 2.46 -34.24 -28.94
CA ALA N 210 2.60 -33.02 -29.69
C ALA N 210 4.01 -32.83 -30.20
N GLU N 211 4.11 -32.42 -31.47
CA GLU N 211 5.38 -32.12 -32.08
C GLU N 211 5.28 -30.76 -32.82
N ILE N 212 6.29 -29.93 -32.66
CA ILE N 212 6.29 -28.62 -33.25
C ILE N 212 7.62 -28.28 -33.92
N ALA N 213 7.54 -27.90 -35.19
CA ALA N 213 8.69 -27.42 -35.91
C ALA N 213 8.41 -25.96 -36.24
N GLY N 214 8.89 -25.06 -35.39
CA GLY N 214 8.61 -23.63 -35.53
C GLY N 214 8.32 -22.98 -34.18
N SER N 215 7.55 -21.91 -34.20
CA SER N 215 7.25 -21.16 -32.98
C SER N 215 5.78 -21.34 -32.54
N GLY N 216 5.11 -22.37 -33.08
CA GLY N 216 3.74 -22.64 -32.71
C GLY N 216 3.59 -23.03 -31.25
N SER N 217 2.38 -23.39 -30.86
CA SER N 217 2.16 -23.78 -29.48
C SER N 217 0.95 -24.66 -29.31
N VAL N 218 1.01 -25.49 -28.28
CA VAL N 218 -0.08 -26.34 -27.91
C VAL N 218 -0.38 -26.12 -26.44
N LYS N 219 -1.57 -25.63 -26.15
CA LYS N 219 -2.00 -25.39 -24.76
C LYS N 219 -3.15 -26.30 -24.44
N TYR N 220 -3.02 -27.05 -23.35
CA TYR N 220 -4.04 -27.99 -23.01
C TYR N 220 -4.51 -27.85 -21.60
N LYS N 221 -5.82 -28.05 -21.43
CA LYS N 221 -6.43 -28.13 -20.14
C LYS N 221 -6.66 -29.59 -19.87
N GLY N 222 -7.16 -29.92 -18.70
CA GLY N 222 -7.31 -31.29 -18.31
C GLY N 222 -6.04 -31.76 -17.64
N ASP N 223 -5.97 -33.04 -17.32
CA ASP N 223 -4.81 -33.58 -16.62
C ASP N 223 -4.43 -34.97 -17.17
N PRO N 224 -3.96 -35.01 -18.43
CA PRO N 224 -3.55 -36.27 -19.07
C PRO N 224 -2.43 -36.97 -18.30
N GLN N 225 -2.43 -38.30 -18.34
CA GLN N 225 -1.45 -39.11 -17.62
C GLN N 225 -0.28 -39.48 -18.51
N ASP N 226 -0.44 -39.31 -19.82
CA ASP N 226 0.63 -39.64 -20.78
C ASP N 226 0.88 -38.44 -21.70
N ILE N 227 2.06 -37.84 -21.55
CA ILE N 227 2.41 -36.66 -22.28
C ILE N 227 3.77 -36.83 -23.00
N GLN N 228 3.76 -36.62 -24.30
CA GLN N 228 4.98 -36.71 -25.11
C GLN N 228 5.13 -35.44 -25.95
N LYS N 229 6.26 -34.76 -25.78
CA LYS N 229 6.53 -33.52 -26.48
C LYS N 229 7.80 -33.64 -27.33
N LYS N 230 7.88 -32.80 -28.37
CA LYS N 230 9.06 -32.71 -29.22
C LYS N 230 9.02 -31.37 -29.96
N VAL N 231 10.04 -30.54 -29.75
CA VAL N 231 10.06 -29.23 -30.35
C VAL N 231 11.44 -28.83 -30.90
N GLY N 233 12.70 -25.61 -32.27
CA GLY N 233 12.38 -24.20 -32.44
C GLY N 233 12.05 -23.54 -31.11
N SER N 234 11.30 -22.45 -31.18
CA SER N 234 10.96 -21.67 -29.99
C SER N 234 9.52 -21.94 -29.51
N GLY N 235 8.83 -22.86 -30.17
CA GLY N 235 7.49 -23.20 -29.79
C GLY N 235 7.41 -23.75 -28.38
N LYS N 236 6.20 -24.03 -27.92
CA LYS N 236 6.02 -24.55 -26.58
C LYS N 236 4.74 -25.41 -26.45
N ILE N 237 4.80 -26.38 -25.54
CA ILE N 237 3.68 -27.25 -25.23
C ILE N 237 3.48 -27.22 -23.71
N GLU N 238 2.40 -26.57 -23.27
CA GLU N 238 2.18 -26.34 -21.81
C GLU N 238 0.85 -26.83 -21.33
N LYS N 239 0.76 -27.07 -20.04
CA LYS N 239 -0.49 -27.33 -19.40
C LYS N 239 -1.00 -26.03 -18.83
N VAL N 240 -2.30 -25.82 -18.95
CA VAL N 240 -2.92 -24.62 -18.39
C VAL N 240 -4.19 -24.99 -17.68
N GLU N 241 -4.31 -24.56 -16.43
CA GLU N 241 -5.52 -24.86 -15.64
C GLU N 241 -6.72 -24.11 -16.24
N GLY O 1 -11.18 -33.22 -11.95
CA GLY O 1 -12.06 -34.26 -12.52
C GLY O 1 -13.51 -34.05 -12.14
N GLY O 2 -13.84 -34.39 -10.90
CA GLY O 2 -15.21 -34.23 -10.41
C GLY O 2 -15.86 -32.97 -10.93
N ASP O 3 -17.02 -33.12 -11.57
CA ASP O 3 -17.74 -31.98 -12.17
C ASP O 3 -18.53 -31.15 -11.13
N GLY O 4 -18.55 -31.62 -9.88
CA GLY O 4 -19.22 -30.90 -8.79
C GLY O 4 -20.72 -31.18 -8.73
N ASN O 5 -21.23 -31.94 -9.70
CA ASN O 5 -22.66 -32.31 -9.74
C ASN O 5 -22.90 -33.51 -8.81
N ILE O 6 -23.04 -33.23 -7.51
CA ILE O 6 -23.22 -34.29 -6.50
C ILE O 6 -24.56 -34.99 -6.66
N THR O 7 -24.53 -36.31 -6.57
CA THR O 7 -25.72 -37.11 -6.68
C THR O 7 -25.70 -38.20 -5.63
N THR O 8 -26.84 -38.38 -4.96
CA THR O 8 -26.98 -39.44 -3.97
C THR O 8 -27.71 -40.60 -4.61
N GLU O 9 -27.03 -41.75 -4.70
CA GLU O 9 -27.59 -42.93 -5.33
C GLU O 9 -27.59 -44.13 -4.41
N ASN O 10 -28.76 -44.72 -4.22
CA ASN O 10 -28.88 -45.95 -3.44
CA ASN O 10 -28.87 -45.96 -3.44
C ASN O 10 -28.63 -47.13 -4.36
N ILE O 11 -27.64 -47.95 -4.03
CA ILE O 11 -27.29 -49.08 -4.89
C ILE O 11 -27.82 -50.39 -4.37
N PRO O 12 -28.70 -51.03 -5.14
CA PRO O 12 -29.21 -52.33 -4.75
C PRO O 12 -28.09 -53.32 -4.54
N VAL O 13 -27.95 -53.84 -3.32
CA VAL O 13 -26.92 -54.79 -2.99
C VAL O 13 -27.52 -55.98 -2.28
N SER O 14 -27.02 -57.17 -2.60
CA SER O 14 -27.46 -58.39 -1.95
C SER O 14 -26.52 -58.70 -0.80
N GLU O 15 -26.75 -59.80 -0.10
CA GLU O 15 -25.94 -60.17 1.09
C GLU O 15 -24.42 -60.18 0.79
N TYR O 16 -23.64 -59.52 1.64
CA TYR O 16 -22.18 -59.48 1.52
C TYR O 16 -21.53 -59.42 2.89
N ASP O 17 -20.34 -60.02 3.01
CA ASP O 17 -19.58 -59.95 4.27
C ASP O 17 -18.13 -59.44 4.05
N CYS O 18 -17.83 -59.03 2.82
CA CYS O 18 -16.52 -58.42 2.48
C CYS O 18 -16.75 -57.11 1.77
N LEU O 19 -16.01 -56.09 2.16
CA LEU O 19 -16.12 -54.77 1.55
C LEU O 19 -14.73 -54.32 1.10
N GLU O 20 -14.55 -54.17 -0.23
CA GLU O 20 -13.27 -53.72 -0.81
C GLU O 20 -13.48 -52.41 -1.55
N LEU O 21 -12.60 -51.45 -1.31
CA LEU O 21 -12.74 -50.12 -1.86
C LEU O 21 -11.45 -49.65 -2.53
N GLU O 22 -11.60 -48.84 -3.58
CA GLU O 22 -10.46 -48.27 -4.31
CA GLU O 22 -10.46 -48.27 -4.31
C GLU O 22 -10.83 -46.87 -4.81
N GLY O 23 -9.99 -45.89 -4.51
CA GLY O 23 -10.24 -44.51 -4.95
C GLY O 23 -9.54 -43.46 -4.11
N GLY O 24 -9.92 -42.20 -4.35
CA GLY O 24 -9.34 -41.08 -3.62
C GLY O 24 -10.42 -40.20 -3.01
N GLY O 25 -10.10 -39.62 -1.85
CA GLY O 25 -11.03 -38.74 -1.14
C GLY O 25 -12.24 -39.47 -0.58
N VAL O 27 -14.64 -41.31 1.93
CA VAL O 27 -15.03 -41.40 3.32
C VAL O 27 -16.08 -42.51 3.42
N VAL O 28 -15.74 -43.57 4.14
CA VAL O 28 -16.62 -44.70 4.28
C VAL O 28 -17.19 -44.79 5.70
N ASN O 29 -18.52 -44.84 5.78
CA ASN O 29 -19.19 -45.00 7.07
C ASN O 29 -19.97 -46.30 7.07
N TYR O 30 -19.47 -47.29 7.81
CA TYR O 30 -20.09 -48.61 7.84
C TYR O 30 -20.72 -48.96 9.21
N THR O 31 -21.86 -49.64 9.16
CA THR O 31 -22.54 -50.11 10.39
C THR O 31 -23.02 -51.55 10.23
N GLN O 32 -22.88 -52.35 11.28
CA GLN O 32 -23.39 -53.71 11.28
C GLN O 32 -24.73 -53.73 12.00
N SER O 33 -25.74 -54.30 11.34
CA SER O 33 -27.10 -54.36 11.93
C SER O 33 -27.92 -55.50 11.33
N ASP O 34 -29.08 -55.74 11.91
CA ASP O 34 -29.95 -56.84 11.50
C ASP O 34 -30.82 -56.47 10.28
N ALA O 35 -30.66 -55.26 9.76
CA ALA O 35 -31.45 -54.80 8.62
C ALA O 35 -30.89 -55.36 7.29
N PRO O 36 -31.70 -55.33 6.22
CA PRO O 36 -31.24 -55.77 4.91
C PRO O 36 -30.03 -54.95 4.43
N GLU O 37 -29.11 -55.61 3.71
CA GLU O 37 -27.90 -54.93 3.21
C GLU O 37 -28.24 -53.65 2.47
N GLY O 38 -27.46 -52.61 2.73
CA GLY O 38 -27.66 -51.31 2.10
C GLY O 38 -26.37 -50.65 1.67
N LEU O 39 -26.45 -49.79 0.65
CA LEU O 39 -25.28 -49.07 0.12
C LEU O 39 -25.74 -47.75 -0.52
N GLU O 40 -25.16 -46.65 -0.07
CA GLU O 40 -25.48 -45.34 -0.62
C GLU O 40 -24.18 -44.62 -1.03
N ILE O 41 -24.16 -44.08 -2.24
CA ILE O 41 -22.97 -43.40 -2.76
C ILE O 41 -23.27 -41.94 -3.03
N LYS O 42 -22.47 -41.07 -2.46
CA LYS O 42 -22.61 -39.63 -2.68
C LYS O 42 -21.32 -39.09 -3.30
N THR O 43 -21.37 -38.79 -4.59
CA THR O 43 -20.19 -38.29 -5.30
C THR O 43 -20.56 -37.61 -6.62
N ASP O 44 -19.55 -37.06 -7.28
CA ASP O 44 -19.76 -36.37 -8.54
C ASP O 44 -20.41 -37.29 -9.54
N ARG O 45 -21.34 -36.76 -10.32
CA ARG O 45 -22.07 -37.57 -11.28
C ARG O 45 -21.13 -38.22 -12.30
N ASN O 46 -20.17 -37.45 -12.82
CA ASN O 46 -19.24 -37.99 -13.84
C ASN O 46 -18.28 -39.07 -13.26
N ILE O 47 -18.10 -39.07 -11.94
CA ILE O 47 -17.28 -40.11 -11.31
C ILE O 47 -18.14 -41.33 -11.03
N PHE O 48 -19.37 -41.10 -10.57
CA PHE O 48 -20.27 -42.17 -10.30
C PHE O 48 -20.41 -43.11 -11.50
N GLU O 49 -20.59 -42.53 -12.68
CA GLU O 49 -20.82 -43.32 -13.91
C GLU O 49 -19.60 -44.18 -14.32
N LYS O 50 -18.43 -43.87 -13.76
CA LYS O 50 -17.22 -44.62 -14.09
C LYS O 50 -16.89 -45.70 -13.03
N TYR O 51 -17.76 -45.84 -12.03
CA TYR O 51 -17.54 -46.83 -10.95
C TYR O 51 -18.51 -48.00 -11.04
N GLU O 52 -18.11 -49.13 -10.47
CA GLU O 52 -18.98 -50.28 -10.36
C GLU O 52 -19.12 -50.67 -8.89
N PHE O 53 -20.29 -51.13 -8.52
CA PHE O 53 -20.58 -51.53 -7.16
C PHE O 53 -21.26 -52.87 -7.18
N ASN O 54 -20.50 -53.93 -7.42
CA ASN O 54 -21.07 -55.25 -7.53
C ASN O 54 -20.73 -56.15 -6.38
N VAL O 55 -21.65 -57.07 -6.08
CA VAL O 55 -21.42 -58.08 -5.07
C VAL O 55 -21.19 -59.41 -5.77
N GLU O 56 -20.06 -60.01 -5.51
CA GLU O 56 -19.72 -61.29 -6.08
C GLU O 56 -19.32 -62.23 -4.96
N ASN O 57 -19.99 -63.37 -4.86
CA ASN O 57 -19.73 -64.32 -3.78
C ASN O 57 -19.65 -63.61 -2.41
N HIS O 58 -20.64 -62.77 -2.14
CA HIS O 58 -20.72 -62.04 -0.86
C HIS O 58 -19.60 -61.00 -0.67
N LYS O 59 -18.88 -60.68 -1.74
CA LYS O 59 -17.85 -59.65 -1.69
C LYS O 59 -18.32 -58.42 -2.44
N LEU O 60 -18.53 -57.32 -1.71
CA LEU O 60 -18.92 -56.06 -2.33
C LEU O 60 -17.68 -55.29 -2.70
N LYS O 61 -17.46 -55.11 -4.00
CA LYS O 61 -16.26 -54.42 -4.48
C LYS O 61 -16.58 -53.08 -5.12
N ILE O 62 -16.16 -52.00 -4.45
CA ILE O 62 -16.41 -50.63 -4.95
C ILE O 62 -15.16 -50.13 -5.64
N ARG O 63 -15.20 -50.02 -6.96
CA ARG O 63 -14.03 -49.64 -7.74
C ARG O 63 -14.41 -49.11 -9.15
N PRO O 64 -13.44 -48.51 -9.86
CA PRO O 64 -13.71 -48.04 -11.20
C PRO O 64 -14.03 -49.20 -12.12
N LYS O 65 -14.90 -48.96 -13.10
CA LYS O 65 -15.24 -49.99 -14.07
C LYS O 65 -13.99 -50.42 -14.83
N LYS O 66 -14.05 -51.61 -15.41
CA LYS O 66 -12.92 -52.17 -16.16
C LYS O 66 -12.41 -51.21 -17.28
N GLU O 67 -13.32 -50.42 -17.87
CA GLU O 67 -12.97 -49.54 -19.00
C GLU O 67 -12.22 -48.26 -18.57
N PHE O 68 -12.31 -47.89 -17.30
CA PHE O 68 -11.71 -46.63 -16.82
C PHE O 68 -10.57 -46.87 -15.82
N ARG O 69 -9.98 -48.06 -15.83
CA ARG O 69 -8.86 -48.38 -14.93
C ARG O 69 -7.61 -47.60 -15.31
N LYS O 70 -7.52 -47.25 -16.60
CA LYS O 70 -6.42 -46.45 -17.10
C LYS O 70 -6.61 -45.00 -16.64
N HIS O 71 -7.63 -44.32 -17.18
CA HIS O 71 -7.93 -42.93 -16.84
C HIS O 71 -8.28 -42.80 -15.36
N ASN O 73 -6.59 -40.33 -13.52
CA ASN O 73 -7.50 -40.45 -12.39
C ASN O 73 -8.32 -39.17 -12.16
N PHE O 74 -9.61 -39.34 -11.90
CA PHE O 74 -10.50 -38.21 -11.64
C PHE O 74 -10.57 -37.94 -10.14
N ARG O 75 -10.31 -36.69 -9.75
CA ARG O 75 -10.36 -36.30 -8.34
C ARG O 75 -11.76 -35.80 -7.97
N PRO O 76 -12.47 -36.55 -7.10
CA PRO O 76 -13.82 -36.20 -6.72
C PRO O 76 -13.91 -34.99 -5.84
N THR O 77 -15.02 -34.26 -5.96
CA THR O 77 -15.30 -33.16 -5.08
C THR O 77 -15.64 -33.74 -3.73
N GLU O 78 -16.27 -34.90 -3.77
CA GLU O 78 -16.68 -35.58 -2.58
C GLU O 78 -16.96 -37.03 -2.95
N PHE O 79 -16.74 -37.94 -2.02
CA PHE O 79 -16.97 -39.36 -2.27
C PHE O 79 -17.27 -40.07 -0.96
N VAL O 81 -19.19 -43.12 1.08
CA VAL O 81 -19.77 -44.42 0.96
C VAL O 81 -20.37 -44.81 2.27
N THR O 82 -21.70 -44.93 2.32
CA THR O 82 -22.39 -45.34 3.52
C THR O 82 -22.98 -46.70 3.28
N ALA O 83 -22.55 -47.67 4.07
CA ALA O 83 -22.96 -49.05 3.87
C ALA O 83 -23.39 -49.71 5.17
N ASN O 84 -24.02 -50.86 5.06
CA ASN O 84 -24.42 -51.65 6.22
C ASN O 84 -24.71 -53.08 5.82
N SER O 85 -24.38 -54.01 6.71
CA SER O 85 -24.62 -55.43 6.47
C SER O 85 -24.84 -56.15 7.77
N ARG O 86 -25.25 -57.42 7.67
CA ARG O 86 -25.49 -58.24 8.87
CA ARG O 86 -25.50 -58.24 8.87
C ARG O 86 -24.18 -58.80 9.41
N ASN O 87 -23.26 -59.09 8.51
CA ASN O 87 -21.95 -59.62 8.89
C ASN O 87 -20.86 -58.97 8.09
N LEU O 88 -19.65 -59.02 8.61
CA LEU O 88 -18.50 -58.48 7.92
C LEU O 88 -17.23 -59.10 8.48
N LYS O 89 -16.45 -59.73 7.62
CA LYS O 89 -15.20 -60.40 8.04
C LYS O 89 -13.95 -59.76 7.41
N LYS O 90 -14.15 -58.75 6.57
CA LYS O 90 -13.04 -58.11 5.88
C LYS O 90 -13.43 -56.76 5.29
N LEU O 91 -12.59 -55.78 5.51
CA LEU O 91 -12.76 -54.47 4.93
C LEU O 91 -11.41 -53.98 4.47
N ALA O 92 -11.25 -53.83 3.14
CA ALA O 92 -9.96 -53.41 2.56
C ALA O 92 -10.13 -52.14 1.73
N ALA O 93 -9.24 -51.20 1.95
CA ALA O 93 -9.29 -49.94 1.28
C ALA O 93 -7.97 -49.66 0.61
N ALA O 94 -8.02 -49.26 -0.65
CA ALA O 94 -6.83 -48.94 -1.42
C ALA O 94 -6.97 -47.52 -1.98
N GLY O 95 -5.88 -46.76 -1.90
CA GLY O 95 -5.87 -45.38 -2.38
C GLY O 95 -5.72 -44.42 -1.23
N SER O 96 -6.64 -43.46 -1.15
CA SER O 96 -6.67 -42.51 -0.06
C SER O 96 -8.06 -42.56 0.53
N THR O 97 -8.17 -43.10 1.74
CA THR O 97 -9.47 -43.38 2.31
C THR O 97 -9.53 -43.17 3.81
N HIS O 98 -10.75 -42.87 4.30
CA HIS O 98 -11.01 -42.73 5.72
C HIS O 98 -12.18 -43.65 6.04
N VAL O 99 -11.88 -44.80 6.64
CA VAL O 99 -12.91 -45.80 6.94
C VAL O 99 -13.35 -45.74 8.40
N ASN O 100 -14.65 -45.49 8.60
CA ASN O 100 -15.26 -45.43 9.94
C ASN O 100 -16.21 -46.58 10.20
N ILE O 101 -15.91 -47.40 11.21
CA ILE O 101 -16.87 -48.42 11.66
C ILE O 101 -17.63 -47.81 12.84
N ASN O 102 -18.88 -47.39 12.60
CA ASN O 102 -19.65 -46.57 13.56
C ASN O 102 -20.50 -47.33 14.58
N SER O 103 -20.74 -48.60 14.34
CA SER O 103 -21.52 -49.41 15.24
C SER O 103 -20.63 -50.45 15.89
N PRO O 104 -21.16 -51.18 16.85
CA PRO O 104 -20.40 -52.28 17.38
C PRO O 104 -20.20 -53.32 16.29
N LEU O 105 -19.11 -54.07 16.38
CA LEU O 105 -18.79 -55.06 15.36
C LEU O 105 -18.47 -56.40 16.00
N GLN O 106 -19.04 -57.47 15.45
CA GLN O 106 -18.76 -58.82 15.93
C GLN O 106 -18.57 -59.77 14.76
N ALA O 107 -17.49 -60.53 14.80
CA ALA O 107 -17.18 -61.50 13.79
C ALA O 107 -16.20 -62.48 14.35
N GLU O 108 -16.27 -63.73 13.89
CA GLU O 108 -15.33 -64.75 14.34
C GLU O 108 -13.94 -64.36 13.91
N GLU O 109 -13.81 -63.90 12.66
CA GLU O 109 -12.52 -63.51 12.08
CA GLU O 109 -12.54 -63.49 12.13
C GLU O 109 -12.71 -62.22 11.30
N PHE O 110 -11.80 -61.27 11.49
CA PHE O 110 -11.86 -60.01 10.76
C PHE O 110 -10.50 -59.60 10.24
N GLU O 111 -10.48 -59.02 9.05
CA GLU O 111 -9.26 -58.54 8.44
C GLU O 111 -9.45 -57.11 7.99
N ALA O 112 -8.75 -56.18 8.64
CA ALA O 112 -8.80 -54.78 8.27
C ALA O 112 -7.57 -54.45 7.44
N GLY O 113 -7.79 -54.07 6.19
CA GLY O 113 -6.70 -53.77 5.26
C GLY O 113 -6.72 -52.34 4.75
N LEU O 114 -5.56 -51.72 4.69
CA LEU O 114 -5.44 -50.34 4.26
C LEU O 114 -4.18 -50.18 3.45
N ALA O 115 -4.34 -49.96 2.14
CA ALA O 115 -3.21 -49.74 1.25
C ALA O 115 -3.24 -48.30 0.75
N GLY O 116 -2.08 -47.65 0.77
CA GLY O 116 -1.98 -46.26 0.35
C GLY O 116 -1.95 -45.33 1.53
N SER O 117 -2.93 -44.43 1.61
CA SER O 117 -3.00 -43.47 2.70
C SER O 117 -4.37 -43.48 3.33
N GLY O 118 -4.44 -43.12 4.60
CA GLY O 118 -5.72 -43.02 5.27
C GLY O 118 -5.75 -43.60 6.65
N ILE O 119 -6.94 -43.93 7.10
CA ILE O 119 -7.13 -44.40 8.42
C ILE O 119 -8.35 -45.30 8.53
N ILE O 120 -8.23 -46.35 9.35
CA ILE O 120 -9.37 -47.20 9.68
C ILE O 120 -9.61 -47.10 11.16
N GLN O 121 -10.85 -46.74 11.56
CA GLN O 121 -11.16 -46.66 12.97
C GLN O 121 -12.42 -47.41 13.35
N PHE O 122 -12.32 -48.25 14.39
CA PHE O 122 -13.49 -48.88 14.99
C PHE O 122 -13.93 -47.97 16.13
N HIS O 123 -14.96 -47.16 15.89
CA HIS O 123 -15.40 -46.18 16.88
C HIS O 123 -16.09 -46.79 18.09
N ASP O 124 -16.47 -48.07 18.00
CA ASP O 124 -17.17 -48.73 19.09
C ASP O 124 -16.65 -50.16 19.32
N THR O 125 -17.25 -50.86 20.26
CA THR O 125 -16.86 -52.22 20.62
C THR O 125 -16.70 -53.12 19.41
N ALA O 126 -15.57 -53.80 19.32
CA ALA O 126 -15.29 -54.72 18.24
C ALA O 126 -14.71 -55.98 18.82
N SER O 127 -15.49 -57.05 18.78
CA SER O 127 -15.06 -58.31 19.38
C SER O 127 -14.92 -59.41 18.35
N PHE O 128 -13.83 -60.14 18.42
CA PHE O 128 -13.58 -61.22 17.49
C PHE O 128 -12.78 -62.30 18.18
N THR O 129 -12.58 -63.40 17.48
CA THR O 129 -11.68 -64.42 17.94
C THR O 129 -10.27 -64.06 17.39
N ASN O 130 -10.21 -63.79 16.09
CA ASN O 130 -8.95 -63.39 15.45
C ASN O 130 -9.13 -62.09 14.65
N LEU O 131 -8.35 -61.07 14.99
CA LEU O 131 -8.36 -59.81 14.26
C LEU O 131 -7.02 -59.64 13.55
N LYS O 132 -7.06 -59.40 12.25
CA LYS O 132 -5.85 -59.16 11.44
CA LYS O 132 -5.88 -59.25 11.47
C LYS O 132 -5.85 -57.79 10.90
N ILE O 133 -4.75 -57.06 11.13
CA ILE O 133 -4.61 -55.68 10.64
C ILE O 133 -3.42 -55.59 9.69
N GLU O 134 -3.69 -55.29 8.42
CA GLU O 134 -2.62 -55.15 7.39
C GLU O 134 -2.60 -53.72 6.83
N ILE O 135 -1.51 -53.00 7.09
CA ILE O 135 -1.36 -51.64 6.60
C ILE O 135 -0.12 -51.55 5.74
N ALA O 136 -0.28 -51.07 4.51
CA ALA O 136 0.83 -50.90 3.57
C ALA O 136 0.81 -49.49 3.01
N GLY O 137 1.75 -48.68 3.44
CA GLY O 137 1.84 -47.30 3.00
C GLY O 137 1.92 -46.35 4.17
N SER O 138 1.01 -45.39 4.21
CA SER O 138 0.93 -44.43 5.30
C SER O 138 -0.46 -44.44 5.90
N GLY O 139 -0.77 -45.50 6.62
CA GLY O 139 -2.07 -45.65 7.19
C GLY O 139 -2.04 -45.79 8.69
N ASP O 140 -3.18 -45.54 9.32
CA ASP O 140 -3.31 -45.68 10.75
C ASP O 140 -4.51 -46.53 11.06
N PHE O 141 -4.47 -47.17 12.22
CA PHE O 141 -5.60 -47.95 12.71
C PHE O 141 -5.87 -47.57 14.13
N VAL O 142 -7.10 -47.17 14.42
CA VAL O 142 -7.49 -46.80 15.79
C VAL O 142 -8.66 -47.64 16.24
N GLY O 143 -8.52 -48.29 17.39
CA GLY O 143 -9.61 -49.12 17.96
C GLY O 143 -9.53 -49.17 19.47
N HIS O 144 -10.18 -48.22 20.12
CA HIS O 144 -10.11 -48.09 21.59
C HIS O 144 -10.87 -49.19 22.35
N LYS O 145 -11.70 -49.95 21.63
CA LYS O 145 -12.51 -50.97 22.26
C LYS O 145 -12.46 -52.27 21.48
N VAL O 146 -11.28 -52.86 21.40
CA VAL O 146 -11.08 -54.10 20.70
C VAL O 146 -10.91 -55.24 21.69
N TYR O 147 -11.61 -56.33 21.43
CA TYR O 147 -11.54 -57.51 22.29
C TYR O 147 -11.40 -58.75 21.43
N CYS O 148 -10.27 -59.44 21.56
CA CYS O 148 -10.07 -60.65 20.80
C CYS O 148 -9.02 -61.54 21.43
N GLU O 149 -8.97 -62.78 20.98
CA GLU O 149 -8.03 -63.74 21.49
C GLU O 149 -6.66 -63.55 20.84
N GLU O 150 -6.65 -63.24 19.55
CA GLU O 150 -5.41 -63.05 18.82
C GLU O 150 -5.46 -61.88 17.87
N LEU O 151 -4.46 -61.01 17.95
CA LEU O 151 -4.38 -59.85 17.08
C LEU O 151 -3.05 -59.87 16.36
N ASN O 152 -3.11 -59.69 15.05
CA ASN O 152 -1.93 -59.66 14.23
C ASN O 152 -1.85 -58.36 13.46
N GLY O 153 -0.83 -57.57 13.78
CA GLY O 153 -0.62 -56.28 13.11
C GLY O 153 0.58 -56.36 12.19
N ASP O 154 0.35 -56.10 10.90
CA ASP O 154 1.44 -56.10 9.92
C ASP O 154 1.53 -54.72 9.28
N ALA O 156 3.82 -51.97 7.02
CA ALA O 156 4.88 -51.74 6.04
C ALA O 156 4.78 -50.30 5.58
N GLY O 157 5.80 -49.51 5.91
CA GLY O 157 5.82 -48.08 5.55
C GLY O 157 5.88 -47.19 6.80
N SER O 158 4.92 -46.28 6.91
CA SER O 158 4.82 -45.39 8.06
C SER O 158 3.43 -45.55 8.65
N ASN O 159 3.32 -46.32 9.72
CA ASN O 159 2.03 -46.70 10.24
C ASN O 159 1.89 -46.61 11.73
N THR O 160 0.69 -46.28 12.18
CA THR O 160 0.38 -46.19 13.59
C THR O 160 -0.81 -47.06 13.92
N ILE O 161 -0.70 -47.83 15.00
CA ILE O 161 -1.81 -48.65 15.47
C ILE O 161 -2.13 -48.26 16.90
N VAL O 162 -3.33 -47.68 17.11
CA VAL O 162 -3.78 -47.30 18.45
C VAL O 162 -4.79 -48.33 18.92
N LEU O 163 -4.55 -48.90 20.10
CA LEU O 163 -5.42 -49.96 20.61
C LEU O 163 -5.84 -49.77 22.05
N GLY O 164 -7.04 -50.22 22.34
CA GLY O 164 -7.57 -50.21 23.68
C GLY O 164 -8.44 -51.44 23.85
N GLY O 165 -8.47 -51.98 25.08
CA GLY O 165 -9.32 -53.15 25.39
C GLY O 165 -8.52 -54.33 25.93
N THR O 166 -8.93 -55.54 25.54
CA THR O 166 -8.28 -56.77 26.01
C THR O 166 -7.95 -57.68 24.84
N VAL O 167 -6.72 -58.16 24.80
CA VAL O 167 -6.29 -59.08 23.76
C VAL O 167 -5.43 -60.18 24.38
N GLY O 168 -5.60 -61.40 23.89
CA GLY O 168 -4.82 -62.54 24.39
C GLY O 168 -3.36 -62.47 23.94
N ILE O 169 -3.14 -62.74 22.67
CA ILE O 169 -1.79 -62.69 22.10
C ILE O 169 -1.75 -61.67 20.97
N ALA O 170 -0.86 -60.67 21.09
CA ALA O 170 -0.70 -59.63 20.06
C ALA O 170 0.67 -59.75 19.38
N GLU O 171 0.66 -60.00 18.05
CA GLU O 171 1.89 -60.07 17.27
CA GLU O 171 1.90 -60.05 17.28
C GLU O 171 1.97 -58.87 16.31
N PHE O 172 3.06 -58.12 16.37
CA PHE O 172 3.26 -56.97 15.49
C PHE O 172 4.50 -57.13 14.63
N SER O 173 4.36 -56.77 13.36
CA SER O 173 5.47 -56.79 12.42
C SER O 173 5.60 -55.42 11.79
N ILE O 174 6.76 -54.80 12.00
CA ILE O 174 7.02 -53.48 11.47
C ILE O 174 8.11 -53.54 10.42
N ALA O 175 7.80 -53.02 9.25
CA ALA O 175 8.77 -52.88 8.18
C ALA O 175 8.72 -51.44 7.75
N GLY O 176 9.69 -50.68 8.21
CA GLY O 176 9.72 -49.23 7.97
C GLY O 176 9.68 -48.51 9.30
N SER O 177 8.72 -47.60 9.45
CA SER O 177 8.54 -46.87 10.70
C SER O 177 7.17 -47.20 11.25
N GLY O 178 7.14 -47.78 12.45
CA GLY O 178 5.88 -48.22 13.06
C GLY O 178 5.72 -47.79 14.51
N THR O 179 4.52 -47.31 14.84
CA THR O 179 4.20 -46.85 16.17
C THR O 179 2.98 -47.61 16.72
N VAL O 180 3.14 -48.22 17.89
CA VAL O 180 2.03 -48.95 18.54
C VAL O 180 1.67 -48.32 19.89
N ARG O 181 0.49 -47.71 19.96
CA ARG O 181 -0.01 -47.10 21.20
CA ARG O 181 -0.03 -47.10 21.21
C ARG O 181 -1.06 -48.01 21.83
N ALA O 182 -0.63 -48.90 22.72
CA ALA O 182 -1.55 -49.86 23.32
C ALA O 182 -1.46 -49.98 24.86
N PHE O 183 -1.31 -48.86 25.56
CA PHE O 183 -1.30 -48.90 27.03
C PHE O 183 -2.68 -49.26 27.59
N ASP O 184 -3.73 -48.85 26.88
CA ASP O 184 -5.11 -49.14 27.31
C ASP O 184 -5.58 -50.50 26.79
N CYS O 185 -4.65 -51.30 26.29
CA CYS O 185 -4.95 -52.64 25.80
C CYS O 185 -4.17 -53.66 26.61
N THR O 186 -4.87 -54.47 27.38
CA THR O 186 -4.23 -55.49 28.22
C THR O 186 -3.93 -56.73 27.39
N ASP O 188 -2.00 -60.50 27.20
CA ASP O 188 -1.39 -61.58 27.94
C ASP O 188 0.03 -61.78 27.42
N GLU O 189 0.18 -61.68 26.09
CA GLU O 189 1.48 -61.84 25.44
C GLU O 189 1.67 -60.80 24.33
N LEU O 190 2.91 -60.41 24.11
CA LEU O 190 3.24 -59.44 23.10
C LEU O 190 4.46 -59.89 22.35
N GLU O 191 4.29 -60.14 21.06
CA GLU O 191 5.41 -60.48 20.20
C GLU O 191 5.52 -59.42 19.12
N CYS O 192 6.70 -58.88 18.93
CA CYS O 192 6.90 -57.89 17.89
C CYS O 192 8.23 -58.08 17.18
N LYS O 193 8.20 -57.89 15.86
CA LYS O 193 9.39 -58.01 15.03
C LYS O 193 9.55 -56.68 14.29
N ILE O 194 10.69 -56.05 14.48
CA ILE O 194 10.93 -54.73 13.93
C ILE O 194 12.06 -54.73 12.92
N ALA O 195 11.76 -54.26 11.71
CA ALA O 195 12.75 -54.10 10.68
C ALA O 195 12.73 -52.64 10.25
N GLY O 196 13.56 -51.85 10.90
CA GLY O 196 13.61 -50.40 10.65
C GLY O 196 13.52 -49.63 11.97
N SER O 197 12.43 -48.89 12.15
CA SER O 197 12.23 -48.12 13.37
C SER O 197 10.86 -48.42 13.94
N GLY O 198 10.83 -48.85 15.20
CA GLY O 198 9.58 -49.21 15.86
C GLY O 198 9.48 -48.65 17.28
N ASP O 199 8.31 -48.15 17.63
CA ASP O 199 8.07 -47.61 18.96
C ASP O 199 6.80 -48.20 19.51
N ILE O 200 6.94 -49.11 20.47
CA ILE O 200 5.81 -49.82 21.02
C ILE O 200 5.55 -49.49 22.50
N GLU O 201 4.29 -49.18 22.80
CA GLU O 201 3.83 -48.96 24.16
C GLU O 201 2.71 -49.93 24.41
N ALA O 202 2.75 -50.67 25.51
CA ALA O 202 1.73 -51.70 25.78
C ALA O 202 1.62 -52.09 27.24
N PHE O 203 0.50 -52.73 27.58
CA PHE O 203 0.32 -53.31 28.90
C PHE O 203 0.31 -54.79 28.70
N VAL O 204 1.36 -55.46 29.19
CA VAL O 204 1.49 -56.91 29.03
C VAL O 204 1.35 -57.62 30.37
N VAL O 205 0.65 -58.74 30.37
CA VAL O 205 0.42 -59.46 31.59
C VAL O 205 1.47 -60.52 31.86
N ASN O 206 1.78 -61.33 30.83
CA ASN O 206 2.63 -62.49 31.01
C ASN O 206 3.97 -62.52 30.22
N LYS O 207 3.89 -62.35 28.89
CA LYS O 207 5.10 -62.54 28.04
C LYS O 207 5.35 -61.45 27.01
N ILE O 208 6.64 -61.18 26.77
CA ILE O 208 7.06 -60.26 25.75
C ILE O 208 8.22 -60.86 24.96
N LYS O 209 8.12 -60.79 23.64
CA LYS O 209 9.21 -61.21 22.75
C LYS O 209 9.42 -60.12 21.71
N ALA O 210 10.64 -59.61 21.65
CA ALA O 210 10.96 -58.54 20.74
C ALA O 210 12.18 -58.88 19.92
N GLU O 211 12.09 -58.66 18.62
CA GLU O 211 13.24 -58.83 17.73
C GLU O 211 13.40 -57.54 17.00
N ILE O 212 14.57 -56.95 17.08
CA ILE O 212 14.80 -55.66 16.50
C ILE O 212 15.95 -55.68 15.52
N ALA O 213 15.68 -55.18 14.33
CA ALA O 213 16.68 -55.04 13.31
C ALA O 213 16.68 -53.59 12.89
N GLY O 214 17.47 -52.78 13.59
CA GLY O 214 17.52 -51.35 13.38
C GLY O 214 17.39 -50.61 14.71
N SER O 215 16.30 -49.87 14.87
CA SER O 215 16.02 -49.17 16.13
C SER O 215 14.64 -49.56 16.62
N GLY O 216 14.53 -49.84 17.91
CA GLY O 216 13.26 -50.25 18.50
C GLY O 216 13.14 -49.95 19.98
N SER O 217 11.96 -49.56 20.41
CA SER O 217 11.70 -49.28 21.80
C SER O 217 10.37 -49.90 22.22
N VAL O 218 10.41 -50.75 23.24
CA VAL O 218 9.21 -51.38 23.75
C VAL O 218 8.99 -50.97 25.21
N LYS O 219 8.17 -49.95 25.42
CA LYS O 219 7.83 -49.46 26.76
C LYS O 219 6.57 -50.18 27.23
N TYR O 220 6.64 -50.83 28.39
CA TYR O 220 5.51 -51.65 28.84
C TYR O 220 5.07 -51.40 30.28
N LYS O 221 3.78 -51.57 30.51
CA LYS O 221 3.21 -51.57 31.84
C LYS O 221 2.86 -53.02 32.18
N GLY O 222 2.66 -53.32 33.45
CA GLY O 222 2.37 -54.70 33.89
C GLY O 222 3.62 -55.39 34.41
N ASP O 223 3.51 -56.67 34.78
CA ASP O 223 4.65 -57.41 35.35
C ASP O 223 4.90 -58.74 34.66
N PRO O 224 5.08 -58.72 33.35
CA PRO O 224 5.41 -59.94 32.66
C PRO O 224 6.74 -60.48 33.16
N GLN O 225 6.82 -61.78 33.36
CA GLN O 225 8.03 -62.40 33.91
C GLN O 225 8.89 -63.01 32.80
N ASP O 226 8.27 -63.29 31.67
CA ASP O 226 8.97 -63.90 30.55
C ASP O 226 9.20 -62.85 29.44
N ILE O 227 10.44 -62.35 29.37
CA ILE O 227 10.81 -61.33 28.39
C ILE O 227 12.06 -61.78 27.63
N GLN O 228 11.95 -61.83 26.31
CA GLN O 228 13.07 -62.24 25.45
C GLN O 228 13.26 -61.25 24.32
N LYS O 229 14.52 -60.96 24.01
CA LYS O 229 14.81 -60.04 22.96
C LYS O 229 16.01 -60.47 22.15
N LYS O 230 15.99 -60.07 20.89
CA LYS O 230 17.06 -60.32 19.98
C LYS O 230 17.25 -59.02 19.21
N VAL O 231 18.45 -58.44 19.27
CA VAL O 231 18.66 -57.11 18.73
C VAL O 231 19.86 -56.96 17.83
N GLY O 233 21.49 -53.47 16.41
CA GLY O 233 21.43 -52.03 16.33
C GLY O 233 21.16 -51.47 17.70
N SER O 234 19.96 -50.92 17.89
CA SER O 234 19.59 -50.33 19.16
C SER O 234 18.21 -50.78 19.59
N GLY O 235 18.12 -51.32 20.79
CA GLY O 235 16.85 -51.80 21.33
C GLY O 235 16.74 -51.55 22.82
N LYS O 236 15.54 -51.18 23.27
CA LYS O 236 15.31 -50.92 24.67
C LYS O 236 13.93 -51.39 25.09
N ILE O 237 13.88 -52.44 25.92
CA ILE O 237 12.63 -52.94 26.48
C ILE O 237 12.61 -52.62 27.96
N GLU O 238 11.93 -51.55 28.33
CA GLU O 238 11.88 -51.12 29.71
C GLU O 238 10.48 -51.06 30.27
N LYS O 239 10.39 -51.07 31.59
CA LYS O 239 9.13 -51.02 32.29
C LYS O 239 8.86 -49.62 32.80
N VAL O 240 7.79 -49.00 32.31
CA VAL O 240 7.41 -47.66 32.74
C VAL O 240 6.20 -47.73 33.67
N GLU O 241 5.94 -46.63 34.38
CA GLU O 241 4.75 -46.50 35.28
C GLU O 241 4.98 -45.39 36.30
N ASN P 5 35.25 -43.99 32.46
CA ASN P 5 36.67 -44.19 32.07
C ASN P 5 36.82 -44.30 30.55
N ILE P 6 37.06 -43.16 29.91
CA ILE P 6 37.23 -43.11 28.45
C ILE P 6 38.65 -43.51 28.05
N THR P 7 38.76 -44.35 27.03
CA THR P 7 40.06 -44.82 26.54
C THR P 7 40.16 -44.63 25.03
N THR P 8 41.38 -44.54 24.52
CA THR P 8 41.62 -44.41 23.08
C THR P 8 42.66 -45.44 22.61
N GLU P 9 42.19 -46.53 22.02
CA GLU P 9 43.07 -47.60 21.55
C GLU P 9 42.98 -47.74 20.02
N ASN P 10 44.13 -47.70 19.35
CA ASN P 10 44.18 -47.82 17.89
C ASN P 10 44.22 -49.29 17.45
N ILE P 11 43.07 -49.78 17.01
CA ILE P 11 42.95 -51.18 16.56
C ILE P 11 43.58 -51.36 15.19
N PRO P 12 44.36 -52.45 15.03
CA PRO P 12 44.93 -52.75 13.73
C PRO P 12 43.87 -53.24 12.76
N VAL P 13 44.06 -52.98 11.48
CA VAL P 13 43.10 -53.39 10.46
C VAL P 13 43.78 -53.77 9.15
N SER P 14 43.27 -54.81 8.51
CA SER P 14 43.82 -55.28 7.24
C SER P 14 43.05 -54.65 6.07
N GLU P 15 43.21 -55.23 4.87
CA GLU P 15 42.56 -54.71 3.67
C GLU P 15 41.04 -54.95 3.70
N TYR P 16 40.27 -53.87 3.59
CA TYR P 16 38.81 -53.97 3.58
C TYR P 16 38.20 -52.90 2.66
N ASP P 17 37.03 -53.21 2.10
CA ASP P 17 36.31 -52.26 1.22
C ASP P 17 34.83 -52.10 1.66
N CYS P 18 34.40 -52.92 2.62
CA CYS P 18 33.04 -52.85 3.15
C CYS P 18 33.09 -52.37 4.59
N LEU P 19 31.97 -51.87 5.08
CA LEU P 19 31.91 -51.33 6.42
C LEU P 19 30.52 -51.57 7.07
N GLU P 20 30.43 -52.62 7.91
CA GLU P 20 29.18 -52.95 8.61
C GLU P 20 29.23 -52.38 10.02
N LEU P 21 28.23 -51.57 10.37
CA LEU P 21 28.19 -50.91 11.68
C LEU P 21 26.88 -51.16 12.40
N GLU P 22 26.99 -51.47 13.69
CA GLU P 22 25.83 -51.76 14.53
CA GLU P 22 25.83 -51.70 14.52
C GLU P 22 26.15 -51.40 15.97
N GLY P 23 25.60 -50.29 16.44
CA GLY P 23 25.87 -49.86 17.81
C GLY P 23 24.84 -48.93 18.36
N GLY P 24 25.19 -48.28 19.47
CA GLY P 24 24.28 -47.34 20.14
C GLY P 24 24.98 -46.04 20.46
N GLY P 25 24.71 -45.02 19.65
CA GLY P 25 25.32 -43.72 19.83
C GLY P 25 26.68 -43.63 19.14
N VAL P 27 29.38 -42.73 16.73
CA VAL P 27 29.65 -41.71 15.74
C VAL P 27 30.90 -42.12 14.98
N VAL P 28 30.80 -42.17 13.65
CA VAL P 28 31.93 -42.61 12.85
C VAL P 28 32.41 -41.52 11.89
N ASN P 29 33.73 -41.34 11.83
CA ASN P 29 34.35 -40.36 10.94
C ASN P 29 35.30 -41.07 9.97
N TYR P 30 34.78 -41.46 8.82
CA TYR P 30 35.57 -42.18 7.83
C TYR P 30 36.19 -41.23 6.82
N THR P 31 37.23 -41.72 6.14
CA THR P 31 37.91 -40.94 5.13
C THR P 31 38.58 -41.88 4.13
N GLN P 32 38.39 -41.63 2.84
CA GLN P 32 39.05 -42.42 1.82
C GLN P 32 40.39 -41.77 1.49
N SER P 33 41.48 -42.53 1.65
CA SER P 33 42.82 -42.01 1.38
C SER P 33 43.74 -43.09 0.83
N ASP P 34 44.89 -42.67 0.29
CA ASP P 34 45.87 -43.59 -0.27
C ASP P 34 46.72 -44.22 0.85
N ALA P 35 46.69 -43.61 2.03
CA ALA P 35 47.44 -44.11 3.19
C ALA P 35 46.87 -45.46 3.65
N PRO P 36 47.69 -46.26 4.36
CA PRO P 36 47.26 -47.58 4.84
C PRO P 36 46.02 -47.51 5.71
N GLU P 37 45.28 -48.63 5.77
CA GLU P 37 44.06 -48.70 6.59
C GLU P 37 44.40 -48.58 8.07
N GLY P 38 43.70 -47.68 8.76
CA GLY P 38 43.96 -47.44 10.20
C GLY P 38 42.70 -47.11 10.97
N LEU P 39 42.34 -47.98 11.91
CA LEU P 39 41.14 -47.78 12.72
C LEU P 39 41.50 -47.35 14.14
N GLU P 40 40.82 -46.32 14.63
CA GLU P 40 41.05 -45.81 16.00
C GLU P 40 39.70 -45.51 16.69
N ILE P 41 39.50 -46.12 17.86
CA ILE P 41 38.25 -45.95 18.61
C ILE P 41 38.46 -45.18 19.91
N LYS P 42 37.42 -44.47 20.34
CA LYS P 42 37.44 -43.72 21.60
C LYS P 42 36.08 -43.86 22.32
N THR P 43 36.08 -44.63 23.42
CA THR P 43 34.83 -44.87 24.18
C THR P 43 35.10 -45.50 25.58
N ASP P 44 34.03 -45.87 26.29
CA ASP P 44 34.13 -46.46 27.64
C ASP P 44 34.77 -47.84 27.60
N ARG P 45 35.30 -48.27 28.73
CA ARG P 45 35.87 -49.62 28.85
C ARG P 45 34.76 -50.66 28.75
N ASN P 46 33.52 -50.22 29.00
CA ASN P 46 32.35 -51.10 28.93
C ASN P 46 32.05 -51.54 27.48
N ILE P 47 32.46 -50.72 26.51
CA ILE P 47 32.24 -51.03 25.10
C ILE P 47 33.34 -51.95 24.55
N PHE P 48 34.60 -51.60 24.81
CA PHE P 48 35.75 -52.40 24.31
C PHE P 48 35.62 -53.88 24.65
N GLU P 49 35.07 -54.18 25.83
CA GLU P 49 34.92 -55.57 26.28
C GLU P 49 33.70 -56.25 25.64
N LYS P 50 32.63 -55.48 25.41
CA LYS P 50 31.38 -56.03 24.83
C LYS P 50 31.34 -55.99 23.30
N TYR P 51 32.22 -55.18 22.70
CA TYR P 51 32.26 -55.06 21.22
C TYR P 51 33.42 -55.80 20.60
N GLU P 52 33.35 -55.97 19.27
CA GLU P 52 34.42 -56.60 18.51
C GLU P 52 34.69 -55.77 17.25
N PHE P 53 35.89 -55.87 16.71
CA PHE P 53 36.29 -55.07 15.55
C PHE P 53 37.08 -55.91 14.52
N ASN P 54 36.64 -57.15 14.33
CA ASN P 54 37.31 -58.07 13.41
C ASN P 54 36.96 -57.79 11.95
N VAL P 55 37.93 -57.99 11.05
CA VAL P 55 37.74 -57.77 9.62
C VAL P 55 37.74 -59.10 8.86
N GLU P 56 36.54 -59.60 8.54
CA GLU P 56 36.41 -60.87 7.82
C GLU P 56 35.95 -60.63 6.38
N ASN P 57 36.56 -61.35 5.43
CA ASN P 57 36.21 -61.25 4.00
C ASN P 57 36.20 -59.80 3.49
N HIS P 58 37.22 -59.04 3.88
CA HIS P 58 37.37 -57.63 3.45
C HIS P 58 36.23 -56.71 4.00
N LYS P 59 35.66 -57.08 5.15
CA LYS P 59 34.58 -56.28 5.77
C LYS P 59 34.92 -55.90 7.21
N LEU P 60 34.99 -54.59 7.47
CA LEU P 60 35.29 -54.10 8.82
C LEU P 60 34.02 -54.11 9.67
N LYS P 61 33.78 -55.22 10.35
CA LYS P 61 32.58 -55.39 11.14
C LYS P 61 32.75 -54.88 12.58
N ILE P 62 32.11 -53.76 12.88
CA ILE P 62 32.11 -53.21 14.24
C ILE P 62 30.75 -53.47 14.87
N ARG P 63 30.69 -54.44 15.79
CA ARG P 63 29.41 -54.84 16.39
C ARG P 63 29.60 -55.43 17.78
N PRO P 64 28.49 -55.61 18.52
CA PRO P 64 28.54 -56.18 19.86
C PRO P 64 29.00 -57.65 19.87
N LYS P 65 29.59 -58.07 20.96
CA LYS P 65 30.05 -59.43 21.10
C LYS P 65 28.86 -60.39 21.09
N LYS P 66 28.91 -61.38 20.20
CA LYS P 66 27.85 -62.37 20.08
C LYS P 66 27.46 -62.95 21.47
N GLU P 67 28.42 -62.97 22.41
CA GLU P 67 28.15 -63.47 23.77
C GLU P 67 27.86 -62.33 24.78
N PHE P 68 27.27 -61.24 24.29
CA PHE P 68 26.92 -60.09 25.14
C PHE P 68 25.78 -59.26 24.51
N ARG P 69 24.54 -59.60 24.87
CA ARG P 69 23.35 -58.89 24.33
C ARG P 69 22.20 -58.89 25.36
N LYS P 70 21.80 -60.08 25.79
CA LYS P 70 20.70 -60.22 26.76
C LYS P 70 21.23 -60.01 28.17
N PRO P 76 25.91 -45.53 26.46
CA PRO P 76 27.23 -45.01 26.82
C PRO P 76 27.26 -43.48 26.85
N THR P 77 28.35 -42.92 27.39
CA THR P 77 28.52 -41.47 27.45
C THR P 77 29.15 -40.95 26.16
N GLU P 78 30.15 -41.68 25.66
CA GLU P 78 30.85 -41.29 24.44
C GLU P 78 31.20 -42.52 23.59
N PHE P 79 31.11 -42.37 22.28
CA PHE P 79 31.47 -43.44 21.35
C PHE P 79 31.78 -42.80 20.00
N VAL P 81 34.41 -43.09 16.34
CA VAL P 81 35.31 -43.91 15.57
C VAL P 81 35.93 -43.13 14.40
N THR P 82 37.22 -43.37 14.17
CA THR P 82 37.94 -42.76 13.05
C THR P 82 38.57 -43.87 12.22
N ALA P 83 38.36 -43.84 10.92
CA ALA P 83 38.90 -44.88 10.05
C ALA P 83 39.26 -44.36 8.68
N ASN P 84 39.91 -45.22 7.89
CA ASN P 84 40.28 -44.90 6.54
C ASN P 84 40.58 -46.15 5.75
N SER P 85 40.58 -46.03 4.42
CA SER P 85 40.88 -47.15 3.54
C SER P 85 41.08 -46.67 2.11
N ARG P 86 41.64 -47.54 1.27
CA ARG P 86 41.89 -47.20 -0.12
C ARG P 86 40.60 -47.19 -0.93
N ASN P 87 39.71 -48.14 -0.64
CA ASN P 87 38.44 -48.26 -1.35
C ASN P 87 37.27 -48.50 -0.41
N LEU P 88 36.06 -48.25 -0.90
CA LEU P 88 34.83 -48.48 -0.11
C LEU P 88 33.64 -48.61 -1.06
N LYS P 89 33.05 -49.82 -1.10
CA LYS P 89 31.93 -50.09 -2.01
C LYS P 89 30.65 -50.46 -1.26
N LYS P 90 30.73 -50.59 0.06
CA LYS P 90 29.54 -50.90 0.88
C LYS P 90 29.60 -50.21 2.25
N LEU P 91 28.44 -49.74 2.70
CA LEU P 91 28.31 -49.09 4.00
C LEU P 91 26.98 -49.47 4.65
N ALA P 92 27.04 -50.31 5.67
CA ALA P 92 25.83 -50.75 6.37
C ALA P 92 25.85 -50.25 7.82
N ALA P 93 24.77 -49.60 8.22
CA ALA P 93 24.65 -49.07 9.57
C ALA P 93 23.27 -49.39 10.15
N ALA P 94 23.25 -49.85 11.39
CA ALA P 94 22.00 -50.24 12.05
C ALA P 94 21.92 -49.68 13.47
N GLY P 95 20.81 -49.00 13.77
CA GLY P 95 20.57 -48.46 15.11
C GLY P 95 20.93 -47.00 15.23
N SER P 96 21.17 -46.55 16.47
CA SER P 96 21.53 -45.16 16.74
C SER P 96 22.99 -44.92 16.39
N THR P 97 23.26 -44.67 15.10
CA THR P 97 24.63 -44.42 14.64
C THR P 97 24.66 -43.23 13.67
N HIS P 98 25.81 -42.55 13.62
CA HIS P 98 26.00 -41.41 12.74
C HIS P 98 27.32 -41.61 11.98
N VAL P 99 27.22 -41.89 10.68
CA VAL P 99 28.42 -42.12 9.87
C VAL P 99 28.76 -40.89 9.03
N ASN P 100 29.97 -40.37 9.25
CA ASN P 100 30.45 -39.19 8.53
C ASN P 100 31.49 -39.58 7.49
N ILE P 101 31.30 -39.12 6.27
CA ILE P 101 32.29 -39.30 5.22
C ILE P 101 32.88 -37.92 4.94
N ASN P 102 33.98 -37.62 5.61
CA ASN P 102 34.60 -36.29 5.55
C ASN P 102 35.58 -36.11 4.38
N SER P 103 35.48 -36.98 3.37
CA SER P 103 36.38 -36.91 2.22
C SER P 103 35.68 -37.27 0.91
N PRO P 104 36.31 -36.96 -0.22
CA PRO P 104 35.75 -37.34 -1.51
C PRO P 104 35.67 -38.86 -1.63
N LEU P 105 34.47 -39.37 -1.89
CA LEU P 105 34.29 -40.80 -2.04
C LEU P 105 34.23 -41.16 -3.51
N GLN P 106 34.77 -42.32 -3.85
CA GLN P 106 34.82 -42.76 -5.24
C GLN P 106 34.82 -44.30 -5.33
N ALA P 107 33.88 -44.85 -6.10
CA ALA P 107 33.79 -46.29 -6.30
C ALA P 107 32.90 -46.60 -7.51
N GLU P 108 33.28 -47.62 -8.29
CA GLU P 108 32.49 -48.03 -9.44
C GLU P 108 31.07 -48.27 -9.01
N GLU P 109 30.90 -49.14 -8.01
CA GLU P 109 29.59 -49.44 -7.47
C GLU P 109 29.61 -49.23 -5.97
N PHE P 110 28.56 -48.60 -5.45
CA PHE P 110 28.46 -48.35 -4.02
C PHE P 110 27.11 -48.81 -3.49
N GLU P 111 27.08 -49.12 -2.19
CA GLU P 111 25.87 -49.58 -1.55
C GLU P 111 25.78 -49.04 -0.12
N ALA P 112 24.85 -48.10 0.10
CA ALA P 112 24.65 -47.51 1.43
C ALA P 112 23.35 -48.02 2.05
N GLY P 113 23.47 -48.76 3.16
CA GLY P 113 22.30 -49.31 3.85
C GLY P 113 22.12 -48.70 5.22
N LEU P 114 20.87 -48.36 5.54
CA LEU P 114 20.57 -47.74 6.83
C LEU P 114 19.31 -48.35 7.45
N ALA P 115 19.46 -48.93 8.64
CA ALA P 115 18.35 -49.55 9.33
C ALA P 115 18.14 -48.89 10.68
N GLY P 116 16.97 -48.29 10.87
CA GLY P 116 16.64 -47.63 12.12
C GLY P 116 16.68 -46.13 12.00
N SER P 117 17.03 -45.47 13.11
CA SER P 117 17.05 -44.02 13.15
C SER P 117 18.48 -43.49 13.19
N GLY P 118 19.29 -43.92 12.23
CA GLY P 118 20.68 -43.48 12.12
C GLY P 118 20.85 -42.48 10.99
N ILE P 119 22.07 -41.96 10.85
CA ILE P 119 22.36 -40.97 9.81
C ILE P 119 23.61 -41.36 9.00
N ILE P 120 23.52 -41.20 7.68
CA ILE P 120 24.67 -41.38 6.79
C ILE P 120 24.83 -40.11 5.99
N GLN P 121 26.01 -39.51 6.06
CA GLN P 121 26.22 -38.20 5.46
C GLN P 121 27.52 -38.11 4.64
N PHE P 122 27.39 -37.69 3.37
CA PHE P 122 28.55 -37.43 2.52
C PHE P 122 28.78 -35.93 2.48
N HIS P 123 29.75 -35.45 3.27
CA HIS P 123 30.02 -34.01 3.37
C HIS P 123 30.78 -33.45 2.15
N ASP P 124 31.37 -34.32 1.35
CA ASP P 124 32.12 -33.89 0.17
C ASP P 124 31.62 -34.67 -1.06
N THR P 125 32.20 -34.37 -2.22
CA THR P 125 31.78 -35.02 -3.46
C THR P 125 31.77 -36.53 -3.34
N ALA P 126 30.81 -37.17 -3.98
CA ALA P 126 30.70 -38.62 -4.01
C ALA P 126 30.43 -39.06 -5.43
N SER P 127 31.41 -39.71 -6.06
CA SER P 127 31.28 -40.12 -7.45
C SER P 127 31.21 -41.64 -7.59
N PHE P 128 30.26 -42.11 -8.38
CA PHE P 128 30.11 -43.55 -8.64
C PHE P 128 29.51 -43.75 -10.01
N THR P 129 29.52 -44.99 -10.48
CA THR P 129 28.83 -45.35 -11.71
C THR P 129 27.42 -45.78 -11.32
N ASN P 130 27.33 -46.64 -10.30
CA ASN P 130 26.06 -47.13 -9.76
C ASN P 130 26.00 -46.91 -8.26
N LEU P 131 25.00 -46.14 -7.81
CA LEU P 131 24.82 -45.88 -6.38
C LEU P 131 23.49 -46.47 -5.88
N LYS P 132 23.57 -47.29 -4.84
CA LYS P 132 22.39 -47.92 -4.26
C LYS P 132 22.18 -47.44 -2.83
N ILE P 133 21.00 -46.90 -2.55
CA ILE P 133 20.67 -46.43 -1.23
C ILE P 133 19.45 -47.18 -0.70
N GLU P 134 19.60 -47.81 0.46
CA GLU P 134 18.51 -48.55 1.11
C GLU P 134 18.30 -48.01 2.52
N ILE P 135 17.08 -47.56 2.82
CA ILE P 135 16.77 -47.02 4.13
C ILE P 135 15.50 -47.63 4.70
N ALA P 136 15.63 -48.31 5.84
CA ALA P 136 14.50 -48.87 6.53
C ALA P 136 14.39 -48.23 7.89
N GLY P 137 13.33 -47.46 8.11
CA GLY P 137 13.12 -46.78 9.39
C GLY P 137 13.00 -45.29 9.22
N SER P 138 13.17 -44.56 10.32
CA SER P 138 13.05 -43.12 10.29
C SER P 138 14.42 -42.45 10.14
N GLY P 139 15.33 -43.12 9.43
CA GLY P 139 16.71 -42.61 9.26
C GLY P 139 16.84 -41.42 8.30
N ASP P 140 18.08 -40.98 8.08
CA ASP P 140 18.37 -39.85 7.19
C ASP P 140 19.65 -40.09 6.36
N PHE P 141 19.64 -39.65 5.12
CA PHE P 141 20.82 -39.71 4.25
C PHE P 141 21.00 -38.35 3.62
N VAL P 142 22.23 -37.84 3.66
CA VAL P 142 22.53 -36.52 3.10
C VAL P 142 23.74 -36.58 2.16
N GLY P 143 23.54 -36.06 0.95
CA GLY P 143 24.60 -36.02 -0.04
C GLY P 143 24.36 -34.87 -1.00
N HIS P 144 24.78 -33.67 -0.59
CA HIS P 144 24.57 -32.46 -1.40
C HIS P 144 25.41 -32.44 -2.68
N LYS P 145 26.40 -33.32 -2.77
CA LYS P 145 27.28 -33.40 -3.95
C LYS P 145 27.49 -34.84 -4.39
N VAL P 146 26.47 -35.42 -5.01
CA VAL P 146 26.54 -36.80 -5.49
C VAL P 146 26.53 -36.80 -7.01
N TYR P 147 27.34 -37.66 -7.60
CA TYR P 147 27.42 -37.76 -9.04
C TYR P 147 27.52 -39.20 -9.48
N CYS P 148 26.51 -39.68 -10.20
CA CYS P 148 26.50 -41.06 -10.66
C CYS P 148 25.67 -41.21 -11.92
N GLU P 149 25.88 -42.33 -12.61
CA GLU P 149 25.17 -42.62 -13.84
C GLU P 149 23.77 -43.19 -13.50
N GLU P 150 23.74 -44.17 -12.60
CA GLU P 150 22.49 -44.77 -12.15
C GLU P 150 22.38 -44.67 -10.64
N LEU P 151 21.19 -44.33 -10.16
CA LEU P 151 20.94 -44.23 -8.73
C LEU P 151 19.63 -44.92 -8.36
N ASN P 152 19.72 -46.00 -7.59
CA ASN P 152 18.56 -46.78 -7.15
C ASN P 152 18.28 -46.57 -5.67
N GLY P 153 17.14 -45.97 -5.37
CA GLY P 153 16.75 -45.70 -3.99
C GLY P 153 15.57 -46.55 -3.55
N ASP P 154 15.72 -47.22 -2.40
CA ASP P 154 14.66 -48.06 -1.85
C ASP P 154 14.44 -47.66 -0.40
N ALA P 156 11.79 -47.29 3.10
CA ALA P 156 10.60 -47.73 3.84
C ALA P 156 10.61 -47.09 5.23
N GLY P 157 9.64 -46.24 5.48
CA GLY P 157 9.53 -45.55 6.77
C GLY P 157 9.54 -44.06 6.61
N SER P 158 9.44 -43.35 7.73
CA SER P 158 9.44 -41.90 7.71
C SER P 158 10.88 -41.40 7.67
N ASN P 159 11.58 -41.73 6.60
CA ASN P 159 12.98 -41.34 6.45
C ASN P 159 13.14 -40.24 5.41
N THR P 160 14.35 -39.72 5.30
CA THR P 160 14.62 -38.62 4.36
C THR P 160 15.93 -38.78 3.63
N ILE P 161 15.90 -38.48 2.34
CA ILE P 161 17.10 -38.48 1.52
C ILE P 161 17.28 -37.10 0.94
N VAL P 162 18.38 -36.45 1.27
CA VAL P 162 18.71 -35.13 0.72
C VAL P 162 19.81 -35.32 -0.32
N LEU P 163 19.51 -34.97 -1.57
CA LEU P 163 20.47 -35.16 -2.66
C LEU P 163 20.81 -33.86 -3.38
N GLY P 164 22.02 -33.80 -3.90
CA GLY P 164 22.47 -32.68 -4.70
C GLY P 164 23.47 -33.18 -5.73
N GLY P 165 23.56 -32.49 -6.86
CA GLY P 165 24.49 -32.88 -7.92
C GLY P 165 23.78 -33.31 -9.19
N THR P 166 24.27 -34.39 -9.79
CA THR P 166 23.69 -34.88 -11.04
C THR P 166 23.59 -36.40 -11.06
N VAL P 167 22.52 -36.89 -11.65
CA VAL P 167 22.30 -38.32 -11.80
C VAL P 167 21.75 -38.58 -13.19
N GLY P 168 22.20 -39.68 -13.80
CA GLY P 168 21.71 -40.07 -15.12
C GLY P 168 20.30 -40.62 -15.02
N ILE P 169 20.19 -41.88 -14.57
CA ILE P 169 18.90 -42.53 -14.40
C ILE P 169 18.62 -42.79 -12.93
N ALA P 170 17.62 -42.11 -12.37
CA ALA P 170 17.26 -42.27 -10.97
C ALA P 170 15.97 -43.10 -10.81
N GLU P 171 15.98 -44.03 -9.87
CA GLU P 171 14.82 -44.89 -9.59
C GLU P 171 14.56 -44.95 -8.10
N PHE P 172 13.46 -44.35 -7.65
CA PHE P 172 13.09 -44.33 -6.22
C PHE P 172 11.84 -45.13 -5.92
N SER P 173 11.90 -45.91 -4.85
CA SER P 173 10.74 -46.64 -4.33
C SER P 173 10.52 -46.22 -2.90
N ILE P 174 9.37 -45.61 -2.64
CA ILE P 174 9.08 -45.14 -1.31
C ILE P 174 7.83 -45.81 -0.73
N ALA P 175 8.01 -46.48 0.41
CA ALA P 175 6.92 -47.09 1.13
C ALA P 175 6.74 -46.35 2.44
N GLY P 176 5.70 -45.52 2.50
CA GLY P 176 5.43 -44.73 3.70
C GLY P 176 5.47 -43.24 3.45
N SER P 177 5.79 -42.48 4.49
CA SER P 177 5.84 -41.04 4.39
C SER P 177 7.28 -40.55 4.22
N GLY P 178 8.08 -41.30 3.46
CA GLY P 178 9.46 -40.92 3.21
C GLY P 178 9.55 -39.65 2.38
N THR P 179 10.68 -38.98 2.46
CA THR P 179 10.89 -37.73 1.74
C THR P 179 12.21 -37.73 0.95
N VAL P 180 12.14 -37.28 -0.29
CA VAL P 180 13.32 -37.11 -1.10
C VAL P 180 13.39 -35.67 -1.52
N ARG P 181 14.34 -34.96 -0.94
CA ARG P 181 14.53 -33.54 -1.19
C ARG P 181 15.68 -33.42 -2.16
N ALA P 182 15.37 -33.23 -3.45
CA ALA P 182 16.42 -33.26 -4.47
C ALA P 182 16.19 -32.28 -5.61
N PHE P 183 15.73 -31.07 -5.30
CA PHE P 183 15.57 -30.06 -6.34
C PHE P 183 16.93 -29.67 -6.91
N ASP P 184 17.98 -29.84 -6.10
CA ASP P 184 19.33 -29.44 -6.51
C ASP P 184 20.10 -30.60 -7.16
N CYS P 185 19.38 -31.67 -7.51
CA CYS P 185 19.99 -32.82 -8.17
C CYS P 185 19.40 -32.98 -9.57
N THR P 186 20.19 -32.64 -10.58
CA THR P 186 19.74 -32.74 -11.97
C THR P 186 19.69 -34.21 -12.42
N ASP P 188 18.50 -36.80 -15.39
CA ASP P 188 18.09 -36.90 -16.80
C ASP P 188 16.75 -37.68 -16.91
N GLU P 189 16.67 -38.80 -16.21
CA GLU P 189 15.45 -39.60 -16.17
C GLU P 189 15.12 -39.99 -14.74
N LEU P 190 13.84 -39.89 -14.38
CA LEU P 190 13.38 -40.28 -13.05
C LEU P 190 12.24 -41.28 -13.16
N GLU P 191 12.36 -42.38 -12.43
CA GLU P 191 11.31 -43.39 -12.36
C GLU P 191 11.05 -43.67 -10.88
N CYS P 192 9.84 -43.36 -10.41
CA CYS P 192 9.53 -43.51 -8.99
C CYS P 192 8.13 -44.09 -8.70
N LYS P 193 8.04 -44.83 -7.58
CA LYS P 193 6.80 -45.40 -7.08
C LYS P 193 6.62 -44.95 -5.62
N ILE P 194 5.44 -44.45 -5.28
CA ILE P 194 5.16 -44.07 -3.90
C ILE P 194 3.92 -44.78 -3.40
N ALA P 195 4.10 -45.60 -2.37
CA ALA P 195 2.98 -46.26 -1.72
C ALA P 195 2.82 -45.63 -0.36
N GLY P 196 1.93 -44.65 -0.26
CA GLY P 196 1.72 -43.91 0.98
C GLY P 196 1.64 -42.39 0.73
N SER P 197 2.05 -41.61 1.73
CA SER P 197 1.97 -40.16 1.65
C SER P 197 3.35 -39.52 1.47
N GLY P 198 4.33 -40.31 1.04
CA GLY P 198 5.68 -39.79 0.82
C GLY P 198 5.71 -38.63 -0.17
N ASP P 199 6.83 -37.90 -0.17
CA ASP P 199 6.99 -36.74 -1.03
C ASP P 199 8.33 -36.79 -1.76
N ILE P 200 8.32 -36.47 -3.05
CA ILE P 200 9.56 -36.43 -3.85
C ILE P 200 9.71 -35.07 -4.55
N GLU P 201 10.86 -34.43 -4.34
CA GLU P 201 11.20 -33.19 -5.02
C GLU P 201 12.44 -33.44 -5.85
N ALA P 202 12.37 -33.15 -7.15
CA ALA P 202 13.49 -33.43 -8.03
C ALA P 202 13.48 -32.56 -9.29
N PHE P 203 14.64 -32.48 -9.92
CA PHE P 203 14.80 -31.73 -11.15
C PHE P 203 15.01 -32.74 -12.27
N VAL P 204 14.04 -32.86 -13.16
CA VAL P 204 14.11 -33.82 -14.24
C VAL P 204 14.37 -33.12 -15.57
N VAL P 205 15.23 -33.71 -16.39
CA VAL P 205 15.61 -33.09 -17.65
C VAL P 205 14.84 -33.63 -18.86
N ASN P 206 14.82 -34.95 -19.01
CA ASN P 206 14.25 -35.57 -20.23
C ASN P 206 12.97 -36.40 -20.04
N LYS P 207 12.94 -37.27 -19.04
CA LYS P 207 11.81 -38.21 -18.88
C LYS P 207 11.43 -38.42 -17.43
N ILE P 208 10.14 -38.57 -17.18
CA ILE P 208 9.66 -38.84 -15.86
C ILE P 208 8.51 -39.83 -15.91
N LYS P 209 8.62 -40.87 -15.09
CA LYS P 209 7.57 -41.86 -14.94
C LYS P 209 7.33 -42.03 -13.45
N ALA P 210 6.17 -41.57 -12.99
CA ALA P 210 5.86 -41.59 -11.57
C ALA P 210 4.51 -42.21 -11.31
N GLU P 211 4.45 -43.03 -10.27
CA GLU P 211 3.21 -43.66 -9.87
C GLU P 211 3.01 -43.49 -8.35
N ILE P 212 1.78 -43.20 -7.95
CA ILE P 212 1.46 -43.01 -6.57
C ILE P 212 0.24 -43.78 -6.17
N ALA P 213 0.37 -44.56 -5.11
CA ALA P 213 -0.77 -45.22 -4.51
C ALA P 213 -0.94 -44.61 -3.13
N GLY P 214 -1.88 -43.67 -3.01
CA GLY P 214 -2.10 -42.94 -1.75
C GLY P 214 -2.17 -41.43 -1.95
N SER P 215 -1.79 -40.68 -0.92
CA SER P 215 -1.87 -39.22 -0.95
C SER P 215 -0.49 -38.55 -1.13
N GLY P 216 0.51 -39.33 -1.54
CA GLY P 216 1.86 -38.83 -1.72
C GLY P 216 1.96 -37.82 -2.86
N SER P 217 3.16 -37.28 -3.08
CA SER P 217 3.35 -36.29 -4.14
C SER P 217 4.73 -36.34 -4.76
N VAL P 218 4.79 -36.03 -6.04
CA VAL P 218 6.02 -35.93 -6.76
C VAL P 218 6.04 -34.58 -7.44
N LYS P 219 6.97 -33.72 -7.04
CA LYS P 219 7.11 -32.39 -7.62
C LYS P 219 8.40 -32.32 -8.37
N TYR P 220 8.33 -31.91 -9.64
CA TYR P 220 9.52 -31.87 -10.47
C TYR P 220 9.74 -30.54 -11.16
N LYS P 221 10.97 -30.07 -11.11
CA LYS P 221 11.39 -28.94 -11.90
C LYS P 221 11.90 -29.51 -13.22
N GLY P 222 12.26 -28.65 -14.16
CA GLY P 222 12.77 -29.09 -15.44
C GLY P 222 11.70 -29.16 -16.51
N ASP P 223 12.09 -29.46 -17.73
CA ASP P 223 11.18 -29.47 -18.85
C ASP P 223 11.27 -30.79 -19.62
N PRO P 224 10.86 -31.90 -19.00
CA PRO P 224 10.91 -33.22 -19.63
C PRO P 224 9.97 -33.33 -20.82
N GLN P 225 10.40 -34.09 -21.83
CA GLN P 225 9.64 -34.24 -23.06
C GLN P 225 8.78 -35.51 -23.04
N ASP P 226 8.96 -36.33 -22.00
CA ASP P 226 8.22 -37.59 -21.86
C ASP P 226 7.76 -37.71 -20.40
N ILE P 227 6.45 -37.64 -20.20
CA ILE P 227 5.87 -37.66 -18.87
C ILE P 227 4.76 -38.67 -18.79
N GLN P 228 4.91 -39.62 -17.86
CA GLN P 228 3.91 -40.66 -17.63
C GLN P 228 3.51 -40.68 -16.16
N LYS P 229 2.21 -40.61 -15.91
CA LYS P 229 1.69 -40.55 -14.57
C LYS P 229 0.73 -41.66 -14.31
N LYS P 230 0.49 -41.92 -13.04
CA LYS P 230 -0.47 -42.91 -12.61
C LYS P 230 -0.71 -42.72 -11.13
N VAL P 231 -1.94 -42.37 -10.77
CA VAL P 231 -2.26 -42.15 -9.37
C VAL P 231 -3.57 -42.84 -8.97
N GLY P 233 -5.71 -42.75 -5.76
CA GLY P 233 -5.87 -42.03 -4.49
C GLY P 233 -5.90 -40.52 -4.72
N SER P 234 -5.54 -39.75 -3.69
CA SER P 234 -5.56 -38.26 -3.77
C SER P 234 -4.17 -37.64 -4.01
N GLY P 235 -3.20 -38.48 -4.39
CA GLY P 235 -1.84 -38.00 -4.65
C GLY P 235 -1.77 -37.06 -5.82
N LYS P 236 -0.61 -36.44 -6.02
CA LYS P 236 -0.42 -35.50 -7.11
C LYS P 236 0.99 -35.53 -7.69
N ILE P 237 1.07 -35.46 -9.01
CA ILE P 237 2.33 -35.38 -9.74
C ILE P 237 2.28 -34.12 -10.57
N GLU P 238 3.07 -33.11 -10.19
CA GLU P 238 3.01 -31.82 -10.87
C GLU P 238 4.37 -31.21 -11.17
N LYS P 239 4.41 -30.41 -12.22
CA LYS P 239 5.60 -29.67 -12.59
C LYS P 239 5.62 -28.36 -11.81
N VAL P 240 6.78 -28.00 -11.29
CA VAL P 240 6.94 -26.71 -10.60
C VAL P 240 7.95 -25.84 -11.35
N GLU P 241 7.65 -24.55 -11.44
CA GLU P 241 8.53 -23.61 -12.17
C GLU P 241 9.70 -23.14 -11.29
#